data_8JKE
#
_entry.id   8JKE
#
_cell.length_a   1.00
_cell.length_b   1.00
_cell.length_c   1.00
_cell.angle_alpha   90.00
_cell.angle_beta   90.00
_cell.angle_gamma   90.00
#
_symmetry.space_group_name_H-M   'P 1'
#
loop_
_entity.id
_entity.type
_entity.pdbx_description
1 polymer 'DNA-directed RNA polymerase subunit alpha'
2 polymer 'DNA-directed RNA polymerase subunit beta'
3 polymer "DNA-directed RNA polymerase subunit beta'"
4 polymer 'DNA-directed RNA polymerase subunit omega'
5 polymer 'RNA polymerase principal sigma factor HrdB'
6 polymer 'RNA polymerase-binding protein RbpA'
7 polymer 'Putative transcriptional factor regulator'
8 polymer 'Regulatory protein AfsR'
9 polymer DNA(65-MER)
10 polymer DNA(65-MER)
11 non-polymer 'MAGNESIUM ION'
12 non-polymer 'ZINC ION'
#
loop_
_entity_poly.entity_id
_entity_poly.type
_entity_poly.pdbx_seq_one_letter_code
_entity_poly.pdbx_strand_id
1 'polypeptide(L)'
;MLIAQRPSLTEEVVDEFRSRFVIEPLEPGFGYTLGNSLRRTLLSSIPGAAVTSIRIDGVLHEFTTVPGVKEDVTDLILNI
KQLVVSSEHDEPVVMYLRKQGPGLVTAADIAPPAGVEVHNPDLVLATLNGKGKLEMELTVERGRGYVSAVQNKQVGQEIG
RIPVDSIYSPVLKVTYKVEATRVEQRTDFDKLIVDVETKQAMRPRDAMASAGKTLVELFGLARELNIDAEGIDMGPSPTD
AALAADLALPIEELELTVRSYNCLKREGIHSVGELVARSEADLLDIRNFGAKSIDEVKAKLAGMGLALKDSPPGFDPTAA
ADAFGADDDADAGFVETEQY
;
A,B,K
2 'polypeptide(L)'
;MAASRNASTANTNNAASTAPLRISFAKIKEPLEVPNLLALQTESFDWLLGNDAWKARVESALESGQDVPTKSGLEEIFEE
ISPIEDFSGSMSLTFRDHRFEPPKNSIDECKDRDFTYAAPLFVTAEFTNNETGEIKSQTVFMGDFPLMTNKGTFVINGTE
RVVVSQLVRSPGVYFDSSIDKTSDKDIFSAKIIPSRGAWLEMEIDKRDMVGVRIDRKRKQSVTVLLKALGWTTEQILEEF
GEYESMRATLEKDHTQGQDDALLDIYRKLRPGEPPTREAAQTLLENLYFNPKRYDLAKVGRYKVNKKLGADEPLDAGVLT
TDDVIATIKYLVKLHAGETETVGESGREIVVETDDIDHFGNRRIRNVGELIQNQVRTGLARMERVVRERMTTQDVEAITP
QTLINIRPVVASIKEFFGTSQLSQFMDQNNPLSGLTHKRRLNALGPGGLSRERAGFEVRDVHPSHYGRMCPIETPEGPNI
GLIGSLASYGRINPFGFIETPYRKVVEGQVTDDVDYLTADEEDRFVIAQANAALGDDMRFAEARVLVRRRGGEVDYVPGD
DVDYMDVSPRQMVSVATAMIPFLEHDDANRALMGANMMRQAVPLIKSESPLVGTGMEYRSAADAGDVVKAEKAGVVQEVS
ADYITTTNDDGTYITYRLAKFSRSNQGTSVNQKVIVAEGDRIIEGQVLADGPATENGEMALGKNLLVAFMPWEGHNYEDA
IILSQRLVQDDVLSSIHIEEHEVDARDTKLGPEEITRDIPNVSEEVLADLDERGIIRIGAEVVAGDILVGKVTPKGETEL
TPEERLLRAIFGEKAREVRDTSLKVPHGEIGKVIGVRVFDREEGDELPPGVNQLVRVYVAQKRKITDGDKLAGRHGNKGV
ISKINPIEDMPFLEDGTPVDIILNPLAVPSRMNPGQVLEIHLGWLASRGWDVSGLAEEWAQRLQVIGADKVEPGTNVATP
VFDGAREDELAGLLQHTIPNRDGERMVLPSGKARLFDGRSGEPFPEPISVGYMYILKLHHLVDDKLHARSTGPYSMITQQ
PLGGKAQFGGQRFGEMEVWALEAYGAAYALQELLTIKSDDVTGRVKVYEAIVKGENIPEPGIPESFKVLIKEMQSLCLNV
EVLSSDGMSIEMRDTDEDVFRAAEELGIDLSRREPSSVEEV
;
C
3 'polypeptide(L)'
;MLDVNFFDELRIGLATADDIRQWSHGEVKKPETINYRTLKPEKDGLFCEKIFGPTRDWECYCGKYKRVRFKGIICERCGV
EVTRAKVRRERMGHIELAAPVTHIWYFKGVPSRLGYLLDLAPKDLEKVIYFAAYMITFVDEERRTRDLPSLEAHVSVERQ
QIEQRRDSDLEARAKKLETDLAELEAEGAKADVRRKVREGAEREMKQLRDRAQREIDRLDEVWNRFKNLKVQDLEGDELL
YRELRDRFGTYFDGSMGAAALQKRLESFDLDEEAERLREIIRTGKGQKKTRALKRLKVVSAFLQTSNSPKGMVLDCVPVI
PPDLRPMVQLDGGRFATSDLNDLYRRVINRNNRLKRLLDLGAPEIIVNNEKRMLQEAVDALFDNGRRGRPVTGPGNRPLK
SLSDMLKGKQGRFRQNLLGKRVDYSARSVIVVGPQLKLHQCGLPKAMALELFKPFVMKRLVDLNHAQNIKSAKRMVERGR
TVVYDVLEEVIAEHPVLLNRAPTLHRLGIQAFEPQLVEGKAIQIHPLVCTAFNADFDGDQMAVHLPLSAEAQAEARILML
SSNNILKPADGRPVTMPTQDMVLGLFFLTTDSEGRSPKGEGRAFGSSAEAIMAFDAGDLTLQAKIDIRFPVGTIPPRGFE
PPAREEGEPEWQQGDTFTLKTTLGRALFNELLPEDYPFVDYEVGKKQLSEIVNDLAERYPKVIVAATLDNLKAAGFFWAT
RSGVTVAISDIVVPDAKKEIVKGYEGQDEKVQKQYERGLITKEERTQELIAIWTKATNEVAEAMNDNFPKTNPVSMMVNS
GARGNMMQMRQIAGMRGLVSNAKNETIPRPIKASFREGLSVLEYFISTHGARKGLADTALRTADSGYLTRRLVDVSQDVI
IREEDCGTERGLKLPIATRDADGTLRKAEDVETSVYARMLAEDVVIDGKVIAPANVDLGDVLIDALVAHGVEEVKTRSIL
TCESQVGTCAMCYGRSLATGKLVDIGEAVGIIAAQSIGEPGTQLTMRTFHTGGVAGDDITQGLPRVVELFEARTPKGVAP
ISEASGRVRIEETEKTKKIVVTPDDGSDETAFPISKRARLLVGEGDHVEVGQKLTVGATNPHDVLRILGQRAVQVHLVGE
VQKVYNSQGVSIHDKHIEIIIRQMLRRVTIIESGDAELLPGELVERTKFETENRRVVQEGGHPASGRPQLMGITKASLAT
ESWLSAASFQETTRVLTDAAINAKSDSLIGLKENVIIGKLIPAGTGLSRYRNIRVEPTEEAKAAMYSAVGYDDIDYSPFG
TGSGQAVPLEDYDYGPYNQHHHHHHHH
;
D
4 'polypeptide(L)'
;MSSSISAPEGIINPPIDELLEATDSKYSLVIYAAKRARQINAYYSQLGEGLLEYVGPLVDTHVHEKPLSIALREINAGLL
TSEAIEGPAQ
;
E
5 'polypeptide(L)'
;MGSSHHHHHHSSGLVPRGSHMSASTSRTLPPEIAESVSVMALIERGKAEGQIAGDDVRRAFEADQIPATQWKNVLRSLNQ
ILEEEGVTLMVSAAEPKRTRKSVAAKSPAKRTATKAVAAKPVTSRKATAPAAPAAPATEPAAVEEEAPAKKAAAKKTTAK
KATAKKTTAKKAAAKKTTAKKEDGELLEDEATEEPKAATEEPEGTENAGFVLSDEDEDDAPAQQVAAAGATADPVKDYLK
QIGKVPLLNAEQEVELAKRIEAGLFAEDKLANSDKLAPKLKRELEIIAEDGRRAKNHLLEANLRLVVSLAKRYTGRGMLF
LDLIQEGNLGLIRAVEKFDYTKGYKFSTYATWWIRQAITRAMADQARTIRIPVHMVEVINKLARVQRQMLQDLGREPTPE
ELAKELDMTPEKVIEVQKYGREPISLHTPLGEDGDSEFGDLIEDSEAVVPADAVSFTLLQEQLHSVLDTLSEREAGVVSM
RFGLTDGQPKTLDEIGKVYGVTRERIRQIESKTMSKLRHPSRSQVLRDYLD
;
F
6 'polypeptide(L)'
;MSERALRGTRLVVTSYETDRGIDLAPRQAVEYACEKGHRFEMPFSVEAEIPPEWECKVCGAQALLVDGDGPEEKKAKPAR
THWDMLMERRTREELEEVLEERLAVLRSGAMNIAVHPRDSRKSA
;
G
7 'polypeptide(L)'
;MTFKVGDTVVYPHHGAALIEAIETRQIKGVDKTYLVLKVAQGDLTVRVPADNAEFVGVRDVVGQDGLDRVFEVLRAPYAE
EPTNWSRRYKANLEKLASGDVIKVAEVVRDLWRRERERGLSAGEKRMLAKARQILVSELALAENTNEDKAEALLDEVLAS
;
H
8 'polypeptide(L)'
;MGSSHHHHHHSSGLVPRGSHMDGGPRVPEQRRPGFPAEEEESGALRFGVLGPVRAWRDGETLATGSPQQRALLAALLLRE
GRTATAGELIDALWGEEPPSQALAAVRTYASRLRKVLDPGVLVSESGGYAVRGLAEGALDLARAQDLASAAEKARSAGDL
CHARDLLRRALDLWDGEVLAGVPGPYAQTQRVRLGEWRLQLLETRLDMDLDQGCHAEAVSELTALTAAHPLRERLRELLM
LALYRSGRQAEALAVYADTRRLLADELGVDPRPGLQELQQRILQADPALAELSAATAETATATLRPAQLPATVSDFTGRA
AFVRELSDVLSAASGESASGRVMAVSALAGIGGVGKATLAVHVAHRARAAFPDGQLYVDLQGAGARPAEPETVLGSFLRA
LGTADSAIPDSLEERAALYRSVLDGRRVLVLLDNARDAAQVRPLLPGTDGCAALVTARVRMVDLAGAHLVDLDVMAPEEA
LALFTKIVGEERVASERQAALDVVGACGFLPLAIRIAASRLAARRTWTVSVLAAKLADERRRLDELQAGDQAVEATFELG
YGQLEPAQARAFRLLGLADGPDISLAAAAAVLDLPAQDTEDLLESLVDTSLLESAAPGRYRFHDLVRLYARACAERTERD
GNAPSERGAALSRLLDFYLATAAGVYAIERPGDRLVDGLEPTEYPGLTFTEGSAALDWLYTEAAPLLACVRQSAGTARLR
RAVDLLWAAKDLTESGANSHQYEATARAMCDATGSAADTRAEGRARTVLSDVLLVSGRIEHAEEEARLAMRLAGSAEDSA
AVSWVANNRGLVCLHQRRYAEGKGLFHQAIAGFRATDNRAGEASALSNLSRAQLGMGNVAEAVDIARQGLAVYAELGRTM
RLANGHFALGVALTRAGRHEEALGEFAEALDLFGDHRQRLWEGATNFRLAEVHLAAGRPSSAAQHAEQALALGCIGGDRM
RGNVLALLGRALSALGQADRARACWREALSLYEQHDAQEVGEVRALLARSVAR
;
I,J
9 'polydeoxyribonucleotide'
;(DG)(DT)(DA)(DG)(DC)(DC)(DG)(DG)(DA)(DG)(DC)(DG)(DT)(DT)(DC)(DA)(DG)(DC)(DG)(DT)
(DT)(DC)(DG)(DT)(DT)(DT)(DA)(DT)(DC)(DT)(DC)(DC)(DC)(DC)(DC)(DT)(DG)(DG)(DC)(DA)
(DC)(DT)(DG)(DT)(DC)(DA)(DT)(DC)(DT)(DC)(DC)(DG)(DT)(DC)(DA)(DG)(DA)(DC)(DC)(DG)
(DT)(DC)(DG)(DC)(DA)
;
O
10 'polydeoxyribonucleotide'
;(DT)(DG)(DC)(DG)(DA)(DC)(DG)(DG)(DT)(DC)(DT)(DG)(DA)(DC)(DG)(DC)(DT)(DC)(DT)(DA)
(DC)(DA)(DC)(DA)(DG)(DT)(DG)(DC)(DC)(DA)(DG)(DG)(DG)(DG)(DG)(DA)(DG)(DA)(DT)(DA)
(DA)(DA)(DC)(DG)(DA)(DA)(DC)(DG)(DC)(DT)(DG)(DA)(DA)(DC)(DG)(DC)(DT)(DC)(DC)(DG)
(DG)(DC)(DT)(DA)(DC)
;
P
#
# COMPACT_ATOMS: atom_id res chain seq x y z
N LEU A 2 54.12 47.48 2.17
CA LEU A 2 54.33 48.92 1.95
C LEU A 2 54.44 49.21 0.47
N ILE A 3 54.85 48.22 -0.31
CA ILE A 3 55.03 48.39 -1.75
C ILE A 3 53.72 48.13 -2.46
N ALA A 4 53.44 48.93 -3.49
CA ALA A 4 52.24 48.79 -4.30
C ALA A 4 52.66 48.48 -5.73
N GLN A 5 52.30 47.28 -6.21
CA GLN A 5 52.58 46.85 -7.57
C GLN A 5 51.27 46.44 -8.22
N ARG A 6 50.99 47.00 -9.39
CA ARG A 6 49.76 46.67 -10.08
C ARG A 6 49.85 45.27 -10.67
N PRO A 7 48.88 44.40 -10.39
CA PRO A 7 48.93 43.03 -10.94
C PRO A 7 48.80 43.04 -12.45
N SER A 8 49.53 42.13 -13.09
CA SER A 8 49.55 42.00 -14.55
C SER A 8 49.34 40.55 -14.92
N LEU A 9 48.48 40.31 -15.90
CA LEU A 9 48.12 38.96 -16.32
C LEU A 9 48.97 38.57 -17.53
N THR A 10 49.72 37.49 -17.39
CA THR A 10 50.55 36.96 -18.47
C THR A 10 49.92 35.68 -19.00
N GLU A 11 49.79 35.59 -20.31
CA GLU A 11 49.11 34.48 -20.97
C GLU A 11 50.12 33.64 -21.74
N GLU A 12 50.14 32.34 -21.45
CA GLU A 12 50.98 31.41 -22.20
C GLU A 12 50.14 30.21 -22.59
N VAL A 13 50.54 29.55 -23.68
CA VAL A 13 49.80 28.44 -24.25
C VAL A 13 50.62 27.16 -24.15
N VAL A 14 49.95 26.07 -23.80
CA VAL A 14 50.55 24.75 -23.87
C VAL A 14 49.83 23.84 -24.86
N ASP A 15 48.67 24.25 -25.37
CA ASP A 15 47.95 23.51 -26.39
C ASP A 15 47.02 24.49 -27.10
N GLU A 16 46.24 23.96 -28.04
CA GLU A 16 45.32 24.80 -28.80
C GLU A 16 44.22 25.36 -27.91
N PHE A 17 43.56 24.50 -27.14
CA PHE A 17 42.44 24.90 -26.30
C PHE A 17 42.76 24.69 -24.82
N ARG A 18 44.04 24.73 -24.47
CA ARG A 18 44.46 24.61 -23.07
C ARG A 18 45.63 25.54 -22.88
N SER A 19 45.47 26.56 -22.04
CA SER A 19 46.51 27.56 -21.85
C SER A 19 46.51 28.03 -20.40
N ARG A 20 47.69 28.44 -19.95
CA ARG A 20 47.93 28.78 -18.56
C ARG A 20 48.11 30.28 -18.40
N PHE A 21 47.55 30.84 -17.33
CA PHE A 21 47.51 32.27 -17.09
C PHE A 21 48.17 32.59 -15.76
N VAL A 22 48.98 33.64 -15.73
CA VAL A 22 49.84 33.95 -14.60
C VAL A 22 49.52 35.36 -14.11
N ILE A 23 49.27 35.49 -12.81
CA ILE A 23 49.07 36.78 -12.15
C ILE A 23 50.11 36.87 -11.03
N GLU A 24 51.20 37.62 -11.28
CA GLU A 24 52.36 37.57 -10.39
C GLU A 24 52.25 38.37 -9.08
N PRO A 25 51.94 39.68 -9.09
CA PRO A 25 52.20 40.48 -7.88
C PRO A 25 51.15 40.40 -6.79
N LEU A 26 50.31 39.35 -6.79
CA LEU A 26 49.20 39.25 -5.87
C LEU A 26 49.66 39.23 -4.41
N GLU A 27 48.77 39.69 -3.54
CA GLU A 27 49.04 39.80 -2.11
C GLU A 27 49.20 38.43 -1.47
N PRO A 28 49.87 38.34 -0.31
CA PRO A 28 49.96 37.04 0.37
C PRO A 28 48.60 36.53 0.81
N GLY A 29 48.41 35.22 0.65
CA GLY A 29 47.14 34.60 0.99
C GLY A 29 45.97 35.13 0.19
N PHE A 30 46.21 35.45 -1.08
CA PHE A 30 45.22 36.15 -1.90
C PHE A 30 45.05 35.53 -3.28
N GLY A 31 45.97 34.67 -3.71
CA GLY A 31 45.84 34.07 -5.04
C GLY A 31 44.88 32.91 -5.10
N TYR A 32 44.77 32.15 -4.00
CA TYR A 32 43.88 30.99 -3.98
C TYR A 32 42.43 31.41 -4.19
N THR A 33 42.01 32.50 -3.54
CA THR A 33 40.62 32.90 -3.62
C THR A 33 40.27 33.49 -4.98
N LEU A 34 41.19 34.25 -5.57
CA LEU A 34 40.99 34.74 -6.93
C LEU A 34 40.92 33.58 -7.92
N GLY A 35 41.81 32.58 -7.76
CA GLY A 35 41.73 31.40 -8.59
C GLY A 35 40.40 30.68 -8.44
N ASN A 36 39.87 30.63 -7.21
CA ASN A 36 38.57 30.01 -7.00
C ASN A 36 37.46 30.78 -7.69
N SER A 37 37.47 32.11 -7.58
CA SER A 37 36.43 32.91 -8.21
C SER A 37 36.47 32.73 -9.73
N LEU A 38 37.67 32.72 -10.31
CA LEU A 38 37.80 32.41 -11.72
C LEU A 38 37.26 31.02 -12.04
N ARG A 39 37.63 30.01 -11.26
CA ARG A 39 37.22 28.65 -11.58
C ARG A 39 35.71 28.50 -11.51
N ARG A 40 35.08 29.09 -10.49
CA ARG A 40 33.64 28.99 -10.36
C ARG A 40 32.91 29.78 -11.42
N THR A 41 33.48 30.90 -11.89
CA THR A 41 32.81 31.66 -12.93
C THR A 41 32.96 31.01 -14.30
N LEU A 42 34.12 30.38 -14.53
CA LEU A 42 34.37 29.72 -15.83
C LEU A 42 33.62 28.38 -15.90
N LEU A 43 33.41 27.71 -14.77
CA LEU A 43 32.80 26.38 -14.80
C LEU A 43 31.28 26.42 -14.76
N SER A 44 30.67 27.54 -14.39
CA SER A 44 29.22 27.61 -14.25
C SER A 44 28.58 28.55 -15.26
N SER A 45 28.99 29.82 -15.30
CA SER A 45 28.28 30.83 -16.07
C SER A 45 29.19 31.34 -17.19
N ILE A 46 29.15 30.63 -18.32
CA ILE A 46 29.85 31.04 -19.53
C ILE A 46 28.92 30.80 -20.71
N PRO A 47 28.67 31.79 -21.56
CA PRO A 47 27.74 31.59 -22.67
C PRO A 47 28.26 30.59 -23.68
N GLY A 48 27.32 29.88 -24.30
CA GLY A 48 27.67 28.87 -25.28
C GLY A 48 26.44 28.44 -26.05
N ALA A 49 26.55 27.31 -26.71
CA ALA A 49 25.42 26.77 -27.46
C ALA A 49 25.54 25.26 -27.56
N ALA A 50 24.39 24.59 -27.51
CA ALA A 50 24.35 23.14 -27.64
C ALA A 50 22.96 22.75 -28.11
N VAL A 51 22.86 21.52 -28.62
CA VAL A 51 21.58 21.03 -29.14
C VAL A 51 20.59 20.87 -28.00
N THR A 52 19.40 21.44 -28.18
CA THR A 52 18.38 21.43 -27.14
C THR A 52 17.11 20.69 -27.52
N SER A 53 16.93 20.33 -28.79
CA SER A 53 15.77 19.57 -29.24
C SER A 53 16.10 18.96 -30.59
N ILE A 54 15.61 17.75 -30.84
CA ILE A 54 15.82 17.09 -32.11
C ILE A 54 14.49 16.55 -32.62
N ARG A 55 14.53 16.00 -33.83
CA ARG A 55 13.38 15.35 -34.43
C ARG A 55 13.88 14.37 -35.49
N ILE A 56 13.46 13.12 -35.41
CA ILE A 56 13.84 12.09 -36.35
C ILE A 56 12.58 11.61 -37.07
N ASP A 57 12.64 11.54 -38.39
CA ASP A 57 11.50 11.04 -39.16
C ASP A 57 11.32 9.55 -38.90
N GLY A 58 10.07 9.15 -38.70
CA GLY A 58 9.77 7.77 -38.36
C GLY A 58 9.86 7.43 -36.89
N VAL A 59 10.06 8.42 -36.03
CA VAL A 59 10.20 8.20 -34.59
C VAL A 59 9.29 9.17 -33.86
N LEU A 60 8.46 8.66 -32.95
CA LEU A 60 7.51 9.47 -32.21
C LEU A 60 7.94 9.76 -30.78
N HIS A 61 8.85 8.98 -30.22
CA HIS A 61 9.33 9.19 -28.87
C HIS A 61 10.75 8.67 -28.76
N GLU A 62 11.44 9.09 -27.70
CA GLU A 62 12.86 8.78 -27.56
C GLU A 62 13.13 7.34 -27.14
N PHE A 63 12.11 6.57 -26.77
CA PHE A 63 12.30 5.23 -26.26
C PHE A 63 12.20 4.16 -27.33
N THR A 64 11.82 4.50 -28.55
CA THR A 64 11.75 3.52 -29.63
C THR A 64 13.14 3.38 -30.26
N THR A 65 13.22 2.72 -31.40
CA THR A 65 14.46 2.62 -32.14
C THR A 65 14.22 2.91 -33.62
N VAL A 66 15.23 3.45 -34.27
CA VAL A 66 15.16 3.73 -35.70
C VAL A 66 15.48 2.46 -36.47
N PRO A 67 14.70 2.09 -37.48
CA PRO A 67 15.04 0.89 -38.25
C PRO A 67 16.24 1.09 -39.14
N GLY A 68 17.38 0.50 -38.74
CA GLY A 68 18.57 0.58 -39.57
C GLY A 68 19.79 1.17 -38.88
N VAL A 69 19.73 1.34 -37.56
CA VAL A 69 20.87 1.82 -36.79
C VAL A 69 21.17 0.79 -35.72
N LYS A 70 22.45 0.59 -35.43
CA LYS A 70 22.85 -0.49 -34.53
C LYS A 70 22.53 -0.21 -33.07
N GLU A 71 22.22 1.03 -32.71
CA GLU A 71 21.86 1.35 -31.34
C GLU A 71 20.55 2.15 -31.31
N ASP A 72 19.92 2.17 -30.14
CA ASP A 72 18.60 2.73 -29.98
C ASP A 72 18.65 4.27 -29.99
N VAL A 73 17.47 4.88 -29.84
CA VAL A 73 17.36 6.33 -29.90
C VAL A 73 17.94 7.00 -28.66
N THR A 74 17.82 6.37 -27.49
CA THR A 74 18.35 6.98 -26.27
C THR A 74 19.87 7.06 -26.30
N ASP A 75 20.54 6.08 -26.90
CA ASP A 75 21.97 6.20 -27.11
C ASP A 75 22.31 7.33 -28.07
N LEU A 76 21.45 7.59 -29.05
CA LEU A 76 21.62 8.75 -29.91
C LEU A 76 21.47 10.05 -29.13
N ILE A 77 20.51 10.09 -28.19
CA ILE A 77 20.36 11.23 -27.31
C ILE A 77 21.63 11.45 -26.51
N LEU A 78 22.21 10.37 -26.01
CA LEU A 78 23.46 10.47 -25.25
C LEU A 78 24.60 10.98 -26.12
N ASN A 79 24.66 10.54 -27.38
CA ASN A 79 25.74 10.99 -28.26
C ASN A 79 25.55 12.44 -28.70
N ILE A 80 24.30 12.89 -28.81
CA ILE A 80 24.04 14.28 -29.18
C ILE A 80 24.47 15.23 -28.09
N LYS A 81 24.33 14.81 -26.82
CA LYS A 81 24.71 15.66 -25.70
C LYS A 81 26.20 15.99 -25.71
N GLN A 82 27.03 15.11 -26.25
CA GLN A 82 28.47 15.37 -26.35
C GLN A 82 28.83 16.28 -27.51
N LEU A 83 27.89 16.58 -28.41
CA LEU A 83 28.17 17.38 -29.58
C LEU A 83 28.21 18.85 -29.19
N VAL A 84 29.37 19.49 -29.34
CA VAL A 84 29.54 20.89 -28.99
C VAL A 84 29.48 21.72 -30.26
N VAL A 85 28.72 22.81 -30.22
CA VAL A 85 28.50 23.68 -31.36
C VAL A 85 28.55 25.14 -30.88
N SER A 86 28.61 26.05 -31.85
CA SER A 86 28.59 27.48 -31.57
C SER A 86 27.55 28.14 -32.47
N SER A 87 26.81 29.10 -31.90
CA SER A 87 25.74 29.77 -32.62
C SER A 87 25.67 31.22 -32.18
N GLU A 88 25.86 32.15 -33.12
CA GLU A 88 25.72 33.56 -32.80
C GLU A 88 24.28 34.03 -32.84
N HIS A 89 23.37 33.24 -33.41
CA HIS A 89 21.98 33.64 -33.50
C HIS A 89 21.31 33.55 -32.14
N ASP A 90 20.57 34.61 -31.77
CA ASP A 90 19.77 34.55 -30.56
C ASP A 90 18.63 33.56 -30.70
N GLU A 91 18.01 33.51 -31.87
CA GLU A 91 16.91 32.60 -32.12
C GLU A 91 17.40 31.17 -32.29
N PRO A 92 16.58 30.17 -31.98
CA PRO A 92 16.96 28.79 -32.24
C PRO A 92 17.18 28.54 -33.73
N VAL A 93 18.20 27.75 -34.02
CA VAL A 93 18.60 27.43 -35.40
C VAL A 93 18.50 25.93 -35.58
N VAL A 94 17.89 25.50 -36.67
CA VAL A 94 17.67 24.08 -36.96
C VAL A 94 18.75 23.62 -37.93
N MET A 95 19.58 22.68 -37.49
CA MET A 95 20.49 22.01 -38.40
C MET A 95 19.77 20.88 -39.11
N TYR A 96 20.49 20.20 -40.00
CA TYR A 96 19.95 19.05 -40.71
C TYR A 96 21.00 17.94 -40.73
N LEU A 97 20.56 16.71 -40.48
CA LEU A 97 21.42 15.55 -40.56
C LEU A 97 20.76 14.51 -41.45
N ARG A 98 21.48 14.05 -42.46
CA ARG A 98 20.94 13.09 -43.42
C ARG A 98 22.06 12.15 -43.85
N LYS A 99 21.78 10.85 -43.81
CA LYS A 99 22.76 9.86 -44.22
C LYS A 99 22.02 8.60 -44.67
N GLN A 100 22.47 8.02 -45.78
CA GLN A 100 21.83 6.87 -46.37
C GLN A 100 22.87 5.81 -46.70
N GLY A 101 22.49 4.55 -46.58
CA GLY A 101 23.34 3.45 -46.95
C GLY A 101 24.23 2.99 -45.82
N PRO A 102 24.98 1.92 -46.03
CA PRO A 102 25.93 1.47 -45.00
C PRO A 102 27.04 2.49 -44.81
N GLY A 103 27.51 2.57 -43.58
CA GLY A 103 28.55 3.50 -43.23
C GLY A 103 28.49 3.82 -41.75
N LEU A 104 29.16 4.91 -41.39
CA LEU A 104 29.29 5.34 -39.99
C LEU A 104 29.09 6.85 -39.98
N VAL A 105 27.90 7.29 -39.56
CA VAL A 105 27.61 8.70 -39.52
C VAL A 105 28.41 9.36 -38.40
N THR A 106 29.07 10.47 -38.72
CA THR A 106 29.86 11.22 -37.78
C THR A 106 29.25 12.61 -37.60
N ALA A 107 29.84 13.40 -36.71
CA ALA A 107 29.39 14.78 -36.54
C ALA A 107 29.68 15.64 -37.75
N ALA A 108 30.70 15.28 -38.54
CA ALA A 108 31.00 16.03 -39.75
C ALA A 108 29.90 15.91 -40.79
N ASP A 109 29.15 14.81 -40.76
CA ASP A 109 28.10 14.59 -41.74
C ASP A 109 26.89 15.50 -41.53
N ILE A 110 26.85 16.22 -40.41
CA ILE A 110 25.76 17.16 -40.18
C ILE A 110 25.85 18.31 -41.18
N ALA A 111 24.72 18.98 -41.39
CA ALA A 111 24.65 20.11 -42.32
C ALA A 111 24.24 21.36 -41.56
N PRO A 112 25.19 22.17 -41.10
CA PRO A 112 24.84 23.35 -40.31
C PRO A 112 24.60 24.56 -41.21
N PRO A 113 23.70 25.45 -40.82
CA PRO A 113 23.47 26.67 -41.59
C PRO A 113 24.55 27.70 -41.29
N ALA A 114 24.36 28.90 -41.85
CA ALA A 114 25.30 29.98 -41.61
C ALA A 114 25.23 30.45 -40.17
N GLY A 115 26.39 30.73 -39.59
CA GLY A 115 26.47 31.13 -38.21
C GLY A 115 26.45 30.00 -37.21
N VAL A 116 26.38 28.76 -37.66
CA VAL A 116 26.42 27.58 -36.80
C VAL A 116 27.44 26.62 -37.38
N GLU A 117 28.36 26.15 -36.53
CA GLU A 117 29.37 25.21 -36.98
C GLU A 117 29.64 24.19 -35.88
N VAL A 118 29.92 22.96 -36.30
CA VAL A 118 30.35 21.91 -35.38
C VAL A 118 31.85 22.05 -35.17
N HIS A 119 32.28 21.84 -33.92
CA HIS A 119 33.69 21.98 -33.57
C HIS A 119 34.36 20.66 -33.24
N ASN A 120 33.61 19.57 -33.13
CA ASN A 120 34.15 18.24 -32.94
C ASN A 120 33.57 17.31 -34.00
N PRO A 121 33.99 17.47 -35.26
CA PRO A 121 33.36 16.72 -36.34
C PRO A 121 33.70 15.24 -36.36
N ASP A 122 34.66 14.79 -35.55
CA ASP A 122 35.06 13.39 -35.52
C ASP A 122 34.24 12.55 -34.55
N LEU A 123 33.23 13.13 -33.90
CA LEU A 123 32.44 12.40 -32.92
C LEU A 123 31.54 11.38 -33.62
N VAL A 124 31.54 10.15 -33.11
CA VAL A 124 30.67 9.10 -33.62
C VAL A 124 29.25 9.32 -33.11
N LEU A 125 28.28 9.24 -34.02
CA LEU A 125 26.87 9.43 -33.68
C LEU A 125 26.10 8.12 -33.75
N ALA A 126 26.15 7.41 -34.87
CA ALA A 126 25.46 6.14 -35.02
C ALA A 126 26.17 5.32 -36.08
N THR A 127 25.69 4.10 -36.27
CA THR A 127 26.21 3.20 -37.30
C THR A 127 25.06 2.70 -38.14
N LEU A 128 25.14 2.92 -39.45
CA LEU A 128 24.07 2.57 -40.38
C LEU A 128 24.45 1.32 -41.16
N ASN A 129 23.53 0.36 -41.23
CA ASN A 129 23.68 -0.79 -42.10
C ASN A 129 23.12 -0.43 -43.47
N GLY A 130 22.91 -1.44 -44.32
CA GLY A 130 22.42 -1.19 -45.67
C GLY A 130 21.04 -0.57 -45.72
N LYS A 131 20.20 -0.87 -44.73
CA LYS A 131 18.82 -0.40 -44.69
C LYS A 131 18.63 0.73 -43.68
N GLY A 132 19.61 1.62 -43.58
CA GLY A 132 19.59 2.68 -42.60
C GLY A 132 19.02 3.97 -43.15
N LYS A 133 17.98 4.47 -42.48
CA LYS A 133 17.36 5.75 -42.78
C LYS A 133 17.55 6.66 -41.59
N LEU A 134 18.19 7.81 -41.81
CA LEU A 134 18.44 8.78 -40.74
C LEU A 134 18.29 10.19 -41.28
N GLU A 135 17.12 10.78 -41.05
CA GLU A 135 16.89 12.20 -41.29
C GLU A 135 16.61 12.84 -39.93
N MET A 136 17.34 13.90 -39.61
CA MET A 136 17.35 14.40 -38.24
C MET A 136 17.53 15.91 -38.26
N GLU A 137 16.58 16.63 -37.66
CA GLU A 137 16.59 18.10 -37.62
C GLU A 137 17.01 18.53 -36.22
N LEU A 138 18.29 18.83 -36.05
CA LEU A 138 18.82 19.25 -34.77
C LEU A 138 18.59 20.74 -34.55
N THR A 139 18.05 21.10 -33.39
CA THR A 139 17.85 22.49 -33.01
C THR A 139 18.95 22.91 -32.05
N VAL A 140 19.58 24.05 -32.33
CA VAL A 140 20.60 24.61 -31.46
C VAL A 140 20.09 25.94 -30.90
N GLU A 141 20.36 26.16 -29.61
CA GLU A 141 19.99 27.39 -28.93
C GLU A 141 21.19 27.91 -28.17
N ARG A 142 21.24 29.23 -27.97
CA ARG A 142 22.33 29.88 -27.28
C ARG A 142 21.94 30.12 -25.82
N GLY A 143 22.79 29.67 -24.92
CA GLY A 143 22.51 29.82 -23.50
C GLY A 143 23.75 29.52 -22.68
N ARG A 144 23.54 29.46 -21.36
CA ARG A 144 24.64 29.24 -20.43
C ARG A 144 24.23 28.22 -19.38
N GLY A 145 25.23 27.55 -18.81
CA GLY A 145 24.96 26.58 -17.76
C GLY A 145 24.38 25.30 -18.31
N TYR A 146 23.54 24.65 -17.50
CA TYR A 146 22.89 23.40 -17.87
C TYR A 146 21.39 23.55 -17.65
N VAL A 147 20.61 23.12 -18.64
CA VAL A 147 19.16 23.06 -18.52
C VAL A 147 18.71 21.66 -18.91
N SER A 148 17.84 21.07 -18.10
CA SER A 148 17.41 19.70 -18.31
C SER A 148 16.37 19.65 -19.43
N ALA A 149 16.01 18.43 -19.83
CA ALA A 149 15.05 18.26 -20.91
C ALA A 149 13.65 18.65 -20.50
N VAL A 150 13.34 18.61 -19.20
CA VAL A 150 12.00 18.97 -18.74
C VAL A 150 11.75 20.46 -18.82
N GLN A 151 12.80 21.27 -18.93
CA GLN A 151 12.67 22.71 -19.09
C GLN A 151 12.69 23.15 -20.55
N ASN A 152 12.70 22.20 -21.48
CA ASN A 152 12.78 22.50 -22.90
C ASN A 152 11.56 22.00 -23.66
N LYS A 153 10.41 21.94 -23.01
CA LYS A 153 9.17 21.50 -23.63
C LYS A 153 8.21 22.68 -23.75
N GLN A 154 7.88 23.05 -24.99
CA GLN A 154 6.96 24.15 -25.25
C GLN A 154 5.82 23.79 -26.20
N VAL A 155 5.99 22.77 -27.03
CA VAL A 155 5.01 22.39 -28.05
C VAL A 155 4.60 20.95 -27.83
N GLY A 156 3.30 20.67 -27.97
CA GLY A 156 2.79 19.34 -27.77
C GLY A 156 2.24 18.70 -29.03
N GLN A 157 1.83 19.53 -29.99
CA GLN A 157 1.27 18.99 -31.23
C GLN A 157 2.35 18.33 -32.08
N GLU A 158 3.59 18.79 -31.98
CA GLU A 158 4.69 18.12 -32.68
C GLU A 158 5.01 16.82 -31.97
N ILE A 159 4.42 15.72 -32.45
CA ILE A 159 4.59 14.44 -31.78
C ILE A 159 6.03 13.94 -31.92
N GLY A 160 6.63 14.16 -33.10
CA GLY A 160 7.98 13.72 -33.35
C GLY A 160 9.07 14.53 -32.70
N ARG A 161 8.73 15.57 -31.94
CA ARG A 161 9.71 16.42 -31.28
C ARG A 161 10.00 15.87 -29.90
N ILE A 162 11.28 15.61 -29.62
CA ILE A 162 11.73 15.16 -28.32
C ILE A 162 12.77 16.15 -27.82
N PRO A 163 12.61 16.73 -26.63
CA PRO A 163 13.61 17.65 -26.11
C PRO A 163 14.70 16.92 -25.34
N VAL A 164 15.93 17.34 -25.55
CA VAL A 164 17.06 16.78 -24.86
C VAL A 164 17.57 17.78 -23.83
N ASP A 165 18.46 17.34 -22.96
CA ASP A 165 19.15 18.25 -22.06
C ASP A 165 20.45 18.70 -22.72
N SER A 166 20.83 19.95 -22.46
CA SER A 166 21.97 20.56 -23.12
C SER A 166 23.01 20.98 -22.10
N ILE A 167 24.27 20.93 -22.52
CA ILE A 167 25.40 21.36 -21.69
C ILE A 167 26.05 22.53 -22.43
N TYR A 168 25.70 23.75 -22.02
CA TYR A 168 26.11 24.93 -22.79
C TYR A 168 27.57 25.30 -22.57
N SER A 169 28.06 25.19 -21.33
CA SER A 169 29.37 25.73 -21.00
C SER A 169 30.47 24.94 -21.71
N PRO A 170 31.35 25.60 -22.47
CA PRO A 170 32.38 24.90 -23.23
C PRO A 170 33.69 24.68 -22.49
N VAL A 171 33.73 24.83 -21.17
CA VAL A 171 34.96 24.72 -20.40
C VAL A 171 35.03 23.34 -19.77
N LEU A 172 36.14 22.64 -20.01
CA LEU A 172 36.31 21.30 -19.45
C LEU A 172 36.69 21.37 -17.98
N LYS A 173 37.84 21.96 -17.68
CA LYS A 173 38.34 22.00 -16.30
C LYS A 173 39.19 23.23 -16.10
N VAL A 174 39.13 23.78 -14.89
CA VAL A 174 39.88 24.97 -14.51
C VAL A 174 40.68 24.64 -13.26
N THR A 175 41.97 24.95 -13.28
CA THR A 175 42.87 24.62 -12.19
C THR A 175 43.73 25.82 -11.86
N TYR A 176 43.92 26.09 -10.57
CA TYR A 176 44.78 27.18 -10.14
C TYR A 176 45.81 26.67 -9.15
N LYS A 177 46.91 27.42 -9.06
CA LYS A 177 48.03 27.06 -8.22
C LYS A 177 48.79 28.33 -7.87
N VAL A 178 49.39 28.36 -6.68
CA VAL A 178 50.17 29.51 -6.25
C VAL A 178 51.62 29.08 -6.05
N GLU A 179 52.50 30.07 -6.05
CA GLU A 179 53.94 29.86 -5.92
C GLU A 179 54.49 30.95 -5.02
N ALA A 180 55.80 31.15 -5.06
CA ALA A 180 56.46 32.21 -4.31
C ALA A 180 57.17 33.14 -5.28
N THR A 181 56.93 34.44 -5.13
CA THR A 181 57.61 35.42 -5.96
C THR A 181 59.09 35.52 -5.57
N ARG A 182 59.92 35.80 -6.57
CA ARG A 182 61.36 35.90 -6.36
C ARG A 182 61.78 37.20 -5.69
N VAL A 183 60.89 38.19 -5.63
CA VAL A 183 61.22 39.44 -4.95
C VAL A 183 61.27 39.21 -3.44
N GLU A 184 62.20 39.91 -2.79
CA GLU A 184 62.55 39.63 -1.39
C GLU A 184 61.85 40.62 -0.46
N GLN A 185 60.73 40.19 0.10
CA GLN A 185 60.07 40.88 1.20
C GLN A 185 59.51 39.85 2.16
N ARG A 186 59.24 40.30 3.39
CA ARG A 186 58.58 39.43 4.36
C ARG A 186 57.12 39.20 4.02
N THR A 187 56.55 40.02 3.12
CA THR A 187 55.17 39.81 2.69
C THR A 187 55.03 38.53 1.87
N ASP A 188 56.02 38.22 1.03
CA ASP A 188 56.09 36.99 0.24
C ASP A 188 54.88 36.86 -0.69
N PHE A 189 54.85 37.76 -1.67
CA PHE A 189 53.83 37.72 -2.72
C PHE A 189 53.87 36.40 -3.48
N ASP A 190 52.75 36.07 -4.11
CA ASP A 190 52.56 34.78 -4.77
C ASP A 190 52.00 34.98 -6.18
N LYS A 191 52.57 34.26 -7.14
CA LYS A 191 52.05 34.26 -8.50
C LYS A 191 51.03 33.14 -8.63
N LEU A 192 49.92 33.44 -9.29
CA LEU A 192 48.81 32.52 -9.43
C LEU A 192 48.78 32.00 -10.86
N ILE A 193 49.00 30.70 -11.03
CA ILE A 193 48.98 30.06 -12.34
C ILE A 193 47.64 29.39 -12.50
N VAL A 194 46.79 29.94 -13.37
CA VAL A 194 45.46 29.39 -13.61
C VAL A 194 45.53 28.58 -14.90
N ASP A 195 45.28 27.28 -14.79
CA ASP A 195 45.28 26.39 -15.94
C ASP A 195 43.85 26.23 -16.44
N VAL A 196 43.61 26.70 -17.66
CA VAL A 196 42.29 26.64 -18.28
C VAL A 196 42.38 25.75 -19.52
N GLU A 197 41.47 24.78 -19.60
CA GLU A 197 41.35 23.92 -20.77
C GLU A 197 39.88 23.84 -21.15
N THR A 198 39.52 24.32 -22.32
CA THR A 198 38.15 24.34 -22.79
C THR A 198 37.96 23.32 -23.91
N LYS A 199 36.74 23.27 -24.42
CA LYS A 199 36.41 22.42 -25.56
C LYS A 199 36.89 23.08 -26.85
N GLN A 200 36.46 22.54 -27.98
CA GLN A 200 36.84 23.11 -29.26
C GLN A 200 35.96 24.28 -29.66
N ALA A 201 35.00 24.67 -28.82
CA ALA A 201 34.07 25.74 -29.18
C ALA A 201 34.80 27.09 -29.28
N MET A 202 35.64 27.41 -28.30
CA MET A 202 36.32 28.69 -28.31
C MET A 202 37.60 28.58 -27.50
N ARG A 203 38.50 29.53 -27.74
CA ARG A 203 39.79 29.54 -27.06
C ARG A 203 39.62 29.93 -25.60
N PRO A 204 40.49 29.44 -24.72
CA PRO A 204 40.38 29.78 -23.29
C PRO A 204 40.54 31.25 -22.98
N ARG A 205 41.24 32.01 -23.84
CA ARG A 205 41.35 33.44 -23.64
C ARG A 205 39.99 34.12 -23.67
N ASP A 206 39.14 33.73 -24.62
CA ASP A 206 37.79 34.28 -24.69
C ASP A 206 36.94 33.83 -23.51
N ALA A 207 37.16 32.59 -23.03
CA ALA A 207 36.41 32.10 -21.87
C ALA A 207 36.73 32.93 -20.64
N MET A 208 38.01 33.17 -20.37
CA MET A 208 38.34 34.02 -19.25
C MET A 208 37.98 35.48 -19.48
N ALA A 209 37.92 35.93 -20.73
CA ALA A 209 37.39 37.26 -21.00
C ALA A 209 35.94 37.38 -20.54
N SER A 210 35.12 36.39 -20.88
CA SER A 210 33.72 36.41 -20.47
C SER A 210 33.59 36.30 -18.95
N ALA A 211 34.37 35.43 -18.33
CA ALA A 211 34.28 35.26 -16.88
C ALA A 211 34.74 36.52 -16.15
N GLY A 212 35.83 37.13 -16.60
CA GLY A 212 36.27 38.38 -16.03
C GLY A 212 35.27 39.49 -16.23
N LYS A 213 34.58 39.51 -17.37
CA LYS A 213 33.52 40.49 -17.59
C LYS A 213 32.39 40.30 -16.59
N THR A 214 31.96 39.05 -16.38
CA THR A 214 30.89 38.77 -15.43
C THR A 214 31.29 39.21 -14.02
N LEU A 215 32.50 38.86 -13.60
CA LEU A 215 32.93 39.18 -12.25
C LEU A 215 33.13 40.68 -12.07
N VAL A 216 33.67 41.35 -13.08
CA VAL A 216 33.89 42.78 -12.95
C VAL A 216 32.57 43.53 -12.94
N GLU A 217 31.56 43.02 -13.66
CA GLU A 217 30.24 43.64 -13.61
C GLU A 217 29.59 43.45 -12.25
N LEU A 218 29.69 42.25 -11.67
CA LEU A 218 29.11 42.03 -10.34
C LEU A 218 29.83 42.85 -9.28
N PHE A 219 31.16 42.91 -9.33
CA PHE A 219 31.89 43.67 -8.32
C PHE A 219 31.69 45.17 -8.48
N GLY A 220 31.55 45.65 -9.73
CA GLY A 220 31.20 47.04 -9.93
C GLY A 220 29.80 47.37 -9.46
N LEU A 221 28.87 46.42 -9.62
CA LEU A 221 27.55 46.59 -9.03
C LEU A 221 27.62 46.70 -7.52
N ALA A 222 28.49 45.89 -6.90
CA ALA A 222 28.71 46.00 -5.46
C ALA A 222 29.31 47.35 -5.09
N ARG A 223 30.25 47.85 -5.89
CA ARG A 223 30.98 49.06 -5.54
C ARG A 223 30.15 50.30 -5.74
N GLU A 224 29.31 50.33 -6.79
CA GLU A 224 28.72 51.59 -7.25
C GLU A 224 27.70 52.15 -6.25
N LEU A 225 26.93 51.28 -5.61
CA LEU A 225 25.89 51.76 -4.69
C LEU A 225 26.46 52.39 -3.42
N ASN A 226 27.74 52.18 -3.13
CA ASN A 226 28.40 52.83 -2.01
C ASN A 226 29.25 53.97 -2.54
N ILE A 227 29.03 55.17 -1.98
CA ILE A 227 29.71 56.40 -2.38
C ILE A 227 29.52 56.68 -3.87
N MET B 1 20.41 33.47 -20.92
CA MET B 1 21.53 34.26 -21.41
C MET B 1 21.59 35.53 -20.57
N LEU B 2 20.43 36.14 -20.35
CA LEU B 2 20.32 37.37 -19.56
C LEU B 2 19.98 37.05 -18.12
N ILE B 3 20.51 37.87 -17.20
CA ILE B 3 20.24 37.67 -15.79
C ILE B 3 18.78 37.99 -15.49
N ALA B 4 18.15 37.14 -14.69
CA ALA B 4 16.73 37.30 -14.39
C ALA B 4 16.50 38.54 -13.52
N GLN B 5 17.29 38.70 -12.46
CA GLN B 5 17.15 39.83 -11.55
C GLN B 5 18.51 40.44 -11.29
N ARG B 6 18.63 41.74 -11.51
CA ARG B 6 19.87 42.45 -11.24
C ARG B 6 20.03 42.67 -9.74
N PRO B 7 21.16 42.29 -9.15
CA PRO B 7 21.33 42.45 -7.70
C PRO B 7 21.53 43.91 -7.33
N SER B 8 21.51 44.16 -6.02
CA SER B 8 21.76 45.49 -5.49
C SER B 8 22.23 45.37 -4.05
N LEU B 9 23.35 46.04 -3.74
CA LEU B 9 23.90 45.98 -2.39
C LEU B 9 23.06 46.80 -1.43
N THR B 10 22.95 46.32 -0.19
CA THR B 10 22.19 46.99 0.84
C THR B 10 23.03 47.03 2.12
N GLU B 11 22.93 48.12 2.85
CA GLU B 11 23.69 48.30 4.10
C GLU B 11 22.73 48.51 5.26
N GLU B 12 22.89 47.71 6.31
CA GLU B 12 22.22 47.94 7.57
C GLU B 12 23.28 48.19 8.64
N VAL B 13 23.08 49.25 9.42
CA VAL B 13 24.06 49.71 10.39
C VAL B 13 23.49 49.52 11.79
N VAL B 14 24.32 49.07 12.72
CA VAL B 14 23.89 48.82 14.08
C VAL B 14 24.79 49.59 15.05
N ASP B 15 25.99 49.95 14.58
CA ASP B 15 26.95 50.68 15.40
C ASP B 15 27.88 51.45 14.48
N GLU B 16 28.61 52.40 15.06
CA GLU B 16 29.44 53.31 14.27
C GLU B 16 30.57 52.59 13.52
N PHE B 17 30.94 51.39 13.93
CA PHE B 17 31.86 50.57 13.15
C PHE B 17 31.29 49.21 12.75
N ARG B 18 30.38 48.65 13.55
CA ARG B 18 29.74 47.40 13.17
C ARG B 18 28.77 47.65 12.02
N SER B 19 28.88 46.84 10.97
CA SER B 19 27.99 46.97 9.82
C SER B 19 27.86 45.61 9.14
N ARG B 20 26.66 45.35 8.62
CA ARG B 20 26.35 44.12 7.90
C ARG B 20 25.76 44.49 6.56
N PHE B 21 26.26 43.87 5.49
CA PHE B 21 25.84 44.19 4.14
C PHE B 21 25.16 42.99 3.52
N VAL B 22 23.96 43.19 3.01
CA VAL B 22 23.16 42.13 2.41
C VAL B 22 23.07 42.39 0.91
N ILE B 23 23.36 41.36 0.13
CA ILE B 23 23.29 41.43 -1.33
C ILE B 23 21.97 40.83 -1.78
N GLU B 24 21.27 41.54 -2.67
CA GLU B 24 20.02 41.06 -3.23
C GLU B 24 20.28 39.83 -4.10
N PRO B 25 19.25 38.96 -4.32
CA PRO B 25 19.47 37.62 -4.90
C PRO B 25 20.37 37.54 -6.12
N LEU B 26 21.43 36.76 -5.98
CA LEU B 26 22.42 36.52 -7.02
C LEU B 26 22.06 35.28 -7.82
N GLU B 27 22.75 35.12 -8.95
CA GLU B 27 22.62 33.91 -9.73
C GLU B 27 23.23 32.74 -8.97
N PRO B 28 22.80 31.51 -9.24
CA PRO B 28 23.29 30.36 -8.47
C PRO B 28 24.79 30.17 -8.62
N GLY B 29 25.46 30.01 -7.49
CA GLY B 29 26.89 29.86 -7.46
C GLY B 29 27.68 31.14 -7.35
N PHE B 30 27.03 32.30 -7.45
CA PHE B 30 27.70 33.58 -7.31
C PHE B 30 27.69 34.12 -5.90
N GLY B 31 27.08 33.42 -4.95
CA GLY B 31 27.17 33.86 -3.56
C GLY B 31 28.56 33.69 -3.00
N TYR B 32 29.13 32.49 -3.17
CA TYR B 32 30.37 32.15 -2.48
C TYR B 32 31.59 32.79 -3.12
N THR B 33 31.59 32.94 -4.46
CA THR B 33 32.67 33.65 -5.13
C THR B 33 32.79 35.06 -4.58
N LEU B 34 31.66 35.79 -4.59
CA LEU B 34 31.64 37.15 -4.10
C LEU B 34 32.01 37.20 -2.62
N GLY B 35 31.46 36.29 -1.82
CA GLY B 35 31.75 36.27 -0.40
C GLY B 35 33.21 36.10 -0.05
N ASN B 36 33.84 35.04 -0.57
CA ASN B 36 35.23 34.80 -0.19
C ASN B 36 36.17 35.80 -0.84
N SER B 37 35.94 36.14 -2.11
CA SER B 37 36.82 37.12 -2.77
C SER B 37 36.72 38.47 -2.08
N LEU B 38 35.51 38.88 -1.71
CA LEU B 38 35.30 40.16 -1.04
C LEU B 38 35.92 40.15 0.34
N ARG B 39 35.78 39.06 1.10
CA ARG B 39 36.39 39.00 2.42
C ARG B 39 37.92 39.05 2.33
N ARG B 40 38.50 38.31 1.39
CA ARG B 40 39.96 38.27 1.31
C ARG B 40 40.54 39.57 0.77
N THR B 41 39.84 40.24 -0.15
CA THR B 41 40.31 41.56 -0.59
C THR B 41 39.94 42.66 0.39
N LEU B 42 39.05 42.37 1.34
CA LEU B 42 38.70 43.34 2.37
C LEU B 42 39.71 43.31 3.51
N LEU B 43 40.17 42.13 3.90
CA LEU B 43 41.13 42.02 4.98
C LEU B 43 42.56 42.28 4.55
N SER B 44 42.86 42.21 3.25
CA SER B 44 44.26 42.18 2.83
C SER B 44 44.58 43.00 1.58
N SER B 45 43.80 44.02 1.25
CA SER B 45 44.11 44.87 0.11
C SER B 45 43.93 46.35 0.37
N ILE B 46 43.25 46.74 1.44
CA ILE B 46 43.03 48.15 1.74
C ILE B 46 44.28 48.74 2.36
N PRO B 47 44.84 49.82 1.81
CA PRO B 47 46.06 50.39 2.39
C PRO B 47 45.79 51.02 3.75
N GLY B 48 46.83 51.03 4.57
CA GLY B 48 46.74 51.59 5.90
C GLY B 48 48.11 51.68 6.52
N ALA B 49 48.14 52.20 7.75
CA ALA B 49 49.39 52.37 8.47
C ALA B 49 49.24 51.85 9.89
N ALA B 50 50.32 51.31 10.43
CA ALA B 50 50.33 50.77 11.78
C ALA B 50 51.77 50.77 12.28
N VAL B 51 51.92 50.59 13.59
CA VAL B 51 53.25 50.57 14.19
C VAL B 51 54.00 49.34 13.70
N THR B 52 55.32 49.46 13.61
CA THR B 52 56.16 48.39 13.11
C THR B 52 57.20 47.93 14.12
N SER B 53 57.85 48.86 14.81
CA SER B 53 58.81 48.53 15.85
C SER B 53 58.73 49.59 16.93
N ILE B 54 59.07 49.20 18.15
CA ILE B 54 59.04 50.12 19.28
C ILE B 54 60.38 50.03 20.00
N ARG B 55 60.77 51.15 20.62
CA ARG B 55 62.03 51.25 21.33
C ARG B 55 61.77 51.86 22.70
N ILE B 56 62.07 51.10 23.76
CA ILE B 56 61.87 51.55 25.13
C ILE B 56 63.23 51.86 25.73
N ASP B 57 63.33 53.02 26.39
CA ASP B 57 64.62 53.46 26.93
C ASP B 57 65.01 52.62 28.13
N GLY B 58 66.30 52.29 28.21
CA GLY B 58 66.85 51.62 29.37
C GLY B 58 66.31 50.24 29.64
N VAL B 59 65.98 49.49 28.59
CA VAL B 59 65.50 48.12 28.72
C VAL B 59 66.34 47.21 27.84
N LEU B 60 66.13 45.91 28.00
CA LEU B 60 66.80 44.90 27.19
C LEU B 60 65.76 44.05 26.49
N HIS B 61 66.18 43.40 25.41
CA HIS B 61 65.27 42.55 24.65
C HIS B 61 64.84 41.33 25.46
N GLU B 62 65.76 40.77 26.24
CA GLU B 62 65.46 39.61 27.07
C GLU B 62 64.92 39.97 28.44
N PHE B 63 64.97 41.26 28.81
CA PHE B 63 64.50 41.72 30.12
C PHE B 63 63.10 42.28 29.94
N THR B 64 62.11 41.57 30.46
CA THR B 64 60.70 41.83 30.17
C THR B 64 60.06 42.84 31.10
N THR B 65 60.83 43.44 32.02
CA THR B 65 60.29 44.41 32.96
C THR B 65 60.66 45.81 32.53
N VAL B 66 59.71 46.73 32.64
CA VAL B 66 59.92 48.15 32.38
C VAL B 66 59.76 48.90 33.70
N PRO B 67 60.68 49.80 34.05
CA PRO B 67 60.58 50.49 35.35
C PRO B 67 59.50 51.55 35.34
N GLY B 68 58.84 51.70 36.49
CA GLY B 68 57.82 52.70 36.67
C GLY B 68 56.45 52.35 36.13
N VAL B 69 56.31 51.18 35.48
CA VAL B 69 55.06 50.74 34.90
C VAL B 69 54.74 49.36 35.47
N LYS B 70 53.50 49.19 35.94
CA LYS B 70 53.18 48.01 36.73
C LYS B 70 53.06 46.74 35.89
N GLU B 71 52.72 46.86 34.61
CA GLU B 71 52.56 45.68 33.78
C GLU B 71 53.84 45.37 33.01
N ASP B 72 53.89 44.17 32.47
CA ASP B 72 55.08 43.68 31.76
C ASP B 72 55.15 44.30 30.37
N VAL B 73 56.23 43.98 29.65
CA VAL B 73 56.44 44.57 28.34
C VAL B 73 55.47 43.97 27.32
N THR B 74 55.00 42.74 27.56
CA THR B 74 54.05 42.12 26.62
C THR B 74 52.72 42.87 26.62
N ASP B 75 52.25 43.30 27.79
CA ASP B 75 51.01 44.07 27.85
C ASP B 75 51.18 45.42 27.15
N LEU B 76 52.33 46.06 27.31
CA LEU B 76 52.59 47.31 26.62
C LEU B 76 52.63 47.11 25.11
N ILE B 77 53.27 46.03 24.66
CA ILE B 77 53.31 45.71 23.23
C ILE B 77 51.91 45.49 22.69
N LEU B 78 51.09 44.74 23.44
CA LEU B 78 49.73 44.46 23.02
C LEU B 78 48.88 45.72 22.99
N ASN B 79 49.16 46.68 23.88
CA ASN B 79 48.44 47.95 23.84
C ASN B 79 48.89 48.80 22.66
N ILE B 80 50.18 48.78 22.33
CA ILE B 80 50.68 49.51 21.17
C ILE B 80 50.08 48.98 19.89
N LYS B 81 50.03 47.65 19.75
CA LYS B 81 49.53 47.06 18.52
C LYS B 81 48.03 47.25 18.33
N GLN B 82 47.30 47.67 19.37
CA GLN B 82 45.89 47.97 19.25
C GLN B 82 45.62 49.44 18.97
N LEU B 83 46.67 50.24 18.81
CA LEU B 83 46.53 51.66 18.50
C LEU B 83 46.50 51.86 17.00
N VAL B 84 45.75 52.87 16.56
CA VAL B 84 45.54 53.13 15.14
C VAL B 84 46.21 54.44 14.77
N VAL B 85 46.92 54.44 13.65
CA VAL B 85 47.55 55.62 13.10
C VAL B 85 47.34 55.62 11.58
N SER B 86 47.47 56.81 10.99
CA SER B 86 47.39 56.96 9.54
C SER B 86 48.59 57.76 9.08
N SER B 87 49.33 57.22 8.12
CA SER B 87 50.54 57.84 7.61
C SER B 87 50.44 58.06 6.11
N GLU B 88 51.20 59.04 5.62
CA GLU B 88 51.24 59.38 4.20
C GLU B 88 52.65 59.57 3.69
N HIS B 89 53.68 59.31 4.50
CA HIS B 89 55.05 59.51 4.08
C HIS B 89 55.56 58.42 3.16
N ASP B 90 54.90 57.26 3.15
CA ASP B 90 55.33 56.07 2.41
C ASP B 90 56.72 55.59 2.83
N GLU B 91 57.17 56.00 4.02
CA GLU B 91 58.47 55.65 4.56
C GLU B 91 58.33 55.49 6.06
N PRO B 92 59.17 54.67 6.69
CA PRO B 92 59.11 54.52 8.15
C PRO B 92 59.49 55.82 8.86
N VAL B 93 58.53 56.36 9.61
CA VAL B 93 58.71 57.59 10.35
C VAL B 93 58.50 57.31 11.83
N VAL B 94 59.32 57.92 12.67
CA VAL B 94 59.26 57.68 14.11
C VAL B 94 58.21 58.60 14.73
N MET B 95 57.65 58.15 15.85
CA MET B 95 56.71 58.93 16.63
C MET B 95 57.15 58.92 18.08
N TYR B 96 57.02 60.06 18.75
CA TYR B 96 57.54 60.25 20.08
C TYR B 96 56.41 60.22 21.12
N LEU B 97 56.76 59.77 22.32
CA LEU B 97 55.82 59.74 23.43
C LEU B 97 56.62 59.80 24.72
N ARG B 98 56.27 60.76 25.60
CA ARG B 98 56.99 60.94 26.86
C ARG B 98 56.01 61.35 27.94
N LYS B 99 56.29 60.92 29.17
CA LYS B 99 55.52 61.31 30.33
C LYS B 99 56.38 61.11 31.58
N GLN B 100 56.31 62.07 32.50
CA GLN B 100 57.08 62.04 33.73
C GLN B 100 56.13 62.11 34.92
N GLY B 101 56.42 61.32 35.95
CA GLY B 101 55.61 61.29 37.13
C GLY B 101 54.55 60.21 37.08
N PRO B 102 53.88 59.96 38.20
CA PRO B 102 52.84 58.93 38.24
C PRO B 102 51.54 59.43 37.62
N GLY B 103 50.68 58.47 37.27
CA GLY B 103 49.38 58.77 36.72
C GLY B 103 49.06 57.84 35.56
N LEU B 104 48.13 58.28 34.72
CA LEU B 104 47.65 57.50 33.59
C LEU B 104 48.11 58.15 32.29
N VAL B 105 48.60 57.34 31.36
CA VAL B 105 49.02 57.80 30.04
C VAL B 105 48.13 57.16 28.99
N THR B 106 47.70 57.97 28.02
CA THR B 106 46.88 57.49 26.92
C THR B 106 47.50 57.87 25.58
N ALA B 107 46.77 57.62 24.49
CA ALA B 107 47.25 58.03 23.18
C ALA B 107 47.14 59.54 22.98
N ALA B 108 46.33 60.23 23.79
CA ALA B 108 46.25 61.68 23.72
C ALA B 108 47.56 62.35 24.10
N ASP B 109 48.34 61.70 24.96
CA ASP B 109 49.63 62.22 25.37
C ASP B 109 50.70 62.08 24.30
N ILE B 110 50.41 61.33 23.23
CA ILE B 110 51.39 61.18 22.16
C ILE B 110 51.47 62.47 21.36
N ALA B 111 52.69 62.98 21.17
CA ALA B 111 52.90 64.13 20.31
C ALA B 111 52.96 63.64 18.88
N PRO B 112 52.03 64.01 18.01
CA PRO B 112 52.00 63.47 16.66
C PRO B 112 52.86 64.28 15.72
N PRO B 113 53.77 63.64 14.99
CA PRO B 113 54.50 64.33 13.94
C PRO B 113 53.59 64.62 12.75
N ALA B 114 54.04 65.55 11.92
CA ALA B 114 53.28 65.92 10.74
C ALA B 114 53.18 64.75 9.76
N GLY B 115 51.97 64.49 9.28
CA GLY B 115 51.73 63.36 8.40
C GLY B 115 51.28 62.10 9.09
N VAL B 116 51.33 62.04 10.42
CA VAL B 116 50.86 60.90 11.20
C VAL B 116 49.84 61.41 12.20
N GLU B 117 48.65 60.82 12.17
CA GLU B 117 47.55 61.26 13.02
C GLU B 117 46.99 60.09 13.80
N VAL B 118 46.72 60.33 15.09
CA VAL B 118 46.08 59.34 15.96
C VAL B 118 44.59 59.60 15.97
N HIS B 119 43.80 58.52 15.98
CA HIS B 119 42.36 58.62 15.84
C HIS B 119 41.59 58.28 17.12
N ASN B 120 42.18 57.53 18.04
CA ASN B 120 41.52 57.13 19.28
C ASN B 120 42.40 57.52 20.46
N PRO B 121 42.31 58.76 20.94
CA PRO B 121 43.19 59.21 22.02
C PRO B 121 42.68 58.80 23.39
N ASP B 122 41.75 57.84 23.44
CA ASP B 122 41.11 57.46 24.68
C ASP B 122 41.58 56.12 25.25
N LEU B 123 42.21 55.27 24.44
CA LEU B 123 42.65 53.98 24.95
C LEU B 123 43.91 54.13 25.78
N VAL B 124 44.03 53.28 26.80
CA VAL B 124 45.14 53.34 27.72
C VAL B 124 46.33 52.59 27.12
N LEU B 125 47.53 53.12 27.33
CA LEU B 125 48.76 52.47 26.92
C LEU B 125 49.56 51.91 28.10
N ALA B 126 49.63 52.64 29.21
CA ALA B 126 50.39 52.20 30.36
C ALA B 126 49.90 52.95 31.59
N THR B 127 50.38 52.51 32.75
CA THR B 127 50.12 53.16 34.03
C THR B 127 51.45 53.50 34.69
N LEU B 128 51.48 54.59 35.44
CA LEU B 128 52.71 55.11 36.00
C LEU B 128 52.63 55.17 37.52
N ASN B 129 53.73 54.81 38.18
CA ASN B 129 53.85 54.96 39.63
C ASN B 129 55.25 55.45 39.98
N GLY B 130 55.34 56.19 41.08
CA GLY B 130 56.60 56.77 41.51
C GLY B 130 57.17 57.71 40.47
N LYS B 131 58.46 57.57 40.20
CA LYS B 131 59.08 58.29 39.10
C LYS B 131 58.58 57.76 37.77
N GLY B 132 58.28 58.67 36.85
CA GLY B 132 57.73 58.26 35.57
C GLY B 132 58.71 57.54 34.68
N LYS B 133 59.69 58.27 34.15
CA LYS B 133 60.74 57.75 33.26
C LYS B 133 60.15 56.90 32.14
N LEU B 134 59.32 57.55 31.32
CA LEU B 134 58.61 56.88 30.24
C LEU B 134 59.00 57.55 28.92
N GLU B 135 59.84 56.89 28.14
CA GLU B 135 60.31 57.41 26.85
C GLU B 135 60.32 56.27 25.85
N MET B 136 59.44 56.33 24.85
CA MET B 136 59.51 55.41 23.72
C MET B 136 59.44 56.17 22.41
N GLU B 137 60.10 55.61 21.40
CA GLU B 137 60.10 56.15 20.05
C GLU B 137 59.59 55.03 19.14
N LEU B 138 58.29 55.02 18.88
CA LEU B 138 57.65 53.94 18.15
C LEU B 138 57.57 54.29 16.67
N THR B 139 57.95 53.33 15.82
CA THR B 139 57.96 53.54 14.38
C THR B 139 56.55 53.41 13.83
N VAL B 140 56.19 54.30 12.90
CA VAL B 140 54.93 54.21 12.17
C VAL B 140 55.27 54.06 10.69
N GLU B 141 54.78 52.98 10.08
CA GLU B 141 55.08 52.69 8.69
C GLU B 141 53.81 52.29 7.96
N ARG B 142 53.61 52.83 6.76
CA ARG B 142 52.47 52.46 5.94
C ARG B 142 52.62 51.04 5.42
N GLY B 143 51.51 50.32 5.36
CA GLY B 143 51.53 48.94 4.92
C GLY B 143 50.23 48.49 4.28
N ARG B 144 50.04 47.17 4.15
CA ARG B 144 48.85 46.63 3.52
C ARG B 144 48.67 45.18 3.98
N GLY B 145 47.61 44.93 4.74
CA GLY B 145 47.29 43.58 5.16
C GLY B 145 47.57 43.30 6.62
N TYR B 146 48.35 42.25 6.89
CA TYR B 146 48.75 41.92 8.25
C TYR B 146 50.05 41.14 8.18
N VAL B 147 51.11 41.68 8.77
CA VAL B 147 52.41 41.02 8.81
C VAL B 147 52.82 40.87 10.26
N SER B 148 53.35 39.69 10.60
CA SER B 148 53.74 39.39 11.97
C SER B 148 55.06 40.09 12.30
N ALA B 149 55.65 39.74 13.44
CA ALA B 149 56.89 40.37 13.88
C ALA B 149 58.02 40.01 12.92
N VAL B 150 58.76 41.03 12.49
CA VAL B 150 59.82 40.87 11.51
C VAL B 150 61.12 41.44 12.07
N GLN B 151 62.21 40.72 11.86
CA GLN B 151 63.55 41.15 12.28
C GLN B 151 64.40 41.40 11.05
N ASN B 152 65.01 42.57 10.98
CA ASN B 152 65.83 42.99 9.85
C ASN B 152 67.14 43.59 10.35
N LYS B 153 67.78 42.89 11.30
CA LYS B 153 69.00 43.36 11.97
C LYS B 153 68.76 44.73 12.62
N GLN B 154 67.91 44.75 13.64
CA GLN B 154 67.56 45.98 14.33
C GLN B 154 67.98 45.97 15.80
N VAL B 155 67.98 44.79 16.44
CA VAL B 155 68.46 44.69 17.81
C VAL B 155 69.95 44.95 17.89
N GLY B 156 70.70 44.59 16.84
CA GLY B 156 72.13 44.84 16.83
C GLY B 156 72.47 46.32 16.79
N GLN B 157 71.69 47.10 16.04
CA GLN B 157 71.93 48.55 15.99
C GLN B 157 71.59 49.20 17.32
N GLU B 158 70.42 48.89 17.87
CA GLU B 158 70.06 49.31 19.22
C GLU B 158 69.32 48.18 19.90
N ILE B 159 69.77 47.84 21.11
CA ILE B 159 69.21 46.69 21.82
C ILE B 159 67.86 47.02 22.44
N GLY B 160 67.50 48.30 22.55
CA GLY B 160 66.21 48.67 23.10
C GLY B 160 65.05 48.60 22.12
N ARG B 161 65.33 48.31 20.86
CA ARG B 161 64.28 48.25 19.84
C ARG B 161 63.80 46.81 19.66
N ILE B 162 62.49 46.62 19.74
CA ILE B 162 61.88 45.30 19.62
C ILE B 162 60.76 45.36 18.58
N PRO B 163 60.60 44.33 17.76
CA PRO B 163 59.53 44.35 16.75
C PRO B 163 58.17 44.11 17.39
N VAL B 164 57.14 44.52 16.66
CA VAL B 164 55.76 44.41 17.12
C VAL B 164 54.87 44.05 15.94
N ASP B 165 53.80 43.32 16.22
CA ASP B 165 52.82 42.98 15.19
C ASP B 165 52.09 44.24 14.72
N SER B 166 51.69 44.24 13.46
CA SER B 166 51.09 45.40 12.83
C SER B 166 49.78 45.01 12.19
N ILE B 167 48.70 45.69 12.57
CA ILE B 167 47.39 45.50 11.95
C ILE B 167 47.28 46.58 10.88
N TYR B 168 47.79 46.28 9.68
CA TYR B 168 47.78 47.27 8.61
C TYR B 168 46.38 47.52 8.07
N SER B 169 45.55 46.49 8.01
CA SER B 169 44.23 46.64 7.40
C SER B 169 43.34 47.52 8.27
N PRO B 170 42.50 48.36 7.65
CA PRO B 170 41.53 49.14 8.43
C PRO B 170 40.34 48.34 8.90
N VAL B 171 40.24 47.06 8.57
CA VAL B 171 39.15 46.21 9.04
C VAL B 171 39.72 45.18 10.00
N LEU B 172 38.91 44.80 10.98
CA LEU B 172 39.34 43.83 11.97
C LEU B 172 38.94 42.40 11.59
N LYS B 173 37.64 42.14 11.45
CA LYS B 173 37.20 40.81 11.07
C LYS B 173 36.03 40.93 10.09
N VAL B 174 35.97 39.96 9.19
CA VAL B 174 34.93 39.88 8.17
C VAL B 174 34.39 38.46 8.19
N THR B 175 33.18 38.29 8.68
CA THR B 175 32.54 36.98 8.79
C THR B 175 31.30 36.97 7.91
N TYR B 176 31.40 36.36 6.74
CA TYR B 176 30.31 36.32 5.78
C TYR B 176 29.61 34.98 5.83
N LYS B 177 28.30 35.00 5.57
CA LYS B 177 27.52 33.78 5.43
C LYS B 177 26.55 33.95 4.27
N VAL B 178 26.22 32.85 3.60
CA VAL B 178 25.35 32.86 2.44
C VAL B 178 24.13 32.01 2.74
N GLU B 179 22.95 32.57 2.51
CA GLU B 179 21.69 31.88 2.68
C GLU B 179 20.89 31.94 1.39
N ALA B 180 19.99 30.99 1.21
CA ALA B 180 19.22 30.83 -0.02
C ALA B 180 17.91 31.61 0.07
N THR B 181 17.47 32.10 -1.08
CA THR B 181 16.22 32.84 -1.18
C THR B 181 15.43 32.35 -2.40
N ARG B 182 14.13 32.59 -2.38
CA ARG B 182 13.21 32.12 -3.40
C ARG B 182 12.67 33.31 -4.18
N VAL B 183 12.96 33.35 -5.48
CA VAL B 183 12.45 34.38 -6.37
C VAL B 183 11.95 33.74 -7.67
N GLU B 184 10.84 34.28 -8.18
CA GLU B 184 10.06 33.74 -9.31
C GLU B 184 10.01 32.20 -9.32
N GLN B 185 9.68 31.65 -8.15
CA GLN B 185 9.56 30.20 -7.94
C GLN B 185 10.87 29.49 -8.30
N ARG B 186 11.91 29.86 -7.56
CA ARG B 186 13.23 29.25 -7.74
C ARG B 186 14.02 29.51 -6.47
N THR B 187 14.33 28.44 -5.73
CA THR B 187 14.97 28.59 -4.43
C THR B 187 16.48 28.67 -4.49
N ASP B 188 17.11 28.28 -5.59
CA ASP B 188 18.57 28.20 -5.64
C ASP B 188 19.20 29.50 -6.11
N PHE B 189 18.82 30.61 -5.48
CA PHE B 189 19.47 31.90 -5.68
C PHE B 189 20.11 32.32 -4.37
N ASP B 190 21.39 32.66 -4.42
CA ASP B 190 22.18 32.90 -3.22
C ASP B 190 22.07 34.36 -2.81
N LYS B 191 21.75 34.58 -1.54
CA LYS B 191 21.69 35.92 -0.95
C LYS B 191 22.90 36.04 -0.03
N LEU B 192 23.95 36.69 -0.54
CA LEU B 192 25.19 36.82 0.20
C LEU B 192 25.07 37.89 1.27
N ILE B 193 25.53 37.57 2.48
CA ILE B 193 25.52 38.50 3.60
C ILE B 193 26.95 38.64 4.09
N VAL B 194 27.47 39.87 4.04
CA VAL B 194 28.84 40.17 4.45
C VAL B 194 28.78 41.05 5.69
N ASP B 195 29.45 40.61 6.76
CA ASP B 195 29.51 41.35 8.01
C ASP B 195 30.95 41.78 8.22
N VAL B 196 31.18 43.10 8.18
CA VAL B 196 32.52 43.66 8.26
C VAL B 196 32.67 44.44 9.55
N GLU B 197 33.82 44.25 10.21
CA GLU B 197 34.19 44.97 11.41
C GLU B 197 35.43 45.80 11.12
N THR B 198 35.38 47.09 11.41
CA THR B 198 36.47 48.00 11.10
C THR B 198 36.86 48.80 12.33
N LYS B 199 38.09 49.28 12.34
CA LYS B 199 38.52 50.22 13.36
C LYS B 199 37.83 51.55 13.13
N GLN B 200 37.69 52.33 14.20
CA GLN B 200 36.85 53.52 14.16
C GLN B 200 37.42 54.64 13.31
N ALA B 201 38.66 54.54 12.86
CA ALA B 201 39.22 55.56 11.98
C ALA B 201 38.51 55.57 10.63
N MET B 202 38.20 54.40 10.07
CA MET B 202 37.62 54.29 8.75
C MET B 202 36.23 53.69 8.83
N ARG B 203 35.26 54.33 8.19
CA ARG B 203 33.91 53.81 8.14
C ARG B 203 33.86 52.55 7.28
N PRO B 204 33.02 51.58 7.65
CA PRO B 204 33.03 50.29 6.94
C PRO B 204 32.57 50.37 5.49
N ARG B 205 31.62 51.27 5.17
CA ARG B 205 31.14 51.36 3.80
C ARG B 205 32.22 51.87 2.86
N ASP B 206 33.08 52.78 3.33
CA ASP B 206 34.22 53.20 2.53
C ASP B 206 35.19 52.05 2.31
N ALA B 207 35.39 51.22 3.33
CA ALA B 207 36.25 50.05 3.19
C ALA B 207 35.69 49.09 2.16
N MET B 208 34.38 48.87 2.16
CA MET B 208 33.77 48.00 1.16
C MET B 208 33.86 48.60 -0.23
N ALA B 209 33.72 49.93 -0.33
CA ALA B 209 33.89 50.58 -1.63
C ALA B 209 35.30 50.41 -2.16
N SER B 210 36.29 50.54 -1.30
CA SER B 210 37.68 50.33 -1.71
C SER B 210 37.92 48.87 -2.11
N ALA B 211 37.32 47.93 -1.38
CA ALA B 211 37.45 46.52 -1.74
C ALA B 211 36.83 46.24 -3.10
N GLY B 212 35.65 46.81 -3.35
CA GLY B 212 35.03 46.64 -4.67
C GLY B 212 35.85 47.27 -5.78
N LYS B 213 36.44 48.45 -5.51
CA LYS B 213 37.28 49.10 -6.50
C LYS B 213 38.51 48.26 -6.82
N THR B 214 39.14 47.69 -5.80
CA THR B 214 40.31 46.83 -6.04
C THR B 214 39.92 45.58 -6.78
N LEU B 215 38.73 45.03 -6.51
CA LEU B 215 38.28 43.85 -7.24
C LEU B 215 37.99 44.17 -8.70
N VAL B 216 37.40 45.34 -8.96
CA VAL B 216 37.19 45.78 -10.35
C VAL B 216 38.52 45.94 -11.07
N GLU B 217 39.50 46.55 -10.40
CA GLU B 217 40.81 46.72 -11.04
C GLU B 217 41.51 45.38 -11.26
N LEU B 218 41.39 44.46 -10.32
CA LEU B 218 42.08 43.19 -10.42
C LEU B 218 41.45 42.29 -11.48
N PHE B 219 40.12 42.21 -11.51
CA PHE B 219 39.46 41.39 -12.52
C PHE B 219 39.36 42.09 -13.86
N GLY B 220 39.76 43.35 -13.96
CA GLY B 220 39.90 43.97 -15.25
C GLY B 220 41.03 43.40 -16.08
N LEU B 221 41.97 42.68 -15.44
CA LEU B 221 42.99 41.98 -16.18
C LEU B 221 42.39 40.90 -17.06
N ALA B 222 41.42 40.15 -16.55
CA ALA B 222 40.75 39.13 -17.34
C ALA B 222 39.80 39.72 -18.38
N ARG B 223 39.25 40.91 -18.12
CA ARG B 223 38.35 41.53 -19.08
C ARG B 223 39.09 42.02 -20.31
N GLU B 224 40.29 42.57 -20.14
CA GLU B 224 41.01 43.21 -21.23
C GLU B 224 41.57 42.22 -22.25
N LEU B 225 41.53 40.92 -21.95
CA LEU B 225 42.10 39.94 -22.88
C LEU B 225 41.32 39.90 -24.19
N ASN B 226 40.00 39.99 -24.12
CA ASN B 226 39.17 39.95 -25.33
C ASN B 226 37.88 40.68 -25.03
N ILE B 227 37.27 41.20 -26.10
CA ILE B 227 35.97 41.86 -25.99
C ILE B 227 34.90 40.81 -26.27
N ASP B 228 34.27 40.32 -25.22
CA ASP B 228 33.27 39.26 -25.31
C ASP B 228 31.90 39.82 -24.93
N ALA B 229 30.93 38.92 -24.84
CA ALA B 229 29.56 39.28 -24.50
C ALA B 229 29.06 38.44 -23.34
N GLU B 230 28.26 39.06 -22.47
CA GLU B 230 27.61 38.38 -21.37
C GLU B 230 26.34 39.13 -21.01
N GLY B 231 25.31 38.38 -20.60
CA GLY B 231 24.02 38.97 -20.30
C GLY B 231 23.97 39.72 -18.99
N ILE B 232 23.77 41.05 -19.06
CA ILE B 232 23.61 41.89 -17.88
C ILE B 232 22.45 42.83 -18.12
N ASP B 233 21.87 43.30 -17.01
CA ASP B 233 20.74 44.24 -17.00
C ASP B 233 19.55 43.74 -17.82
N ALA C 16 38.50 -18.16 -24.55
CA ALA C 16 39.63 -17.31 -24.89
C ALA C 16 39.21 -15.84 -24.91
N SER C 17 38.75 -15.39 -26.07
CA SER C 17 38.27 -14.02 -26.24
C SER C 17 36.81 -13.85 -25.86
N THR C 18 36.26 -14.80 -25.11
CA THR C 18 34.85 -14.71 -24.71
C THR C 18 34.59 -13.52 -23.80
N ALA C 19 35.47 -13.29 -22.84
CA ALA C 19 35.30 -12.27 -21.82
C ALA C 19 36.15 -11.04 -22.14
N PRO C 20 35.73 -9.86 -21.70
CA PRO C 20 36.58 -8.66 -21.87
C PRO C 20 37.83 -8.74 -21.00
N LEU C 21 38.77 -7.87 -21.33
CA LEU C 21 40.04 -7.85 -20.60
C LEU C 21 39.83 -7.40 -19.17
N ARG C 22 40.33 -8.18 -18.22
CA ARG C 22 40.21 -7.87 -16.80
C ARG C 22 41.46 -8.39 -16.12
N ILE C 23 42.28 -7.47 -15.61
CA ILE C 23 43.57 -7.84 -15.02
C ILE C 23 43.33 -8.52 -13.68
N SER C 24 43.83 -9.74 -13.54
CA SER C 24 43.53 -10.58 -12.39
C SER C 24 44.62 -10.47 -11.33
N PHE C 25 44.20 -10.38 -10.06
CA PHE C 25 45.11 -10.39 -8.93
C PHE C 25 45.15 -11.76 -8.25
N ALA C 26 44.74 -12.81 -8.95
CA ALA C 26 44.70 -14.14 -8.36
C ALA C 26 46.09 -14.73 -8.27
N LYS C 27 46.49 -15.13 -7.06
CA LYS C 27 47.78 -15.75 -6.85
C LYS C 27 47.76 -17.24 -7.10
N ILE C 28 46.64 -17.90 -6.83
CA ILE C 28 46.54 -19.36 -6.91
C ILE C 28 45.62 -19.73 -8.07
N LYS C 29 45.83 -20.92 -8.61
CA LYS C 29 45.07 -21.36 -9.75
C LYS C 29 43.82 -22.12 -9.31
N GLU C 30 42.87 -22.24 -10.24
CA GLU C 30 41.63 -22.94 -9.99
C GLU C 30 41.54 -24.16 -10.89
N PRO C 31 41.78 -25.37 -10.39
CA PRO C 31 41.68 -26.57 -11.26
C PRO C 31 40.28 -26.84 -11.74
N LEU C 32 39.25 -26.36 -11.05
CA LEU C 32 37.87 -26.61 -11.43
C LEU C 32 37.16 -25.29 -11.67
N GLU C 33 36.51 -25.18 -12.83
CA GLU C 33 35.75 -23.99 -13.17
C GLU C 33 34.36 -24.07 -12.54
N VAL C 34 33.78 -22.91 -12.28
CA VAL C 34 32.44 -22.83 -11.67
C VAL C 34 31.43 -23.48 -12.60
N PRO C 35 30.60 -24.41 -12.11
CA PRO C 35 29.65 -25.10 -12.99
C PRO C 35 28.52 -24.20 -13.48
N ASN C 36 27.58 -24.77 -14.22
CA ASN C 36 26.46 -23.98 -14.73
C ASN C 36 25.63 -23.45 -13.58
N LEU C 37 25.35 -22.14 -13.63
CA LEU C 37 24.64 -21.49 -12.53
C LEU C 37 23.17 -21.85 -12.51
N LEU C 38 22.63 -22.38 -13.60
CA LEU C 38 21.22 -22.73 -13.69
C LEU C 38 21.01 -24.24 -13.68
N ALA C 39 22.00 -25.01 -13.24
CA ALA C 39 21.83 -26.46 -13.19
C ALA C 39 20.75 -26.86 -12.19
N LEU C 40 20.63 -26.10 -11.09
CA LEU C 40 19.69 -26.43 -10.03
C LEU C 40 18.24 -26.39 -10.51
N GLN C 41 17.95 -25.63 -11.55
CA GLN C 41 16.61 -25.57 -12.14
C GLN C 41 16.51 -26.43 -13.39
N THR C 42 17.39 -26.21 -14.37
CA THR C 42 17.28 -26.87 -15.66
C THR C 42 17.54 -28.37 -15.55
N GLU C 43 18.54 -28.78 -14.76
CA GLU C 43 18.82 -30.20 -14.61
C GLU C 43 17.66 -30.92 -13.93
N SER C 44 17.08 -30.30 -12.91
CA SER C 44 15.95 -30.90 -12.22
C SER C 44 14.74 -31.04 -13.15
N PHE C 45 14.45 -30.00 -13.92
CA PHE C 45 13.27 -30.10 -14.79
C PHE C 45 13.52 -31.03 -15.97
N ASP C 46 14.76 -31.14 -16.43
CA ASP C 46 15.06 -32.15 -17.44
C ASP C 46 14.91 -33.55 -16.86
N TRP C 47 15.25 -33.73 -15.59
CA TRP C 47 15.00 -35.02 -14.94
C TRP C 47 13.51 -35.32 -14.89
N LEU C 48 12.70 -34.31 -14.58
CA LEU C 48 11.26 -34.53 -14.55
C LEU C 48 10.71 -34.86 -15.93
N LEU C 49 11.14 -34.13 -16.95
CA LEU C 49 10.57 -34.33 -18.28
C LEU C 49 11.06 -35.62 -18.92
N GLY C 50 12.28 -36.04 -18.60
CA GLY C 50 12.86 -37.16 -19.30
C GLY C 50 13.16 -36.86 -20.75
N ASN C 51 13.67 -35.67 -21.04
CA ASN C 51 13.90 -35.23 -22.41
C ASN C 51 15.20 -35.83 -22.94
N ASP C 52 15.64 -35.36 -24.12
CA ASP C 52 16.87 -35.86 -24.71
C ASP C 52 18.10 -35.47 -23.90
N ALA C 53 18.10 -34.28 -23.30
CA ALA C 53 19.23 -33.85 -22.49
C ALA C 53 19.41 -34.74 -21.27
N TRP C 54 18.30 -35.12 -20.62
CA TRP C 54 18.40 -35.95 -19.42
C TRP C 54 18.88 -37.36 -19.75
N LYS C 55 18.40 -37.94 -20.86
CA LYS C 55 18.89 -39.27 -21.21
C LYS C 55 20.33 -39.23 -21.69
N ALA C 56 20.74 -38.13 -22.35
CA ALA C 56 22.15 -37.97 -22.67
C ALA C 56 22.99 -37.87 -21.40
N ARG C 57 22.50 -37.15 -20.39
CA ARG C 57 23.22 -37.04 -19.12
C ARG C 57 23.30 -38.39 -18.42
N VAL C 58 22.21 -39.16 -18.40
CA VAL C 58 22.21 -40.43 -17.68
C VAL C 58 23.12 -41.44 -18.38
N GLU C 59 23.15 -41.43 -19.72
CA GLU C 59 24.05 -42.35 -20.41
C GLU C 59 25.50 -41.90 -20.29
N SER C 60 25.76 -40.60 -20.24
CA SER C 60 27.12 -40.11 -20.02
C SER C 60 27.61 -40.49 -18.63
N ALA C 61 26.74 -40.38 -17.62
CA ALA C 61 27.13 -40.77 -16.27
C ALA C 61 27.27 -42.28 -16.13
N LEU C 62 26.45 -43.04 -16.86
CA LEU C 62 26.59 -44.50 -16.84
C LEU C 62 27.90 -44.94 -17.47
N GLU C 63 28.27 -44.34 -18.60
CA GLU C 63 29.56 -44.66 -19.21
C GLU C 63 30.73 -44.08 -18.43
N SER C 64 30.48 -43.06 -17.59
CA SER C 64 31.48 -42.54 -16.70
C SER C 64 31.44 -43.18 -15.31
N GLY C 65 30.42 -43.99 -15.03
CA GLY C 65 30.32 -44.68 -13.76
C GLY C 65 29.72 -43.89 -12.63
N GLN C 66 29.32 -42.64 -12.86
CA GLN C 66 28.76 -41.81 -11.81
C GLN C 66 27.33 -42.25 -11.49
N ASP C 67 26.95 -42.08 -10.22
CA ASP C 67 25.59 -42.40 -9.80
C ASP C 67 24.60 -41.39 -10.37
N VAL C 68 23.47 -41.89 -10.85
CA VAL C 68 22.52 -41.09 -11.61
C VAL C 68 21.19 -41.82 -11.64
N PRO C 69 20.04 -41.14 -11.51
CA PRO C 69 18.75 -41.85 -11.58
C PRO C 69 18.46 -42.30 -12.99
N THR C 70 18.06 -43.56 -13.13
CA THR C 70 17.71 -44.12 -14.42
C THR C 70 16.23 -44.01 -14.74
N LYS C 71 15.44 -43.43 -13.84
CA LYS C 71 14.00 -43.28 -14.04
C LYS C 71 13.66 -41.80 -14.11
N SER C 72 12.93 -41.42 -15.15
CA SER C 72 12.51 -40.05 -15.32
C SER C 72 11.45 -39.69 -14.30
N GLY C 73 11.21 -38.38 -14.14
CA GLY C 73 10.29 -37.91 -13.11
C GLY C 73 8.84 -38.24 -13.38
N LEU C 74 8.48 -38.50 -14.63
CA LEU C 74 7.11 -38.85 -14.99
C LEU C 74 6.91 -40.34 -15.23
N GLU C 75 7.90 -41.02 -15.80
CA GLU C 75 7.78 -42.47 -15.92
C GLU C 75 7.82 -43.14 -14.56
N GLU C 76 8.54 -42.57 -13.60
CA GLU C 76 8.52 -43.10 -12.24
C GLU C 76 7.16 -42.87 -11.58
N ILE C 77 6.60 -41.67 -11.74
CA ILE C 77 5.30 -41.37 -11.13
C ILE C 77 4.18 -42.16 -11.81
N PHE C 78 4.41 -42.63 -13.04
CA PHE C 78 3.38 -43.41 -13.72
C PHE C 78 3.53 -44.90 -13.44
N GLU C 79 4.77 -45.38 -13.28
CA GLU C 79 4.97 -46.78 -12.89
C GLU C 79 4.63 -46.99 -11.42
N GLU C 80 4.72 -45.93 -10.60
CA GLU C 80 4.30 -46.05 -9.21
C GLU C 80 2.79 -46.28 -9.10
N ILE C 81 2.02 -45.68 -10.00
CA ILE C 81 0.59 -45.97 -10.04
C ILE C 81 0.44 -47.37 -10.62
N SER C 82 0.28 -48.35 -9.73
CA SER C 82 0.20 -49.73 -10.14
C SER C 82 -1.12 -49.98 -10.85
N PRO C 83 -1.18 -51.02 -11.69
CA PRO C 83 -2.49 -51.48 -12.19
C PRO C 83 -3.43 -51.81 -11.04
N ILE C 84 -4.48 -51.01 -10.87
CA ILE C 84 -5.36 -51.15 -9.73
C ILE C 84 -6.49 -52.12 -10.09
N GLU C 85 -7.05 -52.75 -9.07
CA GLU C 85 -8.10 -53.73 -9.27
C GLU C 85 -9.35 -53.29 -8.51
N ASP C 86 -10.48 -53.86 -8.90
CA ASP C 86 -11.72 -53.68 -8.14
C ASP C 86 -11.69 -54.64 -6.95
N PHE C 87 -12.81 -54.71 -6.23
CA PHE C 87 -12.88 -55.63 -5.09
C PHE C 87 -12.83 -57.09 -5.52
N SER C 88 -13.29 -57.38 -6.75
CA SER C 88 -13.21 -58.73 -7.28
C SER C 88 -11.87 -59.03 -7.94
N GLY C 89 -11.02 -58.03 -8.14
CA GLY C 89 -9.75 -58.26 -8.80
C GLY C 89 -9.88 -58.68 -10.25
N SER C 90 -10.79 -58.04 -10.99
CA SER C 90 -11.07 -58.43 -12.37
C SER C 90 -10.40 -57.51 -13.39
N MET C 91 -10.75 -56.22 -13.38
CA MET C 91 -10.35 -55.30 -14.42
C MET C 91 -9.35 -54.28 -13.90
N SER C 92 -8.46 -53.83 -14.77
CA SER C 92 -7.37 -52.95 -14.38
C SER C 92 -7.01 -52.01 -15.52
N LEU C 93 -6.40 -50.87 -15.17
CA LEU C 93 -5.87 -49.94 -16.13
C LEU C 93 -4.40 -49.66 -15.80
N THR C 94 -3.61 -49.42 -16.84
CA THR C 94 -2.17 -49.24 -16.66
C THR C 94 -1.67 -48.14 -17.59
N PHE C 95 -0.88 -47.23 -17.03
CA PHE C 95 -0.27 -46.15 -17.80
C PHE C 95 1.16 -46.56 -18.11
N ARG C 96 1.39 -46.98 -19.37
CA ARG C 96 2.68 -47.56 -19.71
C ARG C 96 3.72 -46.49 -20.00
N ASP C 97 3.50 -45.68 -21.02
CA ASP C 97 4.51 -44.76 -21.52
C ASP C 97 3.91 -43.37 -21.66
N HIS C 98 4.72 -42.35 -21.38
CA HIS C 98 4.32 -40.96 -21.51
C HIS C 98 5.17 -40.27 -22.56
N ARG C 99 4.57 -39.31 -23.25
CA ARG C 99 5.23 -38.60 -24.33
C ARG C 99 4.77 -37.14 -24.32
N PHE C 100 5.56 -36.30 -24.98
CA PHE C 100 5.28 -34.87 -25.05
C PHE C 100 5.17 -34.42 -26.49
N GLU C 101 4.32 -33.42 -26.72
CA GLU C 101 4.18 -32.79 -28.01
C GLU C 101 4.77 -31.39 -27.98
N PRO C 102 5.21 -30.84 -29.10
CA PRO C 102 5.69 -29.45 -29.13
C PRO C 102 4.59 -28.50 -28.72
N PRO C 103 4.93 -27.42 -28.00
CA PRO C 103 3.90 -26.50 -27.52
C PRO C 103 3.23 -25.76 -28.66
N LYS C 104 1.94 -25.49 -28.47
CA LYS C 104 1.15 -24.82 -29.50
C LYS C 104 1.44 -23.32 -29.60
N ASN C 105 2.17 -22.76 -28.64
CA ASN C 105 2.47 -21.34 -28.64
C ASN C 105 3.96 -21.13 -28.40
N SER C 106 4.49 -20.06 -28.98
CA SER C 106 5.86 -19.68 -28.72
C SER C 106 5.99 -19.02 -27.35
N ILE C 107 7.23 -18.79 -26.94
CA ILE C 107 7.47 -18.21 -25.62
C ILE C 107 7.04 -16.74 -25.58
N ASP C 108 7.27 -16.00 -26.66
CA ASP C 108 6.86 -14.60 -26.70
C ASP C 108 5.35 -14.48 -26.80
N GLU C 109 4.71 -15.42 -27.51
CA GLU C 109 3.26 -15.41 -27.63
C GLU C 109 2.61 -15.66 -26.27
N CYS C 110 3.17 -16.59 -25.49
CA CYS C 110 2.68 -16.81 -24.13
C CYS C 110 2.96 -15.60 -23.24
N LYS C 111 4.12 -14.97 -23.41
CA LYS C 111 4.46 -13.82 -22.59
C LYS C 111 3.64 -12.59 -22.96
N ASP C 112 3.00 -12.58 -24.12
CA ASP C 112 2.28 -11.41 -24.60
C ASP C 112 0.81 -11.42 -24.17
N ARG C 113 0.06 -12.45 -24.58
CA ARG C 113 -1.38 -12.48 -24.41
C ARG C 113 -1.83 -13.27 -23.17
N ASP C 114 -1.02 -13.26 -22.11
CA ASP C 114 -1.38 -13.84 -20.81
C ASP C 114 -1.67 -15.34 -20.92
N PHE C 115 -0.84 -16.04 -21.68
CA PHE C 115 -0.92 -17.48 -21.79
C PHE C 115 0.08 -18.14 -20.85
N THR C 116 -0.09 -19.45 -20.66
CA THR C 116 0.84 -20.26 -19.89
C THR C 116 1.68 -21.08 -20.85
N TYR C 117 3.00 -20.97 -20.71
CA TYR C 117 3.92 -21.71 -21.57
C TYR C 117 3.82 -23.18 -21.21
N ALA C 118 3.04 -23.93 -21.99
CA ALA C 118 2.77 -25.31 -21.67
C ALA C 118 2.70 -26.13 -22.95
N ALA C 119 2.92 -27.43 -22.80
CA ALA C 119 2.82 -28.36 -23.90
C ALA C 119 1.87 -29.50 -23.52
N PRO C 120 1.11 -30.03 -24.47
CA PRO C 120 0.22 -31.15 -24.15
C PRO C 120 1.00 -32.39 -23.79
N LEU C 121 0.46 -33.15 -22.83
CA LEU C 121 1.09 -34.37 -22.33
C LEU C 121 0.22 -35.56 -22.71
N PHE C 122 0.82 -36.53 -23.41
CA PHE C 122 0.12 -37.71 -23.87
C PHE C 122 0.73 -38.95 -23.25
N VAL C 123 -0.14 -39.88 -22.83
CA VAL C 123 0.27 -41.12 -22.21
C VAL C 123 -0.44 -42.27 -22.91
N THR C 124 0.23 -43.41 -22.99
CA THR C 124 -0.39 -44.63 -23.52
C THR C 124 -0.98 -45.41 -22.35
N ALA C 125 -2.29 -45.62 -22.38
CA ALA C 125 -3.00 -46.29 -21.30
C ALA C 125 -3.75 -47.50 -21.85
N GLU C 126 -3.62 -48.63 -21.15
CA GLU C 126 -4.33 -49.84 -21.51
C GLU C 126 -5.32 -50.21 -20.40
N PHE C 127 -6.44 -50.80 -20.80
CA PHE C 127 -7.51 -51.20 -19.88
C PHE C 127 -7.65 -52.72 -19.95
N THR C 128 -7.17 -53.42 -18.93
CA THR C 128 -7.07 -54.86 -18.94
C THR C 128 -8.08 -55.48 -17.98
N ASN C 129 -8.90 -56.38 -18.50
CA ASN C 129 -9.83 -57.18 -17.70
C ASN C 129 -9.49 -58.65 -17.88
N ASN C 130 -9.26 -59.36 -16.77
CA ASN C 130 -8.80 -60.75 -16.87
C ASN C 130 -9.94 -61.69 -17.25
N GLU C 131 -11.16 -61.43 -16.75
CA GLU C 131 -12.28 -62.33 -17.01
C GLU C 131 -12.61 -62.37 -18.49
N THR C 132 -12.68 -61.22 -19.14
CA THR C 132 -12.93 -61.16 -20.57
C THR C 132 -11.65 -61.26 -21.40
N GLY C 133 -10.48 -61.17 -20.78
CA GLY C 133 -9.24 -61.14 -21.53
C GLY C 133 -9.13 -59.96 -22.46
N GLU C 134 -9.67 -58.81 -22.06
CA GLU C 134 -9.83 -57.66 -22.94
C GLU C 134 -8.83 -56.57 -22.56
N ILE C 135 -8.09 -56.07 -23.55
CA ILE C 135 -7.10 -55.02 -23.35
C ILE C 135 -7.44 -53.87 -24.29
N LYS C 136 -7.56 -52.66 -23.72
CA LYS C 136 -7.92 -51.46 -24.47
C LYS C 136 -6.76 -50.46 -24.38
N SER C 137 -5.78 -50.59 -25.27
CA SER C 137 -4.66 -49.66 -25.30
C SER C 137 -5.05 -48.39 -26.03
N GLN C 138 -4.84 -47.25 -25.39
CA GLN C 138 -5.28 -45.97 -25.95
C GLN C 138 -4.33 -44.87 -25.50
N THR C 139 -4.34 -43.76 -26.24
CA THR C 139 -3.58 -42.58 -25.92
C THR C 139 -4.55 -41.48 -25.48
N VAL C 140 -4.32 -40.93 -24.28
CA VAL C 140 -5.27 -40.01 -23.66
C VAL C 140 -4.56 -38.73 -23.26
N PHE C 141 -5.21 -37.59 -23.53
CA PHE C 141 -4.70 -36.28 -23.18
C PHE C 141 -4.80 -36.09 -21.67
N MET C 142 -3.66 -35.89 -21.01
CA MET C 142 -3.61 -35.79 -19.56
C MET C 142 -3.61 -34.35 -19.04
N GLY C 143 -3.32 -33.38 -19.88
CA GLY C 143 -3.34 -31.99 -19.48
C GLY C 143 -2.20 -31.19 -20.08
N ASP C 144 -2.39 -29.87 -20.04
CA ASP C 144 -1.36 -28.94 -20.52
C ASP C 144 -0.26 -28.84 -19.48
N PHE C 145 0.93 -29.31 -19.83
CA PHE C 145 2.03 -29.39 -18.88
C PHE C 145 2.94 -28.18 -19.03
N PRO C 146 3.08 -27.33 -18.02
CA PRO C 146 3.99 -26.19 -18.13
C PRO C 146 5.43 -26.65 -18.26
N LEU C 147 6.20 -25.92 -19.07
CA LEU C 147 7.60 -26.22 -19.30
C LEU C 147 8.49 -25.09 -18.80
N MET C 148 9.63 -25.47 -18.23
CA MET C 148 10.67 -24.52 -17.89
C MET C 148 11.42 -24.10 -19.14
N THR C 149 11.63 -22.80 -19.29
CA THR C 149 12.41 -22.31 -20.41
C THR C 149 13.89 -22.63 -20.22
N ASN C 150 14.68 -22.36 -21.26
CA ASN C 150 16.12 -22.50 -21.13
C ASN C 150 16.69 -21.47 -20.17
N LYS C 151 15.99 -20.33 -20.01
CA LYS C 151 16.40 -19.31 -19.05
C LYS C 151 16.26 -19.78 -17.61
N GLY C 152 15.48 -20.84 -17.36
CA GLY C 152 15.30 -21.35 -16.03
C GLY C 152 14.11 -20.76 -15.31
N THR C 153 13.00 -20.58 -16.03
CA THR C 153 11.83 -19.94 -15.46
C THR C 153 10.57 -20.51 -16.10
N PHE C 154 9.45 -20.33 -15.41
CA PHE C 154 8.14 -20.75 -15.89
C PHE C 154 7.35 -19.51 -16.28
N VAL C 155 6.79 -19.52 -17.47
CA VAL C 155 5.98 -18.43 -17.98
C VAL C 155 4.52 -18.87 -17.91
N ILE C 156 3.82 -18.45 -16.86
CA ILE C 156 2.42 -18.79 -16.69
C ILE C 156 1.61 -17.50 -16.61
N ASN C 157 0.45 -17.49 -17.27
CA ASN C 157 -0.47 -16.35 -17.29
C ASN C 157 0.19 -15.07 -17.78
N GLY C 158 1.20 -15.20 -18.63
CA GLY C 158 1.90 -14.07 -19.19
C GLY C 158 3.05 -13.55 -18.35
N THR C 159 3.09 -13.89 -17.06
CA THR C 159 4.16 -13.47 -16.18
C THR C 159 5.19 -14.58 -16.04
N GLU C 160 6.36 -14.21 -15.55
CA GLU C 160 7.45 -15.16 -15.32
C GLU C 160 7.53 -15.45 -13.83
N ARG C 161 7.38 -16.72 -13.46
CA ARG C 161 7.50 -17.15 -12.08
C ARG C 161 8.50 -18.29 -12.02
N VAL C 162 9.37 -18.26 -11.02
CA VAL C 162 10.35 -19.31 -10.79
C VAL C 162 9.97 -20.03 -9.51
N VAL C 163 10.39 -21.29 -9.42
CA VAL C 163 10.11 -22.14 -8.27
C VAL C 163 11.42 -22.35 -7.53
N VAL C 164 11.47 -21.92 -6.27
CA VAL C 164 12.68 -22.04 -5.49
C VAL C 164 12.77 -23.42 -4.86
N SER C 165 13.99 -23.94 -4.76
CA SER C 165 14.21 -25.22 -4.10
C SER C 165 13.91 -25.11 -2.62
N GLN C 166 13.47 -26.21 -2.03
CA GLN C 166 12.98 -26.20 -0.66
C GLN C 166 13.78 -27.15 0.22
N LEU C 167 14.37 -26.61 1.28
CA LEU C 167 15.02 -27.42 2.31
C LEU C 167 13.97 -28.14 3.14
N VAL C 168 14.19 -29.42 3.40
CA VAL C 168 13.27 -30.22 4.20
C VAL C 168 14.07 -31.29 4.93
N ARG C 169 13.56 -31.72 6.07
CA ARG C 169 14.17 -32.80 6.83
C ARG C 169 14.18 -34.08 6.01
N SER C 170 15.33 -34.73 5.96
CA SER C 170 15.43 -35.97 5.21
C SER C 170 14.67 -37.08 5.93
N PRO C 171 13.86 -37.87 5.23
CA PRO C 171 13.20 -39.00 5.89
C PRO C 171 14.22 -40.05 6.33
N GLY C 172 13.91 -40.71 7.44
CA GLY C 172 14.81 -41.70 7.99
C GLY C 172 14.55 -41.87 9.48
N VAL C 173 15.59 -42.27 10.19
CA VAL C 173 15.53 -42.47 11.62
C VAL C 173 16.37 -41.39 12.30
N TYR C 174 15.74 -40.64 13.21
CA TYR C 174 16.40 -39.57 13.95
C TYR C 174 16.45 -39.92 15.42
N PHE C 175 17.54 -39.50 16.07
CA PHE C 175 17.92 -40.08 17.35
C PHE C 175 18.46 -38.95 18.21
N ASP C 176 17.75 -38.62 19.28
CA ASP C 176 18.00 -37.39 20.03
C ASP C 176 18.32 -37.69 21.49
N SER C 177 19.08 -36.78 22.10
CA SER C 177 19.45 -36.86 23.50
C SER C 177 19.06 -35.57 24.21
N SER C 178 18.51 -35.71 25.42
CA SER C 178 18.09 -34.55 26.20
C SER C 178 18.31 -34.83 27.68
N ILE C 179 18.32 -33.75 28.47
CA ILE C 179 18.48 -33.84 29.91
C ILE C 179 17.36 -33.03 30.56
N ASP C 180 16.66 -33.65 31.51
CA ASP C 180 15.58 -33.00 32.24
C ASP C 180 16.06 -32.64 33.64
N LYS C 181 15.82 -31.39 34.05
CA LYS C 181 16.25 -30.94 35.37
C LYS C 181 15.51 -31.68 36.48
N THR C 182 14.21 -31.89 36.31
CA THR C 182 13.43 -32.61 37.32
C THR C 182 13.87 -34.07 37.42
N SER C 183 14.11 -34.71 36.27
CA SER C 183 14.55 -36.10 36.28
C SER C 183 16.00 -36.22 36.74
N ASP C 184 16.82 -35.21 36.44
CA ASP C 184 18.26 -35.21 36.76
C ASP C 184 18.97 -36.42 36.15
N LYS C 185 18.57 -36.77 34.94
CA LYS C 185 19.19 -37.88 34.21
C LYS C 185 19.02 -37.64 32.72
N ASP C 186 19.83 -38.34 31.93
CA ASP C 186 19.79 -38.19 30.49
C ASP C 186 18.64 -39.01 29.91
N ILE C 187 17.81 -38.36 29.10
CA ILE C 187 16.70 -39.01 28.41
C ILE C 187 17.01 -39.02 26.92
N PHE C 188 16.74 -40.15 26.27
CA PHE C 188 17.00 -40.32 24.86
C PHE C 188 15.70 -40.48 24.10
N SER C 189 15.68 -39.97 22.88
CA SER C 189 14.48 -39.98 22.05
C SER C 189 14.81 -40.57 20.69
N ALA C 190 13.85 -41.33 20.16
CA ALA C 190 13.99 -41.96 18.85
C ALA C 190 12.80 -41.59 17.99
N LYS C 191 13.08 -41.13 16.77
CA LYS C 191 12.05 -40.74 15.81
C LYS C 191 12.25 -41.53 14.53
N ILE C 192 11.15 -41.91 13.90
CA ILE C 192 11.16 -42.48 12.54
C ILE C 192 10.15 -41.67 11.75
N ILE C 193 10.61 -40.62 11.07
CA ILE C 193 9.76 -39.77 10.26
C ILE C 193 9.85 -40.23 8.81
N PRO C 194 8.73 -40.56 8.18
CA PRO C 194 8.77 -41.00 6.77
C PRO C 194 8.56 -39.87 5.80
N SER C 195 8.56 -40.19 4.50
CA SER C 195 8.29 -39.17 3.49
C SER C 195 6.85 -38.66 3.59
N ARG C 196 5.89 -39.57 3.72
CA ARG C 196 4.49 -39.16 3.74
C ARG C 196 3.68 -39.80 4.86
N GLY C 197 4.12 -40.97 5.34
CA GLY C 197 3.29 -41.77 6.22
C GLY C 197 3.24 -41.22 7.63
N ALA C 198 2.67 -42.03 8.52
CA ALA C 198 2.57 -41.66 9.92
C ALA C 198 3.92 -41.75 10.61
N TRP C 199 4.09 -40.94 11.65
CA TRP C 199 5.33 -40.86 12.39
C TRP C 199 5.15 -41.49 13.77
N LEU C 200 6.16 -42.26 14.18
CA LEU C 200 6.18 -42.86 15.50
C LEU C 200 7.32 -42.26 16.31
N GLU C 201 7.05 -41.95 17.57
CA GLU C 201 8.03 -41.36 18.47
C GLU C 201 8.37 -42.37 19.55
N MET C 202 9.64 -42.40 19.94
CA MET C 202 10.11 -43.32 20.98
C MET C 202 11.00 -42.58 21.95
N GLU C 203 10.97 -43.01 23.21
CA GLU C 203 11.83 -42.45 24.24
C GLU C 203 12.06 -43.48 25.32
N ILE C 204 13.18 -43.35 26.02
CA ILE C 204 13.64 -44.35 26.97
C ILE C 204 13.96 -43.68 28.30
N ASP C 205 13.61 -44.36 29.39
CA ASP C 205 13.91 -43.94 30.76
C ASP C 205 13.37 -42.54 31.08
N LYS C 206 12.11 -42.29 30.70
CA LYS C 206 11.45 -41.08 31.16
C LYS C 206 11.27 -41.08 32.67
N ARG C 207 10.92 -42.23 33.24
CA ARG C 207 10.92 -42.46 34.68
C ARG C 207 11.49 -43.85 34.93
N ASP C 208 12.60 -44.15 34.24
CA ASP C 208 13.22 -45.47 34.20
C ASP C 208 12.30 -46.52 33.58
N MET C 209 11.58 -46.12 32.53
CA MET C 209 10.94 -47.07 31.64
C MET C 209 10.96 -46.53 30.22
N VAL C 210 10.86 -47.44 29.25
CA VAL C 210 10.92 -47.12 27.83
C VAL C 210 9.53 -47.23 27.24
N GLY C 211 9.21 -46.33 26.31
CA GLY C 211 7.87 -46.27 25.74
C GLY C 211 7.89 -45.93 24.27
N VAL C 212 6.72 -46.11 23.63
CA VAL C 212 6.52 -45.85 22.21
C VAL C 212 5.33 -44.90 22.07
N ARG C 213 5.46 -43.92 21.20
CA ARG C 213 4.36 -43.03 20.83
C ARG C 213 3.92 -43.36 19.41
N ILE C 214 2.64 -43.69 19.25
CA ILE C 214 2.04 -43.88 17.94
C ILE C 214 1.18 -42.65 17.68
N ASP C 215 1.76 -41.67 16.98
CA ASP C 215 1.17 -40.36 16.72
C ASP C 215 0.84 -39.59 18.01
N ARG C 216 1.51 -39.96 19.11
CA ARG C 216 1.33 -39.34 20.43
C ARG C 216 -0.13 -39.35 20.85
N LYS C 217 -0.72 -40.54 20.86
CA LYS C 217 -2.14 -40.70 21.14
C LYS C 217 -2.42 -41.14 22.58
N ARG C 218 -1.84 -42.26 23.01
CA ARG C 218 -2.16 -42.82 24.31
C ARG C 218 -0.90 -43.43 24.93
N LYS C 219 -0.93 -43.57 26.25
CA LYS C 219 0.18 -44.17 26.97
C LYS C 219 0.26 -45.66 26.71
N GLN C 220 1.48 -46.16 26.55
CA GLN C 220 1.73 -47.58 26.33
C GLN C 220 3.19 -47.87 26.66
N SER C 221 3.63 -49.08 26.29
CA SER C 221 5.02 -49.50 26.47
C SER C 221 5.57 -49.94 25.13
N VAL C 222 6.80 -50.48 25.15
CA VAL C 222 7.42 -51.01 23.95
C VAL C 222 7.07 -52.47 23.75
N THR C 223 6.93 -53.21 24.86
CA THR C 223 6.70 -54.64 24.78
C THR C 223 5.37 -54.97 24.12
N VAL C 224 4.35 -54.12 24.29
CA VAL C 224 3.07 -54.36 23.67
C VAL C 224 3.17 -54.26 22.14
N LEU C 225 3.99 -53.33 21.65
CA LEU C 225 4.22 -53.22 20.22
C LEU C 225 4.94 -54.45 19.69
N LEU C 226 5.92 -54.95 20.46
CA LEU C 226 6.67 -56.13 20.03
C LEU C 226 5.79 -57.37 19.99
N LYS C 227 4.97 -57.58 21.02
CA LYS C 227 4.06 -58.72 21.03
C LYS C 227 2.95 -58.57 19.99
N ALA C 228 2.57 -57.33 19.66
CA ALA C 228 1.60 -57.12 18.59
C ALA C 228 2.20 -57.47 17.23
N LEU C 229 3.52 -57.48 17.12
CA LEU C 229 4.20 -57.82 15.89
C LEU C 229 4.49 -59.32 15.86
N GLY C 230 5.35 -59.75 14.94
CA GLY C 230 5.57 -61.16 14.69
C GLY C 230 6.30 -61.90 15.79
N TRP C 231 6.95 -61.20 16.72
CA TRP C 231 7.70 -61.85 17.78
C TRP C 231 6.86 -61.93 19.06
N THR C 232 6.87 -63.12 19.68
CA THR C 232 6.28 -63.33 21.00
C THR C 232 7.38 -63.27 22.06
N THR C 233 7.04 -63.68 23.28
CA THR C 233 7.83 -63.35 24.47
C THR C 233 9.22 -63.96 24.44
N GLU C 234 9.36 -65.21 24.00
CA GLU C 234 10.61 -65.94 24.24
C GLU C 234 11.76 -65.36 23.43
N GLN C 235 11.55 -65.00 22.16
CA GLN C 235 12.63 -64.40 21.40
C GLN C 235 12.93 -62.99 21.89
N ILE C 236 11.93 -62.30 22.43
CA ILE C 236 12.16 -60.98 23.01
C ILE C 236 13.07 -61.08 24.23
N LEU C 237 12.81 -62.05 25.10
CA LEU C 237 13.67 -62.21 26.27
C LEU C 237 15.00 -62.86 25.92
N GLU C 238 15.09 -63.54 24.77
CA GLU C 238 16.34 -64.18 24.38
C GLU C 238 17.30 -63.20 23.71
N GLU C 239 16.87 -62.58 22.60
CA GLU C 239 17.75 -61.73 21.83
C GLU C 239 18.12 -60.45 22.58
N PHE C 240 17.22 -59.96 23.43
CA PHE C 240 17.38 -58.64 24.05
C PHE C 240 17.94 -58.84 25.46
N GLY C 241 19.15 -59.39 25.52
CA GLY C 241 19.63 -60.00 26.74
C GLY C 241 20.67 -59.25 27.57
N GLU C 242 20.85 -57.94 27.35
CA GLU C 242 21.87 -57.24 28.10
C GLU C 242 21.45 -55.83 28.53
N TYR C 243 20.14 -55.59 28.71
CA TYR C 243 19.62 -54.22 29.06
C TYR C 243 18.64 -54.33 30.23
N GLU C 244 18.98 -53.79 31.40
CA GLU C 244 18.18 -53.99 32.61
C GLU C 244 16.87 -53.21 32.58
N SER C 245 16.89 -51.98 32.06
CA SER C 245 15.69 -51.13 32.10
C SER C 245 14.57 -51.71 31.24
N MET C 246 14.89 -52.22 30.06
CA MET C 246 13.83 -52.74 29.19
C MET C 246 13.22 -54.02 29.74
N ARG C 247 14.05 -54.89 30.34
CA ARG C 247 13.46 -56.07 30.96
C ARG C 247 12.70 -55.73 32.23
N ALA C 248 13.05 -54.63 32.90
CA ALA C 248 12.20 -54.11 33.96
C ALA C 248 10.85 -53.68 33.42
N THR C 249 10.83 -53.03 32.25
CA THR C 249 9.57 -52.68 31.61
C THR C 249 8.79 -53.93 31.23
N LEU C 250 9.49 -54.96 30.73
CA LEU C 250 8.84 -56.20 30.34
C LEU C 250 8.21 -56.91 31.54
N GLU C 251 8.92 -56.93 32.68
CA GLU C 251 8.40 -57.62 33.85
C GLU C 251 7.32 -56.82 34.55
N LYS C 252 7.34 -55.49 34.46
CA LYS C 252 6.24 -54.72 35.03
C LYS C 252 5.00 -54.72 34.14
N ASP C 253 5.13 -55.11 32.88
CA ASP C 253 3.98 -55.26 32.00
C ASP C 253 3.21 -56.51 32.39
N HIS C 254 1.89 -56.36 32.49
CA HIS C 254 1.04 -57.44 33.00
C HIS C 254 0.44 -58.29 31.89
N THR C 255 0.10 -57.68 30.77
CA THR C 255 -0.52 -58.41 29.67
C THR C 255 0.50 -59.24 28.91
N GLN C 256 0.00 -60.26 28.22
CA GLN C 256 0.83 -61.11 27.38
C GLN C 256 -0.03 -61.75 26.31
N GLY C 257 0.61 -62.18 25.24
CA GLY C 257 -0.09 -62.77 24.11
C GLY C 257 -0.18 -61.81 22.94
N GLN C 258 -0.08 -62.36 21.74
CA GLN C 258 -0.11 -61.54 20.53
C GLN C 258 -1.48 -60.92 20.32
N ASP C 259 -2.54 -61.72 20.43
CA ASP C 259 -3.90 -61.20 20.25
C ASP C 259 -4.28 -60.24 21.36
N ASP C 260 -3.83 -60.51 22.59
CA ASP C 260 -4.12 -59.61 23.71
C ASP C 260 -3.43 -58.27 23.51
N ALA C 261 -2.18 -58.28 23.07
CA ALA C 261 -1.48 -57.04 22.78
C ALA C 261 -2.13 -56.31 21.61
N LEU C 262 -2.60 -57.05 20.61
CA LEU C 262 -3.26 -56.43 19.46
C LEU C 262 -4.56 -55.74 19.88
N LEU C 263 -5.36 -56.40 20.72
CA LEU C 263 -6.58 -55.75 21.19
C LEU C 263 -6.27 -54.59 22.13
N ASP C 264 -5.17 -54.68 22.88
CA ASP C 264 -4.77 -53.57 23.75
C ASP C 264 -4.40 -52.34 22.94
N ILE C 265 -3.59 -52.51 21.89
CA ILE C 265 -3.24 -51.36 21.06
C ILE C 265 -4.44 -50.88 20.27
N TYR C 266 -5.34 -51.79 19.88
CA TYR C 266 -6.55 -51.38 19.16
C TYR C 266 -7.46 -50.52 20.03
N ARG C 267 -7.63 -50.89 21.31
CA ARG C 267 -8.46 -50.08 22.18
C ARG C 267 -7.75 -48.82 22.65
N LYS C 268 -6.41 -48.84 22.72
CA LYS C 268 -5.69 -47.66 23.16
C LYS C 268 -5.66 -46.59 22.07
N LEU C 269 -5.48 -47.01 20.81
CA LEU C 269 -5.42 -46.05 19.71
C LEU C 269 -6.79 -45.43 19.46
N ARG C 270 -7.83 -46.25 19.39
CA ARG C 270 -9.20 -45.78 19.18
C ARG C 270 -10.12 -46.47 20.16
N PRO C 271 -10.48 -45.82 21.27
CA PRO C 271 -11.45 -46.40 22.19
C PRO C 271 -12.88 -46.19 21.71
N GLY C 272 -13.80 -46.91 22.34
CA GLY C 272 -15.21 -46.77 22.06
C GLY C 272 -15.82 -47.86 21.20
N GLU C 273 -15.01 -48.78 20.67
CA GLU C 273 -15.53 -49.86 19.85
C GLU C 273 -15.00 -51.19 20.35
N PRO C 274 -15.74 -52.28 20.14
CA PRO C 274 -15.25 -53.59 20.58
C PRO C 274 -14.02 -54.01 19.78
N PRO C 275 -13.11 -54.75 20.40
CA PRO C 275 -11.91 -55.17 19.67
C PRO C 275 -12.22 -56.21 18.60
N THR C 276 -11.43 -56.17 17.53
CA THR C 276 -11.56 -57.12 16.42
C THR C 276 -10.16 -57.44 15.90
N ARG C 277 -9.89 -58.73 15.69
CA ARG C 277 -8.55 -59.15 15.30
C ARG C 277 -8.23 -58.72 13.87
N GLU C 278 -9.15 -58.97 12.94
CA GLU C 278 -8.92 -58.61 11.55
C GLU C 278 -8.87 -57.10 11.37
N ALA C 279 -9.73 -56.37 12.08
CA ALA C 279 -9.76 -54.92 11.95
C ALA C 279 -8.47 -54.30 12.50
N ALA C 280 -8.02 -54.76 13.67
CA ALA C 280 -6.78 -54.25 14.24
C ALA C 280 -5.58 -54.61 13.38
N GLN C 281 -5.55 -55.84 12.85
CA GLN C 281 -4.45 -56.26 11.99
C GLN C 281 -4.40 -55.42 10.72
N THR C 282 -5.55 -55.19 10.09
CA THR C 282 -5.59 -54.39 8.88
C THR C 282 -5.23 -52.93 9.17
N LEU C 283 -5.67 -52.40 10.32
CA LEU C 283 -5.33 -51.04 10.68
C LEU C 283 -3.84 -50.88 10.92
N LEU C 284 -3.21 -51.85 11.59
CA LEU C 284 -1.77 -51.77 11.82
C LEU C 284 -0.99 -51.95 10.52
N GLU C 285 -1.49 -52.79 9.61
CA GLU C 285 -0.86 -52.94 8.31
C GLU C 285 -0.98 -51.65 7.48
N ASN C 286 -2.14 -51.00 7.54
CA ASN C 286 -2.35 -49.78 6.75
C ASN C 286 -1.63 -48.59 7.34
N LEU C 287 -1.45 -48.55 8.67
CA LEU C 287 -0.83 -47.40 9.31
C LEU C 287 0.65 -47.31 8.95
N TYR C 288 1.38 -48.41 9.08
CA TYR C 288 2.82 -48.42 8.89
C TYR C 288 3.27 -49.29 7.72
N PHE C 289 2.73 -50.49 7.59
CA PHE C 289 3.26 -51.47 6.65
C PHE C 289 2.62 -51.40 5.27
N ASN C 290 1.71 -50.47 5.04
CA ASN C 290 1.06 -50.34 3.74
C ASN C 290 2.03 -49.74 2.73
N PRO C 291 2.27 -50.40 1.59
CA PRO C 291 3.09 -49.77 0.54
C PRO C 291 2.47 -48.52 -0.04
N LYS C 292 1.15 -48.33 0.09
CA LYS C 292 0.49 -47.17 -0.48
C LYS C 292 0.55 -45.96 0.44
N ARG C 293 0.21 -46.14 1.72
CA ARG C 293 0.13 -45.03 2.66
C ARG C 293 1.45 -44.74 3.36
N TYR C 294 2.48 -45.56 3.14
CA TYR C 294 3.80 -45.35 3.74
C TYR C 294 4.84 -45.55 2.63
N ASP C 295 4.63 -44.85 1.52
CA ASP C 295 5.60 -44.90 0.45
C ASP C 295 6.84 -44.12 0.85
N LEU C 296 7.77 -44.79 1.53
CA LEU C 296 9.03 -44.14 1.88
C LEU C 296 9.84 -43.91 0.61
N ALA C 297 10.40 -42.71 0.48
CA ALA C 297 11.16 -42.39 -0.71
C ALA C 297 12.49 -43.13 -0.72
N LYS C 298 13.21 -43.00 -1.84
CA LYS C 298 14.53 -43.61 -1.95
C LYS C 298 15.47 -43.03 -0.91
N VAL C 299 15.33 -41.74 -0.60
CA VAL C 299 16.18 -41.10 0.39
C VAL C 299 15.91 -41.66 1.78
N GLY C 300 14.64 -41.92 2.10
CA GLY C 300 14.32 -42.46 3.42
C GLY C 300 14.90 -43.85 3.62
N ARG C 301 14.74 -44.73 2.63
CA ARG C 301 15.30 -46.06 2.71
C ARG C 301 16.83 -46.01 2.77
N TYR C 302 17.44 -45.14 1.95
CA TYR C 302 18.90 -45.02 1.96
C TYR C 302 19.41 -44.56 3.32
N LYS C 303 18.75 -43.57 3.90
CA LYS C 303 19.19 -43.08 5.20
C LYS C 303 18.95 -44.11 6.30
N VAL C 304 17.87 -44.87 6.22
CA VAL C 304 17.62 -45.90 7.23
C VAL C 304 18.67 -46.99 7.15
N ASN C 305 18.97 -47.48 5.95
CA ASN C 305 19.99 -48.52 5.86
C ASN C 305 21.40 -47.98 6.07
N LYS C 306 21.60 -46.68 5.99
CA LYS C 306 22.89 -46.10 6.36
C LYS C 306 23.03 -45.98 7.87
N LYS C 307 22.00 -45.46 8.54
CA LYS C 307 22.09 -45.22 9.98
C LYS C 307 22.01 -46.52 10.77
N LEU C 308 21.10 -47.42 10.40
CA LEU C 308 20.91 -48.66 11.13
C LEU C 308 21.77 -49.80 10.59
N GLY C 309 22.50 -49.58 9.51
CA GLY C 309 23.39 -50.60 8.99
C GLY C 309 22.71 -51.78 8.34
N ALA C 310 21.43 -51.60 7.97
CA ALA C 310 20.68 -52.68 7.30
C ALA C 310 21.39 -52.96 5.96
N ASP C 311 21.89 -54.18 5.78
CA ASP C 311 22.67 -54.46 4.54
C ASP C 311 21.73 -54.84 3.40
N GLU C 312 21.76 -54.10 2.30
CA GLU C 312 20.93 -54.43 1.10
C GLU C 312 19.46 -54.65 1.48
N PRO C 313 18.76 -53.74 2.21
CA PRO C 313 17.33 -53.91 2.46
C PRO C 313 16.66 -53.51 1.16
N LEU C 314 15.35 -53.75 1.02
CA LEU C 314 14.74 -53.46 -0.30
C LEU C 314 15.07 -52.00 -0.65
N ASP C 315 15.59 -51.78 -1.85
CA ASP C 315 16.01 -50.40 -2.24
C ASP C 315 14.78 -49.50 -2.21
N ALA C 316 13.64 -50.02 -2.68
CA ALA C 316 12.39 -49.24 -2.62
C ALA C 316 11.36 -50.09 -1.87
N GLY C 317 10.52 -49.48 -1.04
CA GLY C 317 9.49 -50.24 -0.37
C GLY C 317 9.15 -49.64 0.98
N VAL C 318 8.32 -50.36 1.71
CA VAL C 318 7.85 -49.94 3.01
C VAL C 318 8.72 -50.63 4.06
N LEU C 319 8.69 -50.11 5.29
CA LEU C 319 9.49 -50.70 6.35
C LEU C 319 8.93 -52.05 6.75
N THR C 320 9.81 -52.91 7.23
CA THR C 320 9.42 -54.19 7.80
C THR C 320 9.51 -54.10 9.32
N THR C 321 9.22 -55.22 9.99
CA THR C 321 9.41 -55.28 11.43
C THR C 321 10.89 -55.22 11.79
N ASP C 322 11.76 -55.63 10.86
CA ASP C 322 13.20 -55.65 11.12
C ASP C 322 13.74 -54.24 11.33
N ASP C 323 13.19 -53.26 10.60
CA ASP C 323 13.63 -51.87 10.80
C ASP C 323 13.29 -51.38 12.19
N VAL C 324 12.09 -51.70 12.67
CA VAL C 324 11.69 -51.31 14.02
C VAL C 324 12.55 -52.02 15.06
N ILE C 325 12.87 -53.30 14.81
CA ILE C 325 13.70 -54.05 15.73
C ILE C 325 15.11 -53.48 15.79
N ALA C 326 15.65 -53.08 14.64
CA ALA C 326 16.96 -52.41 14.63
C ALA C 326 16.90 -51.05 15.31
N THR C 327 15.75 -50.37 15.23
CA THR C 327 15.58 -49.14 15.99
C THR C 327 15.62 -49.41 17.49
N ILE C 328 14.98 -50.51 17.92
CA ILE C 328 15.07 -50.92 19.33
C ILE C 328 16.51 -51.16 19.71
N LYS C 329 17.24 -51.90 18.86
CA LYS C 329 18.66 -52.16 19.07
C LYS C 329 19.45 -50.89 19.27
N TYR C 330 19.30 -49.94 18.34
CA TYR C 330 20.10 -48.74 18.38
C TYR C 330 19.75 -47.89 19.60
N LEU C 331 18.47 -47.79 19.93
CA LEU C 331 18.06 -46.97 21.07
C LEU C 331 18.59 -47.54 22.37
N VAL C 332 18.45 -48.85 22.58
CA VAL C 332 18.93 -49.42 23.84
C VAL C 332 20.45 -49.41 23.89
N LYS C 333 21.12 -49.55 22.74
CA LYS C 333 22.58 -49.49 22.73
C LYS C 333 23.08 -48.09 23.04
N LEU C 334 22.39 -47.07 22.55
CA LEU C 334 22.72 -45.70 22.91
C LEU C 334 22.47 -45.46 24.40
N HIS C 335 21.37 -45.98 24.93
CA HIS C 335 21.09 -45.81 26.35
C HIS C 335 22.09 -46.57 27.22
N ALA C 336 22.70 -47.63 26.68
CA ALA C 336 23.70 -48.37 27.42
C ALA C 336 24.93 -47.51 27.72
N GLY C 337 25.33 -46.68 26.75
CA GLY C 337 26.48 -45.80 26.89
C GLY C 337 27.57 -46.07 25.88
N GLU C 338 27.70 -47.31 25.42
CA GLU C 338 28.69 -47.65 24.42
C GLU C 338 28.33 -47.02 23.08
N THR C 339 29.35 -46.71 22.29
CA THR C 339 29.16 -46.02 21.03
C THR C 339 29.55 -46.84 19.81
N GLU C 340 30.19 -48.00 20.00
CA GLU C 340 30.64 -48.82 18.88
C GLU C 340 30.09 -50.22 19.03
N THR C 341 29.23 -50.62 18.09
CA THR C 341 28.65 -51.96 18.10
C THR C 341 28.36 -52.36 16.67
N VAL C 342 28.15 -53.66 16.47
CA VAL C 342 27.77 -54.18 15.16
C VAL C 342 26.30 -53.87 14.92
N GLY C 343 25.98 -53.44 13.71
CA GLY C 343 24.59 -53.17 13.38
C GLY C 343 23.81 -54.45 13.23
N GLU C 344 22.54 -54.41 13.63
CA GLU C 344 21.67 -55.55 13.49
C GLU C 344 21.38 -55.79 12.00
N SER C 345 21.58 -57.04 11.57
CA SER C 345 21.49 -57.43 10.16
C SER C 345 22.39 -56.54 9.30
N GLY C 346 23.68 -56.62 9.60
CA GLY C 346 24.66 -55.80 8.90
C GLY C 346 26.03 -55.90 9.52
N ARG C 347 26.82 -54.85 9.31
CA ARG C 347 28.21 -54.79 9.73
C ARG C 347 28.36 -53.87 10.94
N GLU C 348 29.62 -53.64 11.34
CA GLU C 348 29.90 -52.72 12.44
C GLU C 348 29.53 -51.29 12.06
N ILE C 349 28.81 -50.62 12.96
CA ILE C 349 28.39 -49.24 12.76
C ILE C 349 28.79 -48.43 13.99
N VAL C 350 28.46 -47.14 13.96
CA VAL C 350 28.70 -46.25 15.08
C VAL C 350 27.38 -45.91 15.74
N VAL C 351 27.41 -45.71 17.05
CA VAL C 351 26.23 -45.41 17.83
C VAL C 351 26.41 -44.04 18.46
N GLU C 352 25.61 -43.07 18.03
CA GLU C 352 25.65 -41.73 18.58
C GLU C 352 24.37 -41.00 18.19
N THR C 353 24.02 -39.99 18.98
CA THR C 353 22.90 -39.13 18.62
C THR C 353 23.34 -38.08 17.61
N ASP C 354 22.39 -37.64 16.79
CA ASP C 354 22.65 -36.66 15.76
C ASP C 354 21.64 -35.52 15.85
N ASP C 355 22.11 -34.31 15.57
CA ASP C 355 21.27 -33.13 15.65
C ASP C 355 20.50 -32.92 14.35
N ILE C 356 19.39 -32.18 14.46
CA ILE C 356 18.55 -31.90 13.30
C ILE C 356 19.11 -30.80 12.42
N ASP C 357 20.13 -30.08 12.87
CA ASP C 357 20.69 -28.96 12.13
C ASP C 357 21.88 -29.36 11.26
N HIS C 358 22.36 -30.59 11.37
CA HIS C 358 23.43 -31.05 10.49
C HIS C 358 22.92 -31.10 9.06
N PHE C 359 23.78 -30.74 8.12
CA PHE C 359 23.30 -30.55 6.76
C PHE C 359 23.23 -31.85 5.99
N GLY C 360 23.65 -32.97 6.59
CA GLY C 360 23.32 -34.27 6.04
C GLY C 360 21.93 -34.74 6.37
N ASN C 361 21.29 -34.10 7.35
CA ASN C 361 19.90 -34.36 7.69
C ASN C 361 18.93 -33.41 6.98
N ARG C 362 19.45 -32.47 6.19
CA ARG C 362 18.65 -31.53 5.44
C ARG C 362 18.81 -31.81 3.96
N ARG C 363 17.69 -31.99 3.27
CA ARG C 363 17.66 -32.30 1.84
C ARG C 363 16.80 -31.27 1.14
N ILE C 364 17.21 -30.87 -0.06
CA ILE C 364 16.48 -29.85 -0.81
C ILE C 364 15.51 -30.52 -1.77
N ARG C 365 14.25 -30.09 -1.69
CA ARG C 365 13.26 -30.44 -2.71
C ARG C 365 13.40 -29.44 -3.84
N ASN C 366 13.97 -29.87 -4.96
CA ASN C 366 14.15 -28.98 -6.09
C ASN C 366 12.82 -28.79 -6.82
N VAL C 367 12.85 -28.16 -7.99
CA VAL C 367 11.62 -27.93 -8.73
C VAL C 367 11.03 -29.23 -9.24
N GLY C 368 11.88 -30.19 -9.66
CA GLY C 368 11.37 -31.44 -10.18
C GLY C 368 10.64 -32.26 -9.15
N GLU C 369 11.20 -32.36 -7.94
CA GLU C 369 10.55 -33.17 -6.92
C GLU C 369 9.26 -32.50 -6.44
N LEU C 370 9.24 -31.17 -6.38
CA LEU C 370 8.02 -30.46 -5.98
C LEU C 370 6.91 -30.66 -7.01
N ILE C 371 7.23 -30.50 -8.29
CA ILE C 371 6.21 -30.69 -9.33
C ILE C 371 5.77 -32.15 -9.38
N GLN C 372 6.70 -33.08 -9.14
CA GLN C 372 6.34 -34.49 -9.07
C GLN C 372 5.38 -34.76 -7.92
N ASN C 373 5.61 -34.13 -6.77
CA ASN C 373 4.69 -34.30 -5.64
C ASN C 373 3.31 -33.75 -5.94
N GLN C 374 3.24 -32.59 -6.60
CA GLN C 374 1.93 -32.02 -6.92
C GLN C 374 1.20 -32.87 -7.95
N VAL C 375 1.92 -33.36 -8.96
CA VAL C 375 1.31 -34.26 -9.94
C VAL C 375 0.87 -35.56 -9.27
N ARG C 376 1.62 -36.03 -8.28
CA ARG C 376 1.24 -37.24 -7.55
C ARG C 376 -0.03 -37.03 -6.76
N THR C 377 -0.17 -35.86 -6.11
CA THR C 377 -1.41 -35.57 -5.40
C THR C 377 -2.59 -35.50 -6.35
N GLY C 378 -2.41 -34.84 -7.50
CA GLY C 378 -3.47 -34.81 -8.50
C GLY C 378 -3.83 -36.19 -9.01
N LEU C 379 -2.81 -37.04 -9.22
CA LEU C 379 -3.06 -38.39 -9.68
C LEU C 379 -3.76 -39.23 -8.62
N ALA C 380 -3.45 -39.00 -7.35
CA ALA C 380 -4.15 -39.71 -6.28
C ALA C 380 -5.62 -39.30 -6.25
N ARG C 381 -5.91 -38.01 -6.44
CA ARG C 381 -7.29 -37.58 -6.53
C ARG C 381 -7.99 -38.19 -7.75
N MET C 382 -7.26 -38.29 -8.87
CA MET C 382 -7.83 -38.90 -10.08
C MET C 382 -8.11 -40.38 -9.86
N GLU C 383 -7.22 -41.08 -9.15
CA GLU C 383 -7.46 -42.48 -8.82
C GLU C 383 -8.66 -42.63 -7.89
N ARG C 384 -8.83 -41.70 -6.96
CA ARG C 384 -10.01 -41.71 -6.10
C ARG C 384 -11.29 -41.56 -6.93
N VAL C 385 -11.29 -40.60 -7.86
CA VAL C 385 -12.47 -40.38 -8.70
C VAL C 385 -12.75 -41.59 -9.58
N VAL C 386 -11.71 -42.18 -10.17
CA VAL C 386 -11.94 -43.31 -11.06
C VAL C 386 -12.34 -44.56 -10.28
N ARG C 387 -11.82 -44.74 -9.06
CA ARG C 387 -12.24 -45.86 -8.23
C ARG C 387 -13.70 -45.71 -7.83
N GLU C 388 -14.14 -44.49 -7.57
CA GLU C 388 -15.57 -44.24 -7.41
C GLU C 388 -16.31 -44.56 -8.71
N ARG C 389 -15.68 -44.31 -9.86
CA ARG C 389 -16.36 -44.50 -11.14
C ARG C 389 -16.52 -45.97 -11.50
N MET C 390 -15.48 -46.80 -11.28
CA MET C 390 -15.59 -48.20 -11.71
C MET C 390 -16.65 -48.94 -10.91
N THR C 391 -16.80 -48.63 -9.63
CA THR C 391 -17.78 -49.32 -8.80
C THR C 391 -19.21 -49.00 -9.20
N THR C 392 -19.43 -47.90 -9.91
CA THR C 392 -20.75 -47.53 -10.42
C THR C 392 -20.84 -47.67 -11.93
N GLN C 393 -19.97 -48.49 -12.52
CA GLN C 393 -19.93 -48.68 -13.97
C GLN C 393 -19.93 -50.16 -14.28
N ASP C 394 -20.48 -50.50 -15.46
CA ASP C 394 -20.58 -51.88 -15.91
C ASP C 394 -19.45 -52.20 -16.87
N VAL C 395 -19.08 -53.49 -16.90
CA VAL C 395 -18.01 -53.97 -17.77
C VAL C 395 -18.49 -53.98 -19.21
N GLU C 396 -17.55 -54.16 -20.15
CA GLU C 396 -17.78 -54.20 -21.58
C GLU C 396 -18.33 -52.89 -22.14
N ALA C 397 -18.31 -51.82 -21.33
CA ALA C 397 -18.74 -50.51 -21.79
C ALA C 397 -17.82 -49.40 -21.28
N ILE C 398 -16.61 -49.75 -20.87
CA ILE C 398 -15.66 -48.81 -20.30
C ILE C 398 -14.52 -48.62 -21.29
N THR C 399 -14.27 -47.38 -21.67
CA THR C 399 -13.21 -46.96 -22.57
C THR C 399 -12.19 -46.15 -21.80
N PRO C 400 -10.89 -46.34 -22.08
CA PRO C 400 -9.87 -45.53 -21.38
C PRO C 400 -10.03 -44.04 -21.58
N GLN C 401 -10.62 -43.62 -22.69
CA GLN C 401 -10.97 -42.22 -22.88
C GLN C 401 -12.07 -41.76 -21.93
N THR C 402 -12.85 -42.68 -21.38
CA THR C 402 -14.06 -42.34 -20.64
C THR C 402 -13.88 -42.34 -19.13
N LEU C 403 -13.35 -43.41 -18.54
CA LEU C 403 -13.44 -43.56 -17.09
C LEU C 403 -12.48 -42.64 -16.35
N ILE C 404 -11.40 -42.21 -16.97
CA ILE C 404 -10.43 -41.37 -16.28
C ILE C 404 -10.78 -39.91 -16.51
N ASN C 405 -10.47 -39.08 -15.51
CA ASN C 405 -10.73 -37.65 -15.57
C ASN C 405 -9.46 -36.91 -15.20
N ILE C 406 -9.03 -36.00 -16.08
CA ILE C 406 -7.78 -35.27 -15.87
C ILE C 406 -7.99 -33.96 -15.14
N ARG C 407 -9.21 -33.67 -14.70
CA ARG C 407 -9.49 -32.40 -14.01
C ARG C 407 -8.70 -32.23 -12.71
N PRO C 408 -8.61 -33.22 -11.80
CA PRO C 408 -7.77 -33.00 -10.61
C PRO C 408 -6.29 -32.80 -10.91
N VAL C 409 -5.77 -33.43 -11.97
CA VAL C 409 -4.34 -33.27 -12.28
C VAL C 409 -4.04 -31.83 -12.68
N VAL C 410 -4.82 -31.28 -13.62
CA VAL C 410 -4.57 -29.91 -14.05
C VAL C 410 -4.93 -28.94 -12.94
N ALA C 411 -5.92 -29.27 -12.12
CA ALA C 411 -6.25 -28.43 -10.96
C ALA C 411 -5.09 -28.36 -9.98
N SER C 412 -4.45 -29.50 -9.71
CA SER C 412 -3.30 -29.52 -8.81
C SER C 412 -2.11 -28.78 -9.40
N ILE C 413 -1.86 -28.95 -10.69
CA ILE C 413 -0.73 -28.26 -11.32
C ILE C 413 -0.95 -26.75 -11.28
N LYS C 414 -2.15 -26.28 -11.63
CA LYS C 414 -2.44 -24.86 -11.58
C LYS C 414 -2.51 -24.33 -10.16
N GLU C 415 -2.82 -25.19 -9.18
CA GLU C 415 -2.80 -24.76 -7.79
C GLU C 415 -1.37 -24.62 -7.27
N PHE C 416 -0.45 -25.45 -7.78
CA PHE C 416 0.94 -25.29 -7.39
C PHE C 416 1.56 -24.07 -8.06
N PHE C 417 1.32 -23.89 -9.36
CA PHE C 417 2.01 -22.82 -10.08
C PHE C 417 1.45 -21.45 -9.72
N GLY C 418 0.18 -21.38 -9.35
CA GLY C 418 -0.45 -20.13 -8.97
C GLY C 418 -0.83 -20.15 -7.49
N THR C 419 -0.47 -19.09 -6.79
CA THR C 419 -0.78 -18.90 -5.36
C THR C 419 -0.24 -20.05 -4.50
N SER C 420 1.05 -20.32 -4.64
CA SER C 420 1.77 -21.19 -3.72
C SER C 420 3.07 -20.51 -3.33
N GLN C 421 3.50 -20.75 -2.09
CA GLN C 421 4.62 -19.98 -1.54
C GLN C 421 5.95 -20.36 -2.18
N LEU C 422 6.05 -21.52 -2.82
CA LEU C 422 7.28 -21.88 -3.50
C LEU C 422 7.36 -21.26 -4.89
N SER C 423 6.27 -21.29 -5.64
CA SER C 423 6.21 -20.63 -6.95
C SER C 423 6.12 -19.14 -6.73
N GLN C 424 7.24 -18.44 -6.87
CA GLN C 424 7.33 -17.04 -6.52
C GLN C 424 7.42 -16.17 -7.76
N PHE C 425 6.90 -14.95 -7.63
CA PHE C 425 7.03 -13.93 -8.67
C PHE C 425 8.51 -13.60 -8.87
N MET C 426 9.00 -13.79 -10.09
CA MET C 426 10.42 -13.62 -10.35
C MET C 426 10.82 -12.16 -10.22
N ASP C 427 11.86 -11.90 -9.43
CA ASP C 427 12.41 -10.56 -9.29
C ASP C 427 13.33 -10.27 -10.47
N GLN C 428 12.99 -9.25 -11.26
CA GLN C 428 13.75 -8.91 -12.44
C GLN C 428 14.32 -7.51 -12.34
N ASN C 429 14.89 -7.18 -11.18
CA ASN C 429 15.61 -5.92 -11.03
C ASN C 429 16.83 -5.90 -11.92
N ASN C 430 17.66 -6.93 -11.83
CA ASN C 430 18.92 -7.03 -12.55
C ASN C 430 19.32 -8.50 -12.57
N PRO C 431 20.25 -8.89 -13.45
CA PRO C 431 20.58 -10.33 -13.56
C PRO C 431 21.04 -10.99 -12.26
N LEU C 432 21.65 -10.25 -11.34
CA LEU C 432 22.02 -10.84 -10.06
C LEU C 432 20.78 -11.23 -9.27
N SER C 433 19.73 -10.40 -9.34
CA SER C 433 18.50 -10.75 -8.64
C SER C 433 17.89 -12.01 -9.22
N GLY C 434 17.93 -12.16 -10.55
CA GLY C 434 17.43 -13.37 -11.17
C GLY C 434 18.21 -14.59 -10.76
N LEU C 435 19.54 -14.51 -10.79
CA LEU C 435 20.36 -15.66 -10.42
C LEU C 435 20.20 -16.00 -8.94
N THR C 436 20.13 -15.00 -8.07
CA THR C 436 19.90 -15.28 -6.66
C THR C 436 18.55 -15.93 -6.44
N HIS C 437 17.51 -15.45 -7.14
CA HIS C 437 16.19 -16.04 -6.99
C HIS C 437 16.18 -17.49 -7.46
N LYS C 438 16.84 -17.78 -8.58
CA LYS C 438 16.89 -19.15 -9.06
C LYS C 438 17.88 -20.01 -8.30
N ARG C 439 18.70 -19.43 -7.43
CA ARG C 439 19.67 -20.18 -6.63
C ARG C 439 19.32 -20.22 -5.16
N ARG C 440 18.20 -19.63 -4.75
CA ARG C 440 17.85 -19.63 -3.34
C ARG C 440 17.30 -20.98 -2.90
N LEU C 441 17.45 -21.27 -1.62
CA LEU C 441 16.86 -22.44 -0.97
C LEU C 441 15.95 -21.95 0.13
N ASN C 442 14.70 -22.42 0.13
CA ASN C 442 13.68 -21.94 1.04
C ASN C 442 13.39 -23.01 2.07
N ALA C 443 13.22 -22.60 3.33
CA ALA C 443 12.80 -23.52 4.37
C ALA C 443 11.31 -23.39 4.71
N LEU C 444 10.65 -22.36 4.20
CA LEU C 444 9.23 -22.14 4.46
C LEU C 444 8.40 -22.94 3.46
N GLY C 445 7.10 -22.66 3.41
CA GLY C 445 6.22 -23.33 2.48
C GLY C 445 5.62 -24.59 3.05
N PRO C 446 4.74 -25.24 2.29
CA PRO C 446 4.14 -26.50 2.75
C PRO C 446 5.19 -27.60 2.91
N GLY C 447 4.97 -28.43 3.92
CA GLY C 447 5.90 -29.51 4.20
C GLY C 447 7.24 -29.06 4.75
N GLY C 448 7.35 -27.82 5.19
CA GLY C 448 8.60 -27.31 5.70
C GLY C 448 8.44 -26.60 7.02
N LEU C 449 9.47 -25.84 7.43
CA LEU C 449 9.45 -25.12 8.69
C LEU C 449 8.92 -23.72 8.47
N SER C 450 7.87 -23.35 9.21
CA SER C 450 7.29 -22.03 9.10
C SER C 450 8.09 -21.01 9.91
N ARG C 451 7.87 -19.73 9.60
CA ARG C 451 8.56 -18.65 10.30
C ARG C 451 8.16 -18.60 11.77
N GLU C 452 6.87 -18.81 12.05
CA GLU C 452 6.41 -18.83 13.44
C GLU C 452 7.01 -19.99 14.22
N ARG C 453 7.18 -21.14 13.56
CA ARG C 453 7.70 -22.34 14.21
C ARG C 453 9.22 -22.38 14.26
N ALA C 454 9.90 -21.38 13.71
CA ALA C 454 11.36 -21.40 13.65
C ALA C 454 11.95 -21.06 15.02
N GLY C 455 13.23 -21.37 15.18
CA GLY C 455 13.95 -21.12 16.40
C GLY C 455 15.39 -20.77 16.12
N PHE C 456 16.16 -20.60 17.20
CA PHE C 456 17.57 -20.23 17.07
C PHE C 456 18.40 -21.35 16.47
N GLU C 457 18.02 -22.61 16.71
CA GLU C 457 18.87 -23.73 16.31
C GLU C 457 18.93 -23.88 14.80
N VAL C 458 17.78 -23.75 14.12
CA VAL C 458 17.76 -23.96 12.67
C VAL C 458 18.46 -22.81 11.94
N ARG C 459 18.35 -21.58 12.44
CA ARG C 459 18.89 -20.43 11.74
C ARG C 459 20.42 -20.36 11.80
N ASP C 460 21.03 -20.99 12.79
CA ASP C 460 22.47 -20.88 12.97
C ASP C 460 23.22 -21.54 11.81
N VAL C 461 24.37 -20.96 11.49
CA VAL C 461 25.22 -21.51 10.43
C VAL C 461 25.84 -22.80 10.94
N HIS C 462 25.71 -23.83 10.18
CA HIS C 462 26.32 -25.06 10.66
C HIS C 462 27.73 -25.21 10.09
N PRO C 463 28.63 -25.89 10.80
CA PRO C 463 29.95 -26.17 10.23
C PRO C 463 29.92 -27.08 9.00
N SER C 464 28.79 -27.72 8.72
CA SER C 464 28.62 -28.51 7.52
C SER C 464 28.05 -27.72 6.35
N HIS C 465 27.86 -26.41 6.51
CA HIS C 465 27.40 -25.55 5.43
C HIS C 465 28.52 -25.16 4.47
N TYR C 466 29.77 -25.45 4.82
CA TYR C 466 30.93 -25.00 4.04
C TYR C 466 30.91 -25.68 2.68
N GLY C 467 30.68 -24.89 1.63
CA GLY C 467 30.61 -25.41 0.28
C GLY C 467 29.24 -25.87 -0.16
N ARG C 468 28.25 -25.86 0.73
CA ARG C 468 26.89 -26.30 0.41
C ARG C 468 25.87 -25.18 0.45
N MET C 469 26.04 -24.20 1.34
CA MET C 469 25.12 -23.09 1.43
C MET C 469 25.90 -21.86 1.87
N CYS C 470 25.54 -20.72 1.31
CA CYS C 470 26.25 -19.49 1.62
C CYS C 470 25.95 -19.04 3.03
N PRO C 471 26.98 -18.77 3.85
CA PRO C 471 26.72 -18.27 5.21
C PRO C 471 26.43 -16.78 5.28
N ILE C 472 26.63 -16.04 4.18
CA ILE C 472 26.47 -14.59 4.21
C ILE C 472 25.08 -14.18 3.76
N GLU C 473 24.72 -14.44 2.51
CA GLU C 473 23.56 -13.79 1.92
C GLU C 473 22.29 -14.54 2.31
N THR C 474 21.33 -13.80 2.81
CA THR C 474 20.06 -14.25 3.38
C THR C 474 19.23 -13.00 3.67
N PRO C 475 17.91 -13.06 3.60
CA PRO C 475 17.10 -11.90 3.95
C PRO C 475 17.33 -11.49 5.41
N GLU C 476 17.42 -10.19 5.64
CA GLU C 476 17.71 -9.65 6.96
C GLU C 476 16.46 -9.29 7.75
N GLY C 477 15.28 -9.58 7.23
CA GLY C 477 14.05 -9.23 7.90
C GLY C 477 13.70 -10.19 9.02
N PRO C 478 12.40 -10.41 9.23
CA PRO C 478 11.98 -11.39 10.26
C PRO C 478 12.47 -12.80 9.99
N ASN C 479 12.57 -13.18 8.72
CA ASN C 479 13.03 -14.52 8.36
C ASN C 479 14.53 -14.55 8.07
N ILE C 480 15.30 -14.11 9.06
CA ILE C 480 16.75 -14.14 8.96
C ILE C 480 17.24 -15.58 9.10
N GLY C 481 18.00 -16.04 8.12
CA GLY C 481 18.59 -17.36 8.18
C GLY C 481 17.67 -18.50 7.83
N LEU C 482 16.37 -18.25 7.64
CA LEU C 482 15.48 -19.30 7.18
C LEU C 482 15.64 -19.56 5.71
N ILE C 483 16.02 -18.55 4.93
CA ILE C 483 16.19 -18.67 3.50
C ILE C 483 17.65 -18.41 3.18
N GLY C 484 18.31 -19.40 2.58
CA GLY C 484 19.72 -19.27 2.26
C GLY C 484 19.96 -19.62 0.80
N SER C 485 21.09 -19.13 0.29
CA SER C 485 21.43 -19.29 -1.11
C SER C 485 22.46 -20.40 -1.28
N LEU C 486 22.36 -21.13 -2.39
CA LEU C 486 23.29 -22.20 -2.68
C LEU C 486 24.68 -21.64 -2.95
N ALA C 487 25.69 -22.42 -2.57
CA ALA C 487 27.06 -22.02 -2.79
C ALA C 487 27.40 -22.08 -4.28
N SER C 488 28.52 -21.46 -4.64
CA SER C 488 28.89 -21.34 -6.05
C SER C 488 29.18 -22.70 -6.66
N TYR C 489 29.87 -23.58 -5.93
CA TYR C 489 30.25 -24.88 -6.45
C TYR C 489 29.30 -25.99 -6.02
N GLY C 490 28.21 -25.67 -5.34
CA GLY C 490 27.35 -26.70 -4.80
C GLY C 490 26.60 -27.46 -5.88
N ARG C 491 26.66 -28.79 -5.82
CA ARG C 491 25.94 -29.67 -6.71
C ARG C 491 24.84 -30.39 -5.95
N ILE C 492 24.06 -31.20 -6.65
CA ILE C 492 22.91 -31.90 -6.09
C ILE C 492 23.10 -33.40 -6.28
N ASN C 493 22.84 -34.16 -5.22
CA ASN C 493 22.81 -35.61 -5.34
C ASN C 493 21.65 -36.08 -6.22
N PRO C 494 21.77 -37.27 -6.80
CA PRO C 494 20.57 -37.95 -7.31
C PRO C 494 19.53 -38.15 -6.22
N PHE C 495 19.97 -38.42 -5.00
CA PHE C 495 19.05 -38.51 -3.88
C PHE C 495 18.45 -37.14 -3.56
N GLY C 496 19.28 -36.11 -3.47
CA GLY C 496 18.78 -34.77 -3.21
C GLY C 496 19.55 -33.97 -2.20
N PHE C 497 20.62 -34.53 -1.64
CA PHE C 497 21.44 -33.76 -0.72
C PHE C 497 22.38 -32.86 -1.51
N ILE C 498 22.89 -31.83 -0.83
CA ILE C 498 23.71 -30.81 -1.49
C ILE C 498 25.17 -31.23 -1.42
N GLU C 499 25.77 -31.42 -2.59
CA GLU C 499 27.15 -31.90 -2.67
C GLU C 499 28.09 -30.71 -2.84
N THR C 500 29.40 -30.99 -2.80
CA THR C 500 30.41 -29.97 -3.02
C THR C 500 31.71 -30.64 -3.44
N PRO C 501 32.47 -30.05 -4.36
CA PRO C 501 33.67 -30.71 -4.86
C PRO C 501 34.85 -30.58 -3.91
N TYR C 502 35.81 -31.51 -4.07
CA TYR C 502 37.07 -31.49 -3.36
C TYR C 502 38.13 -32.14 -4.23
N ARG C 503 39.37 -31.68 -4.08
CA ARG C 503 40.50 -32.25 -4.81
C ARG C 503 41.09 -33.40 -4.02
N LYS C 504 41.19 -34.57 -4.65
CA LYS C 504 41.71 -35.75 -3.97
C LYS C 504 43.19 -35.59 -3.68
N VAL C 505 43.60 -36.07 -2.51
CA VAL C 505 44.99 -36.03 -2.07
C VAL C 505 45.48 -37.47 -1.88
N VAL C 506 46.58 -37.82 -2.53
CA VAL C 506 47.24 -39.10 -2.34
C VAL C 506 48.68 -38.84 -1.91
N GLU C 507 49.09 -39.47 -0.80
CA GLU C 507 50.41 -39.42 -0.18
C GLU C 507 51.05 -38.04 -0.17
N GLY C 508 50.24 -36.98 -0.02
CA GLY C 508 50.73 -35.63 -0.03
C GLY C 508 50.97 -35.06 -1.42
N GLN C 509 50.74 -35.83 -2.47
CA GLN C 509 50.89 -35.36 -3.85
C GLN C 509 49.48 -35.21 -4.42
N VAL C 510 48.97 -33.99 -4.41
CA VAL C 510 47.60 -33.74 -4.84
C VAL C 510 47.50 -33.93 -6.34
N THR C 511 46.44 -34.58 -6.79
CA THR C 511 46.28 -34.96 -8.19
C THR C 511 45.23 -34.07 -8.85
N ASP C 512 45.08 -34.25 -10.16
CA ASP C 512 44.06 -33.55 -10.94
C ASP C 512 42.77 -34.37 -10.99
N ASP C 513 42.29 -34.78 -9.82
CA ASP C 513 41.08 -35.55 -9.69
C ASP C 513 40.17 -34.85 -8.68
N VAL C 514 38.87 -34.91 -8.92
CA VAL C 514 37.90 -34.23 -8.08
C VAL C 514 36.82 -35.23 -7.67
N ASP C 515 36.44 -35.19 -6.39
CA ASP C 515 35.32 -35.97 -5.88
C ASP C 515 34.36 -35.03 -5.16
N TYR C 516 33.07 -35.21 -5.43
CA TYR C 516 32.04 -34.38 -4.83
C TYR C 516 31.55 -35.07 -3.56
N LEU C 517 31.69 -34.39 -2.43
CA LEU C 517 31.42 -34.96 -1.12
C LEU C 517 30.14 -34.36 -0.54
N THR C 518 29.30 -35.22 0.02
CA THR C 518 28.08 -34.78 0.68
C THR C 518 28.43 -34.17 2.04
N ALA C 519 27.42 -33.90 2.86
CA ALA C 519 27.64 -33.48 4.23
C ALA C 519 27.92 -34.65 5.16
N ASP C 520 28.06 -35.86 4.61
CA ASP C 520 28.33 -37.06 5.37
C ASP C 520 29.78 -37.51 5.25
N GLU C 521 30.30 -37.62 4.03
CA GLU C 521 31.70 -37.99 3.85
C GLU C 521 32.65 -36.91 4.34
N GLU C 522 32.16 -35.68 4.50
CA GLU C 522 32.99 -34.58 4.99
C GLU C 522 33.39 -34.75 6.46
N ASP C 523 32.76 -35.69 7.17
CA ASP C 523 33.09 -35.93 8.57
C ASP C 523 34.19 -36.98 8.74
N ARG C 524 34.11 -38.08 7.99
CA ARG C 524 35.11 -39.13 8.14
C ARG C 524 36.46 -38.78 7.50
N PHE C 525 36.54 -37.71 6.73
CA PHE C 525 37.79 -37.26 6.15
C PHE C 525 38.26 -35.99 6.86
N VAL C 526 39.45 -35.52 6.48
CA VAL C 526 40.00 -34.27 6.97
C VAL C 526 40.28 -33.38 5.75
N ILE C 527 39.83 -32.13 5.82
CA ILE C 527 39.75 -31.25 4.66
C ILE C 527 40.78 -30.14 4.80
N ALA C 528 41.61 -29.97 3.78
CA ALA C 528 42.62 -28.91 3.77
C ALA C 528 42.00 -27.62 3.24
N GLN C 529 42.85 -26.63 2.96
CA GLN C 529 42.42 -25.36 2.40
C GLN C 529 43.05 -25.16 1.04
N ALA C 530 42.39 -24.37 0.19
CA ALA C 530 42.99 -23.98 -1.07
C ALA C 530 44.05 -22.90 -0.89
N ASN C 531 44.13 -22.29 0.28
CA ASN C 531 45.15 -21.29 0.57
C ASN C 531 46.47 -21.91 1.01
N ALA C 532 46.53 -23.23 1.17
CA ALA C 532 47.77 -23.88 1.55
C ALA C 532 48.80 -23.76 0.44
N ALA C 533 50.03 -23.45 0.82
CA ALA C 533 51.09 -23.25 -0.17
C ALA C 533 51.57 -24.58 -0.73
N LEU C 534 51.95 -24.55 -2.00
CA LEU C 534 52.52 -25.70 -2.68
C LEU C 534 53.85 -25.31 -3.31
N GLY C 535 54.71 -26.30 -3.51
CA GLY C 535 56.02 -26.08 -4.10
C GLY C 535 55.96 -26.07 -5.61
N ASP C 536 57.11 -26.35 -6.22
CA ASP C 536 57.17 -26.44 -7.67
C ASP C 536 56.32 -27.59 -8.19
N ASP C 537 56.36 -28.73 -7.51
CA ASP C 537 55.48 -29.84 -7.80
C ASP C 537 54.18 -29.68 -7.02
N MET C 538 53.36 -30.72 -6.98
CA MET C 538 52.10 -30.68 -6.26
C MET C 538 52.24 -31.02 -4.79
N ARG C 539 53.46 -31.22 -4.30
CA ARG C 539 53.68 -31.47 -2.89
C ARG C 539 53.38 -30.21 -2.07
N PHE C 540 53.06 -30.42 -0.79
CA PHE C 540 52.83 -29.31 0.12
C PHE C 540 54.13 -28.56 0.37
N ALA C 541 54.07 -27.23 0.29
CA ALA C 541 55.25 -26.42 0.56
C ALA C 541 55.59 -26.43 2.04
N GLU C 542 54.59 -26.50 2.92
CA GLU C 542 54.79 -26.55 4.36
C GLU C 542 54.11 -27.79 4.90
N ALA C 543 54.77 -28.45 5.86
CA ALA C 543 54.16 -29.62 6.51
C ALA C 543 52.95 -29.22 7.33
N ARG C 544 53.10 -28.15 8.13
CA ARG C 544 51.98 -27.68 8.99
C ARG C 544 50.94 -26.96 8.13
N VAL C 545 49.72 -27.50 8.04
CA VAL C 545 48.62 -26.93 7.26
C VAL C 545 47.39 -26.82 8.16
N LEU C 546 46.60 -25.77 7.94
CA LEU C 546 45.42 -25.51 8.74
C LEU C 546 44.21 -26.17 8.10
N VAL C 547 43.61 -27.12 8.82
CA VAL C 547 42.58 -27.99 8.27
C VAL C 547 41.35 -27.97 9.17
N ARG C 548 40.29 -28.60 8.68
CA ARG C 548 39.06 -28.81 9.44
C ARG C 548 38.71 -30.30 9.41
N ARG C 549 38.00 -30.75 10.43
CA ARG C 549 37.67 -32.17 10.55
C ARG C 549 36.23 -32.29 11.05
N ARG C 550 35.87 -33.49 11.51
CA ARG C 550 34.51 -33.79 11.90
C ARG C 550 34.03 -32.87 13.01
N GLY C 551 32.82 -32.32 12.84
CA GLY C 551 32.29 -31.35 13.76
C GLY C 551 32.75 -29.93 13.50
N GLY C 552 33.51 -29.70 12.44
CA GLY C 552 33.95 -28.35 12.12
C GLY C 552 35.06 -27.83 12.98
N GLU C 553 35.74 -28.69 13.74
CA GLU C 553 36.88 -28.25 14.52
C GLU C 553 38.02 -27.88 13.59
N VAL C 554 38.67 -26.75 13.87
CA VAL C 554 39.63 -26.16 12.96
C VAL C 554 41.07 -26.53 13.34
N ASP C 555 41.26 -27.55 14.16
CA ASP C 555 42.58 -27.93 14.61
C ASP C 555 43.42 -28.43 13.44
N TYR C 556 44.69 -28.04 13.44
CA TYR C 556 45.58 -28.32 12.32
C TYR C 556 46.14 -29.73 12.43
N VAL C 557 46.90 -30.12 11.40
CA VAL C 557 47.70 -31.34 11.45
C VAL C 557 48.88 -31.18 10.50
N PRO C 558 50.10 -31.47 10.93
CA PRO C 558 51.25 -31.34 10.05
C PRO C 558 51.45 -32.59 9.19
N GLY C 559 52.25 -32.41 8.14
CA GLY C 559 52.66 -33.51 7.30
C GLY C 559 51.55 -34.04 6.42
N ASP C 560 51.85 -35.16 5.77
CA ASP C 560 50.90 -35.84 4.89
C ASP C 560 49.89 -36.59 5.76
N ASP C 561 48.83 -35.89 6.13
CA ASP C 561 47.71 -36.48 6.83
C ASP C 561 46.36 -36.10 6.24
N VAL C 562 46.31 -35.10 5.36
CA VAL C 562 45.05 -34.74 4.72
C VAL C 562 44.78 -35.68 3.57
N ASP C 563 43.52 -35.72 3.14
CA ASP C 563 43.13 -36.54 2.01
C ASP C 563 42.17 -35.84 1.05
N TYR C 564 41.83 -34.57 1.29
CA TYR C 564 40.97 -33.83 0.38
C TYR C 564 41.23 -32.34 0.56
N MET C 565 41.47 -31.63 -0.55
CA MET C 565 41.65 -30.19 -0.55
C MET C 565 40.53 -29.55 -1.36
N ASP C 566 40.17 -28.32 -0.97
CA ASP C 566 39.18 -27.55 -1.69
C ASP C 566 39.64 -27.26 -3.11
N VAL C 567 38.68 -26.96 -3.98
CA VAL C 567 38.99 -26.63 -5.36
C VAL C 567 39.21 -25.14 -5.56
N SER C 568 38.63 -24.30 -4.71
CA SER C 568 38.78 -22.85 -4.80
C SER C 568 38.44 -22.24 -3.46
N PRO C 569 39.13 -21.16 -3.06
CA PRO C 569 38.75 -20.46 -1.82
C PRO C 569 37.39 -19.80 -1.88
N ARG C 570 36.82 -19.63 -3.08
CA ARG C 570 35.47 -19.11 -3.26
C ARG C 570 34.40 -20.17 -3.14
N GLN C 571 34.71 -21.30 -2.49
CA GLN C 571 33.76 -22.40 -2.38
C GLN C 571 32.66 -22.12 -1.36
N MET C 572 32.97 -21.37 -0.31
CA MET C 572 31.98 -21.13 0.73
C MET C 572 30.91 -20.13 0.31
N VAL C 573 31.23 -19.22 -0.60
CA VAL C 573 30.37 -18.07 -0.87
C VAL C 573 29.44 -18.39 -2.03
N SER C 574 28.34 -17.64 -2.10
CA SER C 574 27.37 -17.79 -3.16
C SER C 574 27.85 -17.06 -4.41
N VAL C 575 26.96 -16.89 -5.39
CA VAL C 575 27.31 -16.11 -6.56
C VAL C 575 27.14 -14.63 -6.29
N ALA C 576 26.17 -14.25 -5.47
CA ALA C 576 25.96 -12.83 -5.16
C ALA C 576 27.02 -12.32 -4.21
N THR C 577 27.41 -13.12 -3.23
CA THR C 577 28.41 -12.68 -2.26
C THR C 577 29.79 -12.58 -2.89
N ALA C 578 30.10 -13.50 -3.82
CA ALA C 578 31.43 -13.53 -4.42
C ALA C 578 31.68 -12.37 -5.38
N MET C 579 30.67 -11.57 -5.70
CA MET C 579 30.88 -10.40 -6.55
C MET C 579 31.74 -9.36 -5.84
N ILE C 580 31.62 -9.25 -4.53
CA ILE C 580 32.25 -8.18 -3.75
C ILE C 580 33.76 -8.35 -3.72
N PRO C 581 34.53 -7.35 -4.12
CA PRO C 581 35.97 -7.39 -3.90
C PRO C 581 36.30 -7.01 -2.47
N PHE C 582 37.42 -7.56 -1.99
CA PHE C 582 37.88 -7.34 -0.61
C PHE C 582 36.80 -7.69 0.40
N LEU C 583 36.20 -8.87 0.21
CA LEU C 583 35.23 -9.36 1.19
C LEU C 583 35.91 -9.77 2.49
N GLU C 584 37.14 -10.27 2.40
CA GLU C 584 37.87 -10.76 3.57
C GLU C 584 38.24 -9.66 4.53
N HIS C 585 38.12 -8.39 4.13
CA HIS C 585 38.34 -7.26 5.01
C HIS C 585 37.05 -6.71 5.62
N ASP C 586 35.89 -7.16 5.15
CA ASP C 586 34.61 -6.65 5.62
C ASP C 586 34.07 -7.50 6.77
N ASP C 587 33.25 -6.86 7.60
CA ASP C 587 32.50 -7.60 8.60
C ASP C 587 31.40 -8.42 7.94
N ALA C 588 30.97 -9.48 8.63
CA ALA C 588 29.98 -10.37 8.05
C ALA C 588 28.60 -9.73 7.97
N ASN C 589 28.27 -8.85 8.93
CA ASN C 589 26.98 -8.16 8.88
C ASN C 589 26.90 -7.23 7.69
N ARG C 590 27.96 -6.45 7.47
CA ARG C 590 27.96 -5.54 6.32
C ARG C 590 28.12 -6.29 5.02
N ALA C 591 28.76 -7.45 5.05
CA ALA C 591 28.78 -8.31 3.87
C ALA C 591 27.38 -8.83 3.55
N LEU C 592 26.61 -9.19 4.58
CA LEU C 592 25.23 -9.60 4.40
C LEU C 592 24.41 -8.47 3.79
N MET C 593 24.58 -7.25 4.32
CA MET C 593 23.84 -6.11 3.79
C MET C 593 24.25 -5.81 2.35
N GLY C 594 25.54 -5.92 2.05
CA GLY C 594 26.00 -5.66 0.69
C GLY C 594 25.51 -6.69 -0.31
N ALA C 595 25.49 -7.96 0.09
CA ALA C 595 24.95 -8.99 -0.78
C ALA C 595 23.44 -8.92 -0.87
N ASN C 596 22.79 -8.31 0.11
CA ASN C 596 21.34 -8.18 0.11
C ASN C 596 20.84 -6.93 -0.60
N MET C 597 21.71 -5.93 -0.85
CA MET C 597 21.30 -4.79 -1.64
C MET C 597 21.71 -4.87 -3.10
N MET C 598 22.66 -5.74 -3.45
CA MET C 598 23.01 -5.90 -4.85
C MET C 598 21.94 -6.60 -5.66
N ARG C 599 20.96 -7.22 -5.00
CA ARG C 599 19.78 -7.72 -5.68
C ARG C 599 18.69 -6.67 -5.84
N GLN C 600 18.91 -5.46 -5.31
CA GLN C 600 17.94 -4.38 -5.41
C GLN C 600 18.38 -3.24 -6.32
N ALA C 601 19.62 -3.27 -6.81
CA ALA C 601 20.09 -2.19 -7.68
C ALA C 601 19.46 -2.30 -9.06
N VAL C 602 19.08 -1.16 -9.61
CA VAL C 602 18.43 -1.09 -10.91
C VAL C 602 19.48 -1.04 -12.00
N PRO C 603 19.16 -1.38 -13.25
CA PRO C 603 20.07 -1.09 -14.36
C PRO C 603 19.82 0.31 -14.91
N LEU C 604 20.89 0.90 -15.42
CA LEU C 604 20.88 2.30 -15.82
C LEU C 604 20.76 2.42 -17.34
N ILE C 605 20.91 3.64 -17.85
CA ILE C 605 20.77 3.89 -19.29
C ILE C 605 21.85 3.15 -20.06
N LYS C 606 23.11 3.49 -19.82
CA LYS C 606 24.24 2.74 -20.33
C LYS C 606 25.12 2.38 -19.14
N SER C 607 25.37 1.08 -18.95
CA SER C 607 26.07 0.59 -17.78
C SER C 607 27.51 0.26 -18.13
N GLU C 608 28.41 0.59 -17.21
CA GLU C 608 29.83 0.28 -17.36
C GLU C 608 30.24 -0.71 -16.28
N SER C 609 31.04 -1.70 -16.68
CA SER C 609 31.46 -2.73 -15.75
C SER C 609 32.33 -2.11 -14.64
N PRO C 610 32.25 -2.65 -13.42
CA PRO C 610 33.01 -2.08 -12.32
C PRO C 610 34.51 -2.13 -12.58
N LEU C 611 35.18 -1.03 -12.22
CA LEU C 611 36.61 -0.94 -12.45
C LEU C 611 37.37 -1.93 -11.60
N VAL C 612 36.88 -2.19 -10.39
CA VAL C 612 37.43 -3.21 -9.51
C VAL C 612 36.31 -4.16 -9.13
N GLY C 613 36.61 -5.46 -9.16
CA GLY C 613 35.61 -6.46 -8.84
C GLY C 613 36.11 -7.85 -9.09
N THR C 614 35.40 -8.85 -8.60
CA THR C 614 35.82 -10.24 -8.78
C THR C 614 35.69 -10.64 -10.24
N GLY C 615 36.65 -11.43 -10.72
CA GLY C 615 36.68 -11.87 -12.10
C GLY C 615 35.57 -12.82 -12.50
N MET C 616 34.76 -13.28 -11.55
CA MET C 616 33.65 -14.17 -11.84
C MET C 616 32.41 -13.37 -12.28
N GLU C 617 32.50 -12.04 -12.33
CA GLU C 617 31.40 -11.21 -12.81
C GLU C 617 30.97 -11.55 -14.23
N TYR C 618 31.89 -12.04 -15.07
CA TYR C 618 31.49 -12.48 -16.40
C TYR C 618 30.57 -13.69 -16.32
N ARG C 619 30.89 -14.64 -15.44
CA ARG C 619 30.11 -15.87 -15.34
C ARG C 619 28.78 -15.65 -14.66
N SER C 620 28.61 -14.56 -13.93
CA SER C 620 27.33 -14.29 -13.27
C SER C 620 26.32 -13.64 -14.19
N ALA C 621 26.74 -13.15 -15.35
CA ALA C 621 25.81 -12.63 -16.35
C ALA C 621 25.76 -13.45 -17.62
N ALA C 622 26.85 -14.16 -17.96
CA ALA C 622 26.79 -15.07 -19.09
C ALA C 622 25.83 -16.21 -18.82
N ASP C 623 25.78 -16.70 -17.58
CA ASP C 623 24.84 -17.75 -17.21
C ASP C 623 23.43 -17.24 -16.98
N ALA C 624 23.24 -15.92 -16.88
CA ALA C 624 21.91 -15.35 -16.94
C ALA C 624 21.35 -15.49 -18.35
N GLY C 625 20.08 -15.86 -18.45
CA GLY C 625 19.51 -16.08 -19.76
C GLY C 625 19.15 -14.84 -20.53
N ASP C 626 19.15 -13.67 -19.88
CA ASP C 626 18.74 -12.44 -20.55
C ASP C 626 19.81 -11.93 -21.51
N VAL C 627 21.06 -12.29 -21.31
CA VAL C 627 22.12 -11.90 -22.24
C VAL C 627 22.10 -12.85 -23.43
N VAL C 628 22.04 -12.30 -24.64
CA VAL C 628 21.91 -13.11 -25.84
C VAL C 628 23.24 -13.78 -26.15
N LYS C 629 23.23 -15.10 -26.24
CA LYS C 629 24.41 -15.88 -26.54
C LYS C 629 24.20 -16.66 -27.83
N ALA C 630 25.29 -16.93 -28.53
CA ALA C 630 25.22 -17.63 -29.81
C ALA C 630 24.82 -19.08 -29.61
N GLU C 631 23.79 -19.50 -30.34
CA GLU C 631 23.42 -20.91 -30.32
C GLU C 631 24.40 -21.75 -31.12
N LYS C 632 24.84 -21.23 -32.26
CA LYS C 632 25.83 -21.92 -33.09
C LYS C 632 26.87 -20.90 -33.54
N ALA C 633 28.11 -21.36 -33.65
CA ALA C 633 29.21 -20.49 -34.05
C ALA C 633 29.06 -20.09 -35.52
N GLY C 634 29.46 -18.86 -35.82
CA GLY C 634 29.37 -18.37 -37.17
C GLY C 634 29.91 -16.97 -37.29
N VAL C 635 29.49 -16.28 -38.35
CA VAL C 635 29.88 -14.90 -38.57
C VAL C 635 28.63 -14.05 -38.63
N VAL C 636 28.79 -12.76 -38.32
CA VAL C 636 27.68 -11.82 -38.28
C VAL C 636 27.46 -11.27 -39.67
N GLN C 637 26.21 -11.29 -40.14
CA GLN C 637 25.85 -10.73 -41.43
C GLN C 637 25.44 -9.28 -41.32
N GLU C 638 24.40 -8.99 -40.53
CA GLU C 638 23.93 -7.63 -40.31
C GLU C 638 23.66 -7.40 -38.84
N VAL C 639 23.80 -6.15 -38.40
CA VAL C 639 23.50 -5.76 -37.04
C VAL C 639 22.46 -4.65 -37.07
N SER C 640 21.63 -4.63 -36.04
CA SER C 640 20.63 -3.58 -35.88
C SER C 640 20.28 -3.51 -34.40
N ALA C 641 19.63 -2.42 -34.01
CA ALA C 641 19.18 -2.29 -32.63
C ALA C 641 17.98 -3.19 -32.32
N ASP C 642 17.36 -3.79 -33.33
CA ASP C 642 16.24 -4.69 -33.12
C ASP C 642 16.58 -6.16 -33.32
N TYR C 643 17.59 -6.48 -34.13
CA TYR C 643 17.91 -7.88 -34.41
C TYR C 643 19.37 -8.01 -34.79
N ILE C 644 19.91 -9.19 -34.51
CA ILE C 644 21.26 -9.57 -34.95
C ILE C 644 21.10 -10.82 -35.81
N THR C 645 21.51 -10.74 -37.07
CA THR C 645 21.42 -11.85 -38.00
C THR C 645 22.81 -12.39 -38.24
N THR C 646 23.02 -13.67 -37.92
CA THR C 646 24.32 -14.31 -38.04
C THR C 646 24.21 -15.49 -38.99
N THR C 647 25.11 -15.55 -39.97
CA THR C 647 25.21 -16.69 -40.86
C THR C 647 26.23 -17.67 -40.31
N ASN C 648 25.77 -18.85 -39.94
CA ASN C 648 26.62 -19.81 -39.26
C ASN C 648 27.53 -20.52 -40.25
N ASP C 649 28.46 -21.33 -39.70
CA ASP C 649 29.44 -22.01 -40.53
C ASP C 649 28.79 -23.06 -41.42
N ASP C 650 27.80 -23.80 -40.90
CA ASP C 650 27.14 -24.82 -41.69
C ASP C 650 26.23 -24.24 -42.76
N GLY C 651 25.87 -22.96 -42.66
CA GLY C 651 25.08 -22.29 -43.67
C GLY C 651 23.70 -21.86 -43.23
N THR C 652 23.27 -22.24 -42.03
CA THR C 652 21.94 -21.85 -41.58
C THR C 652 21.93 -20.38 -41.16
N TYR C 653 20.73 -19.80 -41.21
CA TYR C 653 20.52 -18.40 -40.87
C TYR C 653 19.66 -18.30 -39.62
N ILE C 654 20.13 -17.57 -38.62
CA ILE C 654 19.41 -17.37 -37.38
C ILE C 654 19.47 -15.90 -37.01
N THR C 655 18.32 -15.34 -36.61
CA THR C 655 18.23 -13.95 -36.19
C THR C 655 17.87 -13.92 -34.71
N TYR C 656 18.74 -13.31 -33.91
CA TYR C 656 18.50 -13.17 -32.48
C TYR C 656 17.73 -11.88 -32.24
N ARG C 657 16.43 -12.00 -32.01
CA ARG C 657 15.60 -10.84 -31.72
C ARG C 657 15.94 -10.30 -30.34
N LEU C 658 16.08 -8.98 -30.26
CA LEU C 658 16.49 -8.31 -29.02
C LEU C 658 15.32 -7.52 -28.46
N ALA C 659 15.03 -7.72 -27.18
CA ALA C 659 13.99 -6.95 -26.51
C ALA C 659 14.50 -5.54 -26.27
N LYS C 660 13.73 -4.55 -26.69
CA LYS C 660 14.11 -3.15 -26.54
C LYS C 660 13.02 -2.42 -25.77
N PHE C 661 13.39 -1.90 -24.60
CA PHE C 661 12.52 -1.09 -23.74
C PHE C 661 11.24 -1.84 -23.36
N SER C 662 11.37 -3.13 -23.11
CA SER C 662 10.27 -3.87 -22.53
C SER C 662 10.24 -3.67 -21.03
N ARG C 663 9.17 -4.13 -20.39
CA ARG C 663 8.96 -3.94 -18.96
C ARG C 663 9.24 -5.23 -18.22
N SER C 664 10.12 -5.15 -17.22
CA SER C 664 10.35 -6.27 -16.33
C SER C 664 9.25 -6.33 -15.27
N ASN C 665 9.35 -7.29 -14.36
CA ASN C 665 8.31 -7.46 -13.37
C ASN C 665 8.33 -6.35 -12.34
N GLN C 666 9.48 -5.71 -12.13
CA GLN C 666 9.58 -4.62 -11.16
C GLN C 666 9.45 -3.25 -11.79
N GLY C 667 9.28 -3.17 -13.11
CA GLY C 667 9.08 -1.91 -13.79
C GLY C 667 10.29 -1.37 -14.51
N THR C 668 11.48 -1.88 -14.22
CA THR C 668 12.69 -1.39 -14.87
C THR C 668 12.78 -1.94 -16.29
N SER C 669 13.44 -1.17 -17.15
CA SER C 669 13.56 -1.56 -18.56
C SER C 669 14.57 -2.68 -18.72
N VAL C 670 14.39 -3.47 -19.78
CA VAL C 670 15.25 -4.62 -20.03
C VAL C 670 15.87 -4.51 -21.42
N ASN C 671 16.18 -3.29 -21.86
CA ASN C 671 16.73 -3.11 -23.19
C ASN C 671 18.09 -3.79 -23.35
N GLN C 672 18.40 -4.16 -24.59
CA GLN C 672 19.56 -4.99 -24.89
C GLN C 672 20.40 -4.30 -25.97
N LYS C 673 21.61 -3.87 -25.60
CA LYS C 673 22.50 -3.24 -26.54
C LYS C 673 23.27 -4.28 -27.34
N VAL C 674 23.83 -3.84 -28.47
CA VAL C 674 24.60 -4.68 -29.37
C VAL C 674 26.07 -4.32 -29.23
N ILE C 675 26.93 -5.34 -29.10
CA ILE C 675 28.36 -5.13 -28.93
C ILE C 675 29.19 -5.73 -30.05
N VAL C 676 28.63 -6.59 -30.89
CA VAL C 676 29.40 -7.22 -31.95
C VAL C 676 29.43 -6.30 -33.16
N ALA C 677 30.44 -6.48 -34.00
CA ALA C 677 30.64 -5.62 -35.16
C ALA C 677 29.79 -6.13 -36.33
N GLU C 678 30.01 -5.56 -37.51
CA GLU C 678 29.24 -5.94 -38.69
C GLU C 678 29.68 -7.28 -39.27
N GLY C 679 30.97 -7.59 -39.20
CA GLY C 679 31.47 -8.81 -39.81
C GLY C 679 32.49 -9.57 -39.00
N ASP C 680 32.38 -9.51 -37.68
CA ASP C 680 33.35 -10.17 -36.81
C ASP C 680 32.98 -11.63 -36.55
N ARG C 681 33.99 -12.39 -36.13
CA ARG C 681 33.80 -13.82 -35.87
C ARG C 681 33.06 -14.05 -34.56
N ILE C 682 32.23 -15.08 -34.55
CA ILE C 682 31.47 -15.49 -33.36
C ILE C 682 31.69 -16.97 -33.13
N ILE C 683 32.07 -17.32 -31.90
CA ILE C 683 32.20 -18.71 -31.51
C ILE C 683 30.99 -19.07 -30.65
N GLU C 684 30.84 -20.36 -30.37
CA GLU C 684 29.71 -20.83 -29.58
C GLU C 684 29.82 -20.31 -28.14
N GLY C 685 28.71 -19.81 -27.62
CA GLY C 685 28.69 -19.26 -26.29
C GLY C 685 29.14 -17.82 -26.20
N GLN C 686 29.57 -17.21 -27.29
CA GLN C 686 29.98 -15.81 -27.29
C GLN C 686 28.78 -14.92 -27.05
N VAL C 687 28.98 -13.87 -26.26
CA VAL C 687 27.91 -12.91 -26.00
C VAL C 687 27.73 -12.04 -27.24
N LEU C 688 26.52 -12.05 -27.79
CA LEU C 688 26.21 -11.22 -28.96
C LEU C 688 25.66 -9.87 -28.52
N ALA C 689 24.59 -9.87 -27.74
CA ALA C 689 23.95 -8.65 -27.27
C ALA C 689 23.95 -8.63 -25.75
N ASP C 690 24.32 -7.48 -25.20
CA ASP C 690 24.33 -7.30 -23.76
C ASP C 690 22.91 -7.32 -23.21
N GLY C 691 22.77 -7.77 -21.97
CA GLY C 691 21.49 -7.73 -21.30
C GLY C 691 21.36 -6.43 -20.55
N PRO C 692 20.33 -6.32 -19.72
CA PRO C 692 20.27 -5.19 -18.79
C PRO C 692 21.40 -5.28 -17.78
N ALA C 693 21.94 -4.11 -17.41
CA ALA C 693 23.00 -4.00 -16.41
C ALA C 693 24.24 -4.82 -16.79
N THR C 694 24.59 -4.82 -18.07
CA THR C 694 25.77 -5.52 -18.55
C THR C 694 26.54 -4.65 -19.55
N GLU C 695 27.87 -4.70 -19.48
CA GLU C 695 28.72 -4.08 -20.49
C GLU C 695 29.63 -5.14 -21.08
N ASN C 696 29.60 -5.28 -22.40
CA ASN C 696 30.53 -6.12 -23.16
C ASN C 696 30.48 -7.58 -22.68
N GLY C 697 29.28 -8.04 -22.33
CA GLY C 697 29.12 -9.37 -21.79
C GLY C 697 29.56 -9.52 -20.35
N GLU C 698 30.05 -8.45 -19.74
CA GLU C 698 30.46 -8.43 -18.35
C GLU C 698 29.41 -7.68 -17.56
N MET C 699 29.27 -8.03 -16.29
CA MET C 699 28.09 -7.62 -15.56
C MET C 699 28.34 -6.29 -14.84
N ALA C 700 27.34 -5.41 -14.86
CA ALA C 700 27.57 -4.00 -14.54
C ALA C 700 26.31 -3.42 -13.89
N LEU C 701 26.31 -3.37 -12.56
CA LEU C 701 25.11 -2.95 -11.84
C LEU C 701 25.02 -1.45 -11.63
N GLY C 702 26.15 -0.79 -11.43
CA GLY C 702 26.17 0.63 -11.08
C GLY C 702 27.25 1.37 -11.83
N LYS C 703 27.76 2.43 -11.22
CA LYS C 703 28.73 3.31 -11.85
C LYS C 703 29.96 3.48 -10.98
N ASN C 704 31.08 3.83 -11.62
CA ASN C 704 32.30 4.21 -10.93
C ASN C 704 32.26 5.71 -10.63
N LEU C 705 32.39 6.09 -9.37
CA LEU C 705 32.30 7.48 -8.97
C LEU C 705 33.50 7.85 -8.12
N LEU C 706 33.98 9.09 -8.27
CA LEU C 706 35.14 9.57 -7.54
C LEU C 706 34.74 9.91 -6.11
N VAL C 707 35.30 9.18 -5.15
CA VAL C 707 34.88 9.27 -3.75
C VAL C 707 35.87 10.13 -2.98
N ALA C 708 35.34 10.96 -2.09
CA ALA C 708 36.17 11.78 -1.21
C ALA C 708 35.68 11.57 0.22
N PHE C 709 36.40 10.74 0.97
CA PHE C 709 36.00 10.41 2.34
C PHE C 709 36.31 11.59 3.25
N MET C 710 35.35 12.50 3.40
CA MET C 710 35.50 13.63 4.30
C MET C 710 34.13 14.19 4.62
N PRO C 711 33.91 14.69 5.84
CA PRO C 711 32.67 15.41 6.10
C PRO C 711 32.66 16.72 5.34
N TRP C 712 31.50 17.10 4.83
CA TRP C 712 31.38 18.27 3.95
C TRP C 712 30.19 19.10 4.40
N GLU C 713 30.43 20.03 5.33
CA GLU C 713 29.46 21.00 5.80
C GLU C 713 28.19 20.36 6.36
N GLY C 714 28.25 19.08 6.71
CA GLY C 714 27.12 18.43 7.33
C GLY C 714 26.04 17.95 6.40
N HIS C 715 26.22 18.06 5.09
CA HIS C 715 25.23 17.53 4.17
C HIS C 715 25.38 16.03 3.95
N ASN C 716 26.44 15.41 4.48
CA ASN C 716 26.58 13.96 4.48
C ASN C 716 26.65 13.43 5.91
N TYR C 717 25.95 14.08 6.81
CA TYR C 717 25.91 13.66 8.20
C TYR C 717 25.01 12.45 8.36
N GLU C 718 25.44 11.52 9.22
CA GLU C 718 24.68 10.30 9.54
C GLU C 718 24.37 9.47 8.29
N ASP C 719 25.43 9.02 7.63
CA ASP C 719 25.35 8.02 6.56
C ASP C 719 24.52 8.53 5.38
N ALA C 720 24.76 9.78 4.98
CA ALA C 720 24.11 10.38 3.82
C ALA C 720 25.12 10.52 2.69
N ILE C 721 24.63 10.93 1.53
CA ILE C 721 25.43 11.01 0.31
C ILE C 721 25.36 12.42 -0.24
N ILE C 722 26.50 12.95 -0.66
CA ILE C 722 26.59 14.19 -1.42
C ILE C 722 27.18 13.82 -2.77
N LEU C 723 26.60 14.36 -3.85
CA LEU C 723 27.11 14.02 -5.17
C LEU C 723 26.92 15.20 -6.11
N SER C 724 27.70 15.22 -7.18
CA SER C 724 27.78 16.35 -8.08
C SER C 724 26.54 16.45 -8.96
N GLN C 725 26.35 17.63 -9.55
CA GLN C 725 25.49 17.72 -10.72
C GLN C 725 26.11 17.09 -11.94
N ARG C 726 27.40 16.74 -11.88
CA ARG C 726 28.07 16.05 -12.98
C ARG C 726 27.47 14.68 -13.24
N LEU C 727 26.74 14.13 -12.28
CA LEU C 727 26.01 12.88 -12.47
C LEU C 727 24.58 13.10 -12.92
N VAL C 728 24.14 14.34 -13.05
CA VAL C 728 22.85 14.68 -13.62
C VAL C 728 22.98 15.13 -15.07
N GLN C 729 23.91 16.05 -15.33
CA GLN C 729 24.08 16.60 -16.66
C GLN C 729 24.81 15.67 -17.62
N ASP C 730 25.54 14.68 -17.09
CA ASP C 730 26.19 13.69 -17.93
C ASP C 730 25.39 12.42 -18.04
N ASP C 731 24.18 12.38 -17.46
CA ASP C 731 23.28 11.23 -17.50
C ASP C 731 23.98 9.98 -16.97
N VAL C 732 24.65 10.13 -15.82
CA VAL C 732 25.42 9.01 -15.26
C VAL C 732 24.51 8.05 -14.52
N LEU C 733 23.84 8.53 -13.47
CA LEU C 733 22.96 7.70 -12.65
C LEU C 733 21.52 8.06 -13.00
N SER C 734 21.00 7.40 -14.02
CA SER C 734 19.58 7.53 -14.38
C SER C 734 19.13 6.21 -15.00
N SER C 735 17.83 5.96 -14.95
CA SER C 735 17.31 4.68 -15.40
C SER C 735 15.96 4.89 -16.07
N ILE C 736 15.58 3.94 -16.92
CA ILE C 736 14.29 3.94 -17.58
C ILE C 736 13.31 3.16 -16.73
N HIS C 737 12.15 3.75 -16.46
CA HIS C 737 11.13 3.15 -15.59
C HIS C 737 9.81 3.09 -16.34
N ILE C 738 9.45 1.89 -16.79
CA ILE C 738 8.22 1.68 -17.55
C ILE C 738 7.15 1.19 -16.58
N GLU C 739 6.08 1.98 -16.45
CA GLU C 739 5.00 1.65 -15.54
C GLU C 739 3.77 1.24 -16.33
N GLU C 740 3.15 0.13 -15.95
CA GLU C 740 2.03 -0.46 -16.66
C GLU C 740 0.78 -0.40 -15.80
N HIS C 741 -0.30 0.10 -16.38
CA HIS C 741 -1.61 0.05 -15.74
C HIS C 741 -2.68 0.12 -16.81
N GLU C 742 -3.70 -0.73 -16.66
CA GLU C 742 -4.66 -1.06 -17.70
C GLU C 742 -6.08 -0.90 -17.17
N VAL C 743 -7.03 -0.87 -18.11
CA VAL C 743 -8.44 -0.89 -17.77
C VAL C 743 -9.14 -1.71 -18.85
N ASP C 744 -10.29 -2.28 -18.51
CA ASP C 744 -11.05 -3.12 -19.44
C ASP C 744 -12.52 -2.71 -19.46
N ALA C 745 -13.18 -3.01 -20.58
CA ALA C 745 -14.57 -2.66 -20.79
C ALA C 745 -15.43 -3.92 -20.68
N ARG C 746 -16.49 -3.84 -19.88
CA ARG C 746 -17.27 -5.00 -19.49
C ARG C 746 -18.76 -4.72 -19.68
N ASP C 747 -19.51 -5.78 -19.99
CA ASP C 747 -20.97 -5.69 -20.13
C ASP C 747 -21.60 -6.04 -18.79
N THR C 748 -21.95 -5.03 -18.02
CA THR C 748 -22.58 -5.23 -16.72
C THR C 748 -24.10 -5.23 -16.90
N LYS C 749 -24.83 -5.16 -15.78
CA LYS C 749 -26.29 -5.28 -15.81
C LYS C 749 -26.94 -4.12 -16.55
N LEU C 750 -26.48 -2.89 -16.31
CA LEU C 750 -27.10 -1.74 -16.97
C LEU C 750 -26.75 -1.70 -18.45
N GLY C 751 -25.53 -2.08 -18.81
CA GLY C 751 -25.10 -2.09 -20.19
C GLY C 751 -23.59 -2.19 -20.29
N PRO C 752 -23.08 -2.28 -21.51
CA PRO C 752 -21.62 -2.35 -21.68
C PRO C 752 -20.99 -0.97 -21.78
N GLU C 753 -19.95 -0.71 -20.99
CA GLU C 753 -19.19 0.50 -21.17
C GLU C 753 -18.34 0.40 -22.44
N GLU C 754 -18.14 1.53 -23.09
CA GLU C 754 -17.38 1.58 -24.33
C GLU C 754 -16.16 2.48 -24.18
N ILE C 755 -15.10 2.12 -24.88
CA ILE C 755 -13.96 3.02 -25.05
C ILE C 755 -14.25 3.93 -26.24
N THR C 756 -14.13 5.24 -26.04
CA THR C 756 -14.59 6.20 -27.03
C THR C 756 -13.86 7.52 -26.84
N ARG C 757 -14.31 8.53 -27.58
CA ARG C 757 -13.73 9.86 -27.60
C ARG C 757 -14.58 10.89 -26.86
N ASP C 758 -15.90 10.82 -26.99
CA ASP C 758 -16.80 11.86 -26.46
C ASP C 758 -16.93 11.71 -24.95
N ILE C 759 -15.89 12.16 -24.25
CA ILE C 759 -15.93 12.22 -22.79
C ILE C 759 -16.85 13.36 -22.36
N PRO C 760 -17.82 13.12 -21.47
CA PRO C 760 -18.78 14.16 -21.13
C PRO C 760 -18.18 15.25 -20.25
N ASN C 761 -18.71 16.46 -20.41
CA ASN C 761 -18.56 17.54 -19.44
C ASN C 761 -17.10 17.93 -19.23
N VAL C 762 -16.30 17.82 -20.28
CA VAL C 762 -14.88 18.11 -20.20
C VAL C 762 -14.51 19.02 -21.37
N SER C 763 -13.46 19.81 -21.18
CA SER C 763 -12.99 20.71 -22.21
C SER C 763 -12.38 19.92 -23.37
N GLU C 764 -12.38 20.54 -24.55
CA GLU C 764 -11.83 19.88 -25.73
C GLU C 764 -10.32 19.77 -25.66
N GLU C 765 -9.67 20.63 -24.87
CA GLU C 765 -8.21 20.60 -24.78
C GLU C 765 -7.72 19.35 -24.05
N VAL C 766 -8.51 18.83 -23.12
CA VAL C 766 -8.12 17.61 -22.40
C VAL C 766 -8.06 16.44 -23.35
N LEU C 767 -9.02 16.35 -24.27
CA LEU C 767 -9.08 15.25 -25.24
C LEU C 767 -8.35 15.57 -26.54
N ALA C 768 -7.34 16.45 -26.49
CA ALA C 768 -6.63 16.82 -27.71
C ALA C 768 -5.67 15.74 -28.18
N ASP C 769 -5.25 14.85 -27.28
CA ASP C 769 -4.23 13.85 -27.59
C ASP C 769 -4.81 12.43 -27.66
N LEU C 770 -6.09 12.31 -28.03
CA LEU C 770 -6.73 11.02 -28.19
C LEU C 770 -6.86 10.66 -29.66
N ASP C 771 -7.00 9.36 -29.92
CA ASP C 771 -7.25 8.89 -31.28
C ASP C 771 -8.75 8.81 -31.52
N GLU C 772 -9.14 8.21 -32.65
CA GLU C 772 -10.56 8.11 -32.98
C GLU C 772 -11.25 7.07 -32.11
N ARG C 773 -10.57 5.98 -31.79
CA ARG C 773 -11.16 4.90 -31.01
C ARG C 773 -11.01 5.11 -29.51
N GLY C 774 -10.40 6.22 -29.08
CA GLY C 774 -10.28 6.51 -27.67
C GLY C 774 -8.98 6.06 -27.05
N ILE C 775 -7.91 6.09 -27.84
CA ILE C 775 -6.59 5.63 -27.42
C ILE C 775 -5.65 6.82 -27.48
N ILE C 776 -4.84 7.01 -26.43
CA ILE C 776 -3.84 8.06 -26.47
C ILE C 776 -2.77 7.71 -27.50
N ARG C 777 -2.22 8.74 -28.14
CA ARG C 777 -1.21 8.53 -29.17
C ARG C 777 0.07 7.99 -28.56
N ILE C 778 0.80 7.21 -29.35
CA ILE C 778 2.11 6.73 -28.92
C ILE C 778 3.08 7.90 -28.93
N GLY C 779 3.66 8.19 -27.77
CA GLY C 779 4.57 9.32 -27.65
C GLY C 779 3.95 10.58 -27.11
N ALA C 780 2.74 10.53 -26.58
CA ALA C 780 2.08 11.69 -26.02
C ALA C 780 2.56 11.91 -24.59
N GLU C 781 3.08 13.09 -24.31
CA GLU C 781 3.52 13.41 -22.96
C GLU C 781 2.32 13.49 -22.03
N VAL C 782 2.39 12.78 -20.91
CA VAL C 782 1.29 12.74 -19.96
C VAL C 782 1.76 13.29 -18.63
N VAL C 783 0.80 13.74 -17.83
CA VAL C 783 1.03 14.28 -16.50
C VAL C 783 -0.01 13.68 -15.56
N ALA C 784 0.02 14.13 -14.30
CA ALA C 784 -0.93 13.66 -13.31
C ALA C 784 -2.34 14.12 -13.65
N GLY C 785 -3.29 13.20 -13.60
CA GLY C 785 -4.68 13.51 -13.88
C GLY C 785 -5.05 13.57 -15.34
N ASP C 786 -4.13 13.28 -16.25
CA ASP C 786 -4.45 13.33 -17.66
C ASP C 786 -5.15 12.05 -18.10
N ILE C 787 -5.76 12.13 -19.28
CA ILE C 787 -6.57 11.03 -19.82
C ILE C 787 -5.71 10.18 -20.74
N LEU C 788 -5.81 8.85 -20.59
CA LEU C 788 -5.11 7.92 -21.46
C LEU C 788 -6.06 7.19 -22.39
N VAL C 789 -7.08 6.53 -21.86
CA VAL C 789 -8.10 5.87 -22.66
C VAL C 789 -9.47 6.28 -22.13
N GLY C 790 -10.36 6.66 -23.05
CA GLY C 790 -11.64 7.21 -22.65
C GLY C 790 -12.76 6.19 -22.59
N LYS C 791 -13.06 5.71 -21.39
CA LYS C 791 -14.13 4.74 -21.16
C LYS C 791 -15.25 5.43 -20.41
N VAL C 792 -16.49 5.23 -20.87
CA VAL C 792 -17.66 5.90 -20.33
C VAL C 792 -18.60 4.86 -19.72
N THR C 793 -18.98 5.08 -18.46
CA THR C 793 -19.87 4.16 -17.77
C THR C 793 -21.29 4.28 -18.34
N PRO C 794 -21.92 3.18 -18.76
CA PRO C 794 -23.18 3.30 -19.50
C PRO C 794 -24.31 3.95 -18.72
N LYS C 795 -24.39 3.73 -17.41
CA LYS C 795 -25.50 4.28 -16.64
C LYS C 795 -25.14 4.34 -15.16
N GLY C 796 -25.50 5.44 -14.52
CA GLY C 796 -25.48 5.56 -13.08
C GLY C 796 -26.86 5.97 -12.58
N GLU C 797 -27.11 5.81 -11.28
CA GLU C 797 -28.43 6.14 -10.74
C GLU C 797 -28.71 7.63 -10.85
N THR C 798 -29.87 7.97 -11.40
CA THR C 798 -30.25 9.34 -11.69
C THR C 798 -31.31 9.81 -10.69
N GLU C 799 -30.90 10.64 -9.74
CA GLU C 799 -31.81 11.32 -8.81
C GLU C 799 -31.41 12.79 -8.83
N LEU C 800 -31.96 13.53 -9.78
CA LEU C 800 -31.54 14.91 -10.01
C LEU C 800 -32.28 15.85 -9.07
N THR C 801 -31.53 16.66 -8.34
CA THR C 801 -32.11 17.70 -7.51
C THR C 801 -32.66 18.80 -8.41
N PRO C 802 -33.64 19.57 -7.93
CA PRO C 802 -34.17 20.68 -8.74
C PRO C 802 -33.12 21.71 -9.11
N GLU C 803 -32.13 21.96 -8.25
CA GLU C 803 -31.05 22.87 -8.59
C GLU C 803 -30.24 22.34 -9.76
N GLU C 804 -29.86 21.06 -9.71
CA GLU C 804 -29.15 20.46 -10.84
C GLU C 804 -30.04 20.37 -12.07
N ARG C 805 -31.35 20.16 -11.87
CA ARG C 805 -32.27 20.12 -13.00
C ARG C 805 -32.33 21.46 -13.72
N LEU C 806 -32.43 22.55 -12.97
CA LEU C 806 -32.48 23.86 -13.61
C LEU C 806 -31.13 24.24 -14.19
N LEU C 807 -30.02 23.81 -13.57
CA LEU C 807 -28.71 24.05 -14.16
C LEU C 807 -28.56 23.31 -15.49
N ARG C 808 -29.04 22.07 -15.55
CA ARG C 808 -29.04 21.30 -16.79
C ARG C 808 -29.92 21.98 -17.84
N ALA C 809 -31.06 22.54 -17.40
CA ALA C 809 -31.92 23.27 -18.33
C ALA C 809 -31.22 24.51 -18.87
N ILE C 810 -30.44 25.18 -18.02
CA ILE C 810 -29.69 26.36 -18.47
C ILE C 810 -28.64 25.98 -19.49
N PHE C 811 -27.83 24.96 -19.18
CA PHE C 811 -26.70 24.67 -20.06
C PHE C 811 -27.03 23.67 -21.15
N GLY C 812 -27.89 22.70 -20.87
CA GLY C 812 -28.14 21.62 -21.81
C GLY C 812 -27.13 20.50 -21.63
N GLU C 813 -27.63 19.31 -21.30
CA GLU C 813 -26.71 18.18 -21.01
C GLU C 813 -26.87 17.11 -22.09
N LYS C 814 -25.83 16.31 -22.32
CA LYS C 814 -25.88 15.27 -23.38
C LYS C 814 -26.97 14.28 -23.03
N ALA C 815 -27.74 13.79 -24.01
CA ALA C 815 -28.90 12.93 -23.69
C ALA C 815 -28.54 11.53 -23.17
N ARG C 816 -27.37 11.00 -23.51
CA ARG C 816 -27.03 9.69 -22.92
C ARG C 816 -26.45 9.95 -21.53
N GLU C 817 -26.96 9.25 -20.52
CA GLU C 817 -26.48 9.53 -19.15
C GLU C 817 -25.26 8.65 -18.89
N VAL C 818 -24.06 9.24 -18.87
CA VAL C 818 -22.81 8.43 -18.72
C VAL C 818 -21.97 9.03 -17.59
N ARG C 819 -21.12 8.22 -16.95
CA ARG C 819 -20.30 8.69 -15.84
C ARG C 819 -18.83 8.56 -16.23
N ASP C 820 -18.03 9.54 -15.80
CA ASP C 820 -16.64 9.62 -16.23
C ASP C 820 -15.81 8.71 -15.32
N THR C 821 -15.65 7.46 -15.74
CA THR C 821 -14.79 6.49 -15.06
C THR C 821 -13.69 6.01 -15.99
N SER C 822 -13.21 6.89 -16.86
CA SER C 822 -12.13 6.57 -17.77
C SER C 822 -10.81 6.48 -17.02
N LEU C 823 -9.82 5.87 -17.68
CA LEU C 823 -8.53 5.65 -17.04
C LEU C 823 -7.71 6.93 -17.07
N LYS C 824 -7.26 7.37 -15.90
CA LYS C 824 -6.44 8.56 -15.76
C LYS C 824 -5.13 8.20 -15.08
N VAL C 825 -4.11 9.00 -15.37
CA VAL C 825 -2.79 8.81 -14.77
C VAL C 825 -2.88 9.09 -13.27
N PRO C 826 -2.34 8.23 -12.41
CA PRO C 826 -2.37 8.50 -10.97
C PRO C 826 -1.55 9.72 -10.60
N HIS C 827 -1.71 10.16 -9.36
CA HIS C 827 -1.05 11.36 -8.89
C HIS C 827 0.46 11.18 -8.83
N GLY C 828 1.18 12.24 -9.16
CA GLY C 828 2.64 12.21 -9.07
C GLY C 828 3.31 11.25 -10.04
N GLU C 829 2.86 11.23 -11.29
CA GLU C 829 3.44 10.33 -12.28
C GLU C 829 3.51 11.05 -13.62
N ILE C 830 4.68 10.97 -14.26
CA ILE C 830 4.90 11.60 -15.56
C ILE C 830 5.56 10.56 -16.46
N GLY C 831 5.37 10.69 -17.77
CA GLY C 831 6.04 9.78 -18.68
C GLY C 831 5.56 9.97 -20.10
N LYS C 832 6.18 9.22 -20.99
CA LYS C 832 5.82 9.18 -22.40
C LYS C 832 5.12 7.86 -22.70
N VAL C 833 4.00 7.92 -23.41
CA VAL C 833 3.29 6.70 -23.78
C VAL C 833 4.11 6.01 -24.88
N ILE C 834 4.74 4.89 -24.55
CA ILE C 834 5.66 4.23 -25.46
C ILE C 834 5.05 3.05 -26.18
N GLY C 835 3.89 2.57 -25.75
CA GLY C 835 3.28 1.42 -26.40
C GLY C 835 1.89 1.15 -25.88
N VAL C 836 0.96 0.82 -26.78
CA VAL C 836 -0.41 0.53 -26.41
C VAL C 836 -0.80 -0.82 -26.99
N ARG C 837 -1.54 -1.59 -26.21
CA ARG C 837 -2.04 -2.89 -26.62
C ARG C 837 -3.54 -2.95 -26.38
N VAL C 838 -4.29 -3.27 -27.42
CA VAL C 838 -5.75 -3.29 -27.38
C VAL C 838 -6.22 -4.71 -27.70
N PHE C 839 -7.05 -5.27 -26.83
CA PHE C 839 -7.67 -6.57 -27.04
C PHE C 839 -9.18 -6.41 -27.16
N ASP C 840 -9.78 -7.16 -28.09
CA ASP C 840 -11.20 -7.04 -28.38
C ASP C 840 -11.85 -8.41 -28.32
N ARG C 841 -13.06 -8.47 -27.75
CA ARG C 841 -13.81 -9.72 -27.71
C ARG C 841 -14.28 -10.10 -29.10
N GLU C 842 -14.66 -9.12 -29.91
CA GLU C 842 -15.15 -9.38 -31.27
C GLU C 842 -14.06 -9.95 -32.18
N GLU C 843 -12.79 -9.76 -31.84
CA GLU C 843 -11.70 -10.36 -32.60
C GLU C 843 -11.46 -11.78 -32.09
N GLY C 844 -10.43 -12.43 -32.62
CA GLY C 844 -10.09 -13.77 -32.20
C GLY C 844 -9.32 -13.86 -30.91
N ASP C 845 -8.99 -12.72 -30.29
CA ASP C 845 -8.25 -12.74 -29.04
C ASP C 845 -9.12 -13.19 -27.89
N GLU C 846 -8.55 -13.98 -26.99
CA GLU C 846 -9.27 -14.48 -25.84
C GLU C 846 -9.35 -13.42 -24.76
N LEU C 847 -10.49 -13.37 -24.07
CA LEU C 847 -10.72 -12.44 -22.99
C LEU C 847 -11.41 -13.15 -21.84
N PRO C 848 -11.26 -12.66 -20.62
CA PRO C 848 -12.02 -13.21 -19.49
C PRO C 848 -13.51 -12.99 -19.68
N PRO C 849 -14.36 -13.81 -19.08
CA PRO C 849 -15.81 -13.66 -19.27
C PRO C 849 -16.31 -12.33 -18.76
N GLY C 850 -17.28 -11.78 -19.48
CA GLY C 850 -17.89 -10.50 -19.14
C GLY C 850 -17.32 -9.29 -19.84
N VAL C 851 -15.99 -9.22 -19.98
CA VAL C 851 -15.37 -8.05 -20.58
C VAL C 851 -15.48 -8.13 -22.10
N ASN C 852 -15.37 -6.98 -22.74
CA ASN C 852 -15.44 -6.86 -24.18
C ASN C 852 -14.22 -6.20 -24.81
N GLN C 853 -13.70 -5.15 -24.18
CA GLN C 853 -12.51 -4.47 -24.66
C GLN C 853 -11.51 -4.33 -23.51
N LEU C 854 -10.25 -4.63 -23.79
CA LEU C 854 -9.17 -4.51 -22.83
C LEU C 854 -8.03 -3.73 -23.47
N VAL C 855 -7.57 -2.69 -22.80
CA VAL C 855 -6.52 -1.82 -23.32
C VAL C 855 -5.38 -1.75 -22.31
N ARG C 856 -4.16 -1.85 -22.80
CA ARG C 856 -2.95 -1.70 -22.00
C ARG C 856 -2.15 -0.53 -22.53
N VAL C 857 -1.72 0.35 -21.63
CA VAL C 857 -0.94 1.53 -22.00
C VAL C 857 0.33 1.55 -21.17
N TYR C 858 1.48 1.56 -21.83
CA TYR C 858 2.77 1.66 -21.16
C TYR C 858 3.23 3.10 -21.16
N VAL C 859 3.61 3.61 -20.00
CA VAL C 859 4.18 4.95 -19.86
C VAL C 859 5.58 4.80 -19.27
N ALA C 860 6.56 5.46 -19.90
CA ALA C 860 7.95 5.35 -19.50
C ALA C 860 8.50 6.72 -19.18
N GLN C 861 9.23 6.81 -18.06
CA GLN C 861 9.91 8.04 -17.68
C GLN C 861 11.38 7.73 -17.44
N LYS C 862 12.23 8.71 -17.73
CA LYS C 862 13.67 8.60 -17.52
C LYS C 862 13.98 9.31 -16.21
N ARG C 863 13.83 8.58 -15.10
CA ARG C 863 14.03 9.17 -13.79
C ARG C 863 15.49 9.49 -13.57
N LYS C 864 15.78 10.76 -13.32
CA LYS C 864 17.12 11.20 -12.98
C LYS C 864 17.34 11.13 -11.48
N ILE C 865 18.62 11.19 -11.09
CA ILE C 865 18.95 11.16 -9.67
C ILE C 865 18.54 12.50 -9.04
N THR C 866 18.10 12.44 -7.79
CA THR C 866 17.60 13.63 -7.10
C THR C 866 17.67 13.40 -5.60
N ASP C 867 17.15 14.38 -4.85
CA ASP C 867 17.08 14.26 -3.40
C ASP C 867 16.24 13.04 -3.01
N GLY C 868 16.70 12.33 -1.99
CA GLY C 868 15.94 11.24 -1.43
C GLY C 868 16.14 9.90 -2.11
N ASP C 869 16.85 9.84 -3.23
CA ASP C 869 17.18 8.57 -3.83
C ASP C 869 18.18 7.83 -2.95
N LYS C 870 18.07 6.51 -2.93
CA LYS C 870 18.88 5.67 -2.07
C LYS C 870 20.02 5.06 -2.89
N LEU C 871 21.25 5.37 -2.52
CA LEU C 871 22.44 4.83 -3.15
C LEU C 871 23.20 3.94 -2.19
N ALA C 872 24.06 3.08 -2.74
CA ALA C 872 24.78 2.13 -1.93
C ALA C 872 26.04 1.68 -2.66
N GLY C 873 27.00 1.21 -1.90
CA GLY C 873 28.17 0.54 -2.45
C GLY C 873 27.93 -0.95 -2.49
N ARG C 874 29.03 -1.70 -2.54
CA ARG C 874 28.96 -3.15 -2.48
C ARG C 874 29.19 -3.70 -1.08
N HIS C 875 29.82 -2.93 -0.20
CA HIS C 875 30.23 -3.40 1.12
C HIS C 875 29.20 -3.07 2.20
N GLY C 876 27.94 -2.95 1.83
CA GLY C 876 26.92 -2.68 2.81
C GLY C 876 26.77 -1.23 3.21
N ASN C 877 27.60 -0.33 2.69
CA ASN C 877 27.39 1.09 2.91
C ASN C 877 26.23 1.56 2.07
N LYS C 878 25.40 2.42 2.64
CA LYS C 878 24.19 2.87 1.98
C LYS C 878 23.80 4.23 2.54
N GLY C 879 22.91 4.90 1.81
CA GLY C 879 22.42 6.17 2.30
C GLY C 879 21.60 6.94 1.29
N VAL C 880 20.64 7.73 1.77
CA VAL C 880 19.85 8.59 0.89
C VAL C 880 20.73 9.74 0.43
N ILE C 881 20.26 10.48 -0.56
CA ILE C 881 21.02 11.58 -1.14
C ILE C 881 20.46 12.89 -0.59
N SER C 882 21.34 13.72 -0.03
CA SER C 882 20.89 14.92 0.66
C SER C 882 21.14 16.20 -0.10
N LYS C 883 22.09 16.23 -1.04
CA LYS C 883 22.37 17.46 -1.77
C LYS C 883 23.08 17.12 -3.07
N ILE C 884 22.49 17.52 -4.20
CA ILE C 884 23.16 17.46 -5.48
C ILE C 884 23.85 18.80 -5.68
N ASN C 885 25.14 18.84 -5.38
CA ASN C 885 25.92 20.05 -5.47
C ASN C 885 26.15 20.46 -6.91
N PRO C 886 26.41 21.73 -7.17
CA PRO C 886 26.96 22.12 -8.48
C PRO C 886 28.37 21.57 -8.64
N ILE C 887 28.82 21.53 -9.89
CA ILE C 887 30.13 20.97 -10.20
C ILE C 887 31.23 21.78 -9.53
N GLU C 888 31.12 23.11 -9.58
CA GLU C 888 32.17 23.98 -9.05
C GLU C 888 32.24 23.95 -7.54
N ASP C 889 31.19 23.52 -6.85
CA ASP C 889 31.21 23.47 -5.40
C ASP C 889 31.97 22.26 -4.85
N MET C 890 32.27 21.29 -5.70
CA MET C 890 32.89 20.07 -5.22
C MET C 890 34.38 20.28 -4.95
N PRO C 891 34.93 19.60 -3.95
CA PRO C 891 36.38 19.65 -3.73
C PRO C 891 37.14 18.98 -4.86
N PHE C 892 37.83 19.77 -5.66
CA PHE C 892 38.53 19.24 -6.81
C PHE C 892 39.96 18.85 -6.46
N LEU C 893 40.55 18.01 -7.29
CA LEU C 893 41.89 17.50 -7.06
C LEU C 893 42.94 18.53 -7.46
N GLU C 894 44.19 18.11 -7.56
CA GLU C 894 45.25 19.04 -7.92
C GLU C 894 45.20 19.47 -9.38
N ASP C 895 44.44 18.77 -10.23
CA ASP C 895 44.35 19.11 -11.65
C ASP C 895 42.98 19.61 -12.05
N GLY C 896 42.14 19.97 -11.08
CA GLY C 896 40.83 20.48 -11.40
C GLY C 896 39.78 19.43 -11.69
N THR C 897 39.97 18.21 -11.20
CA THR C 897 38.98 17.16 -11.35
C THR C 897 38.10 17.13 -10.11
N PRO C 898 36.83 17.53 -10.19
CA PRO C 898 35.98 17.48 -9.01
C PRO C 898 35.60 16.05 -8.68
N VAL C 899 35.42 15.80 -7.40
CA VAL C 899 34.95 14.49 -6.96
C VAL C 899 33.46 14.36 -7.25
N ASP C 900 33.04 13.16 -7.62
CA ASP C 900 31.67 12.92 -8.02
C ASP C 900 30.77 12.51 -6.86
N ILE C 901 31.32 12.16 -5.71
CA ILE C 901 30.52 11.73 -4.58
C ILE C 901 31.33 11.96 -3.31
N ILE C 902 30.66 12.46 -2.27
CA ILE C 902 31.30 12.80 -1.00
C ILE C 902 30.70 11.92 0.08
N LEU C 903 31.56 11.25 0.85
CA LEU C 903 31.12 10.30 1.85
C LEU C 903 31.59 10.70 3.24
N ASN C 904 30.80 10.35 4.23
CA ASN C 904 31.21 10.51 5.61
C ASN C 904 32.24 9.43 5.96
N PRO C 905 33.44 9.79 6.40
CA PRO C 905 34.40 8.77 6.83
C PRO C 905 34.14 8.23 8.22
N LEU C 906 33.14 8.77 8.91
CA LEU C 906 32.75 8.26 10.23
C LEU C 906 32.14 6.87 10.13
N ALA C 907 31.72 6.45 8.94
CA ALA C 907 30.96 5.21 8.81
C ALA C 907 31.87 3.98 8.97
N VAL C 908 33.08 4.01 8.40
CA VAL C 908 33.86 2.78 8.27
C VAL C 908 34.42 2.23 9.58
N PRO C 909 34.78 3.02 10.61
CA PRO C 909 35.23 2.34 11.83
C PRO C 909 34.09 1.73 12.62
N SER C 910 32.97 2.43 12.76
CA SER C 910 31.86 1.90 13.53
C SER C 910 31.18 0.75 12.79
N ARG C 911 30.87 0.94 11.50
CA ARG C 911 30.24 -0.11 10.73
C ARG C 911 31.19 -1.27 10.45
N MET C 912 32.50 -1.04 10.55
CA MET C 912 33.53 -2.10 10.54
C MET C 912 33.58 -2.76 9.16
N ASN C 913 33.68 -1.94 8.12
CA ASN C 913 33.89 -2.44 6.75
C ASN C 913 35.02 -1.65 6.09
N PRO C 914 36.26 -1.85 6.54
CA PRO C 914 37.38 -1.16 5.89
C PRO C 914 37.78 -1.75 4.56
N GLY C 915 37.01 -2.70 4.03
CA GLY C 915 37.31 -3.23 2.71
C GLY C 915 37.00 -2.26 1.59
N GLN C 916 36.10 -1.31 1.81
CA GLN C 916 35.77 -0.38 0.74
C GLN C 916 36.86 0.67 0.56
N VAL C 917 37.61 0.97 1.62
CA VAL C 917 38.77 1.84 1.47
C VAL C 917 39.83 1.18 0.58
N LEU C 918 40.04 -0.12 0.78
CA LEU C 918 40.85 -0.89 -0.16
C LEU C 918 40.27 -0.83 -1.56
N GLU C 919 38.94 -0.85 -1.65
CA GLU C 919 38.28 -0.82 -2.95
C GLU C 919 38.49 0.52 -3.65
N ILE C 920 38.41 1.64 -2.92
CA ILE C 920 38.62 2.92 -3.58
C ILE C 920 40.09 3.09 -3.96
N HIS C 921 41.02 2.57 -3.15
CA HIS C 921 42.43 2.65 -3.53
C HIS C 921 42.71 1.85 -4.78
N LEU C 922 42.15 0.64 -4.88
CA LEU C 922 42.37 -0.16 -6.09
C LEU C 922 41.61 0.41 -7.28
N GLY C 923 40.49 1.09 -7.04
CA GLY C 923 39.83 1.79 -8.14
C GLY C 923 40.67 2.92 -8.69
N TRP C 924 41.31 3.68 -7.80
CA TRP C 924 42.23 4.72 -8.27
C TRP C 924 43.39 4.12 -9.03
N LEU C 925 43.93 2.99 -8.57
CA LEU C 925 45.01 2.35 -9.31
C LEU C 925 44.54 1.80 -10.66
N ALA C 926 43.30 1.35 -10.75
CA ALA C 926 42.81 0.83 -12.02
C ALA C 926 42.44 1.94 -12.99
N SER C 927 42.20 3.16 -12.51
CA SER C 927 41.98 4.27 -13.43
C SER C 927 43.26 4.68 -14.13
N ARG C 928 44.26 5.09 -13.37
CA ARG C 928 45.58 5.42 -13.90
C ARG C 928 46.47 4.21 -13.69
N GLY C 929 46.83 3.55 -14.79
CA GLY C 929 47.58 2.30 -14.72
C GLY C 929 48.94 2.39 -14.07
N TRP C 930 49.59 1.25 -13.88
CA TRP C 930 50.89 1.23 -13.23
C TRP C 930 51.90 0.51 -14.11
N ASP C 931 53.15 0.92 -14.01
CA ASP C 931 54.25 0.34 -14.76
C ASP C 931 55.27 -0.17 -13.76
N VAL C 932 55.14 -1.44 -13.39
CA VAL C 932 56.09 -2.10 -12.50
C VAL C 932 56.85 -3.12 -13.34
N SER C 933 58.16 -2.97 -13.43
CA SER C 933 58.99 -3.86 -14.22
C SER C 933 60.42 -3.74 -13.71
N GLY C 934 60.96 -4.84 -13.19
CA GLY C 934 62.32 -4.82 -12.69
C GLY C 934 62.48 -4.09 -11.37
N LEU C 935 61.41 -3.91 -10.61
CA LEU C 935 61.53 -3.26 -9.31
C LEU C 935 62.21 -4.15 -8.28
N ALA C 936 62.32 -5.45 -8.56
CA ALA C 936 63.06 -6.41 -7.74
C ALA C 936 62.58 -6.46 -6.29
N GLU C 937 61.27 -6.32 -6.09
CA GLU C 937 60.66 -6.46 -4.77
C GLU C 937 59.71 -7.64 -4.78
N GLU C 938 59.27 -8.02 -3.58
CA GLU C 938 58.43 -9.20 -3.44
C GLU C 938 57.07 -9.01 -4.11
N TRP C 939 56.42 -7.88 -3.86
CA TRP C 939 55.14 -7.62 -4.51
C TRP C 939 55.33 -7.34 -5.99
N ALA C 940 56.45 -6.70 -6.37
CA ALA C 940 56.74 -6.50 -7.78
C ALA C 940 56.94 -7.83 -8.49
N GLN C 941 57.67 -8.77 -7.86
CA GLN C 941 57.86 -10.08 -8.47
C GLN C 941 56.56 -10.85 -8.55
N ARG C 942 55.71 -10.74 -7.52
CA ARG C 942 54.41 -11.42 -7.54
C ARG C 942 53.53 -10.87 -8.67
N LEU C 943 53.52 -9.55 -8.85
CA LEU C 943 52.75 -8.98 -9.94
C LEU C 943 53.36 -9.31 -11.30
N GLN C 944 54.68 -9.47 -11.38
CA GLN C 944 55.30 -9.84 -12.64
C GLN C 944 54.93 -11.27 -13.03
N VAL C 945 54.99 -12.20 -12.07
CA VAL C 945 54.68 -13.59 -12.40
C VAL C 945 53.18 -13.78 -12.61
N ILE C 946 52.35 -13.00 -11.90
CA ILE C 946 50.90 -13.09 -12.10
C ILE C 946 50.51 -12.51 -13.44
N GLY C 947 51.05 -11.35 -13.78
CA GLY C 947 50.69 -10.63 -15.00
C GLY C 947 50.16 -9.24 -14.77
N ALA C 948 50.00 -8.79 -13.53
CA ALA C 948 49.52 -7.45 -13.22
C ALA C 948 50.68 -6.46 -13.06
N ASP C 949 51.57 -6.43 -14.04
CA ASP C 949 52.73 -5.55 -14.01
C ASP C 949 52.70 -4.44 -15.04
N LYS C 950 52.17 -4.71 -16.23
CA LYS C 950 52.00 -3.70 -17.27
C LYS C 950 50.50 -3.53 -17.50
N VAL C 951 49.94 -2.44 -16.99
CA VAL C 951 48.51 -2.21 -17.04
C VAL C 951 48.28 -0.81 -17.61
N GLU C 952 47.53 -0.74 -18.71
CA GLU C 952 47.17 0.53 -19.30
C GLU C 952 46.16 1.25 -18.42
N PRO C 953 46.09 2.57 -18.50
CA PRO C 953 45.10 3.31 -17.71
C PRO C 953 43.68 2.95 -18.16
N GLY C 954 42.82 2.71 -17.17
CA GLY C 954 41.41 2.45 -17.41
C GLY C 954 41.00 1.00 -17.47
N THR C 955 41.94 0.07 -17.56
CA THR C 955 41.59 -1.34 -17.65
C THR C 955 41.08 -1.86 -16.31
N ASN C 956 40.06 -2.71 -16.37
CA ASN C 956 39.44 -3.23 -15.16
C ASN C 956 40.35 -4.24 -14.47
N VAL C 957 40.36 -4.21 -13.15
CA VAL C 957 41.16 -5.13 -12.35
C VAL C 957 40.25 -6.19 -11.75
N ALA C 958 40.84 -7.32 -11.37
CA ALA C 958 40.10 -8.43 -10.82
C ALA C 958 40.77 -8.91 -9.54
N THR C 959 40.07 -8.76 -8.42
CA THR C 959 40.47 -9.39 -7.17
C THR C 959 39.47 -10.49 -6.84
N PRO C 960 39.87 -11.76 -6.84
CA PRO C 960 38.97 -12.82 -6.39
C PRO C 960 38.62 -12.63 -4.92
N VAL C 961 37.52 -13.25 -4.51
CA VAL C 961 36.88 -12.88 -3.25
C VAL C 961 37.75 -13.23 -2.05
N PHE C 962 38.66 -14.20 -2.20
CA PHE C 962 39.59 -14.52 -1.12
C PHE C 962 41.02 -14.68 -1.61
N ASP C 963 41.32 -14.26 -2.84
CA ASP C 963 42.68 -14.25 -3.37
C ASP C 963 43.10 -12.85 -3.79
N GLY C 964 42.49 -11.82 -3.21
CA GLY C 964 42.61 -10.48 -3.72
C GLY C 964 43.99 -9.88 -3.49
N ALA C 965 44.14 -8.67 -4.02
CA ALA C 965 45.40 -7.93 -3.88
C ALA C 965 45.65 -7.58 -2.42
N ARG C 966 46.91 -7.66 -2.02
CA ARG C 966 47.28 -7.47 -0.63
C ARG C 966 47.61 -5.99 -0.37
N GLU C 967 47.76 -5.66 0.91
CA GLU C 967 48.03 -4.28 1.30
C GLU C 967 49.36 -3.79 0.75
N ASP C 968 50.38 -4.64 0.77
CA ASP C 968 51.68 -4.27 0.23
C ASP C 968 51.60 -3.96 -1.25
N GLU C 969 50.82 -4.74 -2.00
CA GLU C 969 50.66 -4.48 -3.42
C GLU C 969 49.98 -3.14 -3.67
N LEU C 970 48.95 -2.81 -2.89
CA LEU C 970 48.29 -1.53 -3.07
C LEU C 970 49.21 -0.36 -2.75
N ALA C 971 49.99 -0.47 -1.66
CA ALA C 971 50.93 0.61 -1.34
C ALA C 971 51.99 0.77 -2.42
N GLY C 972 52.55 -0.35 -2.89
CA GLY C 972 53.59 -0.28 -3.90
C GLY C 972 53.08 0.26 -5.23
N LEU C 973 51.85 -0.11 -5.60
CA LEU C 973 51.29 0.44 -6.83
C LEU C 973 50.93 1.91 -6.67
N LEU C 974 50.54 2.33 -5.46
CA LEU C 974 50.36 3.76 -5.20
C LEU C 974 51.67 4.51 -5.36
N GLN C 975 52.80 3.85 -5.09
CA GLN C 975 54.09 4.49 -5.29
C GLN C 975 54.50 4.58 -6.76
N HIS C 976 53.88 3.82 -7.66
CA HIS C 976 54.35 3.72 -9.04
C HIS C 976 53.21 3.82 -10.03
N THR C 977 52.33 4.80 -9.85
CA THR C 977 51.28 5.06 -10.82
C THR C 977 51.85 5.81 -12.03
N ILE C 978 51.25 5.58 -13.19
CA ILE C 978 51.70 6.28 -14.40
C ILE C 978 51.34 7.75 -14.28
N PRO C 979 52.20 8.67 -14.72
CA PRO C 979 51.84 10.09 -14.66
C PRO C 979 50.77 10.45 -15.67
N ASN C 980 50.03 11.52 -15.34
CA ASN C 980 48.98 12.04 -16.21
C ASN C 980 49.40 13.33 -16.89
N ARG C 981 49.81 14.33 -16.12
CA ARG C 981 50.27 15.61 -16.65
C ARG C 981 51.42 16.10 -15.78
N ASP C 982 52.32 16.86 -16.40
CA ASP C 982 53.49 17.46 -15.76
C ASP C 982 54.46 16.43 -15.19
N GLY C 983 54.27 15.15 -15.50
CA GLY C 983 55.12 14.11 -14.96
C GLY C 983 55.06 13.98 -13.45
N GLU C 984 53.88 14.18 -12.86
CA GLU C 984 53.73 14.21 -11.41
C GLU C 984 52.45 13.46 -11.06
N ARG C 985 52.60 12.31 -10.39
CA ARG C 985 51.45 11.54 -9.96
C ARG C 985 50.73 12.27 -8.82
N MET C 986 49.42 12.06 -8.74
CA MET C 986 48.57 12.95 -7.97
C MET C 986 48.33 12.48 -6.54
N VAL C 987 48.20 11.17 -6.33
CA VAL C 987 47.90 10.62 -5.01
C VAL C 987 49.20 10.21 -4.35
N LEU C 988 49.43 10.70 -3.14
CA LEU C 988 50.65 10.41 -2.39
C LEU C 988 50.70 8.93 -2.04
N PRO C 989 51.90 8.41 -1.72
CA PRO C 989 52.01 7.00 -1.32
C PRO C 989 51.20 6.65 -0.08
N SER C 990 50.78 7.63 0.72
CA SER C 990 49.93 7.36 1.86
C SER C 990 48.51 6.98 1.46
N GLY C 991 48.15 7.11 0.18
CA GLY C 991 46.82 6.80 -0.29
C GLY C 991 45.89 7.98 -0.40
N LYS C 992 46.27 9.13 0.15
CA LYS C 992 45.46 10.33 0.14
C LYS C 992 46.04 11.33 -0.86
N ALA C 993 45.22 12.31 -1.24
CA ALA C 993 45.64 13.34 -2.17
C ALA C 993 45.23 14.70 -1.63
N ARG C 994 46.04 15.71 -1.94
CA ARG C 994 45.76 17.07 -1.47
C ARG C 994 44.56 17.61 -2.21
N LEU C 995 43.45 17.78 -1.50
CA LEU C 995 42.16 18.08 -2.09
C LEU C 995 41.83 19.54 -1.81
N PHE C 996 41.53 20.29 -2.87
CA PHE C 996 41.18 21.70 -2.73
C PHE C 996 39.73 21.82 -2.29
N ASP C 997 39.20 23.04 -2.33
CA ASP C 997 37.81 23.30 -1.99
C ASP C 997 37.15 24.08 -3.12
N GLY C 998 35.84 23.92 -3.24
CA GLY C 998 35.11 24.62 -4.29
C GLY C 998 34.49 25.91 -3.80
N ARG C 999 33.78 25.85 -2.68
CA ARG C 999 33.11 27.03 -2.14
C ARG C 999 34.10 28.06 -1.61
N SER C 1000 35.07 27.62 -0.81
CA SER C 1000 36.02 28.57 -0.23
C SER C 1000 37.19 28.84 -1.18
N GLY C 1001 37.79 27.78 -1.72
CA GLY C 1001 38.93 27.87 -2.59
C GLY C 1001 40.24 27.55 -1.92
N GLU C 1002 40.37 27.98 -0.67
CA GLU C 1002 41.61 27.67 0.07
C GLU C 1002 41.71 26.15 0.14
N PRO C 1003 42.91 25.56 0.16
CA PRO C 1003 43.03 24.12 0.23
C PRO C 1003 42.50 23.60 1.56
N PHE C 1004 41.92 22.40 1.57
CA PHE C 1004 41.50 21.80 2.86
C PHE C 1004 42.79 21.57 3.63
N PRO C 1005 42.80 21.59 4.98
CA PRO C 1005 44.08 21.55 5.70
C PRO C 1005 45.00 20.36 5.45
N GLU C 1006 44.48 19.14 5.36
CA GLU C 1006 45.36 17.94 5.22
C GLU C 1006 44.82 17.04 4.11
N PRO C 1007 45.59 16.11 3.54
CA PRO C 1007 45.10 15.32 2.41
C PRO C 1007 43.86 14.49 2.74
N ILE C 1008 42.91 14.38 1.81
CA ILE C 1008 41.64 13.62 2.03
C ILE C 1008 41.65 12.42 1.12
N SER C 1009 41.27 11.23 1.61
CA SER C 1009 41.32 9.98 0.81
C SER C 1009 40.48 10.10 -0.46
N VAL C 1010 41.05 9.77 -1.61
CA VAL C 1010 40.25 9.77 -2.84
C VAL C 1010 40.38 8.41 -3.50
N GLY C 1011 39.40 8.10 -4.33
CA GLY C 1011 39.34 6.82 -5.00
C GLY C 1011 38.04 6.70 -5.77
N TYR C 1012 37.87 5.53 -6.39
CA TYR C 1012 36.79 5.25 -7.32
C TYR C 1012 36.01 4.03 -6.85
N MET C 1013 34.92 4.25 -6.10
CA MET C 1013 34.11 3.17 -5.61
C MET C 1013 32.89 2.95 -6.51
N TYR C 1014 32.61 1.69 -6.79
CA TYR C 1014 31.41 1.31 -7.51
C TYR C 1014 30.18 1.67 -6.68
N ILE C 1015 29.35 2.56 -7.19
CA ILE C 1015 28.19 3.06 -6.48
C ILE C 1015 26.93 2.59 -7.18
N LEU C 1016 26.03 1.98 -6.42
CA LEU C 1016 24.82 1.39 -6.96
C LEU C 1016 23.65 2.35 -6.74
N LYS C 1017 22.60 2.17 -7.54
CA LYS C 1017 21.37 2.92 -7.37
C LYS C 1017 20.27 1.94 -7.00
N LEU C 1018 19.79 2.03 -5.76
CA LEU C 1018 18.80 1.08 -5.27
C LEU C 1018 17.42 1.36 -5.86
N HIS C 1019 16.56 0.36 -5.78
CA HIS C 1019 15.19 0.49 -6.26
C HIS C 1019 14.25 1.06 -5.21
N HIS C 1020 14.75 1.39 -4.02
CA HIS C 1020 13.97 2.11 -3.02
C HIS C 1020 14.00 3.59 -3.37
N LEU C 1021 13.29 3.90 -4.45
CA LEU C 1021 13.35 5.22 -5.07
C LEU C 1021 12.52 6.23 -4.29
N VAL C 1022 12.71 7.49 -4.62
CA VAL C 1022 12.00 8.58 -3.97
C VAL C 1022 10.77 9.04 -4.75
N ASP C 1023 10.70 8.76 -6.05
CA ASP C 1023 9.58 9.22 -6.85
C ASP C 1023 8.31 8.43 -6.59
N ASP C 1024 8.43 7.26 -5.95
CA ASP C 1024 7.27 6.48 -5.55
C ASP C 1024 7.07 6.41 -4.05
N LYS C 1025 8.09 6.74 -3.26
CA LYS C 1025 7.94 6.70 -1.80
C LYS C 1025 7.11 7.88 -1.30
N LEU C 1026 7.11 8.99 -2.02
CA LEU C 1026 6.27 10.13 -1.65
C LEU C 1026 4.81 9.75 -1.74
N HIS C 1027 4.07 10.04 -0.67
CA HIS C 1027 2.64 9.74 -0.65
C HIS C 1027 1.98 10.61 0.39
N ALA C 1028 0.83 11.20 0.04
CA ALA C 1028 0.17 12.15 0.91
C ALA C 1028 -1.33 12.01 0.75
N ARG C 1029 -2.06 12.41 1.80
CA ARG C 1029 -3.51 12.29 1.82
C ARG C 1029 -4.12 13.53 2.43
N SER C 1030 -5.20 14.02 1.81
CA SER C 1030 -6.09 15.00 2.43
C SER C 1030 -7.46 14.39 2.68
N THR C 1031 -8.08 13.84 1.65
CA THR C 1031 -9.33 13.10 1.79
C THR C 1031 -9.47 12.19 0.58
N GLY C 1032 -9.35 10.89 0.79
CA GLY C 1032 -9.39 9.94 -0.30
C GLY C 1032 -10.37 8.82 -0.06
N PRO C 1033 -10.05 7.63 -0.54
CA PRO C 1033 -10.94 6.48 -0.35
C PRO C 1033 -11.01 6.06 1.11
N TYR C 1034 -12.14 5.46 1.47
CA TYR C 1034 -12.38 5.01 2.83
C TYR C 1034 -12.73 3.52 2.83
N SER C 1035 -12.39 2.86 3.93
CA SER C 1035 -12.70 1.45 4.08
C SER C 1035 -14.20 1.26 4.28
N MET C 1036 -14.67 0.05 4.00
CA MET C 1036 -16.10 -0.24 3.97
C MET C 1036 -16.64 -0.80 5.29
N ILE C 1037 -15.99 -1.83 5.83
CA ILE C 1037 -16.49 -2.44 7.06
C ILE C 1037 -16.37 -1.49 8.24
N THR C 1038 -15.34 -0.67 8.28
CA THR C 1038 -15.21 0.42 9.23
C THR C 1038 -14.84 1.68 8.47
N GLN C 1039 -15.23 2.83 9.01
CA GLN C 1039 -15.15 4.08 8.28
C GLN C 1039 -13.79 4.77 8.43
N GLN C 1040 -12.75 4.03 8.77
CA GLN C 1040 -11.41 4.58 8.75
C GLN C 1040 -10.92 4.71 7.30
N PRO C 1041 -10.02 5.65 7.03
CA PRO C 1041 -9.41 5.70 5.71
C PRO C 1041 -8.58 4.46 5.46
N LEU C 1042 -8.61 3.97 4.22
CA LEU C 1042 -7.85 2.78 3.89
C LEU C 1042 -6.38 3.14 3.68
N GLY C 1043 -5.57 2.14 3.31
CA GLY C 1043 -4.14 2.32 3.20
C GLY C 1043 -3.61 1.85 1.86
N GLY C 1044 -2.36 2.22 1.59
CA GLY C 1044 -1.70 1.85 0.36
C GLY C 1044 -1.28 3.03 -0.48
N LYS C 1045 -0.17 2.90 -1.20
CA LYS C 1045 0.32 4.01 -2.01
C LYS C 1045 -0.55 4.22 -3.25
N ALA C 1046 -0.90 3.14 -3.94
CA ALA C 1046 -1.69 3.24 -5.15
C ALA C 1046 -3.15 3.59 -4.89
N GLN C 1047 -3.57 3.59 -3.63
CA GLN C 1047 -4.97 3.80 -3.27
C GLN C 1047 -5.18 5.06 -2.44
N PHE C 1048 -4.20 5.98 -2.44
CA PHE C 1048 -4.34 7.31 -1.83
C PHE C 1048 -4.67 7.23 -0.35
N GLY C 1049 -4.03 6.30 0.35
CA GLY C 1049 -4.36 6.01 1.74
C GLY C 1049 -3.73 6.99 2.72
N GLY C 1050 -3.95 6.70 4.00
CA GLY C 1050 -3.41 7.50 5.08
C GLY C 1050 -2.46 6.69 5.93
N GLN C 1051 -1.45 7.36 6.47
CA GLN C 1051 -0.46 6.68 7.29
C GLN C 1051 -1.07 6.23 8.61
N ARG C 1052 -0.72 5.02 9.03
CA ARG C 1052 -1.31 4.43 10.23
C ARG C 1052 -0.78 5.10 11.48
N PHE C 1053 -1.68 5.46 12.37
CA PHE C 1053 -1.33 6.08 13.64
C PHE C 1053 -1.47 4.99 14.71
N GLY C 1054 -0.36 4.29 14.97
CA GLY C 1054 -0.39 3.08 15.75
C GLY C 1054 -0.57 3.33 17.24
N GLU C 1055 -0.36 2.26 18.00
CA GLU C 1055 -0.61 2.31 19.44
C GLU C 1055 0.45 3.14 20.16
N MET C 1056 1.72 2.95 19.81
CA MET C 1056 2.79 3.70 20.47
C MET C 1056 2.70 5.18 20.16
N GLU C 1057 2.10 5.55 19.02
CA GLU C 1057 1.81 6.94 18.74
C GLU C 1057 0.87 7.52 19.78
N VAL C 1058 -0.18 6.79 20.11
CA VAL C 1058 -1.14 7.23 21.11
C VAL C 1058 -0.49 7.29 22.48
N TRP C 1059 0.43 6.36 22.75
CA TRP C 1059 1.18 6.43 24.02
C TRP C 1059 2.02 7.69 24.08
N ALA C 1060 2.69 8.05 22.98
CA ALA C 1060 3.51 9.25 22.97
C ALA C 1060 2.66 10.50 23.16
N LEU C 1061 1.48 10.55 22.54
CA LEU C 1061 0.63 11.72 22.71
C LEU C 1061 0.04 11.79 24.11
N GLU C 1062 -0.24 10.64 24.74
CA GLU C 1062 -0.60 10.64 26.15
C GLU C 1062 0.54 11.17 27.00
N ALA C 1063 1.77 10.79 26.66
CA ALA C 1063 2.94 11.19 27.41
C ALA C 1063 3.16 12.70 27.35
N TYR C 1064 2.97 13.30 26.18
CA TYR C 1064 2.98 14.77 26.10
C TYR C 1064 1.85 15.41 26.88
N GLY C 1065 0.76 14.68 27.14
CA GLY C 1065 -0.40 15.27 27.74
C GLY C 1065 -1.28 16.03 26.78
N ALA C 1066 -0.99 15.97 25.48
CA ALA C 1066 -1.77 16.69 24.48
C ALA C 1066 -3.04 15.91 24.24
N ALA C 1067 -4.06 16.20 25.04
CA ALA C 1067 -5.34 15.51 24.90
C ALA C 1067 -6.05 15.88 23.60
N TYR C 1068 -6.01 17.16 23.23
CA TYR C 1068 -6.81 17.63 22.10
C TYR C 1068 -6.28 17.10 20.78
N ALA C 1069 -4.96 17.12 20.59
CA ALA C 1069 -4.37 16.63 19.35
C ALA C 1069 -4.64 15.14 19.16
N LEU C 1070 -4.45 14.36 20.22
CA LEU C 1070 -4.73 12.93 20.15
C LEU C 1070 -6.21 12.68 19.89
N GLN C 1071 -7.08 13.41 20.58
CA GLN C 1071 -8.52 13.19 20.45
C GLN C 1071 -8.98 13.50 19.04
N GLU C 1072 -8.43 14.55 18.43
CA GLU C 1072 -8.85 14.88 17.07
C GLU C 1072 -8.22 13.95 16.04
N LEU C 1073 -6.99 13.48 16.27
CA LEU C 1073 -6.42 12.45 15.41
C LEU C 1073 -7.19 11.14 15.48
N LEU C 1074 -7.87 10.89 16.59
CA LEU C 1074 -8.65 9.66 16.70
C LEU C 1074 -10.10 9.82 16.27
N THR C 1075 -10.67 11.02 16.34
CA THR C 1075 -12.07 11.22 16.01
C THR C 1075 -12.28 12.10 14.79
N ILE C 1076 -11.76 13.32 14.78
CA ILE C 1076 -12.04 14.27 13.70
C ILE C 1076 -11.52 13.75 12.37
N LYS C 1077 -10.25 13.35 12.35
CA LYS C 1077 -9.59 13.10 11.07
C LYS C 1077 -9.76 11.66 10.60
N SER C 1078 -10.55 10.85 11.30
CA SER C 1078 -10.83 9.49 10.85
C SER C 1078 -12.04 8.94 11.58
N ASP C 1079 -12.85 8.18 10.85
CA ASP C 1079 -13.86 7.27 11.40
C ASP C 1079 -14.99 8.02 12.12
N ASP C 1080 -15.16 9.32 11.85
CA ASP C 1080 -16.34 10.06 12.29
C ASP C 1080 -17.04 10.60 11.06
N VAL C 1081 -18.10 9.92 10.63
CA VAL C 1081 -18.76 10.26 9.37
C VAL C 1081 -19.44 11.62 9.45
N THR C 1082 -19.99 11.97 10.61
CA THR C 1082 -20.55 13.29 10.80
C THR C 1082 -19.51 14.34 11.13
N GLY C 1083 -18.24 13.94 11.30
CA GLY C 1083 -17.21 14.87 11.67
C GLY C 1083 -16.31 15.29 10.54
N ARG C 1084 -15.92 14.34 9.68
CA ARG C 1084 -14.97 14.64 8.61
C ARG C 1084 -15.55 15.65 7.61
N VAL C 1085 -16.80 15.44 7.20
CA VAL C 1085 -17.41 16.32 6.22
C VAL C 1085 -17.61 17.72 6.80
N LYS C 1086 -18.07 17.78 8.05
CA LYS C 1086 -18.25 19.08 8.70
C LYS C 1086 -16.93 19.81 8.86
N VAL C 1087 -15.86 19.08 9.16
CA VAL C 1087 -14.56 19.71 9.34
C VAL C 1087 -14.02 20.22 8.01
N TYR C 1088 -14.19 19.44 6.94
CA TYR C 1088 -13.79 19.90 5.61
C TYR C 1088 -14.57 21.15 5.21
N GLU C 1089 -15.88 21.16 5.49
CA GLU C 1089 -16.69 22.34 5.20
C GLU C 1089 -16.22 23.54 6.02
N ALA C 1090 -15.90 23.33 7.30
CA ALA C 1090 -15.47 24.43 8.15
C ALA C 1090 -14.13 24.98 7.71
N ILE C 1091 -13.24 24.12 7.22
CA ILE C 1091 -11.93 24.58 6.76
C ILE C 1091 -12.10 25.38 5.47
N VAL C 1092 -12.85 24.85 4.51
CA VAL C 1092 -13.01 25.52 3.23
C VAL C 1092 -13.74 26.86 3.41
N LYS C 1093 -14.80 26.87 4.22
CA LYS C 1093 -15.51 28.12 4.49
C LYS C 1093 -14.67 29.08 5.32
N GLY C 1094 -13.76 28.57 6.14
CA GLY C 1094 -12.90 29.40 6.95
C GLY C 1094 -13.28 29.49 8.41
N GLU C 1095 -14.43 28.94 8.81
CA GLU C 1095 -14.84 28.99 10.19
C GLU C 1095 -14.06 27.96 11.02
N ASN C 1096 -14.30 27.98 12.32
CA ASN C 1096 -13.55 27.13 13.24
C ASN C 1096 -13.96 25.67 13.10
N ILE C 1097 -13.10 24.79 13.60
CA ILE C 1097 -13.34 23.34 13.52
C ILE C 1097 -14.45 22.96 14.49
N PRO C 1098 -15.45 22.19 14.07
CA PRO C 1098 -16.55 21.83 14.98
C PRO C 1098 -16.10 20.83 16.03
N GLU C 1099 -16.97 20.64 17.02
CA GLU C 1099 -16.69 19.70 18.09
C GLU C 1099 -16.79 18.27 17.59
N PRO C 1100 -15.93 17.37 18.05
CA PRO C 1100 -15.95 15.99 17.55
C PRO C 1100 -17.13 15.20 18.08
N GLY C 1101 -17.48 14.16 17.33
CA GLY C 1101 -18.55 13.25 17.74
C GLY C 1101 -18.01 11.97 18.32
N ILE C 1102 -18.53 10.83 17.86
CA ILE C 1102 -18.13 9.52 18.34
C ILE C 1102 -17.59 8.73 17.15
N PRO C 1103 -16.40 8.13 17.26
CA PRO C 1103 -15.87 7.33 16.15
C PRO C 1103 -16.77 6.16 15.81
N GLU C 1104 -16.84 5.86 14.51
CA GLU C 1104 -17.74 4.82 14.03
C GLU C 1104 -17.25 3.43 14.42
N SER C 1105 -15.93 3.27 14.62
CA SER C 1105 -15.39 1.97 15.02
C SER C 1105 -15.87 1.56 16.41
N PHE C 1106 -16.05 2.52 17.31
CA PHE C 1106 -16.62 2.17 18.62
C PHE C 1106 -18.07 1.71 18.49
N LYS C 1107 -18.83 2.32 17.57
CA LYS C 1107 -20.20 1.87 17.33
C LYS C 1107 -20.20 0.47 16.73
N VAL C 1108 -19.23 0.18 15.86
CA VAL C 1108 -19.06 -1.18 15.35
C VAL C 1108 -18.76 -2.15 16.49
N LEU C 1109 -17.92 -1.72 17.44
CA LEU C 1109 -17.63 -2.55 18.61
C LEU C 1109 -18.89 -2.83 19.41
N ILE C 1110 -19.72 -1.81 19.62
CA ILE C 1110 -20.95 -1.97 20.39
C ILE C 1110 -21.90 -2.93 19.68
N LYS C 1111 -22.04 -2.77 18.35
CA LYS C 1111 -22.92 -3.66 17.60
C LYS C 1111 -22.39 -5.08 17.57
N GLU C 1112 -21.07 -5.27 17.61
CA GLU C 1112 -20.50 -6.62 17.66
C GLU C 1112 -20.77 -7.26 19.02
N MET C 1113 -20.51 -6.53 20.10
CA MET C 1113 -20.73 -7.06 21.43
C MET C 1113 -22.21 -7.31 21.69
N GLN C 1114 -23.08 -6.47 21.16
CA GLN C 1114 -24.52 -6.64 21.36
C GLN C 1114 -25.06 -7.88 20.66
N SER C 1115 -24.31 -8.45 19.72
CA SER C 1115 -24.74 -9.64 19.01
C SER C 1115 -24.20 -10.92 19.61
N LEU C 1116 -23.27 -10.84 20.56
CA LEU C 1116 -22.83 -12.01 21.31
C LEU C 1116 -23.65 -12.18 22.59
N CYS C 1117 -24.88 -11.68 22.59
CA CYS C 1117 -25.78 -11.71 23.75
C CYS C 1117 -25.16 -11.03 24.97
N LEU C 1118 -24.43 -9.94 24.72
CA LEU C 1118 -23.89 -9.10 25.78
C LEU C 1118 -24.68 -7.80 25.78
N ASN C 1119 -25.40 -7.54 26.87
CA ASN C 1119 -26.25 -6.36 26.99
C ASN C 1119 -25.38 -5.15 27.25
N VAL C 1120 -24.74 -4.67 26.19
CA VAL C 1120 -23.83 -3.52 26.28
C VAL C 1120 -24.64 -2.27 26.01
N GLU C 1121 -24.83 -1.46 27.05
CA GLU C 1121 -25.58 -0.22 26.93
C GLU C 1121 -24.76 0.93 27.52
N VAL C 1122 -24.80 2.07 26.85
CA VAL C 1122 -24.12 3.27 27.31
C VAL C 1122 -25.14 4.16 28.00
N LEU C 1123 -24.89 4.48 29.26
CA LEU C 1123 -25.79 5.33 30.03
C LEU C 1123 -25.02 6.55 30.53
N SER C 1124 -25.64 7.72 30.44
CA SER C 1124 -25.02 8.95 30.89
C SER C 1124 -25.34 9.16 32.37
N SER C 1125 -25.07 10.36 32.88
CA SER C 1125 -25.35 10.66 34.27
C SER C 1125 -26.85 10.66 34.55
N ASP C 1126 -27.64 11.26 33.65
CA ASP C 1126 -29.08 11.31 33.84
C ASP C 1126 -29.73 9.94 33.63
N GLY C 1127 -29.34 9.25 32.56
CA GLY C 1127 -29.93 7.97 32.24
C GLY C 1127 -29.26 7.27 31.07
N MET C 1128 -30.02 6.46 30.34
CA MET C 1128 -29.47 5.68 29.24
C MET C 1128 -29.23 6.61 28.05
N SER C 1129 -27.97 6.72 27.65
CA SER C 1129 -27.52 7.61 26.58
C SER C 1129 -27.96 9.06 26.80
N PHE D 7 -22.14 8.28 28.54
CA PHE D 7 -20.70 8.29 28.39
C PHE D 7 -20.04 8.38 29.75
N ASP D 8 -20.85 8.68 30.76
CA ASP D 8 -20.38 8.63 32.13
C ASP D 8 -20.10 7.19 32.55
N GLU D 9 -20.90 6.25 32.05
CA GLU D 9 -20.79 4.87 32.49
C GLU D 9 -21.13 3.99 31.29
N LEU D 10 -20.45 2.86 31.17
CA LEU D 10 -20.64 1.96 30.04
C LEU D 10 -20.93 0.57 30.59
N ARG D 11 -22.19 0.13 30.48
CA ARG D 11 -22.65 -1.07 31.15
C ARG D 11 -22.45 -2.31 30.30
N ILE D 12 -22.63 -3.47 30.94
CA ILE D 12 -22.54 -4.77 30.28
C ILE D 12 -23.33 -5.77 31.12
N GLY D 13 -23.71 -6.88 30.50
CA GLY D 13 -24.40 -7.92 31.23
C GLY D 13 -24.89 -9.00 30.29
N LEU D 14 -25.55 -9.99 30.88
CA LEU D 14 -26.21 -11.02 30.10
C LEU D 14 -27.43 -10.44 29.40
N ALA D 15 -27.57 -10.72 28.11
CA ALA D 15 -28.70 -10.22 27.33
C ALA D 15 -29.71 -11.35 27.19
N THR D 16 -30.80 -11.25 27.94
CA THR D 16 -31.86 -12.25 27.86
C THR D 16 -32.61 -12.10 26.54
N ALA D 17 -33.48 -13.08 26.26
CA ALA D 17 -34.19 -13.12 24.99
C ALA D 17 -35.12 -11.92 24.83
N ASP D 18 -35.60 -11.35 25.93
CA ASP D 18 -36.40 -10.13 25.85
C ASP D 18 -35.57 -8.99 25.29
N ASP D 19 -34.31 -8.88 25.72
CA ASP D 19 -33.44 -7.82 25.20
C ASP D 19 -33.13 -8.04 23.73
N ILE D 20 -32.94 -9.29 23.32
CA ILE D 20 -32.67 -9.60 21.91
C ILE D 20 -33.89 -9.24 21.06
N ARG D 21 -35.09 -9.57 21.52
CA ARG D 21 -36.29 -9.22 20.78
C ARG D 21 -36.53 -7.71 20.77
N GLN D 22 -36.11 -7.01 21.84
CA GLN D 22 -36.24 -5.56 21.85
C GLN D 22 -35.30 -4.92 20.85
N TRP D 23 -34.05 -5.40 20.76
CA TRP D 23 -33.12 -4.88 19.77
C TRP D 23 -33.57 -5.24 18.36
N SER D 24 -34.13 -6.43 18.19
CA SER D 24 -34.44 -6.94 16.86
C SER D 24 -35.57 -6.15 16.22
N HIS D 25 -35.62 -6.19 14.89
CA HIS D 25 -36.73 -5.59 14.15
C HIS D 25 -37.43 -6.60 13.26
N GLY D 26 -37.20 -7.89 13.47
CA GLY D 26 -37.88 -8.91 12.69
C GLY D 26 -37.18 -10.24 12.82
N GLU D 27 -37.72 -11.22 12.11
CA GLU D 27 -37.19 -12.57 12.08
C GLU D 27 -36.51 -12.81 10.75
N VAL D 28 -35.27 -13.30 10.80
CA VAL D 28 -34.54 -13.67 9.58
C VAL D 28 -34.91 -15.12 9.30
N LYS D 29 -36.07 -15.32 8.67
CA LYS D 29 -36.63 -16.65 8.52
C LYS D 29 -35.94 -17.47 7.43
N LYS D 30 -35.40 -16.82 6.40
CA LYS D 30 -34.91 -17.53 5.25
C LYS D 30 -33.41 -17.33 5.09
N PRO D 31 -32.68 -18.34 4.59
CA PRO D 31 -31.22 -18.26 4.60
C PRO D 31 -30.61 -17.47 3.45
N GLU D 32 -31.30 -17.28 2.35
CA GLU D 32 -30.67 -16.65 1.19
C GLU D 32 -30.47 -15.16 1.42
N THR D 33 -29.53 -14.59 0.67
CA THR D 33 -29.03 -13.25 0.94
C THR D 33 -29.41 -12.23 -0.13
N ILE D 34 -29.04 -12.46 -1.39
CA ILE D 34 -29.36 -11.54 -2.47
C ILE D 34 -29.83 -12.34 -3.67
N ASN D 35 -30.70 -11.72 -4.48
CA ASN D 35 -31.15 -12.34 -5.72
C ASN D 35 -30.00 -12.51 -6.70
N TYR D 36 -30.09 -13.55 -7.53
CA TYR D 36 -28.95 -13.91 -8.38
C TYR D 36 -28.91 -13.15 -9.70
N ARG D 37 -30.00 -12.49 -10.11
CA ARG D 37 -29.96 -11.69 -11.33
C ARG D 37 -30.09 -10.20 -11.07
N THR D 38 -31.13 -9.76 -10.36
CA THR D 38 -31.34 -8.34 -10.13
C THR D 38 -30.45 -7.77 -9.02
N LEU D 39 -29.76 -8.64 -8.28
CA LEU D 39 -28.84 -8.25 -7.21
C LEU D 39 -29.53 -7.39 -6.14
N LYS D 40 -30.82 -7.62 -5.94
CA LYS D 40 -31.56 -6.89 -4.93
C LYS D 40 -31.72 -7.73 -3.68
N PRO D 41 -31.64 -7.12 -2.50
CA PRO D 41 -31.80 -7.89 -1.26
C PRO D 41 -33.17 -8.54 -1.15
N GLU D 42 -33.20 -9.72 -0.54
CA GLU D 42 -34.39 -10.53 -0.44
C GLU D 42 -35.34 -10.03 0.65
N LYS D 43 -36.54 -10.60 0.64
CA LYS D 43 -37.61 -10.25 1.56
C LYS D 43 -37.69 -11.30 2.66
N ASP D 44 -37.64 -10.84 3.92
CA ASP D 44 -37.78 -11.70 5.10
C ASP D 44 -36.69 -12.77 5.14
N GLY D 45 -35.54 -12.47 4.55
CA GLY D 45 -34.39 -13.34 4.61
C GLY D 45 -33.19 -12.59 5.13
N LEU D 46 -31.98 -13.04 4.80
CA LEU D 46 -30.80 -12.27 5.15
C LEU D 46 -30.70 -11.03 4.26
N PHE D 47 -29.98 -10.02 4.76
CA PHE D 47 -29.82 -8.73 4.10
C PHE D 47 -31.15 -8.03 3.84
N CYS D 48 -32.19 -8.35 4.62
CA CYS D 48 -33.54 -7.91 4.29
C CYS D 48 -33.68 -6.41 4.42
N GLU D 49 -34.29 -5.78 3.42
CA GLU D 49 -34.51 -4.34 3.46
C GLU D 49 -35.65 -3.98 4.41
N LYS D 50 -36.60 -4.89 4.61
CA LYS D 50 -37.72 -4.62 5.50
C LYS D 50 -37.25 -4.52 6.95
N ILE D 51 -36.35 -5.41 7.36
CA ILE D 51 -35.90 -5.47 8.75
C ILE D 51 -34.76 -4.49 8.98
N PHE D 52 -33.67 -4.67 8.25
CA PHE D 52 -32.46 -3.88 8.48
C PHE D 52 -32.55 -2.47 7.94
N GLY D 53 -33.23 -2.26 6.82
CA GLY D 53 -33.33 -0.95 6.24
C GLY D 53 -32.99 -0.94 4.75
N PRO D 54 -33.30 0.16 4.07
CA PRO D 54 -33.09 0.22 2.63
C PRO D 54 -31.61 0.29 2.26
N THR D 55 -31.30 -0.24 1.07
CA THR D 55 -29.92 -0.24 0.60
C THR D 55 -29.53 1.04 -0.13
N ARG D 56 -30.49 1.71 -0.76
CA ARG D 56 -30.25 3.02 -1.35
C ARG D 56 -30.66 4.08 -0.33
N ASP D 57 -30.72 5.34 -0.78
CA ASP D 57 -31.16 6.43 0.08
C ASP D 57 -32.62 6.77 -0.24
N TRP D 58 -33.48 6.62 0.76
CA TRP D 58 -34.91 6.95 0.68
C TRP D 58 -35.63 6.16 -0.39
N GLU D 59 -35.12 4.99 -0.76
CA GLU D 59 -35.81 4.10 -1.69
C GLU D 59 -36.37 2.90 -0.94
N CYS D 60 -37.27 2.18 -1.59
CA CYS D 60 -37.87 0.99 -1.02
C CYS D 60 -37.68 -0.18 -1.97
N TYR D 61 -38.03 -1.38 -1.49
CA TYR D 61 -37.69 -2.59 -2.23
C TYR D 61 -38.48 -2.74 -3.51
N CYS D 62 -39.76 -2.37 -3.49
CA CYS D 62 -40.63 -2.60 -4.64
C CYS D 62 -40.48 -1.57 -5.74
N GLY D 63 -39.46 -0.71 -5.67
CA GLY D 63 -39.18 0.24 -6.72
C GLY D 63 -39.95 1.54 -6.64
N LYS D 64 -40.98 1.61 -5.81
CA LYS D 64 -41.75 2.82 -5.64
C LYS D 64 -41.07 3.74 -4.62
N TYR D 65 -41.70 4.89 -4.37
CA TYR D 65 -41.32 5.80 -3.29
C TYR D 65 -39.87 6.25 -3.39
N LYS D 66 -39.44 6.56 -4.61
CA LYS D 66 -38.06 6.96 -4.85
C LYS D 66 -37.76 8.38 -4.36
N ARG D 67 -38.78 9.17 -4.06
CA ARG D 67 -38.60 10.58 -3.76
C ARG D 67 -38.30 10.79 -2.28
N VAL D 68 -37.61 11.89 -1.98
CA VAL D 68 -37.13 12.20 -0.64
C VAL D 68 -38.18 12.90 0.21
N ARG D 69 -39.22 13.48 -0.39
CA ARG D 69 -40.10 14.39 0.34
C ARG D 69 -40.88 13.66 1.43
N PHE D 70 -41.38 12.47 1.14
CA PHE D 70 -42.18 11.72 2.11
C PHE D 70 -41.32 10.75 2.92
N LYS D 71 -40.27 11.27 3.54
CA LYS D 71 -39.40 10.43 4.36
C LYS D 71 -40.12 10.01 5.64
N GLY D 72 -39.63 8.93 6.24
CA GLY D 72 -40.19 8.45 7.49
C GLY D 72 -41.54 7.79 7.36
N ILE D 73 -41.91 7.32 6.17
CA ILE D 73 -43.16 6.61 5.98
C ILE D 73 -42.83 5.16 5.61
N ILE D 74 -43.83 4.30 5.77
CA ILE D 74 -43.69 2.87 5.52
C ILE D 74 -44.39 2.54 4.21
N CYS D 75 -43.68 1.87 3.31
CA CYS D 75 -44.28 1.48 2.04
C CYS D 75 -45.34 0.41 2.27
N GLU D 76 -46.44 0.50 1.52
CA GLU D 76 -47.52 -0.47 1.67
C GLU D 76 -47.22 -1.79 0.97
N ARG D 77 -46.49 -1.75 -0.15
CA ARG D 77 -46.26 -2.96 -0.93
C ARG D 77 -45.24 -3.87 -0.27
N CYS D 78 -44.16 -3.30 0.23
CA CYS D 78 -43.04 -4.09 0.73
C CYS D 78 -42.61 -3.77 2.15
N GLY D 79 -43.14 -2.73 2.78
CA GLY D 79 -42.88 -2.46 4.18
C GLY D 79 -41.52 -1.85 4.48
N VAL D 80 -40.78 -1.43 3.47
CA VAL D 80 -39.45 -0.86 3.68
C VAL D 80 -39.59 0.61 4.06
N GLU D 81 -39.03 0.99 5.21
CA GLU D 81 -39.04 2.38 5.62
C GLU D 81 -38.10 3.18 4.74
N VAL D 82 -38.56 4.32 4.24
CA VAL D 82 -37.72 5.20 3.45
C VAL D 82 -36.87 6.05 4.39
N THR D 83 -35.55 5.89 4.30
CA THR D 83 -34.60 6.59 5.16
C THR D 83 -33.22 6.48 4.53
N ARG D 84 -32.20 6.90 5.27
CA ARG D 84 -30.85 6.88 4.76
C ARG D 84 -30.33 5.44 4.66
N ALA D 85 -29.30 5.27 3.83
CA ALA D 85 -28.68 3.96 3.67
C ALA D 85 -27.75 3.60 4.81
N LYS D 86 -27.40 4.55 5.67
CA LYS D 86 -26.50 4.28 6.78
C LYS D 86 -27.21 3.65 7.98
N VAL D 87 -28.54 3.55 7.94
CA VAL D 87 -29.25 2.93 9.05
C VAL D 87 -29.01 1.42 9.08
N ARG D 88 -28.56 0.84 7.95
CA ARG D 88 -28.21 -0.57 7.94
C ARG D 88 -26.90 -0.85 8.67
N ARG D 89 -26.22 0.17 9.18
CA ARG D 89 -25.08 -0.02 10.07
C ARG D 89 -25.48 -0.13 11.53
N GLU D 90 -26.76 0.09 11.85
CA GLU D 90 -27.19 0.20 13.23
C GLU D 90 -28.45 -0.60 13.56
N ARG D 91 -29.04 -1.28 12.58
CA ARG D 91 -30.32 -1.96 12.77
C ARG D 91 -30.09 -3.46 12.72
N MET D 92 -30.53 -4.17 13.75
CA MET D 92 -30.33 -5.61 13.83
C MET D 92 -31.66 -6.31 13.97
N GLY D 93 -31.67 -7.58 13.58
CA GLY D 93 -32.82 -8.44 13.77
C GLY D 93 -32.50 -9.58 14.71
N HIS D 94 -33.11 -10.75 14.50
CA HIS D 94 -32.84 -11.93 15.32
C HIS D 94 -33.34 -13.16 14.60
N ILE D 95 -32.84 -14.31 15.02
CA ILE D 95 -33.26 -15.61 14.52
C ILE D 95 -33.91 -16.36 15.65
N GLU D 96 -35.13 -16.84 15.43
CA GLU D 96 -35.87 -17.60 16.44
C GLU D 96 -35.53 -19.08 16.30
N LEU D 97 -34.92 -19.65 17.34
CA LEU D 97 -34.51 -21.04 17.31
C LEU D 97 -35.62 -21.94 17.83
N ALA D 98 -35.86 -23.05 17.11
CA ALA D 98 -36.91 -23.97 17.53
C ALA D 98 -36.59 -24.62 18.86
N ALA D 99 -35.34 -25.03 19.06
CA ALA D 99 -34.92 -25.60 20.33
C ALA D 99 -33.79 -24.76 20.91
N PRO D 100 -33.81 -24.49 22.21
CA PRO D 100 -32.78 -23.63 22.80
C PRO D 100 -31.41 -24.27 22.74
N VAL D 101 -30.39 -23.42 22.60
CA VAL D 101 -29.01 -23.85 22.56
C VAL D 101 -28.23 -23.04 23.58
N THR D 102 -27.05 -23.56 23.94
CA THR D 102 -26.25 -22.92 24.97
C THR D 102 -25.27 -21.92 24.35
N HIS D 103 -24.69 -21.10 25.21
CA HIS D 103 -23.68 -20.13 24.81
C HIS D 103 -22.31 -20.72 25.04
N ILE D 104 -21.45 -20.68 24.02
CA ILE D 104 -20.13 -21.30 24.11
C ILE D 104 -19.14 -20.44 24.89
N TRP D 105 -19.51 -19.22 25.24
CA TRP D 105 -18.58 -18.40 26.03
C TRP D 105 -18.53 -18.86 27.48
N TYR D 106 -19.69 -19.18 28.07
CA TYR D 106 -19.72 -19.59 29.47
C TYR D 106 -19.43 -21.07 29.63
N PHE D 107 -20.26 -21.91 29.03
CA PHE D 107 -19.94 -23.34 28.91
C PHE D 107 -18.71 -23.51 28.03
N LYS D 108 -17.87 -24.48 28.37
CA LYS D 108 -16.64 -24.81 27.63
C LYS D 108 -15.71 -23.59 27.55
N GLY D 109 -15.23 -23.21 28.73
CA GLY D 109 -14.25 -22.15 28.86
C GLY D 109 -13.36 -22.37 30.05
N VAL D 110 -12.77 -21.31 30.57
CA VAL D 110 -12.06 -21.43 31.85
C VAL D 110 -13.07 -21.76 32.94
N PRO D 111 -12.80 -22.74 33.80
CA PRO D 111 -13.77 -23.09 34.85
C PRO D 111 -14.01 -21.97 35.85
N SER D 112 -13.16 -20.95 35.89
CA SER D 112 -13.45 -19.77 36.70
C SER D 112 -14.63 -18.97 36.14
N ARG D 113 -14.96 -19.18 34.87
CA ARG D 113 -16.11 -18.51 34.26
C ARG D 113 -17.26 -19.44 33.94
N LEU D 114 -16.98 -20.72 33.68
CA LEU D 114 -18.04 -21.71 33.71
C LEU D 114 -18.68 -21.72 35.10
N GLY D 115 -17.85 -21.71 36.13
CA GLY D 115 -18.24 -21.32 37.47
C GLY D 115 -18.79 -22.43 38.33
N TYR D 116 -19.12 -23.58 37.74
CA TYR D 116 -19.81 -24.67 38.43
C TYR D 116 -21.10 -24.17 39.07
N LEU D 117 -21.83 -23.33 38.33
CA LEU D 117 -23.11 -22.82 38.83
C LEU D 117 -24.08 -23.95 39.10
N LEU D 118 -24.14 -24.91 38.19
CA LEU D 118 -24.71 -26.22 38.48
C LEU D 118 -23.55 -27.15 38.79
N ASP D 119 -23.67 -27.91 39.88
CA ASP D 119 -22.56 -28.75 40.34
C ASP D 119 -22.39 -29.92 39.37
N LEU D 120 -21.78 -29.63 38.23
CA LEU D 120 -21.56 -30.61 37.19
C LEU D 120 -20.13 -30.50 36.68
N ALA D 121 -19.53 -31.64 36.39
CA ALA D 121 -18.24 -31.66 35.74
C ALA D 121 -18.38 -31.14 34.30
N PRO D 122 -17.34 -30.50 33.76
CA PRO D 122 -17.42 -30.05 32.36
C PRO D 122 -17.67 -31.18 31.38
N LYS D 123 -17.10 -32.37 31.63
CA LYS D 123 -17.39 -33.52 30.80
C LYS D 123 -18.85 -33.93 30.88
N ASP D 124 -19.46 -33.77 32.06
CA ASP D 124 -20.90 -34.04 32.18
C ASP D 124 -21.70 -33.07 31.34
N LEU D 125 -21.28 -31.79 31.29
CA LEU D 125 -21.95 -30.83 30.43
C LEU D 125 -21.80 -31.22 28.96
N GLU D 126 -20.58 -31.63 28.57
CA GLU D 126 -20.35 -32.09 27.20
C GLU D 126 -21.27 -33.25 26.86
N LYS D 127 -21.48 -34.15 27.83
CA LYS D 127 -22.37 -35.28 27.61
C LYS D 127 -23.83 -34.83 27.47
N VAL D 128 -24.26 -33.87 28.29
CA VAL D 128 -25.70 -33.60 28.37
C VAL D 128 -26.17 -32.69 27.25
N ILE D 129 -25.41 -31.63 26.92
CA ILE D 129 -25.93 -30.63 26.00
C ILE D 129 -25.47 -30.84 24.57
N TYR D 130 -24.68 -31.87 24.31
CA TYR D 130 -24.33 -32.24 22.94
C TYR D 130 -25.00 -33.54 22.53
N PHE D 131 -26.07 -33.92 23.23
CA PHE D 131 -27.00 -34.96 22.82
C PHE D 131 -26.32 -36.33 22.73
N ALA D 132 -25.70 -36.70 23.85
CA ALA D 132 -25.07 -38.00 23.99
C ALA D 132 -25.37 -38.68 25.33
N ALA D 133 -26.05 -37.98 26.25
CA ALA D 133 -26.39 -38.57 27.54
C ALA D 133 -27.58 -37.81 28.12
N TYR D 134 -28.50 -38.54 28.72
CA TYR D 134 -29.72 -37.94 29.25
C TYR D 134 -29.46 -37.21 30.56
N MET D 135 -30.47 -36.49 31.02
CA MET D 135 -30.41 -35.77 32.28
C MET D 135 -31.79 -35.74 32.91
N ILE D 136 -31.85 -35.98 34.21
CA ILE D 136 -33.09 -35.86 34.97
C ILE D 136 -33.19 -34.44 35.49
N THR D 137 -34.23 -33.72 35.06
CA THR D 137 -34.36 -32.31 35.38
C THR D 137 -35.13 -32.07 36.68
N PHE D 138 -36.14 -32.89 36.95
CA PHE D 138 -36.95 -32.72 38.14
C PHE D 138 -37.41 -34.08 38.64
N VAL D 139 -37.49 -34.22 39.95
CA VAL D 139 -37.96 -35.46 40.58
C VAL D 139 -38.92 -35.11 41.70
N ASP D 140 -40.04 -35.82 41.76
CA ASP D 140 -41.00 -35.66 42.86
C ASP D 140 -40.53 -36.54 44.01
N GLU D 141 -39.51 -36.03 44.72
CA GLU D 141 -38.88 -36.81 45.77
C GLU D 141 -39.83 -37.07 46.93
N GLU D 142 -40.59 -36.06 47.35
CA GLU D 142 -41.54 -36.27 48.43
C GLU D 142 -42.70 -37.18 48.00
N ARG D 143 -43.11 -37.10 46.74
CA ARG D 143 -44.14 -38.01 46.25
C ARG D 143 -43.60 -39.42 46.11
N ARG D 144 -42.33 -39.56 45.71
CA ARG D 144 -41.71 -40.88 45.63
C ARG D 144 -41.57 -41.51 47.01
N THR D 145 -41.17 -40.73 48.01
CA THR D 145 -41.01 -41.23 49.36
C THR D 145 -42.33 -41.40 50.09
N ARG D 146 -43.40 -40.77 49.60
CA ARG D 146 -44.69 -40.85 50.28
C ARG D 146 -45.30 -42.25 50.13
N ASP D 147 -45.11 -42.88 48.98
CA ASP D 147 -45.74 -44.17 48.68
C ASP D 147 -44.71 -45.28 48.54
N LEU D 148 -43.66 -45.23 49.36
CA LEU D 148 -42.65 -46.29 49.35
C LEU D 148 -43.21 -47.68 49.68
N PRO D 149 -44.07 -47.88 50.70
CA PRO D 149 -44.60 -49.24 50.91
C PRO D 149 -45.38 -49.79 49.72
N SER D 150 -46.11 -48.95 48.99
CA SER D 150 -46.89 -49.44 47.86
C SER D 150 -46.00 -49.94 46.74
N LEU D 151 -45.00 -49.13 46.35
CA LEU D 151 -44.08 -49.55 45.30
C LEU D 151 -43.22 -50.73 45.74
N GLU D 152 -42.86 -50.78 47.02
CA GLU D 152 -42.14 -51.94 47.53
C GLU D 152 -42.99 -53.20 47.47
N ALA D 153 -44.28 -53.08 47.78
CA ALA D 153 -45.18 -54.22 47.68
C ALA D 153 -45.36 -54.66 46.24
N HIS D 154 -45.45 -53.72 45.31
CA HIS D 154 -45.54 -54.09 43.88
C HIS D 154 -44.28 -54.81 43.42
N VAL D 155 -43.10 -54.33 43.85
CA VAL D 155 -41.85 -54.98 43.49
C VAL D 155 -41.78 -56.38 44.10
N SER D 156 -42.25 -56.53 45.35
CA SER D 156 -42.28 -57.85 45.98
C SER D 156 -43.23 -58.79 45.25
N VAL D 157 -44.37 -58.28 44.79
CA VAL D 157 -45.31 -59.09 44.02
C VAL D 157 -44.68 -59.53 42.70
N GLU D 158 -43.97 -58.62 42.04
CA GLU D 158 -43.26 -58.96 40.80
C GLU D 158 -42.22 -60.04 41.05
N ARG D 159 -41.45 -59.92 42.13
CA ARG D 159 -40.46 -60.93 42.46
C ARG D 159 -41.11 -62.27 42.76
N GLN D 160 -42.25 -62.24 43.48
CA GLN D 160 -42.95 -63.47 43.82
C GLN D 160 -43.48 -64.19 42.58
N GLN D 161 -44.07 -63.44 41.64
CA GLN D 161 -44.57 -64.09 40.43
C GLN D 161 -43.42 -64.54 39.53
N ILE D 162 -42.30 -63.82 39.53
CA ILE D 162 -41.13 -64.27 38.80
C ILE D 162 -40.64 -65.60 39.36
N GLU D 163 -40.55 -65.70 40.68
CA GLU D 163 -40.10 -66.95 41.30
C GLU D 163 -41.10 -68.09 41.07
N GLN D 164 -42.40 -67.77 41.10
CA GLN D 164 -43.41 -68.80 40.86
C GLN D 164 -43.33 -69.34 39.45
N ARG D 165 -43.16 -68.45 38.46
CA ARG D 165 -43.05 -68.93 37.09
C ARG D 165 -41.72 -69.65 36.85
N ARG D 166 -40.66 -69.25 37.56
CA ARG D 166 -39.41 -70.00 37.50
C ARG D 166 -39.57 -71.41 38.05
N ASP D 167 -40.29 -71.55 39.17
CA ASP D 167 -40.52 -72.87 39.74
C ASP D 167 -41.39 -73.74 38.82
N SER D 168 -42.43 -73.15 38.23
CA SER D 168 -43.28 -73.88 37.29
C SER D 168 -42.49 -74.32 36.07
N ASP D 169 -41.65 -73.43 35.53
CA ASP D 169 -40.82 -73.77 34.39
C ASP D 169 -39.80 -74.85 34.74
N LEU D 170 -39.25 -74.80 35.96
CA LEU D 170 -38.31 -75.83 36.41
C LEU D 170 -38.99 -77.19 36.50
N GLU D 171 -40.22 -77.23 37.05
CA GLU D 171 -40.96 -78.48 37.14
C GLU D 171 -41.28 -79.03 35.75
N ALA D 172 -41.71 -78.16 34.83
CA ALA D 172 -42.01 -78.59 33.47
C ALA D 172 -40.76 -79.09 32.76
N ARG D 173 -39.62 -78.41 32.96
CA ARG D 173 -38.37 -78.83 32.33
C ARG D 173 -37.89 -80.15 32.89
N ALA D 174 -38.05 -80.36 34.20
CA ALA D 174 -37.69 -81.66 34.78
C ALA D 174 -38.56 -82.78 34.24
N LYS D 175 -39.87 -82.54 34.10
CA LYS D 175 -40.75 -83.54 33.51
C LYS D 175 -40.36 -83.84 32.06
N LYS D 176 -40.06 -82.80 31.28
CA LYS D 176 -39.66 -82.99 29.88
C LYS D 176 -38.34 -83.75 29.79
N LEU D 177 -37.38 -83.42 30.66
CA LEU D 177 -36.09 -84.11 30.64
C LEU D 177 -36.24 -85.58 30.99
N GLU D 178 -37.05 -85.88 32.02
CA GLU D 178 -37.31 -87.26 32.38
C GLU D 178 -38.00 -88.00 31.24
N THR D 179 -38.96 -87.35 30.58
CA THR D 179 -39.68 -87.98 29.49
C THR D 179 -38.76 -88.30 28.32
N ASP D 180 -37.90 -87.35 27.93
CA ASP D 180 -37.03 -87.60 26.77
C ASP D 180 -35.96 -88.63 27.11
N LEU D 181 -35.42 -88.59 28.34
CA LEU D 181 -34.45 -89.60 28.74
C LEU D 181 -35.09 -90.99 28.75
N ALA D 182 -36.31 -91.11 29.26
CA ALA D 182 -36.99 -92.40 29.29
C ALA D 182 -37.28 -92.90 27.88
N GLU D 183 -37.73 -92.03 26.98
CA GLU D 183 -38.10 -92.49 25.65
C GLU D 183 -36.87 -92.83 24.82
N LEU D 184 -35.75 -92.10 24.98
CA LEU D 184 -34.54 -92.45 24.26
C LEU D 184 -33.76 -93.59 24.91
N GLU D 185 -34.05 -93.93 26.16
CA GLU D 185 -33.47 -95.13 26.75
C GLU D 185 -34.33 -96.35 26.52
N ALA D 186 -35.61 -96.17 26.18
CA ALA D 186 -36.47 -97.30 25.83
C ALA D 186 -36.46 -97.60 24.35
N GLU D 187 -36.33 -96.57 23.49
CA GLU D 187 -36.27 -96.82 22.05
C GLU D 187 -34.98 -97.53 21.66
N GLY D 188 -33.86 -97.14 22.26
CA GLY D 188 -32.58 -97.75 21.94
C GLY D 188 -32.10 -97.48 20.53
N ALA D 189 -32.24 -96.23 20.06
CA ALA D 189 -31.79 -95.90 18.71
C ALA D 189 -30.28 -96.01 18.57
N LYS D 190 -29.54 -95.57 19.57
CA LYS D 190 -28.08 -95.64 19.57
C LYS D 190 -27.60 -96.15 20.93
N ALA D 191 -26.31 -96.47 20.99
CA ALA D 191 -25.73 -97.00 22.22
C ALA D 191 -25.68 -95.93 23.31
N ASP D 192 -25.35 -94.70 22.94
CA ASP D 192 -25.21 -93.62 23.91
C ASP D 192 -25.90 -92.35 23.43
N VAL D 193 -27.09 -92.50 22.85
CA VAL D 193 -27.87 -91.33 22.46
C VAL D 193 -28.48 -90.64 23.67
N ARG D 194 -28.70 -91.37 24.76
CA ARG D 194 -29.24 -90.76 25.97
C ARG D 194 -28.26 -89.77 26.57
N ARG D 195 -26.95 -90.06 26.52
CA ARG D 195 -25.95 -89.12 26.99
C ARG D 195 -25.94 -87.85 26.15
N LYS D 196 -26.08 -87.98 24.83
CA LYS D 196 -26.11 -86.82 23.96
C LYS D 196 -27.35 -85.96 24.22
N VAL D 197 -28.52 -86.59 24.38
CA VAL D 197 -29.72 -85.80 24.62
C VAL D 197 -29.68 -85.20 26.03
N ARG D 198 -29.03 -85.87 26.98
CA ARG D 198 -28.86 -85.29 28.31
C ARG D 198 -27.91 -84.09 28.28
N GLU D 199 -26.85 -84.17 27.47
CA GLU D 199 -25.96 -83.02 27.31
C GLU D 199 -26.65 -81.85 26.65
N GLY D 200 -27.47 -82.11 25.62
CA GLY D 200 -28.26 -81.04 25.03
C GLY D 200 -29.26 -80.44 26.00
N ALA D 201 -29.91 -81.30 26.80
CA ALA D 201 -30.87 -80.83 27.78
C ALA D 201 -30.19 -79.97 28.85
N GLU D 202 -28.98 -80.36 29.28
CA GLU D 202 -28.28 -79.57 30.30
C GLU D 202 -27.73 -78.28 29.71
N ARG D 203 -27.40 -78.26 28.42
CA ARG D 203 -27.07 -77.00 27.76
C ARG D 203 -28.27 -76.07 27.74
N GLU D 204 -29.45 -76.61 27.46
CA GLU D 204 -30.68 -75.81 27.56
C GLU D 204 -30.91 -75.34 28.99
N MET D 205 -30.64 -76.22 29.97
CA MET D 205 -30.73 -75.85 31.38
C MET D 205 -29.88 -74.63 31.70
N LYS D 206 -28.59 -74.70 31.33
CA LYS D 206 -27.69 -73.60 31.68
C LYS D 206 -28.03 -72.33 30.92
N GLN D 207 -28.43 -72.42 29.65
CA GLN D 207 -28.76 -71.21 28.90
C GLN D 207 -30.04 -70.54 29.43
N LEU D 208 -31.08 -71.34 29.73
CA LEU D 208 -32.30 -70.73 30.25
C LEU D 208 -32.11 -70.22 31.67
N ARG D 209 -31.32 -70.90 32.49
CA ARG D 209 -30.96 -70.37 33.80
C ARG D 209 -30.16 -69.08 33.67
N ASP D 210 -29.32 -68.97 32.63
CA ASP D 210 -28.59 -67.73 32.40
C ASP D 210 -29.52 -66.58 32.07
N ARG D 211 -30.50 -66.80 31.18
CA ARG D 211 -31.40 -65.69 30.85
C ARG D 211 -32.32 -65.36 32.01
N ALA D 212 -32.67 -66.35 32.82
CA ALA D 212 -33.38 -66.07 34.08
C ALA D 212 -32.52 -65.20 35.00
N GLN D 213 -31.25 -65.56 35.19
CA GLN D 213 -30.48 -64.72 36.15
C GLN D 213 -30.33 -63.34 35.52
N ARG D 214 -30.21 -63.28 34.19
CA ARG D 214 -30.08 -61.98 33.48
C ARG D 214 -31.34 -61.13 33.62
N GLU D 215 -32.53 -61.73 33.50
CA GLU D 215 -33.78 -60.94 33.70
C GLU D 215 -33.82 -60.46 35.14
N ILE D 216 -33.36 -61.29 36.08
CA ILE D 216 -33.29 -60.88 37.47
C ILE D 216 -32.28 -59.74 37.63
N ASP D 217 -31.17 -59.80 36.88
CA ASP D 217 -30.17 -58.74 36.96
C ASP D 217 -30.68 -57.41 36.44
N ARG D 218 -31.40 -57.41 35.29
CA ARG D 218 -31.92 -56.11 34.84
C ARG D 218 -32.97 -55.57 35.81
N LEU D 219 -33.80 -56.44 36.39
CA LEU D 219 -34.76 -55.96 37.37
C LEU D 219 -34.06 -55.36 38.59
N ASP D 220 -33.00 -56.03 39.07
CA ASP D 220 -32.27 -55.52 40.21
C ASP D 220 -31.59 -54.19 39.90
N GLU D 221 -31.00 -54.06 38.70
CA GLU D 221 -30.28 -52.83 38.39
C GLU D 221 -31.22 -51.68 38.15
N VAL D 222 -32.40 -51.92 37.54
CA VAL D 222 -33.35 -50.82 37.41
C VAL D 222 -33.90 -50.42 38.78
N TRP D 223 -34.07 -51.39 39.68
CA TRP D 223 -34.56 -51.04 41.02
C TRP D 223 -33.54 -50.20 41.78
N ASN D 224 -32.26 -50.61 41.78
CA ASN D 224 -31.28 -49.82 42.51
C ASN D 224 -30.92 -48.53 41.79
N ARG D 225 -31.19 -48.43 40.49
CA ARG D 225 -31.00 -47.16 39.78
C ARG D 225 -32.10 -46.17 40.13
N PHE D 226 -33.35 -46.65 40.22
CA PHE D 226 -34.44 -45.76 40.61
C PHE D 226 -34.35 -45.39 42.09
N LYS D 227 -33.82 -46.29 42.93
CA LYS D 227 -33.76 -46.03 44.35
C LYS D 227 -32.80 -44.89 44.70
N ASN D 228 -31.82 -44.60 43.85
CA ASN D 228 -30.84 -43.56 44.10
C ASN D 228 -30.86 -42.51 42.99
N LEU D 229 -32.06 -42.11 42.56
CA LEU D 229 -32.22 -41.10 41.53
C LEU D 229 -32.47 -39.75 42.19
N LYS D 230 -31.78 -38.72 41.71
CA LYS D 230 -31.89 -37.40 42.30
C LYS D 230 -31.69 -36.36 41.20
N VAL D 231 -31.68 -35.09 41.61
CA VAL D 231 -31.40 -33.99 40.68
C VAL D 231 -29.94 -34.08 40.21
N GLN D 232 -29.68 -33.53 39.02
CA GLN D 232 -28.34 -33.49 38.41
C GLN D 232 -27.82 -34.89 38.09
N ASP D 233 -28.73 -35.81 37.79
CA ASP D 233 -28.37 -37.18 37.47
C ASP D 233 -28.33 -37.35 35.96
N LEU D 234 -27.28 -37.99 35.48
CA LEU D 234 -27.13 -38.30 34.06
C LEU D 234 -27.33 -39.78 33.82
N GLU D 235 -27.67 -40.13 32.58
CA GLU D 235 -27.83 -41.52 32.18
C GLU D 235 -27.30 -41.65 30.76
N GLY D 236 -26.12 -42.23 30.63
CA GLY D 236 -25.51 -42.37 29.31
C GLY D 236 -26.27 -43.33 28.41
N ASP D 237 -26.71 -44.46 28.94
CA ASP D 237 -27.36 -45.48 28.14
C ASP D 237 -28.79 -45.05 27.83
N GLU D 238 -29.13 -45.02 26.54
CA GLU D 238 -30.49 -44.64 26.15
C GLU D 238 -31.49 -45.74 26.46
N LEU D 239 -31.06 -47.01 26.40
CA LEU D 239 -31.97 -48.11 26.69
C LEU D 239 -32.40 -48.09 28.14
N LEU D 240 -31.47 -47.78 29.06
CA LEU D 240 -31.82 -47.71 30.47
C LEU D 240 -32.82 -46.61 30.75
N TYR D 241 -32.60 -45.42 30.19
CA TYR D 241 -33.56 -44.33 30.39
C TYR D 241 -34.91 -44.68 29.77
N ARG D 242 -34.90 -45.35 28.61
CA ARG D 242 -36.14 -45.75 27.97
C ARG D 242 -36.91 -46.74 28.84
N GLU D 243 -36.21 -47.69 29.47
CA GLU D 243 -36.94 -48.66 30.28
C GLU D 243 -37.35 -48.09 31.63
N LEU D 244 -36.63 -47.10 32.16
CA LEU D 244 -37.18 -46.33 33.29
C LEU D 244 -38.45 -45.58 32.89
N ARG D 245 -38.46 -44.97 31.71
CA ARG D 245 -39.65 -44.26 31.25
C ARG D 245 -40.82 -45.21 31.06
N ASP D 246 -40.57 -46.39 30.48
CA ASP D 246 -41.65 -47.33 30.21
C ASP D 246 -42.15 -47.97 31.50
N ARG D 247 -41.24 -48.42 32.37
CA ARG D 247 -41.65 -49.10 33.59
C ARG D 247 -42.26 -48.13 34.59
N PHE D 248 -41.60 -47.00 34.83
CA PHE D 248 -42.01 -46.05 35.87
C PHE D 248 -42.45 -44.75 35.22
N GLY D 249 -43.62 -44.28 35.60
CA GLY D 249 -44.16 -43.07 35.01
C GLY D 249 -44.45 -41.98 36.01
N THR D 250 -44.57 -40.74 35.51
CA THR D 250 -44.97 -39.51 36.22
C THR D 250 -44.32 -39.34 37.59
N TYR D 251 -43.09 -39.83 37.75
CA TYR D 251 -42.36 -39.68 39.00
C TYR D 251 -41.16 -38.76 38.87
N PHE D 252 -40.31 -38.96 37.88
CA PHE D 252 -39.15 -38.11 37.64
C PHE D 252 -39.22 -37.53 36.23
N ASP D 253 -38.88 -36.26 36.12
CA ASP D 253 -38.94 -35.53 34.86
C ASP D 253 -37.54 -35.36 34.30
N GLY D 254 -37.35 -35.78 33.04
CA GLY D 254 -36.07 -35.64 32.40
C GLY D 254 -36.25 -35.21 30.95
N SER D 255 -35.17 -34.71 30.38
CA SER D 255 -35.21 -34.19 29.02
C SER D 255 -33.83 -34.41 28.39
N MET D 256 -33.56 -33.72 27.28
CA MET D 256 -32.43 -34.06 26.44
C MET D 256 -31.85 -32.77 25.86
N GLY D 257 -30.58 -32.51 26.13
CA GLY D 257 -29.90 -31.38 25.51
C GLY D 257 -29.87 -30.14 26.38
N ALA D 258 -29.76 -28.99 25.70
CA ALA D 258 -29.71 -27.70 26.38
C ALA D 258 -31.04 -27.34 27.04
N ALA D 259 -32.14 -27.92 26.56
CA ALA D 259 -33.42 -27.73 27.23
C ALA D 259 -33.39 -28.26 28.66
N ALA D 260 -32.56 -29.27 28.93
CA ALA D 260 -32.36 -29.72 30.30
C ALA D 260 -31.73 -28.64 31.16
N LEU D 261 -30.74 -27.93 30.63
CA LEU D 261 -30.15 -26.84 31.38
C LEU D 261 -31.15 -25.72 31.60
N GLN D 262 -31.97 -25.41 30.59
CA GLN D 262 -32.96 -24.35 30.77
C GLN D 262 -34.00 -24.74 31.82
N LYS D 263 -34.48 -25.99 31.77
CA LYS D 263 -35.45 -26.45 32.76
C LYS D 263 -34.85 -26.53 34.15
N ARG D 264 -33.54 -26.77 34.24
CA ARG D 264 -32.89 -26.75 35.54
C ARG D 264 -32.71 -25.34 36.05
N LEU D 265 -32.37 -24.41 35.15
CA LEU D 265 -32.06 -23.04 35.57
C LEU D 265 -33.33 -22.26 35.91
N GLU D 266 -34.47 -22.59 35.28
CA GLU D 266 -35.69 -21.86 35.60
C GLU D 266 -36.16 -22.13 37.02
N SER D 267 -35.86 -23.32 37.55
CA SER D 267 -36.22 -23.69 38.91
C SER D 267 -34.99 -23.82 39.81
N PHE D 268 -33.83 -23.31 39.38
CA PHE D 268 -32.62 -23.46 40.18
C PHE D 268 -32.66 -22.49 41.36
N ASP D 269 -32.53 -23.03 42.56
CA ASP D 269 -32.59 -22.25 43.79
C ASP D 269 -31.17 -21.92 44.19
N LEU D 270 -30.78 -20.64 44.06
CA LEU D 270 -29.38 -20.26 44.16
C LEU D 270 -29.02 -19.47 45.41
N ASP D 271 -29.99 -18.82 46.07
CA ASP D 271 -29.66 -18.14 47.32
C ASP D 271 -29.33 -19.12 48.43
N GLU D 272 -30.17 -20.16 48.59
CA GLU D 272 -29.84 -21.21 49.54
C GLU D 272 -28.62 -22.00 49.10
N GLU D 273 -28.37 -22.07 47.79
CA GLU D 273 -27.12 -22.63 47.29
C GLU D 273 -25.92 -21.86 47.84
N ALA D 274 -25.97 -20.53 47.73
CA ALA D 274 -24.91 -19.71 48.30
C ALA D 274 -24.85 -19.89 49.82
N GLU D 275 -26.00 -20.10 50.46
CA GLU D 275 -26.02 -20.27 51.91
C GLU D 275 -25.25 -21.52 52.34
N ARG D 276 -25.63 -22.67 51.77
CA ARG D 276 -24.99 -23.96 52.16
C ARG D 276 -23.53 -23.98 51.66
N LEU D 277 -23.24 -23.27 50.58
CA LEU D 277 -21.88 -23.20 50.07
C LEU D 277 -21.01 -22.36 50.99
N ARG D 278 -21.56 -21.29 51.57
CA ARG D 278 -20.86 -20.59 52.64
C ARG D 278 -20.67 -21.50 53.84
N GLU D 279 -21.67 -22.34 54.13
CA GLU D 279 -21.54 -23.29 55.24
C GLU D 279 -20.38 -24.25 55.02
N ILE D 280 -20.23 -24.77 53.80
CA ILE D 280 -19.10 -25.65 53.50
C ILE D 280 -17.80 -24.87 53.37
N ILE D 281 -17.86 -23.56 53.13
CA ILE D 281 -16.67 -22.72 53.25
C ILE D 281 -16.22 -22.65 54.70
N ARG D 282 -17.16 -22.52 55.64
CA ARG D 282 -16.80 -22.32 57.04
C ARG D 282 -16.05 -23.52 57.61
N THR D 283 -16.48 -24.73 57.30
CA THR D 283 -15.88 -25.95 57.84
C THR D 283 -15.46 -26.86 56.70
N GLY D 284 -14.22 -27.31 56.72
CA GLY D 284 -13.73 -28.22 55.71
C GLY D 284 -12.23 -28.13 55.58
N LYS D 285 -11.70 -28.93 54.66
CA LYS D 285 -10.26 -29.00 54.43
C LYS D 285 -9.99 -29.61 53.07
N GLY D 286 -8.97 -29.09 52.40
CA GLY D 286 -8.51 -29.65 51.14
C GLY D 286 -8.93 -28.84 49.94
N GLN D 287 -8.92 -29.51 48.78
CA GLN D 287 -9.33 -28.90 47.53
C GLN D 287 -10.81 -28.57 47.49
N LYS D 288 -11.61 -29.14 48.41
CA LYS D 288 -13.00 -28.72 48.57
C LYS D 288 -13.09 -27.23 48.88
N LYS D 289 -12.12 -26.70 49.64
CA LYS D 289 -12.07 -25.27 49.90
C LYS D 289 -11.93 -24.47 48.62
N THR D 290 -11.03 -24.90 47.72
CA THR D 290 -10.85 -24.18 46.47
C THR D 290 -12.07 -24.29 45.57
N ARG D 291 -12.66 -25.49 45.51
CA ARG D 291 -13.87 -25.70 44.70
C ARG D 291 -15.00 -24.79 45.17
N ALA D 292 -15.28 -24.82 46.47
CA ALA D 292 -16.35 -23.99 47.02
C ALA D 292 -16.01 -22.51 46.93
N LEU D 293 -14.72 -22.15 47.01
CA LEU D 293 -14.31 -20.76 46.87
C LEU D 293 -14.63 -20.23 45.48
N LYS D 294 -14.23 -20.97 44.44
CA LYS D 294 -14.55 -20.52 43.08
C LYS D 294 -16.05 -20.53 42.83
N ARG D 295 -16.74 -21.56 43.33
CA ARG D 295 -18.17 -21.64 43.12
C ARG D 295 -18.90 -20.49 43.80
N LEU D 296 -18.44 -20.07 44.98
CA LEU D 296 -19.08 -18.95 45.66
C LEU D 296 -18.70 -17.62 45.02
N LYS D 297 -17.47 -17.50 44.49
CA LYS D 297 -17.11 -16.26 43.82
C LYS D 297 -17.84 -16.12 42.49
N VAL D 298 -18.35 -17.21 41.92
CA VAL D 298 -19.16 -17.11 40.71
C VAL D 298 -20.63 -16.94 41.02
N VAL D 299 -21.17 -17.75 41.94
CA VAL D 299 -22.61 -17.75 42.22
C VAL D 299 -23.03 -16.42 42.85
N SER D 300 -22.21 -15.87 43.74
CA SER D 300 -22.57 -14.61 44.41
C SER D 300 -22.69 -13.45 43.44
N ALA D 301 -22.13 -13.57 42.23
CA ALA D 301 -22.34 -12.54 41.21
C ALA D 301 -23.81 -12.45 40.83
N PHE D 302 -24.47 -13.60 40.68
CA PHE D 302 -25.89 -13.61 40.31
C PHE D 302 -26.80 -13.17 41.44
N LEU D 303 -26.32 -13.21 42.69
CA LEU D 303 -27.15 -12.82 43.83
C LEU D 303 -27.22 -11.30 43.96
N GLN D 304 -26.06 -10.64 44.05
CA GLN D 304 -26.03 -9.21 44.24
C GLN D 304 -26.57 -8.47 43.02
N THR D 305 -26.15 -8.88 41.83
CA THR D 305 -26.59 -8.22 40.61
C THR D 305 -28.00 -8.66 40.23
N SER D 306 -28.65 -7.82 39.44
CA SER D 306 -30.06 -8.03 39.09
C SER D 306 -30.27 -8.79 37.78
N ASN D 307 -29.20 -9.09 37.05
CA ASN D 307 -29.35 -9.83 35.80
C ASN D 307 -29.64 -11.30 36.09
N SER D 308 -30.66 -11.84 35.44
CA SER D 308 -31.03 -13.21 35.67
C SER D 308 -30.03 -14.16 35.00
N PRO D 309 -29.77 -15.33 35.59
CA PRO D 309 -28.88 -16.31 34.97
C PRO D 309 -29.51 -17.11 33.84
N LYS D 310 -30.65 -16.68 33.32
CA LYS D 310 -31.30 -17.38 32.21
C LYS D 310 -30.44 -17.33 30.96
N GLY D 311 -29.70 -16.23 30.76
CA GLY D 311 -29.03 -15.95 29.51
C GLY D 311 -27.86 -16.85 29.18
N MET D 312 -27.46 -17.73 30.09
CA MET D 312 -26.39 -18.67 29.76
C MET D 312 -26.81 -19.64 28.67
N VAL D 313 -28.07 -20.02 28.66
CA VAL D 313 -28.67 -20.81 27.58
C VAL D 313 -29.72 -19.94 26.89
N LEU D 314 -29.64 -19.86 25.57
CA LEU D 314 -30.36 -18.84 24.81
C LEU D 314 -31.37 -19.48 23.86
N ASP D 315 -32.41 -18.71 23.56
CA ASP D 315 -33.44 -19.12 22.59
C ASP D 315 -33.38 -18.35 21.29
N CYS D 316 -32.82 -17.14 21.29
CA CYS D 316 -32.75 -16.29 20.11
C CYS D 316 -31.31 -15.91 19.85
N VAL D 317 -30.99 -15.68 18.57
CA VAL D 317 -29.65 -15.31 18.15
C VAL D 317 -29.73 -13.99 17.41
N PRO D 318 -29.18 -12.90 17.93
CA PRO D 318 -29.18 -11.63 17.20
C PRO D 318 -28.24 -11.70 16.00
N VAL D 319 -28.50 -10.84 15.03
CA VAL D 319 -27.73 -10.81 13.79
C VAL D 319 -27.00 -9.48 13.68
N ILE D 320 -25.76 -9.53 13.21
CA ILE D 320 -25.01 -8.34 12.82
C ILE D 320 -25.76 -7.58 11.74
N PRO D 321 -25.83 -6.24 11.81
CA PRO D 321 -26.41 -5.49 10.71
C PRO D 321 -25.62 -5.70 9.43
N PRO D 322 -26.28 -5.62 8.27
CA PRO D 322 -25.66 -6.12 7.04
C PRO D 322 -24.42 -5.37 6.55
N ASP D 323 -24.20 -4.12 6.95
CA ASP D 323 -22.98 -3.45 6.53
C ASP D 323 -21.75 -4.05 7.19
N LEU D 324 -21.86 -4.41 8.46
CA LEU D 324 -20.72 -4.94 9.19
C LEU D 324 -20.37 -6.36 8.78
N ARG D 325 -21.24 -7.02 8.02
CA ARG D 325 -20.94 -8.32 7.39
C ARG D 325 -21.28 -8.22 5.91
N PRO D 326 -20.57 -7.38 5.16
CA PRO D 326 -21.06 -6.96 3.85
C PRO D 326 -20.87 -8.03 2.78
N MET D 327 -21.57 -7.82 1.67
CA MET D 327 -21.39 -8.61 0.45
C MET D 327 -21.24 -7.58 -0.68
N VAL D 328 -20.00 -7.21 -0.96
CA VAL D 328 -19.69 -6.07 -1.82
C VAL D 328 -19.42 -6.56 -3.25
N GLN D 329 -19.95 -5.82 -4.21
CA GLN D 329 -19.67 -6.10 -5.61
C GLN D 329 -18.23 -5.72 -5.96
N LEU D 330 -17.58 -6.56 -6.75
CA LEU D 330 -16.22 -6.29 -7.23
C LEU D 330 -16.20 -6.23 -8.75
N ASP D 331 -15.02 -5.89 -9.26
CA ASP D 331 -14.80 -5.91 -10.71
C ASP D 331 -14.85 -7.34 -11.23
N GLY D 332 -15.41 -7.49 -12.43
CA GLY D 332 -15.51 -8.80 -13.05
C GLY D 332 -16.70 -9.63 -12.61
N GLY D 333 -17.61 -9.07 -11.83
CA GLY D 333 -18.79 -9.79 -11.40
C GLY D 333 -18.60 -10.63 -10.16
N ARG D 334 -17.39 -10.70 -9.61
CA ARG D 334 -17.14 -11.49 -8.41
C ARG D 334 -17.76 -10.81 -7.19
N PHE D 335 -18.08 -11.63 -6.19
CA PHE D 335 -18.66 -11.18 -4.95
C PHE D 335 -17.76 -11.58 -3.78
N ALA D 336 -17.69 -10.72 -2.77
CA ALA D 336 -16.94 -11.01 -1.56
C ALA D 336 -17.84 -10.80 -0.35
N THR D 337 -17.96 -11.84 0.47
CA THR D 337 -18.83 -11.79 1.64
C THR D 337 -18.03 -12.16 2.88
N SER D 338 -18.45 -11.62 4.01
CA SER D 338 -17.84 -11.98 5.28
C SER D 338 -18.29 -13.37 5.70
N ASP D 339 -17.46 -14.02 6.54
CA ASP D 339 -17.79 -15.37 6.99
C ASP D 339 -18.97 -15.38 7.95
N LEU D 340 -19.30 -14.23 8.53
CA LEU D 340 -20.48 -14.16 9.40
C LEU D 340 -21.75 -14.50 8.64
N ASN D 341 -21.83 -14.06 7.38
CA ASN D 341 -23.01 -14.39 6.58
C ASN D 341 -23.09 -15.89 6.34
N ASP D 342 -21.96 -16.56 6.12
CA ASP D 342 -21.96 -18.01 5.95
C ASP D 342 -22.38 -18.72 7.24
N LEU D 343 -21.87 -18.27 8.38
CA LEU D 343 -22.24 -18.89 9.65
C LEU D 343 -23.72 -18.68 9.97
N TYR D 344 -24.23 -17.47 9.71
CA TYR D 344 -25.65 -17.20 9.91
C TYR D 344 -26.50 -18.03 8.96
N ARG D 345 -26.03 -18.23 7.73
CA ARG D 345 -26.74 -19.08 6.77
C ARG D 345 -26.79 -20.52 7.27
N ARG D 346 -25.69 -21.01 7.83
CA ARG D 346 -25.66 -22.37 8.37
C ARG D 346 -26.64 -22.52 9.53
N VAL D 347 -26.64 -21.55 10.45
CA VAL D 347 -27.55 -21.59 11.60
C VAL D 347 -28.99 -21.54 11.13
N ILE D 348 -29.30 -20.69 10.15
CA ILE D 348 -30.67 -20.54 9.68
C ILE D 348 -31.14 -21.79 8.95
N ASN D 349 -30.26 -22.39 8.14
CA ASN D 349 -30.60 -23.63 7.47
C ASN D 349 -30.91 -24.73 8.46
N ARG D 350 -30.07 -24.88 9.50
CA ARG D 350 -30.31 -25.93 10.46
C ARG D 350 -31.53 -25.65 11.32
N ASN D 351 -31.80 -24.39 11.65
CA ASN D 351 -33.00 -24.06 12.41
C ASN D 351 -34.26 -24.34 11.60
N ASN D 352 -34.23 -24.04 10.29
CA ASN D 352 -35.36 -24.35 9.43
C ASN D 352 -35.58 -25.85 9.33
N ARG D 353 -34.49 -26.62 9.19
CA ARG D 353 -34.62 -28.07 9.13
C ARG D 353 -35.14 -28.65 10.44
N LEU D 354 -34.71 -28.10 11.57
CA LEU D 354 -35.25 -28.53 12.86
C LEU D 354 -36.73 -28.21 13.00
N LYS D 355 -37.14 -27.03 12.53
CA LYS D 355 -38.56 -26.69 12.53
C LYS D 355 -39.35 -27.65 11.67
N ARG D 356 -38.79 -28.03 10.51
CA ARG D 356 -39.47 -28.99 9.64
C ARG D 356 -39.60 -30.36 10.29
N LEU D 357 -38.55 -30.82 11.00
CA LEU D 357 -38.65 -32.09 11.70
C LEU D 357 -39.67 -32.03 12.84
N LEU D 358 -39.72 -30.91 13.55
CA LEU D 358 -40.74 -30.77 14.59
C LEU D 358 -42.15 -30.62 14.02
N ASP D 359 -42.28 -30.22 12.76
CA ASP D 359 -43.61 -30.11 12.15
C ASP D 359 -44.28 -31.48 12.04
N LEU D 360 -43.53 -32.49 11.62
CA LEU D 360 -44.07 -33.82 11.43
C LEU D 360 -43.56 -34.75 12.55
N GLY D 361 -43.91 -36.03 12.43
CA GLY D 361 -43.43 -37.02 13.38
C GLY D 361 -42.13 -37.63 12.94
N ALA D 362 -41.06 -37.40 13.71
CA ALA D 362 -39.73 -37.85 13.33
C ALA D 362 -39.12 -38.69 14.43
N PRO D 363 -38.23 -39.62 14.08
CA PRO D 363 -37.57 -40.43 15.11
C PRO D 363 -36.67 -39.60 16.00
N GLU D 364 -36.48 -40.09 17.24
CA GLU D 364 -35.76 -39.33 18.25
C GLU D 364 -34.29 -39.15 17.90
N ILE D 365 -33.68 -40.14 17.25
CA ILE D 365 -32.27 -40.03 16.87
C ILE D 365 -32.07 -38.91 15.85
N ILE D 366 -32.98 -38.80 14.89
CA ILE D 366 -32.83 -37.78 13.84
C ILE D 366 -33.04 -36.38 14.42
N VAL D 367 -34.07 -36.22 15.26
CA VAL D 367 -34.33 -34.92 15.88
C VAL D 367 -33.19 -34.53 16.80
N ASN D 368 -32.67 -35.49 17.57
CA ASN D 368 -31.54 -35.20 18.46
C ASN D 368 -30.30 -34.82 17.68
N ASN D 369 -30.04 -35.49 16.56
CA ASN D 369 -28.89 -35.14 15.74
C ASN D 369 -29.06 -33.75 15.11
N GLU D 370 -30.30 -33.42 14.72
CA GLU D 370 -30.55 -32.09 14.17
C GLU D 370 -30.35 -31.01 15.23
N LYS D 371 -30.84 -31.24 16.44
CA LYS D 371 -30.61 -30.29 17.51
C LYS D 371 -29.13 -30.17 17.86
N ARG D 372 -28.39 -31.28 17.78
CA ARG D 372 -26.96 -31.24 18.04
C ARG D 372 -26.22 -30.42 16.99
N MET D 373 -26.56 -30.61 15.71
CA MET D 373 -25.87 -29.85 14.68
C MET D 373 -26.28 -28.37 14.71
N LEU D 374 -27.52 -28.09 15.13
CA LEU D 374 -27.93 -26.69 15.37
C LEU D 374 -27.10 -26.06 16.48
N GLN D 375 -26.95 -26.76 17.60
CA GLN D 375 -26.17 -26.25 18.71
C GLN D 375 -24.71 -26.05 18.31
N GLU D 376 -24.16 -26.99 17.55
CA GLU D 376 -22.78 -26.85 17.09
C GLU D 376 -22.61 -25.71 16.11
N ALA D 377 -23.60 -25.47 15.24
CA ALA D 377 -23.52 -24.35 14.32
C ALA D 377 -23.60 -23.01 15.06
N VAL D 378 -24.46 -22.92 16.09
CA VAL D 378 -24.51 -21.70 16.90
C VAL D 378 -23.20 -21.50 17.64
N ASP D 379 -22.61 -22.58 18.14
CA ASP D 379 -21.31 -22.50 18.80
C ASP D 379 -20.24 -22.02 17.83
N ALA D 380 -20.27 -22.51 16.59
CA ALA D 380 -19.31 -22.06 15.59
C ALA D 380 -19.52 -20.60 15.22
N LEU D 381 -20.77 -20.14 15.24
CA LEU D 381 -21.03 -18.72 15.03
C LEU D 381 -20.44 -17.88 16.16
N PHE D 382 -20.59 -18.32 17.40
CA PHE D 382 -20.02 -17.56 18.51
C PHE D 382 -18.53 -17.82 18.68
N ASP D 383 -18.03 -18.99 18.29
CA ASP D 383 -16.58 -19.30 18.49
C ASP D 383 -16.15 -20.43 17.56
N ASN D 384 -15.74 -20.10 16.34
CA ASN D 384 -15.29 -21.08 15.35
C ASN D 384 -13.88 -21.50 15.72
N GLY D 385 -13.71 -22.76 16.11
CA GLY D 385 -12.43 -23.27 16.53
C GLY D 385 -12.24 -23.43 18.02
N ARG D 386 -13.25 -23.10 18.83
CA ARG D 386 -13.14 -23.30 20.27
C ARG D 386 -13.13 -24.78 20.60
N ARG D 387 -13.99 -25.57 19.97
CA ARG D 387 -14.08 -27.00 20.22
C ARG D 387 -13.95 -27.77 18.92
N GLY D 388 -13.10 -28.78 18.92
CA GLY D 388 -12.99 -29.67 17.79
C GLY D 388 -12.41 -29.00 16.57
N ARG D 389 -12.61 -29.66 15.43
CA ARG D 389 -12.15 -29.10 14.16
C ARG D 389 -13.03 -27.91 13.78
N PRO D 390 -12.44 -26.75 13.52
CA PRO D 390 -13.25 -25.59 13.11
C PRO D 390 -13.90 -25.82 11.75
N VAL D 391 -15.02 -25.13 11.54
CA VAL D 391 -15.70 -25.18 10.25
C VAL D 391 -14.83 -24.45 9.24
N THR D 392 -14.18 -25.21 8.36
CA THR D 392 -13.17 -24.64 7.47
C THR D 392 -13.84 -23.82 6.37
N GLY D 393 -14.69 -24.45 5.56
CA GLY D 393 -15.34 -23.77 4.47
C GLY D 393 -14.72 -24.10 3.13
N PRO D 394 -13.92 -23.16 2.59
CA PRO D 394 -13.24 -23.44 1.31
C PRO D 394 -12.22 -24.54 1.37
N GLY D 395 -11.77 -24.93 2.57
CA GLY D 395 -10.79 -25.99 2.71
C GLY D 395 -9.38 -25.53 3.01
N ASN D 396 -9.18 -24.23 3.23
CA ASN D 396 -7.85 -23.69 3.48
C ASN D 396 -7.70 -23.13 4.90
N ARG D 397 -8.60 -22.24 5.31
CA ARG D 397 -8.52 -21.59 6.60
C ARG D 397 -9.86 -21.70 7.31
N PRO D 398 -9.87 -21.66 8.64
CA PRO D 398 -11.14 -21.64 9.36
C PRO D 398 -11.85 -20.30 9.22
N LEU D 399 -13.18 -20.36 9.21
CA LEU D 399 -13.98 -19.14 9.18
C LEU D 399 -13.80 -18.37 10.49
N LYS D 400 -13.78 -17.04 10.39
CA LYS D 400 -13.62 -16.20 11.57
C LYS D 400 -15.00 -15.84 12.12
N SER D 401 -15.24 -16.20 13.37
CA SER D 401 -16.52 -16.01 14.03
C SER D 401 -16.66 -14.58 14.51
N LEU D 402 -17.67 -14.33 15.35
CA LEU D 402 -17.82 -13.03 15.99
C LEU D 402 -16.63 -12.72 16.87
N SER D 403 -16.29 -13.66 17.74
CA SER D 403 -15.20 -13.44 18.73
C SER D 403 -13.85 -13.39 18.02
N ASP D 404 -13.74 -14.10 16.91
CA ASP D 404 -12.45 -14.17 16.24
C ASP D 404 -11.99 -12.83 15.69
N MET D 405 -12.88 -11.84 15.66
CA MET D 405 -12.53 -10.47 15.33
C MET D 405 -12.76 -9.51 16.50
N LEU D 406 -12.95 -10.04 17.71
CA LEU D 406 -12.90 -9.27 18.94
C LEU D 406 -11.64 -9.58 19.74
N LYS D 407 -10.57 -9.99 19.06
CA LYS D 407 -9.46 -10.63 19.76
C LYS D 407 -8.19 -10.49 18.94
N GLY D 408 -7.08 -10.22 19.63
CA GLY D 408 -5.77 -10.30 19.02
C GLY D 408 -5.41 -9.10 18.17
N LYS D 409 -4.38 -9.31 17.35
CA LYS D 409 -3.89 -8.26 16.46
C LYS D 409 -4.88 -7.92 15.36
N GLN D 410 -5.79 -8.83 15.03
CA GLN D 410 -6.81 -8.58 14.02
C GLN D 410 -8.15 -8.18 14.63
N GLY D 411 -8.23 -8.05 15.95
CA GLY D 411 -9.47 -7.69 16.59
C GLY D 411 -9.78 -6.21 16.51
N ARG D 412 -10.97 -5.85 16.97
CA ARG D 412 -11.37 -4.45 16.99
C ARG D 412 -10.61 -3.68 18.06
N PHE D 413 -10.29 -4.34 19.17
CA PHE D 413 -9.68 -3.64 20.30
C PHE D 413 -8.27 -3.16 19.98
N ARG D 414 -7.54 -3.90 19.14
CA ARG D 414 -6.12 -3.62 18.93
C ARG D 414 -5.76 -3.10 17.56
N GLN D 415 -6.64 -3.23 16.57
CA GLN D 415 -6.32 -2.78 15.22
C GLN D 415 -7.18 -1.63 14.73
N ASN D 416 -8.32 -1.36 15.36
CA ASN D 416 -9.21 -0.32 14.86
C ASN D 416 -9.74 0.62 15.93
N LEU D 417 -9.33 0.47 17.18
CA LEU D 417 -9.81 1.33 18.26
C LEU D 417 -8.69 2.10 18.93
N LEU D 418 -7.65 1.41 19.38
CA LEU D 418 -6.50 2.11 19.96
C LEU D 418 -5.67 2.80 18.89
N GLY D 419 -5.45 2.13 17.77
CA GLY D 419 -4.68 2.70 16.67
C GLY D 419 -5.45 2.71 15.37
N LYS D 420 -5.61 3.90 14.78
CA LYS D 420 -6.41 4.08 13.59
C LYS D 420 -5.61 4.79 12.51
N ARG D 421 -6.00 4.58 11.27
CA ARG D 421 -5.49 5.40 10.18
C ARG D 421 -5.99 6.83 10.36
N VAL D 422 -5.33 7.78 9.70
CA VAL D 422 -5.69 9.19 9.83
C VAL D 422 -5.69 9.86 8.47
N ASP D 423 -6.54 10.86 8.32
CA ASP D 423 -6.47 11.78 7.20
C ASP D 423 -5.41 12.83 7.47
N TYR D 424 -5.14 13.66 6.46
CA TYR D 424 -4.16 14.74 6.53
C TYR D 424 -2.80 14.24 7.02
N SER D 425 -2.32 13.16 6.40
CA SER D 425 -1.05 12.56 6.75
C SER D 425 -0.26 12.26 5.48
N ALA D 426 1.05 12.14 5.63
CA ALA D 426 1.93 11.93 4.50
C ALA D 426 3.19 11.20 4.95
N ARG D 427 3.92 10.66 3.98
CA ARG D 427 5.14 9.91 4.28
C ARG D 427 6.09 9.97 3.10
N SER D 428 7.36 10.24 3.38
CA SER D 428 8.42 10.12 2.38
C SER D 428 9.73 9.94 3.11
N VAL D 429 10.78 9.64 2.34
CA VAL D 429 12.11 9.47 2.93
C VAL D 429 12.61 10.78 3.48
N ILE D 430 13.67 10.70 4.29
CA ILE D 430 14.20 11.85 5.00
C ILE D 430 15.59 12.18 4.47
N VAL D 431 15.92 13.47 4.50
CA VAL D 431 17.25 13.96 4.15
C VAL D 431 17.68 14.96 5.21
N VAL D 432 18.98 15.13 5.33
CA VAL D 432 19.56 16.02 6.33
C VAL D 432 19.68 17.43 5.75
N GLY D 433 19.19 18.40 6.50
CA GLY D 433 19.40 19.79 6.13
C GLY D 433 20.03 20.58 7.25
N PRO D 434 21.32 20.94 7.09
CA PRO D 434 21.97 21.78 8.10
C PRO D 434 21.52 23.23 8.06
N GLN D 435 20.81 23.66 7.02
CA GLN D 435 20.40 25.04 6.93
C GLN D 435 19.15 25.35 7.74
N LEU D 436 18.48 24.35 8.28
CA LEU D 436 17.28 24.57 9.06
C LEU D 436 17.62 24.99 10.48
N LYS D 437 16.66 25.64 11.14
CA LYS D 437 16.78 25.98 12.55
C LYS D 437 16.43 24.74 13.37
N LEU D 438 16.23 24.91 14.67
CA LEU D 438 15.85 23.77 15.49
C LEU D 438 14.38 23.40 15.28
N HIS D 439 13.55 24.36 14.90
CA HIS D 439 12.10 24.15 14.86
C HIS D 439 11.56 24.09 13.43
N GLN D 440 12.41 23.79 12.45
CA GLN D 440 12.00 23.81 11.06
C GLN D 440 12.24 22.46 10.41
N CYS D 441 11.34 22.09 9.49
CA CYS D 441 11.49 20.91 8.65
C CYS D 441 11.10 21.28 7.22
N GLY D 442 11.68 20.57 6.26
CA GLY D 442 11.43 20.91 4.88
C GLY D 442 10.53 19.93 4.15
N LEU D 443 9.29 20.31 3.94
CA LEU D 443 8.39 19.43 3.21
C LEU D 443 8.55 19.65 1.70
N PRO D 444 8.29 18.62 0.90
CA PRO D 444 8.29 18.81 -0.56
C PRO D 444 7.07 19.61 -0.99
N LYS D 445 7.07 20.00 -2.27
CA LYS D 445 5.96 20.76 -2.80
C LYS D 445 4.70 19.92 -2.91
N ALA D 446 4.81 18.69 -3.42
CA ALA D 446 3.65 17.83 -3.58
C ALA D 446 3.06 17.44 -2.24
N MET D 447 3.92 17.11 -1.26
CA MET D 447 3.44 16.79 0.08
C MET D 447 2.72 17.96 0.71
N ALA D 448 3.30 19.16 0.62
CA ALA D 448 2.68 20.30 1.26
C ALA D 448 1.41 20.74 0.54
N LEU D 449 1.32 20.45 -0.76
CA LEU D 449 0.09 20.76 -1.47
C LEU D 449 -1.03 19.78 -1.11
N GLU D 450 -0.70 18.49 -1.00
CA GLU D 450 -1.74 17.53 -0.68
C GLU D 450 -2.15 17.59 0.78
N LEU D 451 -1.23 17.92 1.69
CA LEU D 451 -1.60 18.07 3.09
C LEU D 451 -2.45 19.30 3.31
N PHE D 452 -2.03 20.44 2.75
CA PHE D 452 -2.68 21.72 2.98
C PHE D 452 -3.64 22.10 1.86
N LYS D 453 -4.19 21.11 1.16
CA LYS D 453 -5.07 21.41 0.02
C LYS D 453 -6.30 22.21 0.39
N PRO D 454 -7.12 21.82 1.39
CA PRO D 454 -8.31 22.65 1.69
C PRO D 454 -7.98 24.06 2.14
N PHE D 455 -6.90 24.23 2.89
CA PHE D 455 -6.46 25.58 3.26
C PHE D 455 -6.02 26.37 2.03
N VAL D 456 -5.39 25.70 1.07
CA VAL D 456 -4.97 26.37 -0.16
C VAL D 456 -6.19 26.83 -0.96
N MET D 457 -7.22 25.99 -1.06
CA MET D 457 -8.44 26.42 -1.74
C MET D 457 -9.11 27.58 -1.00
N LYS D 458 -9.15 27.53 0.33
CA LYS D 458 -9.76 28.61 1.09
C LYS D 458 -9.02 29.93 0.86
N ARG D 459 -7.69 29.90 0.87
CA ARG D 459 -6.94 31.12 0.66
C ARG D 459 -7.02 31.59 -0.79
N LEU D 460 -7.09 30.65 -1.75
CA LEU D 460 -7.24 31.04 -3.14
C LEU D 460 -8.57 31.73 -3.39
N VAL D 461 -9.64 31.24 -2.78
CA VAL D 461 -10.92 31.92 -2.90
C VAL D 461 -10.89 33.26 -2.17
N ASP D 462 -10.20 33.31 -1.02
CA ASP D 462 -10.04 34.57 -0.31
C ASP D 462 -9.20 35.56 -1.11
N LEU D 463 -8.17 35.08 -1.80
CA LEU D 463 -7.34 35.92 -2.64
C LEU D 463 -7.89 36.05 -4.06
N ASN D 464 -9.08 35.53 -4.30
CA ASN D 464 -9.85 35.57 -5.55
C ASN D 464 -9.03 35.27 -6.80
N HIS D 465 -8.08 34.33 -6.70
CA HIS D 465 -7.46 33.79 -7.90
C HIS D 465 -8.39 32.84 -8.64
N ALA D 466 -9.28 32.18 -7.92
CA ALA D 466 -10.37 31.39 -8.49
C ALA D 466 -11.69 31.97 -8.06
N GLN D 467 -12.71 31.82 -8.90
CA GLN D 467 -14.00 32.42 -8.60
C GLN D 467 -14.70 31.71 -7.45
N ASN D 468 -14.62 30.39 -7.39
CA ASN D 468 -15.31 29.61 -6.37
C ASN D 468 -14.45 28.40 -5.98
N ILE D 469 -15.02 27.50 -5.19
CA ILE D 469 -14.25 26.40 -4.62
C ILE D 469 -13.86 25.39 -5.69
N LYS D 470 -14.78 25.11 -6.62
CA LYS D 470 -14.51 24.11 -7.65
C LYS D 470 -13.37 24.54 -8.56
N SER D 471 -13.32 25.83 -8.91
CA SER D 471 -12.22 26.34 -9.71
C SER D 471 -10.90 26.28 -8.95
N ALA D 472 -10.95 26.53 -7.63
CA ALA D 472 -9.75 26.41 -6.81
C ALA D 472 -9.24 24.97 -6.80
N LYS D 473 -10.15 24.00 -6.68
CA LYS D 473 -9.76 22.60 -6.73
C LYS D 473 -9.20 22.24 -8.10
N ARG D 474 -9.79 22.80 -9.15
CA ARG D 474 -9.29 22.55 -10.51
C ARG D 474 -7.86 23.07 -10.67
N MET D 475 -7.58 24.27 -10.15
CA MET D 475 -6.22 24.79 -10.23
C MET D 475 -5.26 23.97 -9.38
N VAL D 476 -5.70 23.52 -8.20
CA VAL D 476 -4.83 22.73 -7.33
C VAL D 476 -4.47 21.42 -8.00
N GLU D 477 -5.46 20.75 -8.60
CA GLU D 477 -5.18 19.52 -9.34
C GLU D 477 -4.29 19.78 -10.55
N ARG D 478 -4.52 20.90 -11.25
CA ARG D 478 -3.65 21.25 -12.37
C ARG D 478 -2.27 21.65 -11.89
N GLY D 479 -2.19 22.37 -10.77
CA GLY D 479 -0.91 22.72 -10.18
C GLY D 479 -0.20 23.89 -10.85
N ARG D 480 -0.81 25.07 -10.79
CA ARG D 480 -0.17 26.27 -11.32
C ARG D 480 0.74 26.91 -10.27
N THR D 481 1.56 27.85 -10.72
CA THR D 481 2.55 28.46 -9.83
C THR D 481 1.88 29.36 -8.78
N VAL D 482 0.72 29.92 -9.09
CA VAL D 482 0.00 30.74 -8.12
C VAL D 482 -0.43 29.90 -6.92
N VAL D 483 -0.76 28.62 -7.16
CA VAL D 483 -1.09 27.71 -6.07
C VAL D 483 0.12 27.51 -5.16
N TYR D 484 1.31 27.36 -5.74
CA TYR D 484 2.50 27.21 -4.92
C TYR D 484 2.83 28.48 -4.15
N ASP D 485 2.60 29.65 -4.75
CA ASP D 485 2.84 30.90 -4.05
C ASP D 485 1.91 31.05 -2.86
N VAL D 486 0.61 30.79 -3.06
CA VAL D 486 -0.32 30.92 -1.94
C VAL D 486 -0.07 29.82 -0.91
N LEU D 487 0.45 28.66 -1.36
CA LEU D 487 0.84 27.61 -0.44
C LEU D 487 1.94 28.09 0.50
N GLU D 488 2.99 28.68 -0.08
CA GLU D 488 4.08 29.24 0.73
C GLU D 488 3.54 30.32 1.66
N GLU D 489 2.50 31.04 1.23
CA GLU D 489 1.87 32.00 2.12
C GLU D 489 1.05 31.35 3.22
N VAL D 490 0.58 30.11 3.04
CA VAL D 490 -0.30 29.48 4.01
C VAL D 490 0.46 28.70 5.07
N ILE D 491 1.38 27.82 4.67
CA ILE D 491 1.92 26.82 5.58
C ILE D 491 2.77 27.40 6.70
N ALA D 492 3.20 28.65 6.58
CA ALA D 492 3.91 29.29 7.68
C ALA D 492 2.96 29.50 8.86
N GLU D 493 3.54 29.49 10.06
CA GLU D 493 2.80 29.60 11.32
C GLU D 493 1.75 28.50 11.43
N HIS D 494 2.12 27.28 11.05
CA HIS D 494 1.20 26.15 11.04
C HIS D 494 2.00 24.87 11.22
N PRO D 495 2.21 24.45 12.47
CA PRO D 495 3.11 23.32 12.72
C PRO D 495 2.56 22.00 12.23
N VAL D 496 3.47 21.08 11.94
CA VAL D 496 3.14 19.71 11.55
C VAL D 496 3.86 18.75 12.49
N LEU D 497 3.29 17.56 12.63
CA LEU D 497 3.85 16.54 13.51
C LEU D 497 4.64 15.52 12.68
N LEU D 498 5.92 15.41 12.95
CA LEU D 498 6.74 14.38 12.31
C LEU D 498 6.93 13.22 13.27
N ASN D 499 7.11 12.03 12.68
CA ASN D 499 6.93 10.79 13.45
C ASN D 499 7.62 9.64 12.75
N ARG D 500 8.40 8.86 13.50
CA ARG D 500 9.03 7.65 12.99
C ARG D 500 8.25 6.42 13.44
N ALA D 501 8.29 5.38 12.61
CA ALA D 501 7.48 4.20 12.86
C ALA D 501 7.77 3.48 14.17
N PRO D 502 9.03 3.22 14.57
CA PRO D 502 9.23 2.56 15.87
C PRO D 502 8.71 3.35 17.07
N THR D 503 8.87 4.68 17.05
CA THR D 503 8.43 5.64 18.10
C THR D 503 8.58 5.07 19.50
N LEU D 504 9.82 4.70 19.83
CA LEU D 504 10.10 3.97 21.07
C LEU D 504 9.74 4.79 22.30
N HIS D 505 10.05 6.09 22.30
CA HIS D 505 9.78 6.90 23.47
C HIS D 505 9.03 8.18 23.14
N ARG D 506 8.97 9.09 24.10
CA ARG D 506 8.13 10.28 24.01
C ARG D 506 8.55 11.22 22.89
N LEU D 507 9.82 11.21 22.50
CA LEU D 507 10.32 12.16 21.51
C LEU D 507 10.19 11.63 20.09
N GLY D 508 9.45 10.55 19.87
CA GLY D 508 9.21 10.10 18.52
C GLY D 508 8.25 10.96 17.73
N ILE D 509 7.53 11.86 18.40
CA ILE D 509 6.65 12.82 17.75
C ILE D 509 7.11 14.20 18.17
N GLN D 510 7.55 15.01 17.21
CA GLN D 510 8.04 16.35 17.49
C GLN D 510 7.44 17.30 16.46
N ALA D 511 6.83 18.38 16.93
CA ALA D 511 6.21 19.34 16.03
C ALA D 511 7.25 20.31 15.50
N PHE D 512 7.39 20.36 14.18
CA PHE D 512 8.26 21.28 13.50
C PHE D 512 7.42 22.35 12.80
N GLU D 513 8.09 23.36 12.26
CA GLU D 513 7.46 24.30 11.35
C GLU D 513 7.82 23.93 9.93
N PRO D 514 6.86 23.68 9.05
CA PRO D 514 7.19 23.25 7.69
C PRO D 514 7.79 24.39 6.89
N GLN D 515 8.43 24.00 5.79
CA GLN D 515 9.17 24.95 4.96
C GLN D 515 9.30 24.33 3.57
N LEU D 516 8.94 25.09 2.54
CA LEU D 516 8.90 24.53 1.20
C LEU D 516 10.31 24.28 0.67
N VAL D 517 10.57 23.05 0.25
CA VAL D 517 11.80 22.68 -0.42
C VAL D 517 11.47 21.83 -1.63
N GLU D 518 12.41 21.76 -2.56
CA GLU D 518 12.28 20.91 -3.73
C GLU D 518 12.74 19.49 -3.40
N GLY D 519 12.77 18.64 -4.41
CA GLY D 519 12.99 17.23 -4.20
C GLY D 519 11.71 16.55 -3.74
N LYS D 520 11.85 15.29 -3.36
CA LYS D 520 10.71 14.50 -2.90
C LYS D 520 10.97 13.91 -1.52
N ALA D 521 11.77 14.58 -0.70
CA ALA D 521 12.14 14.07 0.61
C ALA D 521 11.95 15.15 1.66
N ILE D 522 11.64 14.71 2.88
CA ILE D 522 11.44 15.62 3.99
C ILE D 522 12.81 16.04 4.53
N GLN D 523 13.07 17.34 4.54
CA GLN D 523 14.34 17.87 5.04
C GLN D 523 14.22 18.10 6.54
N ILE D 524 15.15 17.53 7.30
CA ILE D 524 15.06 17.46 8.74
C ILE D 524 16.37 17.90 9.37
N HIS D 525 16.27 18.66 10.45
CA HIS D 525 17.44 19.16 11.16
C HIS D 525 18.29 17.99 11.68
N PRO D 526 19.59 17.97 11.41
CA PRO D 526 20.43 16.90 11.97
C PRO D 526 20.47 16.85 13.48
N LEU D 527 20.26 18.00 14.13
CA LEU D 527 20.36 18.12 15.58
C LEU D 527 19.31 17.32 16.31
N VAL D 528 18.27 16.86 15.63
CA VAL D 528 17.16 16.17 16.27
C VAL D 528 17.00 14.74 15.75
N CYS D 529 17.76 14.33 14.73
CA CYS D 529 17.54 13.02 14.12
C CYS D 529 17.97 11.88 15.05
N THR D 530 18.84 12.15 16.02
CA THR D 530 19.21 11.09 16.95
C THR D 530 18.13 10.82 17.98
N ALA D 531 17.27 11.81 18.27
CA ALA D 531 16.15 11.57 19.17
C ALA D 531 15.07 10.72 18.51
N PHE D 532 14.99 10.73 17.19
CA PHE D 532 14.12 9.83 16.45
C PHE D 532 14.71 8.45 16.27
N ASN D 533 16.01 8.30 16.55
CA ASN D 533 16.73 7.04 16.24
C ASN D 533 16.87 7.05 14.72
N ALA D 534 16.55 8.19 14.11
CA ALA D 534 16.59 8.32 12.64
C ALA D 534 18.01 8.24 12.11
N ASP D 535 18.19 7.56 10.99
CA ASP D 535 19.51 7.49 10.32
C ASP D 535 19.15 7.72 8.85
N PHE D 536 19.93 8.46 8.09
CA PHE D 536 19.49 8.75 6.71
C PHE D 536 19.92 7.58 5.83
N ASP D 537 19.27 6.43 5.98
CA ASP D 537 19.57 5.24 5.14
C ASP D 537 18.26 4.74 4.54
N GLY D 538 17.37 5.65 4.16
CA GLY D 538 16.03 5.30 3.64
C GLY D 538 15.00 5.23 4.73
N ASP D 539 15.33 5.78 5.89
CA ASP D 539 14.32 5.82 6.96
C ASP D 539 13.18 6.72 6.47
N GLN D 540 11.94 6.31 6.66
CA GLN D 540 10.81 7.10 6.13
C GLN D 540 10.03 7.64 7.33
N MET D 541 9.76 8.93 7.36
CA MET D 541 9.11 9.53 8.54
C MET D 541 7.72 9.99 8.12
N ALA D 542 6.66 9.65 8.88
CA ALA D 542 5.36 10.16 8.49
C ALA D 542 5.14 11.56 9.05
N VAL D 543 4.42 12.38 8.29
CA VAL D 543 4.08 13.73 8.69
C VAL D 543 2.57 13.79 8.92
N HIS D 544 2.17 14.09 10.14
CA HIS D 544 0.77 14.29 10.50
C HIS D 544 0.51 15.76 10.74
N LEU D 545 -0.67 16.22 10.36
CA LEU D 545 -0.99 17.64 10.42
C LEU D 545 -1.95 17.93 11.55
N PRO D 546 -1.54 18.68 12.59
CA PRO D 546 -2.51 19.17 13.57
C PRO D 546 -3.50 20.09 12.87
N LEU D 547 -4.76 19.98 13.24
CA LEU D 547 -5.81 20.45 12.36
C LEU D 547 -6.60 21.61 12.93
N SER D 548 -7.16 21.46 14.12
CA SER D 548 -7.91 22.54 14.74
C SER D 548 -6.96 23.50 15.45
N ALA D 549 -7.54 24.50 16.12
CA ALA D 549 -6.73 25.44 16.89
C ALA D 549 -6.07 24.75 18.08
N GLU D 550 -6.81 23.87 18.77
CA GLU D 550 -6.26 23.18 19.94
C GLU D 550 -5.10 22.27 19.56
N ALA D 551 -5.23 21.54 18.46
CA ALA D 551 -4.20 20.58 18.07
C ALA D 551 -2.90 21.28 17.71
N GLN D 552 -2.97 22.33 16.88
CA GLN D 552 -1.74 23.04 16.54
C GLN D 552 -1.23 23.90 17.69
N ALA D 553 -2.10 24.31 18.61
CA ALA D 553 -1.60 24.97 19.81
C ALA D 553 -0.78 24.00 20.67
N GLU D 554 -1.27 22.77 20.85
CA GLU D 554 -0.51 21.78 21.58
C GLU D 554 0.76 21.39 20.82
N ALA D 555 0.72 21.45 19.49
CA ALA D 555 1.94 21.24 18.71
C ALA D 555 2.95 22.36 18.99
N ARG D 556 2.48 23.61 19.05
CA ARG D 556 3.39 24.73 19.22
C ARG D 556 3.99 24.78 20.60
N ILE D 557 3.20 24.53 21.64
CA ILE D 557 3.64 24.74 23.01
C ILE D 557 4.28 23.48 23.59
N LEU D 558 3.59 22.35 23.51
CA LEU D 558 4.05 21.13 24.17
C LEU D 558 5.03 20.32 23.32
N MET D 559 4.93 20.43 22.00
CA MET D 559 5.49 19.43 21.11
C MET D 559 6.69 19.91 20.32
N LEU D 560 7.05 21.19 20.41
CA LEU D 560 8.02 21.77 19.51
C LEU D 560 9.40 21.16 19.75
N SER D 561 10.19 21.08 18.68
CA SER D 561 11.50 20.46 18.76
C SER D 561 12.53 21.30 19.48
N SER D 562 12.25 22.58 19.72
CA SER D 562 13.12 23.44 20.52
C SER D 562 12.74 23.43 21.99
N ASN D 563 11.79 22.60 22.40
CA ASN D 563 11.43 22.42 23.79
C ASN D 563 11.69 21.01 24.30
N ASN D 564 12.31 20.15 23.48
CA ASN D 564 12.53 18.77 23.85
C ASN D 564 14.02 18.46 23.91
N ILE D 565 14.79 19.34 24.53
CA ILE D 565 16.23 19.13 24.65
C ILE D 565 16.53 17.91 25.50
N LEU D 566 15.81 17.76 26.62
CA LEU D 566 16.14 16.77 27.63
C LEU D 566 15.28 15.53 27.48
N LYS D 567 15.93 14.38 27.37
CA LYS D 567 15.22 13.11 27.29
C LYS D 567 14.62 12.76 28.65
N PRO D 568 13.35 12.34 28.72
CA PRO D 568 12.75 12.03 30.02
C PRO D 568 13.28 10.76 30.67
N ALA D 569 14.08 9.96 29.96
CA ALA D 569 14.58 8.72 30.54
C ALA D 569 15.55 8.99 31.69
N ASP D 570 16.47 9.94 31.51
CA ASP D 570 17.45 10.22 32.54
C ASP D 570 17.74 11.69 32.74
N GLY D 571 17.07 12.59 32.03
CA GLY D 571 17.36 14.00 32.14
C GLY D 571 18.57 14.47 31.34
N ARG D 572 19.32 13.54 30.74
CA ARG D 572 20.45 13.90 29.91
C ARG D 572 19.96 14.56 28.62
N PRO D 573 20.73 15.51 28.08
CA PRO D 573 20.38 16.07 26.77
C PRO D 573 20.45 15.01 25.69
N VAL D 574 19.51 15.07 24.75
CA VAL D 574 19.49 14.14 23.63
C VAL D 574 19.50 14.86 22.29
N THR D 575 19.20 16.15 22.23
CA THR D 575 19.22 16.91 20.99
C THR D 575 20.55 17.58 20.72
N MET D 576 21.65 17.02 21.22
CA MET D 576 22.99 17.38 20.77
C MET D 576 23.66 16.11 20.27
N PRO D 577 23.56 15.81 18.98
CA PRO D 577 24.10 14.56 18.45
C PRO D 577 25.62 14.59 18.41
N THR D 578 26.19 13.45 17.99
CA THR D 578 27.59 13.20 18.19
C THR D 578 28.37 12.81 16.94
N GLN D 579 27.70 12.50 15.83
CA GLN D 579 28.39 11.85 14.72
C GLN D 579 29.41 12.78 14.06
N ASP D 580 29.05 14.03 13.85
CA ASP D 580 29.94 14.89 13.08
C ASP D 580 30.31 16.18 13.78
N MET D 581 29.37 16.81 14.48
CA MET D 581 29.65 18.10 15.10
C MET D 581 30.59 17.95 16.28
N VAL D 582 30.49 16.85 17.03
CA VAL D 582 31.37 16.63 18.17
C VAL D 582 32.81 16.45 17.71
N LEU D 583 33.01 15.77 16.58
CA LEU D 583 34.34 15.64 16.01
C LEU D 583 34.90 17.00 15.59
N GLY D 584 34.04 17.85 15.00
CA GLY D 584 34.49 19.17 14.62
C GLY D 584 34.89 20.02 15.82
N LEU D 585 34.09 19.98 16.88
CA LEU D 585 34.43 20.75 18.07
C LEU D 585 35.63 20.16 18.80
N PHE D 586 35.82 18.84 18.75
CA PHE D 586 37.03 18.25 19.28
C PHE D 586 38.26 18.76 18.56
N PHE D 587 38.24 18.74 17.22
CA PHE D 587 39.37 19.27 16.47
C PHE D 587 39.55 20.76 16.73
N LEU D 588 38.44 21.47 16.94
CA LEU D 588 38.50 22.90 17.16
C LEU D 588 39.13 23.24 18.51
N THR D 589 38.92 22.38 19.53
CA THR D 589 39.28 22.72 20.89
C THR D 589 40.33 21.82 21.52
N THR D 590 40.87 20.85 20.81
CA THR D 590 41.84 19.94 21.43
C THR D 590 43.19 20.65 21.61
N ASP D 591 44.08 19.97 22.33
CA ASP D 591 45.41 20.50 22.58
C ASP D 591 46.38 20.06 21.49
N SER D 592 47.42 20.87 21.30
CA SER D 592 48.38 20.66 20.22
C SER D 592 49.39 19.59 20.63
N GLU D 593 49.00 18.34 20.44
CA GLU D 593 49.87 17.19 20.69
C GLU D 593 49.97 16.37 19.41
N GLY D 594 51.19 16.20 18.91
CA GLY D 594 51.41 15.48 17.68
C GLY D 594 51.25 16.31 16.42
N ARG D 595 50.68 17.50 16.52
CA ARG D 595 50.53 18.41 15.40
C ARG D 595 51.42 19.62 15.64
N SER D 596 52.20 19.99 14.63
CA SER D 596 53.19 21.05 14.76
C SER D 596 52.52 22.38 15.06
N PRO D 597 52.73 22.95 16.25
CA PRO D 597 52.11 24.23 16.59
C PRO D 597 52.93 25.39 16.06
N LYS D 598 52.36 26.12 15.11
CA LYS D 598 53.01 27.30 14.55
C LYS D 598 52.51 28.54 15.25
N GLY D 599 53.42 29.48 15.49
CA GLY D 599 53.09 30.67 16.26
C GLY D 599 52.71 30.33 17.68
N GLU D 600 53.52 29.48 18.32
CA GLU D 600 53.24 28.99 19.65
C GLU D 600 53.82 29.97 20.68
N GLY D 601 52.95 30.64 21.42
CA GLY D 601 53.38 31.49 22.51
C GLY D 601 53.59 32.95 22.15
N ARG D 602 52.62 33.55 21.48
CA ARG D 602 52.69 34.96 21.10
C ARG D 602 51.41 35.66 21.49
N ALA D 603 51.53 36.88 22.00
CA ALA D 603 50.37 37.63 22.45
C ALA D 603 49.56 38.12 21.26
N PHE D 604 48.24 38.17 21.44
CA PHE D 604 47.32 38.68 20.44
C PHE D 604 46.37 39.68 21.09
N GLY D 605 46.10 40.77 20.37
CA GLY D 605 45.28 41.83 20.93
C GLY D 605 43.83 41.41 21.15
N SER D 606 43.28 40.66 20.20
CA SER D 606 41.91 40.19 20.30
C SER D 606 41.78 38.96 19.39
N SER D 607 40.58 38.36 19.40
CA SER D 607 40.33 37.21 18.54
C SER D 607 40.32 37.59 17.06
N ALA D 608 40.02 38.85 16.74
CA ALA D 608 40.06 39.27 15.34
C ALA D 608 41.48 39.23 14.79
N GLU D 609 42.45 39.71 15.57
CA GLU D 609 43.84 39.64 15.14
C GLU D 609 44.31 38.20 15.04
N ALA D 610 43.87 37.35 15.97
CA ALA D 610 44.21 35.93 15.89
C ALA D 610 43.65 35.30 14.63
N ILE D 611 42.41 35.64 14.28
CA ILE D 611 41.79 35.12 13.06
C ILE D 611 42.54 35.60 11.82
N MET D 612 42.97 36.87 11.83
CA MET D 612 43.76 37.37 10.70
C MET D 612 45.08 36.63 10.58
N ALA D 613 45.74 36.35 11.71
CA ALA D 613 46.99 35.61 11.68
C ALA D 613 46.76 34.17 11.20
N PHE D 614 45.68 33.54 11.63
CA PHE D 614 45.39 32.17 11.21
C PHE D 614 45.07 32.11 9.72
N ASP D 615 44.38 33.13 9.21
CA ASP D 615 44.13 33.20 7.77
C ASP D 615 45.42 33.45 7.00
N ALA D 616 46.36 34.19 7.58
CA ALA D 616 47.64 34.40 6.93
C ALA D 616 48.42 33.10 6.78
N GLY D 617 48.39 32.25 7.81
CA GLY D 617 49.04 30.95 7.76
C GLY D 617 50.20 30.77 8.72
N ASP D 618 50.54 31.76 9.54
CA ASP D 618 51.67 31.65 10.46
C ASP D 618 51.26 31.21 11.86
N LEU D 619 49.98 30.91 12.09
CA LEU D 619 49.51 30.44 13.38
C LEU D 619 48.52 29.30 13.16
N THR D 620 48.81 28.15 13.74
CA THR D 620 47.89 27.03 13.63
C THR D 620 46.71 27.22 14.56
N LEU D 621 45.68 26.39 14.36
CA LEU D 621 44.43 26.58 15.08
C LEU D 621 44.59 26.33 16.58
N GLN D 622 45.32 25.30 16.95
CA GLN D 622 45.54 24.95 18.35
C GLN D 622 46.99 25.27 18.70
N ALA D 623 47.18 26.35 19.45
CA ALA D 623 48.51 26.76 19.88
C ALA D 623 48.36 27.66 21.09
N LYS D 624 49.14 27.39 22.13
CA LYS D 624 49.03 28.13 23.38
C LYS D 624 49.48 29.57 23.16
N ILE D 625 48.52 30.49 23.12
CA ILE D 625 48.81 31.90 22.90
C ILE D 625 48.11 32.74 23.96
N ASP D 626 48.65 33.93 24.22
CA ASP D 626 48.05 34.88 25.14
C ASP D 626 47.13 35.78 24.33
N ILE D 627 45.82 35.56 24.45
CA ILE D 627 44.85 36.31 23.68
C ILE D 627 43.98 37.12 24.63
N ARG D 628 43.95 38.43 24.43
CA ARG D 628 43.21 39.34 25.27
C ARG D 628 41.76 39.41 24.84
N PHE D 629 40.87 39.59 25.81
CA PHE D 629 39.44 39.54 25.54
C PHE D 629 38.79 40.86 25.94
N PRO D 630 37.76 41.30 25.21
CA PRO D 630 37.16 42.60 25.48
C PRO D 630 36.31 42.62 26.75
N VAL D 631 35.80 43.80 27.08
CA VAL D 631 34.99 43.98 28.28
C VAL D 631 33.68 43.22 28.14
N GLY D 632 33.25 42.57 29.21
CA GLY D 632 32.00 41.84 29.25
C GLY D 632 32.14 40.33 29.14
N THR D 633 33.30 39.84 28.71
CA THR D 633 33.52 38.40 28.61
C THR D 633 33.77 37.83 30.00
N ILE D 634 32.96 36.87 30.41
CA ILE D 634 33.10 36.26 31.72
C ILE D 634 34.31 35.32 31.70
N PRO D 635 35.22 35.43 32.66
CA PRO D 635 36.40 34.56 32.68
C PRO D 635 36.02 33.13 33.02
N PRO D 636 36.93 32.17 32.84
CA PRO D 636 36.64 30.79 33.23
C PRO D 636 36.36 30.66 34.71
N ARG D 637 35.81 29.49 35.07
CA ARG D 637 35.53 29.21 36.48
C ARG D 637 36.81 29.12 37.29
N GLY D 638 37.87 28.53 36.72
CA GLY D 638 39.14 28.43 37.41
C GLY D 638 40.00 29.68 37.35
N PHE D 639 39.62 30.71 36.60
CA PHE D 639 40.54 31.88 36.40
C PHE D 639 40.17 33.06 37.29
N GLU D 640 38.94 33.07 37.81
CA GLU D 640 38.46 34.23 38.62
C GLU D 640 39.40 34.47 39.81
N PRO D 641 39.64 33.51 40.74
CA PRO D 641 40.61 33.74 41.83
C PRO D 641 42.06 34.01 41.37
N PRO D 642 42.65 33.29 40.38
CA PRO D 642 43.97 33.66 39.86
C PRO D 642 43.76 34.79 38.86
N ALA D 643 43.26 35.92 39.34
CA ALA D 643 43.05 37.09 38.47
C ALA D 643 44.43 37.71 38.21
N ARG D 644 44.55 38.55 37.18
CA ARG D 644 45.84 39.24 36.98
C ARG D 644 46.15 40.01 38.27
N GLU D 645 47.38 39.93 38.77
CA GLU D 645 47.70 40.57 40.08
C GLU D 645 47.49 42.08 39.97
N GLU D 646 46.88 42.70 40.99
CA GLU D 646 46.56 44.15 40.92
C GLU D 646 47.14 44.88 42.14
N GLY D 647 47.79 46.04 41.91
CA GLY D 647 48.27 46.86 43.04
C GLY D 647 47.10 47.56 43.71
N GLU D 648 46.25 48.21 42.92
CA GLU D 648 45.01 48.84 43.47
C GLU D 648 43.91 47.77 43.50
N PRO D 649 42.77 47.90 44.24
CA PRO D 649 41.73 46.87 44.17
C PRO D 649 41.02 46.88 42.83
N GLU D 650 40.98 45.72 42.16
CA GLU D 650 40.31 45.62 40.83
C GLU D 650 39.54 44.30 40.74
N TRP D 651 38.56 44.22 39.83
CA TRP D 651 37.78 42.98 39.63
C TRP D 651 37.90 42.52 38.18
N GLN D 652 38.19 41.24 37.96
CA GLN D 652 38.28 40.70 36.58
C GLN D 652 36.92 40.14 36.16
N GLN D 653 35.87 40.36 36.96
CA GLN D 653 34.53 39.77 36.63
C GLN D 653 33.98 40.38 35.35
N GLY D 654 33.87 41.70 35.27
CA GLY D 654 33.43 42.31 33.99
C GLY D 654 34.59 42.90 33.21
N ASP D 655 35.78 42.99 33.79
CA ASP D 655 36.93 43.67 33.12
C ASP D 655 37.65 42.78 32.13
N THR D 656 38.48 43.39 31.27
CA THR D 656 39.26 42.64 30.26
C THR D 656 40.28 41.72 30.95
N PHE D 657 40.87 40.78 30.21
CA PHE D 657 41.82 39.86 30.81
C PHE D 657 42.59 39.15 29.69
N THR D 658 43.70 38.54 30.06
CA THR D 658 44.50 37.74 29.14
C THR D 658 44.44 36.28 29.58
N LEU D 659 44.37 35.38 28.61
CA LEU D 659 44.22 33.96 28.88
C LEU D 659 45.21 33.16 28.06
N LYS D 660 45.68 32.05 28.62
CA LYS D 660 46.60 31.15 27.95
C LYS D 660 45.80 30.04 27.28
N THR D 661 45.22 30.38 26.12
CA THR D 661 44.33 29.47 25.43
C THR D 661 44.59 29.56 23.93
N THR D 662 44.14 28.54 23.21
CA THR D 662 44.33 28.54 21.77
C THR D 662 43.29 29.42 21.09
N LEU D 663 43.46 29.60 19.78
CA LEU D 663 42.48 30.31 18.98
C LEU D 663 41.16 29.57 18.95
N GLY D 664 41.22 28.25 18.85
CA GLY D 664 40.01 27.47 18.67
C GLY D 664 39.07 27.55 19.84
N ARG D 665 39.62 27.60 21.05
CA ARG D 665 38.76 27.75 22.22
C ARG D 665 38.14 29.13 22.29
N ALA D 666 38.82 30.15 21.78
CA ALA D 666 38.21 31.47 21.67
C ALA D 666 37.04 31.44 20.69
N LEU D 667 37.19 30.75 19.56
CA LEU D 667 36.06 30.60 18.65
C LEU D 667 34.91 29.84 19.30
N PHE D 668 35.24 28.78 20.04
CA PHE D 668 34.20 27.98 20.69
C PHE D 668 33.43 28.81 21.71
N ASN D 669 34.13 29.65 22.46
CA ASN D 669 33.41 30.53 23.36
C ASN D 669 32.73 31.69 22.64
N GLU D 670 33.10 31.96 21.39
CA GLU D 670 32.25 32.84 20.58
C GLU D 670 30.95 32.16 20.18
N LEU D 671 30.96 30.83 20.06
CA LEU D 671 29.70 30.12 19.79
C LEU D 671 28.76 30.21 20.97
N LEU D 672 29.23 29.90 22.17
CA LEU D 672 28.43 29.96 23.37
C LEU D 672 28.08 31.41 23.71
N PRO D 673 26.99 31.65 24.44
CA PRO D 673 26.57 33.02 24.68
C PRO D 673 27.55 33.78 25.55
N GLU D 674 27.44 35.12 25.48
CA GLU D 674 28.40 35.98 26.16
C GLU D 674 28.35 35.84 27.68
N ASP D 675 27.18 35.51 28.23
CA ASP D 675 27.07 35.36 29.67
C ASP D 675 27.65 34.06 30.18
N TYR D 676 27.93 33.10 29.31
CA TYR D 676 28.51 31.84 29.75
C TYR D 676 30.00 32.03 30.05
N PRO D 677 30.50 31.39 31.11
CA PRO D 677 31.93 31.47 31.41
C PRO D 677 32.76 30.84 30.31
N PHE D 678 33.96 31.39 30.13
CA PHE D 678 34.88 30.89 29.11
C PHE D 678 35.28 29.45 29.41
N VAL D 679 34.82 28.51 28.60
CA VAL D 679 35.20 27.11 28.76
C VAL D 679 36.60 26.92 28.16
N ASP D 680 37.51 26.39 28.97
CA ASP D 680 38.93 26.39 28.66
C ASP D 680 39.50 24.98 28.76
N TYR D 681 38.83 24.02 28.14
CA TYR D 681 39.33 22.66 28.14
C TYR D 681 38.95 21.95 26.85
N GLU D 682 39.55 20.78 26.66
CA GLU D 682 39.11 19.80 25.67
C GLU D 682 37.61 19.56 25.81
N VAL D 683 36.91 19.69 24.68
CA VAL D 683 35.45 19.54 24.68
C VAL D 683 35.08 18.08 24.54
N GLY D 684 35.45 17.46 23.43
CA GLY D 684 35.06 16.08 23.20
C GLY D 684 33.54 15.96 23.13
N LYS D 685 33.01 14.90 23.73
CA LYS D 685 31.58 14.65 23.77
C LYS D 685 30.98 14.82 25.16
N LYS D 686 31.56 14.16 26.15
CA LYS D 686 30.98 14.21 27.51
C LYS D 686 30.94 15.65 28.01
N GLN D 687 32.03 16.41 27.88
CA GLN D 687 31.99 17.81 28.31
C GLN D 687 31.01 18.61 27.47
N LEU D 688 30.81 18.25 26.21
CA LEU D 688 29.80 18.92 25.40
C LEU D 688 28.40 18.61 25.94
N SER D 689 28.16 17.37 26.37
CA SER D 689 26.89 17.03 26.99
C SER D 689 26.69 17.81 28.28
N GLU D 690 27.74 17.95 29.08
CA GLU D 690 27.63 18.75 30.31
C GLU D 690 27.35 20.21 29.99
N ILE D 691 27.98 20.75 28.94
CA ILE D 691 27.77 22.14 28.55
C ILE D 691 26.33 22.35 28.11
N VAL D 692 25.79 21.43 27.29
CA VAL D 692 24.42 21.56 26.82
C VAL D 692 23.45 21.40 27.99
N ASN D 693 23.76 20.50 28.93
CA ASN D 693 22.92 20.34 30.11
C ASN D 693 22.88 21.61 30.94
N ASP D 694 24.04 22.24 31.15
CA ASP D 694 24.09 23.48 31.91
C ASP D 694 23.36 24.61 31.18
N LEU D 695 23.51 24.68 29.85
CA LEU D 695 22.79 25.68 29.07
C LEU D 695 21.29 25.51 29.20
N ALA D 696 20.80 24.27 29.09
CA ALA D 696 19.37 24.02 29.23
C ALA D 696 18.89 24.32 30.64
N GLU D 697 19.71 24.06 31.65
CA GLU D 697 19.30 24.30 33.02
C GLU D 697 19.33 25.78 33.38
N ARG D 698 20.14 26.59 32.69
CA ARG D 698 20.33 27.98 33.13
C ARG D 698 20.07 29.00 32.04
N TYR D 699 19.38 28.63 30.97
CA TYR D 699 19.02 29.60 29.94
C TYR D 699 17.65 29.28 29.40
N PRO D 700 16.91 30.28 28.91
CA PRO D 700 15.60 30.03 28.31
C PRO D 700 15.72 29.20 27.03
N LYS D 701 14.57 28.68 26.59
CA LYS D 701 14.55 27.69 25.53
C LYS D 701 15.04 28.25 24.20
N VAL D 702 14.68 29.50 23.89
CA VAL D 702 15.08 30.09 22.61
C VAL D 702 16.58 30.31 22.57
N ILE D 703 17.18 30.70 23.70
CA ILE D 703 18.63 30.89 23.75
C ILE D 703 19.34 29.55 23.59
N VAL D 704 18.83 28.51 24.24
CA VAL D 704 19.42 27.18 24.12
C VAL D 704 19.34 26.69 22.67
N ALA D 705 18.18 26.90 22.02
CA ALA D 705 18.04 26.51 20.63
C ALA D 705 19.03 27.25 19.74
N ALA D 706 19.21 28.55 19.99
CA ALA D 706 20.17 29.32 19.20
C ALA D 706 21.59 28.83 19.41
N THR D 707 21.95 28.52 20.66
CA THR D 707 23.32 28.09 20.93
C THR D 707 23.61 26.72 20.33
N LEU D 708 22.66 25.78 20.43
CA LEU D 708 22.87 24.50 19.75
C LEU D 708 22.86 24.64 18.23
N ASP D 709 22.12 25.59 17.68
CA ASP D 709 22.20 25.80 16.23
C ASP D 709 23.57 26.34 15.84
N ASN D 710 24.11 27.28 16.63
CA ASN D 710 25.46 27.77 16.38
C ASN D 710 26.49 26.66 16.51
N LEU D 711 26.34 25.82 17.53
CA LEU D 711 27.25 24.70 17.73
C LEU D 711 27.19 23.72 16.56
N LYS D 712 25.99 23.47 16.05
CA LYS D 712 25.85 22.61 14.87
C LYS D 712 26.58 23.21 13.67
N ALA D 713 26.33 24.48 13.38
CA ALA D 713 26.92 25.11 12.20
C ALA D 713 28.43 25.13 12.28
N ALA D 714 28.99 25.52 13.43
CA ALA D 714 30.43 25.59 13.56
C ALA D 714 31.06 24.20 13.62
N GLY D 715 30.37 23.23 14.22
CA GLY D 715 30.88 21.88 14.23
C GLY D 715 30.98 21.29 12.85
N PHE D 716 29.96 21.51 12.02
CA PHE D 716 30.05 21.06 10.63
C PHE D 716 31.15 21.80 9.87
N PHE D 717 31.25 23.13 10.09
CA PHE D 717 32.24 23.94 9.39
C PHE D 717 33.66 23.47 9.70
N TRP D 718 33.94 23.20 10.96
CA TRP D 718 35.29 22.78 11.34
C TRP D 718 35.52 21.28 11.13
N ALA D 719 34.46 20.48 11.09
CA ALA D 719 34.63 19.07 10.78
C ALA D 719 34.92 18.85 9.30
N THR D 720 34.50 19.78 8.44
CA THR D 720 34.94 19.73 7.04
C THR D 720 36.46 19.88 6.94
N ARG D 721 37.02 20.82 7.70
CA ARG D 721 38.45 21.11 7.67
C ARG D 721 39.21 20.43 8.80
N SER D 722 38.60 19.45 9.47
CA SER D 722 39.21 18.87 10.66
C SER D 722 40.36 17.92 10.36
N GLY D 723 40.57 17.56 9.10
CA GLY D 723 41.57 16.58 8.82
C GLY D 723 41.21 15.17 9.22
N VAL D 724 39.92 14.82 9.18
CA VAL D 724 39.53 13.43 9.30
C VAL D 724 39.30 12.85 7.91
N THR D 725 39.78 11.63 7.71
CA THR D 725 39.54 10.82 6.52
C THR D 725 40.03 9.42 6.86
N VAL D 726 39.58 8.45 6.07
CA VAL D 726 39.98 7.06 6.29
C VAL D 726 40.58 6.55 4.98
N ALA D 727 41.89 6.69 4.84
CA ALA D 727 42.65 5.84 3.96
C ALA D 727 43.13 4.64 4.76
N ILE D 728 43.71 3.66 4.07
CA ILE D 728 44.16 2.47 4.78
C ILE D 728 45.48 2.69 5.50
N SER D 729 46.17 3.79 5.21
CA SER D 729 47.35 4.14 6.00
C SER D 729 46.97 4.71 7.36
N ASP D 730 45.80 5.32 7.48
CA ASP D 730 45.36 5.88 8.76
C ASP D 730 45.09 4.77 9.77
N ILE D 731 44.48 3.68 9.34
CA ILE D 731 44.35 2.50 10.18
C ILE D 731 45.69 1.80 10.23
N VAL D 732 46.26 1.68 11.42
CA VAL D 732 47.60 1.14 11.59
C VAL D 732 47.52 -0.08 12.51
N VAL D 733 48.15 -1.16 12.10
CA VAL D 733 48.28 -2.36 12.93
C VAL D 733 49.49 -2.18 13.84
N PRO D 734 49.49 -2.74 15.05
CA PRO D 734 50.68 -2.68 15.88
C PRO D 734 51.78 -3.53 15.29
N ASP D 735 53.01 -2.98 15.25
CA ASP D 735 54.13 -3.73 14.73
C ASP D 735 54.56 -4.85 15.66
N ALA D 736 54.21 -4.76 16.95
CA ALA D 736 54.54 -5.82 17.90
C ALA D 736 53.59 -7.00 17.84
N LYS D 737 52.45 -6.85 17.15
CA LYS D 737 51.48 -7.93 17.06
C LYS D 737 52.07 -9.17 16.41
N LYS D 738 52.95 -8.99 15.42
CA LYS D 738 53.58 -10.11 14.75
C LYS D 738 54.37 -10.98 15.74
N GLU D 739 55.25 -10.35 16.53
CA GLU D 739 56.06 -11.12 17.46
C GLU D 739 55.24 -11.64 18.64
N ILE D 740 54.20 -10.90 19.07
CA ILE D 740 53.35 -11.37 20.15
C ILE D 740 52.62 -12.64 19.72
N VAL D 741 52.01 -12.60 18.53
CA VAL D 741 51.31 -13.77 18.01
C VAL D 741 52.29 -14.90 17.76
N LYS D 742 53.51 -14.60 17.32
CA LYS D 742 54.51 -15.64 17.10
C LYS D 742 54.87 -16.36 18.39
N GLY D 743 55.10 -15.60 19.46
CA GLY D 743 55.41 -16.23 20.74
C GLY D 743 54.25 -17.04 21.28
N TYR D 744 53.03 -16.52 21.17
CA TYR D 744 51.87 -17.24 21.68
C TYR D 744 51.59 -18.50 20.86
N GLU D 745 51.80 -18.46 19.54
CA GLU D 745 51.60 -19.67 18.76
C GLU D 745 52.73 -20.67 18.98
N GLY D 746 53.92 -20.18 19.32
CA GLY D 746 54.99 -21.10 19.68
C GLY D 746 54.68 -21.88 20.96
N GLN D 747 54.20 -21.16 21.98
CA GLN D 747 53.83 -21.88 23.20
C GLN D 747 52.56 -22.71 23.00
N ASP D 748 51.67 -22.28 22.09
CA ASP D 748 50.53 -23.11 21.72
C ASP D 748 50.97 -24.40 21.04
N GLU D 749 51.98 -24.32 20.17
CA GLU D 749 52.54 -25.51 19.55
C GLU D 749 53.17 -26.44 20.58
N LYS D 750 53.88 -25.85 21.56
CA LYS D 750 54.44 -26.64 22.64
C LYS D 750 53.34 -27.37 23.42
N VAL D 751 52.23 -26.69 23.69
CA VAL D 751 51.09 -27.33 24.36
C VAL D 751 50.50 -28.42 23.47
N GLN D 752 50.42 -28.17 22.16
CA GLN D 752 49.83 -29.15 21.25
C GLN D 752 50.64 -30.44 21.19
N LYS D 753 51.96 -30.33 21.11
CA LYS D 753 52.77 -31.55 21.25
C LYS D 753 52.72 -32.11 22.66
N GLN D 754 52.45 -31.28 23.67
CA GLN D 754 52.24 -31.82 25.01
C GLN D 754 50.93 -32.59 25.08
N TYR D 755 49.89 -32.11 24.41
CA TYR D 755 48.61 -32.81 24.41
C TYR D 755 48.66 -34.09 23.57
N GLU D 756 49.55 -34.14 22.57
CA GLU D 756 49.61 -35.30 21.69
C GLU D 756 50.04 -36.56 22.42
N ARG D 757 50.72 -36.42 23.56
CA ARG D 757 51.12 -37.57 24.35
C ARG D 757 50.04 -38.04 25.30
N GLY D 758 48.89 -37.36 25.33
CA GLY D 758 47.81 -37.76 26.20
C GLY D 758 47.96 -37.35 27.65
N LEU D 759 48.95 -36.51 27.97
CA LEU D 759 49.18 -36.12 29.35
C LEU D 759 48.09 -35.19 29.88
N ILE D 760 47.36 -34.51 29.00
CA ILE D 760 46.29 -33.61 29.39
C ILE D 760 45.06 -33.96 28.57
N THR D 761 43.88 -33.68 29.12
CA THR D 761 42.64 -33.95 28.42
C THR D 761 42.36 -32.85 27.39
N LYS D 762 41.39 -33.13 26.52
CA LYS D 762 40.99 -32.14 25.53
C LYS D 762 40.30 -30.94 26.16
N GLU D 763 39.46 -31.19 27.18
CA GLU D 763 38.71 -30.11 27.81
C GLU D 763 39.61 -29.15 28.57
N GLU D 764 40.56 -29.69 29.35
CA GLU D 764 41.50 -28.84 30.07
C GLU D 764 42.37 -28.04 29.12
N ARG D 765 42.81 -28.68 28.03
CA ARG D 765 43.59 -27.99 27.01
C ARG D 765 42.80 -26.86 26.39
N THR D 766 41.52 -27.11 26.09
CA THR D 766 40.66 -26.07 25.53
C THR D 766 40.49 -24.91 26.49
N GLN D 767 40.29 -25.21 27.77
CA GLN D 767 40.10 -24.15 28.78
C GLN D 767 41.35 -23.28 28.91
N GLU D 768 42.52 -23.93 29.06
CA GLU D 768 43.74 -23.14 29.18
C GLU D 768 44.07 -22.42 27.88
N LEU D 769 43.69 -22.98 26.74
CA LEU D 769 43.98 -22.34 25.46
C LEU D 769 43.14 -21.09 25.26
N ILE D 770 41.85 -21.16 25.60
CA ILE D 770 41.04 -19.95 25.47
C ILE D 770 41.44 -18.92 26.51
N ALA D 771 41.92 -19.36 27.69
CA ALA D 771 42.43 -18.41 28.67
C ALA D 771 43.66 -17.67 28.16
N ILE D 772 44.64 -18.41 27.61
CA ILE D 772 45.86 -17.77 27.16
C ILE D 772 45.61 -16.95 25.89
N TRP D 773 44.66 -17.34 25.05
CA TRP D 773 44.37 -16.53 23.88
C TRP D 773 43.59 -15.27 24.25
N THR D 774 42.76 -15.32 25.30
CA THR D 774 42.16 -14.10 25.82
C THR D 774 43.22 -13.17 26.39
N LYS D 775 44.22 -13.75 27.06
CA LYS D 775 45.36 -12.95 27.52
C LYS D 775 46.09 -12.32 26.34
N ALA D 776 46.26 -13.08 25.26
CA ALA D 776 46.94 -12.56 24.07
C ALA D 776 46.17 -11.42 23.43
N THR D 777 44.84 -11.56 23.31
CA THR D 777 44.08 -10.49 22.66
C THR D 777 44.00 -9.25 23.54
N ASN D 778 43.94 -9.41 24.86
CA ASN D 778 44.02 -8.24 25.73
C ASN D 778 45.38 -7.56 25.62
N GLU D 779 46.45 -8.35 25.53
CA GLU D 779 47.79 -7.77 25.46
C GLU D 779 48.01 -7.05 24.14
N VAL D 780 47.51 -7.60 23.03
CA VAL D 780 47.68 -6.91 21.76
C VAL D 780 46.73 -5.71 21.66
N ALA D 781 45.60 -5.74 22.36
CA ALA D 781 44.77 -4.54 22.45
C ALA D 781 45.50 -3.44 23.19
N GLU D 782 46.18 -3.78 24.29
CA GLU D 782 46.98 -2.78 25.00
C GLU D 782 48.11 -2.26 24.12
N ALA D 783 48.74 -3.14 23.34
CA ALA D 783 49.77 -2.69 22.40
C ALA D 783 49.20 -1.74 21.35
N MET D 784 48.00 -2.04 20.87
CA MET D 784 47.34 -1.17 19.89
C MET D 784 47.01 0.19 20.49
N ASN D 785 46.55 0.22 21.75
CA ASN D 785 46.35 1.50 22.41
C ASN D 785 47.66 2.25 22.58
N ASP D 786 48.74 1.54 22.85
CA ASP D 786 50.05 2.16 22.94
C ASP D 786 50.63 2.58 21.59
N ASN D 787 50.05 2.11 20.49
CA ASN D 787 50.65 2.37 19.18
C ASN D 787 50.19 3.68 18.54
N PHE D 788 48.88 3.88 18.40
CA PHE D 788 48.39 4.96 17.55
C PHE D 788 48.72 6.34 18.15
N PRO D 789 48.96 7.34 17.31
CA PRO D 789 49.11 8.70 17.83
C PRO D 789 47.77 9.41 17.91
N LYS D 790 47.78 10.65 18.37
CA LYS D 790 46.55 11.44 18.45
C LYS D 790 46.16 12.04 17.11
N THR D 791 47.07 12.04 16.13
CA THR D 791 46.82 12.74 14.87
C THR D 791 45.96 11.94 13.89
N ASN D 792 45.99 10.61 13.94
CA ASN D 792 45.26 9.85 12.93
C ASN D 792 43.76 9.96 13.16
N PRO D 793 42.97 9.95 12.09
CA PRO D 793 41.55 10.31 12.23
C PRO D 793 40.70 9.28 12.94
N VAL D 794 41.08 7.99 12.91
CA VAL D 794 40.26 6.98 13.55
C VAL D 794 40.23 7.20 15.06
N SER D 795 41.40 7.45 15.64
CA SER D 795 41.46 7.79 17.06
C SER D 795 40.78 9.13 17.32
N MET D 796 40.90 10.07 16.39
CA MET D 796 40.29 11.38 16.54
C MET D 796 38.77 11.31 16.51
N MET D 797 38.20 10.27 15.92
CA MET D 797 36.75 10.09 15.91
C MET D 797 36.27 9.01 16.86
N VAL D 798 37.18 8.31 17.56
CA VAL D 798 36.76 7.36 18.58
C VAL D 798 37.10 7.83 19.99
N ASN D 799 38.13 8.65 20.16
CA ASN D 799 38.45 9.21 21.47
C ASN D 799 37.67 10.48 21.78
N SER D 800 37.00 11.05 20.80
CA SER D 800 36.21 12.27 21.01
C SER D 800 34.76 11.96 21.33
N GLY D 801 34.39 10.70 21.42
CA GLY D 801 32.99 10.35 21.60
C GLY D 801 32.15 10.58 20.37
N ALA D 802 32.75 10.60 19.19
CA ALA D 802 31.99 10.90 17.98
C ALA D 802 31.21 9.68 17.49
N ARG D 803 31.92 8.63 17.11
CA ARG D 803 31.27 7.43 16.58
C ARG D 803 32.24 6.27 16.67
N GLY D 804 31.90 5.28 17.47
CA GLY D 804 32.75 4.10 17.60
C GLY D 804 33.15 3.80 19.03
N ASN D 805 33.56 2.56 19.26
CA ASN D 805 34.06 2.13 20.57
C ASN D 805 35.44 1.52 20.38
N MET D 806 36.10 1.25 21.50
CA MET D 806 37.46 0.72 21.43
C MET D 806 37.50 -0.74 20.99
N MET D 807 36.39 -1.48 21.14
CA MET D 807 36.35 -2.85 20.66
C MET D 807 36.43 -2.92 19.14
N GLN D 808 35.72 -2.01 18.45
CA GLN D 808 35.73 -2.01 16.99
C GLN D 808 37.11 -1.67 16.45
N MET D 809 37.75 -0.65 17.01
CA MET D 809 39.13 -0.35 16.61
C MET D 809 40.08 -1.47 17.01
N ARG D 810 39.77 -2.18 18.09
CA ARG D 810 40.59 -3.31 18.50
C ARG D 810 40.53 -4.43 17.47
N GLN D 811 39.35 -4.69 16.91
CA GLN D 811 39.21 -5.77 15.95
C GLN D 811 39.24 -5.29 14.50
N ILE D 812 39.61 -4.04 14.25
CA ILE D 812 40.04 -3.60 12.92
C ILE D 812 41.56 -3.57 12.82
N ALA D 813 42.23 -3.02 13.84
CA ALA D 813 43.68 -2.90 13.83
C ALA D 813 44.36 -4.12 14.46
N GLY D 814 44.03 -4.42 15.71
CA GLY D 814 44.54 -5.61 16.34
C GLY D 814 43.75 -6.84 15.93
N MET D 815 44.10 -7.97 16.52
CA MET D 815 43.44 -9.21 16.16
C MET D 815 41.99 -9.20 16.61
N ARG D 816 41.16 -9.96 15.88
CA ARG D 816 39.73 -10.01 16.18
C ARG D 816 39.44 -10.74 17.48
N GLY D 817 40.42 -11.45 18.03
CA GLY D 817 40.24 -12.10 19.31
C GLY D 817 39.41 -13.36 19.22
N LEU D 818 38.86 -13.76 20.37
CA LEU D 818 38.05 -14.95 20.45
C LEU D 818 36.64 -14.66 19.95
N VAL D 819 36.09 -15.61 19.20
CA VAL D 819 34.75 -15.49 18.62
C VAL D 819 34.00 -16.79 18.84
N SER D 820 32.71 -16.69 19.12
CA SER D 820 31.93 -17.80 19.62
C SER D 820 31.55 -18.77 18.50
N ASN D 821 31.24 -20.00 18.90
CA ASN D 821 30.74 -21.03 18.00
C ASN D 821 29.21 -21.02 18.00
N ALA D 822 28.62 -22.02 17.35
CA ALA D 822 27.20 -22.26 17.53
C ALA D 822 26.93 -22.74 18.95
N LYS D 823 25.66 -22.59 19.36
CA LYS D 823 25.14 -22.90 20.70
C LYS D 823 26.06 -22.44 21.84
N ASN D 824 26.70 -21.28 21.66
CA ASN D 824 27.35 -20.53 22.74
C ASN D 824 28.49 -21.31 23.41
N GLU D 825 29.53 -21.59 22.64
CA GLU D 825 30.81 -22.02 23.21
C GLU D 825 31.92 -21.24 22.50
N THR D 826 33.17 -21.62 22.76
CA THR D 826 34.33 -20.90 22.26
C THR D 826 35.28 -21.84 21.53
N ILE D 827 35.68 -21.45 20.33
CA ILE D 827 36.68 -22.21 19.58
C ILE D 827 38.05 -22.02 20.23
N PRO D 828 38.84 -23.08 20.42
CA PRO D 828 40.21 -22.89 20.93
C PRO D 828 41.09 -22.03 20.04
N ARG D 829 40.88 -22.07 18.73
CA ARG D 829 41.69 -21.28 17.81
C ARG D 829 41.00 -19.96 17.53
N PRO D 830 41.59 -18.83 17.94
CA PRO D 830 40.96 -17.54 17.69
C PRO D 830 41.36 -16.97 16.33
N ILE D 831 40.72 -15.86 15.97
CA ILE D 831 40.98 -15.19 14.70
C ILE D 831 42.17 -14.27 14.92
N LYS D 832 43.33 -14.68 14.43
CA LYS D 832 44.57 -13.93 14.62
C LYS D 832 44.76 -12.85 13.58
N ALA D 833 43.85 -12.69 12.64
CA ALA D 833 43.98 -11.73 11.55
C ALA D 833 43.05 -10.55 11.77
N SER D 834 43.55 -9.36 11.52
CA SER D 834 42.76 -8.14 11.63
C SER D 834 42.04 -7.86 10.31
N PHE D 835 40.99 -7.04 10.39
CA PHE D 835 40.23 -6.71 9.20
C PHE D 835 41.02 -5.84 8.23
N ARG D 836 41.97 -5.05 8.73
CA ARG D 836 42.88 -4.35 7.82
C ARG D 836 43.76 -5.35 7.07
N GLU D 837 44.25 -6.37 7.78
CA GLU D 837 45.03 -7.43 7.12
C GLU D 837 44.12 -8.36 6.33
N GLY D 838 42.88 -8.55 6.78
CA GLY D 838 41.96 -9.41 6.07
C GLY D 838 41.95 -10.83 6.58
N LEU D 839 40.76 -11.36 6.84
CA LEU D 839 40.62 -12.71 7.36
C LEU D 839 40.92 -13.74 6.26
N SER D 840 41.14 -14.97 6.69
CA SER D 840 41.24 -16.09 5.77
C SER D 840 39.84 -16.66 5.55
N VAL D 841 39.76 -17.85 4.96
CA VAL D 841 38.46 -18.42 4.61
C VAL D 841 37.72 -18.91 5.85
N LEU D 842 38.30 -19.88 6.55
CA LEU D 842 37.61 -20.47 7.70
C LEU D 842 37.48 -19.50 8.86
N GLU D 843 38.45 -18.62 9.06
CA GLU D 843 38.30 -17.60 10.09
C GLU D 843 37.08 -16.74 9.82
N TYR D 844 36.83 -16.45 8.54
CA TYR D 844 35.66 -15.67 8.18
C TYR D 844 34.38 -16.49 8.36
N PHE D 845 34.46 -17.81 8.16
CA PHE D 845 33.32 -18.69 8.44
C PHE D 845 32.93 -18.67 9.92
N ILE D 846 33.90 -18.88 10.81
CA ILE D 846 33.60 -18.75 12.24
C ILE D 846 33.17 -17.33 12.61
N SER D 847 33.59 -16.30 11.89
CA SER D 847 33.00 -14.99 12.15
C SER D 847 31.52 -14.95 11.77
N THR D 848 31.15 -15.60 10.67
CA THR D 848 29.75 -15.63 10.26
C THR D 848 28.88 -16.34 11.29
N HIS D 849 29.43 -17.37 11.94
CA HIS D 849 28.73 -18.03 13.05
C HIS D 849 28.22 -17.03 14.08
N GLY D 850 29.11 -16.15 14.56
CA GLY D 850 28.70 -15.14 15.52
C GLY D 850 27.77 -14.10 14.92
N ALA D 851 28.01 -13.71 13.66
CA ALA D 851 27.26 -12.61 13.07
C ALA D 851 25.78 -12.95 12.90
N ARG D 852 25.48 -14.12 12.34
CA ARG D 852 24.07 -14.45 12.09
C ARG D 852 23.31 -14.66 13.40
N LYS D 853 23.98 -15.24 14.40
CA LYS D 853 23.37 -15.37 15.72
C LYS D 853 23.10 -14.01 16.33
N GLY D 854 24.00 -13.05 16.14
CA GLY D 854 23.76 -11.70 16.63
C GLY D 854 22.56 -11.04 15.97
N LEU D 855 22.41 -11.22 14.66
CA LEU D 855 21.27 -10.64 13.96
C LEU D 855 19.95 -11.24 14.42
N ALA D 856 19.89 -12.57 14.54
CA ALA D 856 18.67 -13.21 15.03
C ALA D 856 18.38 -12.79 16.47
N ASP D 857 19.44 -12.64 17.28
CA ASP D 857 19.27 -12.22 18.66
C ASP D 857 18.69 -10.82 18.74
N THR D 858 19.15 -9.89 17.90
CA THR D 858 18.60 -8.54 17.98
C THR D 858 17.19 -8.47 17.44
N ALA D 859 16.83 -9.33 16.48
CA ALA D 859 15.44 -9.38 16.02
C ALA D 859 14.51 -9.84 17.14
N LEU D 860 14.84 -10.98 17.77
CA LEU D 860 14.01 -11.46 18.88
C LEU D 860 14.02 -10.49 20.05
N ARG D 861 15.15 -9.80 20.26
CA ARG D 861 15.25 -8.84 21.34
C ARG D 861 14.32 -7.65 21.13
N THR D 862 14.26 -7.12 19.90
CA THR D 862 13.36 -5.99 19.69
C THR D 862 11.89 -6.43 19.75
N ALA D 863 11.59 -7.67 19.35
CA ALA D 863 10.22 -8.17 19.50
C ALA D 863 9.82 -8.25 20.97
N ASP D 864 10.66 -8.87 21.79
CA ASP D 864 10.33 -8.99 23.20
C ASP D 864 10.36 -7.65 23.92
N SER D 865 11.21 -6.72 23.45
CA SER D 865 11.22 -5.38 24.04
C SER D 865 9.91 -4.66 23.76
N GLY D 866 9.38 -4.79 22.54
CA GLY D 866 8.08 -4.21 22.27
C GLY D 866 6.97 -4.83 23.11
N TYR D 867 7.02 -6.15 23.30
CA TYR D 867 6.02 -6.81 24.14
C TYR D 867 6.09 -6.31 25.59
N LEU D 868 7.31 -6.20 26.13
CA LEU D 868 7.47 -5.71 27.50
C LEU D 868 7.03 -4.26 27.61
N THR D 869 7.31 -3.45 26.58
CA THR D 869 6.87 -2.06 26.58
C THR D 869 5.35 -1.97 26.64
N ARG D 870 4.66 -2.79 25.85
CA ARG D 870 3.20 -2.76 25.86
C ARG D 870 2.64 -3.20 27.20
N ARG D 871 3.21 -4.25 27.80
CA ARG D 871 2.71 -4.70 29.10
C ARG D 871 2.95 -3.66 30.17
N LEU D 872 4.11 -2.99 30.12
CA LEU D 872 4.40 -1.92 31.08
C LEU D 872 3.47 -0.75 30.90
N VAL D 873 3.12 -0.42 29.64
CA VAL D 873 2.19 0.67 29.39
C VAL D 873 0.83 0.34 29.97
N ASP D 874 0.36 -0.90 29.82
CA ASP D 874 -0.94 -1.24 30.38
C ASP D 874 -0.91 -1.20 31.91
N VAL D 875 0.10 -1.83 32.52
CA VAL D 875 0.10 -1.91 33.99
C VAL D 875 0.35 -0.54 34.62
N SER D 876 1.10 0.33 33.95
CA SER D 876 1.56 1.56 34.57
C SER D 876 0.78 2.79 34.13
N GLN D 877 -0.26 2.63 33.33
CA GLN D 877 -1.04 3.78 32.90
C GLN D 877 -1.96 4.21 34.03
N ASP D 878 -2.87 5.15 33.73
CA ASP D 878 -3.90 5.68 34.64
C ASP D 878 -3.35 6.11 36.00
N VAL D 879 -2.06 6.42 36.06
CA VAL D 879 -1.49 7.15 37.18
C VAL D 879 -0.99 8.49 36.65
N ILE D 880 -1.58 9.57 37.14
CA ILE D 880 -1.33 10.91 36.64
C ILE D 880 -1.18 11.83 37.84
N ILE D 881 -0.23 12.75 37.76
CA ILE D 881 -0.07 13.80 38.76
C ILE D 881 -1.39 14.58 38.85
N ARG D 882 -2.05 14.50 39.99
CA ARG D 882 -3.37 15.09 40.14
C ARG D 882 -3.51 16.00 41.35
N GLU D 883 -2.46 16.17 42.15
CA GLU D 883 -2.48 17.11 43.26
C GLU D 883 -1.20 17.94 43.24
N GLU D 884 -1.31 19.18 43.71
CA GLU D 884 -0.14 20.04 43.77
C GLU D 884 0.85 19.56 44.81
N ASP D 885 0.36 19.24 46.01
CA ASP D 885 1.23 18.78 47.09
C ASP D 885 0.42 17.98 48.09
N CYS D 886 1.04 16.97 48.67
CA CYS D 886 0.47 16.21 49.75
C CYS D 886 0.73 16.90 51.08
N GLY D 887 -0.02 16.47 52.09
CA GLY D 887 0.26 16.89 53.45
C GLY D 887 1.23 15.98 54.17
N THR D 888 1.81 15.01 53.49
CA THR D 888 2.68 14.03 54.12
C THR D 888 4.08 14.59 54.33
N GLU D 889 4.84 13.88 55.17
CA GLU D 889 6.24 14.19 55.40
C GLU D 889 7.12 12.96 55.34
N ARG D 890 6.54 11.78 55.16
CA ARG D 890 7.32 10.55 55.09
C ARG D 890 8.09 10.48 53.78
N GLY D 891 9.18 9.72 53.81
CA GLY D 891 10.05 9.61 52.64
C GLY D 891 10.82 8.31 52.60
N LEU D 892 11.89 8.30 51.79
CA LEU D 892 12.74 7.13 51.63
C LEU D 892 14.17 7.48 52.02
N LYS D 893 14.83 6.56 52.71
CA LYS D 893 16.19 6.78 53.20
C LYS D 893 17.18 6.40 52.11
N LEU D 894 17.22 7.23 51.07
CA LEU D 894 18.17 6.93 50.01
C LEU D 894 19.57 7.37 50.43
N PRO D 895 20.57 6.50 50.24
CA PRO D 895 21.95 6.89 50.60
C PRO D 895 22.48 7.94 49.64
N ILE D 896 23.36 8.78 50.18
CA ILE D 896 24.02 9.82 49.41
C ILE D 896 25.54 9.68 49.44
N ALA D 897 26.12 9.29 50.58
CA ALA D 897 27.55 9.09 50.72
C ALA D 897 27.79 7.60 50.98
N THR D 898 28.63 6.99 50.15
CA THR D 898 28.85 5.55 50.23
C THR D 898 30.28 5.28 49.80
N ARG D 899 30.88 4.22 50.38
CA ARG D 899 32.23 3.77 50.02
C ARG D 899 33.28 4.82 50.32
N ASP D 900 33.10 5.53 51.44
CA ASP D 900 34.09 6.51 51.88
C ASP D 900 35.38 5.82 52.30
N ALA D 901 36.51 6.41 51.93
CA ALA D 901 37.81 5.85 52.29
C ALA D 901 38.24 6.40 53.65
N ASP D 902 39.47 6.10 54.05
CA ASP D 902 39.97 6.55 55.34
C ASP D 902 40.31 8.04 55.26
N GLY D 903 39.70 8.84 56.13
CA GLY D 903 39.96 10.26 56.19
C GLY D 903 39.22 11.10 55.17
N THR D 904 38.32 10.51 54.39
CA THR D 904 37.60 11.26 53.37
C THR D 904 36.21 10.67 53.19
N LEU D 905 35.31 11.48 52.65
CA LEU D 905 33.94 11.08 52.37
C LEU D 905 33.69 11.15 50.87
N ARG D 906 33.09 10.10 50.33
CA ARG D 906 32.78 10.02 48.91
C ARG D 906 31.28 9.80 48.72
N LYS D 907 30.71 10.50 47.74
CA LYS D 907 29.31 10.36 47.42
C LYS D 907 29.06 9.06 46.66
N ALA D 908 27.77 8.72 46.53
CA ALA D 908 27.39 7.52 45.81
C ALA D 908 27.72 7.65 44.33
N GLU D 909 28.03 6.51 43.70
CA GLU D 909 28.39 6.52 42.29
C GLU D 909 27.18 6.71 41.39
N ASP D 910 26.03 6.13 41.76
CA ASP D 910 24.80 6.24 40.98
C ASP D 910 23.86 7.30 41.53
N VAL D 911 24.40 8.39 42.08
CA VAL D 911 23.56 9.46 42.61
C VAL D 911 22.80 10.16 41.48
N GLU D 912 23.39 10.20 40.28
CA GLU D 912 22.80 10.94 39.18
C GLU D 912 21.47 10.35 38.72
N THR D 913 21.26 9.05 38.91
CA THR D 913 20.01 8.41 38.51
C THR D 913 19.05 8.15 39.67
N SER D 914 19.52 8.21 40.92
CA SER D 914 18.71 7.83 42.06
C SER D 914 18.29 9.00 42.93
N VAL D 915 19.25 9.78 43.42
CA VAL D 915 18.93 10.87 44.33
C VAL D 915 18.60 12.15 43.56
N TYR D 916 19.19 12.33 42.39
CA TYR D 916 18.97 13.53 41.59
C TYR D 916 17.51 13.61 41.13
N ALA D 917 17.08 14.85 40.85
CA ALA D 917 15.72 15.13 40.37
C ALA D 917 14.65 14.60 41.30
N ARG D 918 14.89 14.72 42.60
CA ARG D 918 13.96 14.34 43.64
C ARG D 918 13.71 15.53 44.55
N MET D 919 13.04 15.27 45.65
CA MET D 919 12.68 16.34 46.57
C MET D 919 12.83 15.84 48.01
N LEU D 920 13.39 16.69 48.86
CA LEU D 920 13.62 16.32 50.25
C LEU D 920 12.32 16.31 51.04
N ALA D 921 12.15 15.30 51.89
CA ALA D 921 10.95 15.21 52.71
C ALA D 921 11.00 16.21 53.87
N GLU D 922 12.19 16.51 54.38
CA GLU D 922 12.32 17.41 55.51
C GLU D 922 13.70 18.05 55.48
N ASP D 923 13.85 19.11 56.27
CA ASP D 923 15.12 19.82 56.34
C ASP D 923 16.20 18.94 56.97
N VAL D 924 17.45 19.21 56.59
CA VAL D 924 18.61 18.50 57.11
C VAL D 924 19.48 19.48 57.88
N VAL D 925 19.88 19.08 59.08
CA VAL D 925 20.73 19.90 59.94
C VAL D 925 21.87 19.05 60.47
N ILE D 926 23.07 19.65 60.52
CA ILE D 926 24.23 19.02 61.11
C ILE D 926 24.75 19.78 62.32
N ASP D 927 24.72 21.12 62.28
CA ASP D 927 25.20 21.96 63.35
C ASP D 927 24.11 22.91 63.85
N GLY D 928 22.86 22.46 63.81
CA GLY D 928 21.73 23.29 64.19
C GLY D 928 21.27 24.26 63.14
N LYS D 929 21.87 24.24 61.95
CA LYS D 929 21.49 25.12 60.86
C LYS D 929 21.14 24.31 59.63
N VAL D 930 20.11 24.74 58.92
CA VAL D 930 19.67 24.00 57.73
C VAL D 930 20.67 24.22 56.60
N ILE D 931 21.07 23.12 55.96
CA ILE D 931 21.90 23.21 54.77
C ILE D 931 21.04 23.31 53.52
N ALA D 932 20.02 22.46 53.42
CA ALA D 932 19.12 22.44 52.29
C ALA D 932 17.70 22.59 52.81
N PRO D 933 16.92 23.53 52.26
CA PRO D 933 15.53 23.67 52.70
C PRO D 933 14.69 22.53 52.16
N ALA D 934 13.54 22.33 52.80
CA ALA D 934 12.61 21.31 52.33
C ALA D 934 11.96 21.75 51.03
N ASN D 935 11.49 20.75 50.28
CA ASN D 935 10.69 20.96 49.06
C ASN D 935 11.48 21.71 47.99
N VAL D 936 12.73 21.27 47.75
CA VAL D 936 13.54 21.78 46.66
C VAL D 936 14.16 20.60 45.93
N ASP D 937 14.53 20.83 44.67
CA ASP D 937 15.19 19.81 43.88
C ASP D 937 16.63 19.63 44.34
N LEU D 938 17.19 18.48 44.00
CA LEU D 938 18.58 18.14 44.34
C LEU D 938 19.40 18.09 43.06
N GLY D 939 20.23 19.10 42.87
CA GLY D 939 21.11 19.16 41.72
C GLY D 939 22.55 18.87 42.06
N ASP D 940 23.48 19.39 41.26
CA ASP D 940 24.90 19.17 41.51
C ASP D 940 25.37 19.93 42.74
N VAL D 941 25.02 21.22 42.82
CA VAL D 941 25.62 22.08 43.83
C VAL D 941 25.11 21.73 45.22
N LEU D 942 23.81 21.45 45.36
CA LEU D 942 23.26 21.13 46.67
C LEU D 942 23.76 19.79 47.18
N ILE D 943 23.83 18.79 46.29
CA ILE D 943 24.34 17.48 46.68
C ILE D 943 25.81 17.58 47.06
N ASP D 944 26.58 18.37 46.31
CA ASP D 944 27.99 18.59 46.65
C ASP D 944 28.13 19.27 48.00
N ALA D 945 27.28 20.25 48.30
CA ALA D 945 27.32 20.90 49.59
C ALA D 945 27.00 19.93 50.72
N LEU D 946 25.99 19.08 50.52
CA LEU D 946 25.63 18.10 51.55
C LEU D 946 26.75 17.09 51.78
N VAL D 947 27.36 16.58 50.71
CA VAL D 947 28.42 15.59 50.89
C VAL D 947 29.68 16.24 51.45
N ALA D 948 29.88 17.54 51.20
CA ALA D 948 31.01 18.24 51.82
C ALA D 948 30.77 18.49 53.30
N HIS D 949 29.52 18.75 53.68
CA HIS D 949 29.21 18.97 55.08
C HIS D 949 29.29 17.69 55.90
N GLY D 950 29.20 16.52 55.27
CA GLY D 950 29.39 15.28 55.98
C GLY D 950 28.13 14.52 56.33
N VAL D 951 27.19 14.43 55.38
CA VAL D 951 25.98 13.63 55.56
C VAL D 951 26.20 12.30 54.85
N GLU D 952 25.58 11.25 55.38
CA GLU D 952 25.71 9.91 54.82
C GLU D 952 24.47 9.44 54.08
N GLU D 953 23.28 9.78 54.57
CA GLU D 953 22.04 9.39 53.91
C GLU D 953 21.08 10.58 53.96
N VAL D 954 20.17 10.62 52.97
CA VAL D 954 19.19 11.68 52.87
C VAL D 954 17.81 11.06 52.76
N LYS D 955 16.81 11.85 53.14
CA LYS D 955 15.41 11.42 53.10
C LYS D 955 14.75 12.11 51.91
N THR D 956 14.62 11.39 50.80
CA THR D 956 14.02 11.92 49.59
C THR D 956 12.55 11.55 49.52
N ARG D 957 11.71 12.53 49.20
CA ARG D 957 10.27 12.33 49.09
C ARG D 957 9.99 11.72 47.73
N SER D 958 9.97 10.40 47.67
CA SER D 958 9.74 9.68 46.42
C SER D 958 8.27 9.29 46.30
N ILE D 959 7.96 8.58 45.23
CA ILE D 959 6.57 8.26 44.92
C ILE D 959 6.08 7.04 45.69
N LEU D 960 6.98 6.19 46.19
CA LEU D 960 6.55 5.00 46.92
C LEU D 960 5.91 5.35 48.26
N THR D 961 6.35 6.43 48.88
CA THR D 961 5.78 6.89 50.14
C THR D 961 4.63 7.86 49.95
N CYS D 962 4.29 8.18 48.72
CA CYS D 962 3.27 9.20 48.43
C CYS D 962 1.88 8.62 48.69
N GLU D 963 1.19 9.15 49.69
CA GLU D 963 -0.22 8.85 49.89
C GLU D 963 -1.04 10.10 49.61
N SER D 964 -2.17 9.91 48.95
CA SER D 964 -2.99 11.04 48.53
C SER D 964 -4.43 10.57 48.35
N GLN D 965 -5.34 11.53 48.30
CA GLN D 965 -6.75 11.20 48.07
C GLN D 965 -6.94 10.60 46.67
N VAL D 966 -6.29 11.18 45.66
CA VAL D 966 -6.36 10.65 44.30
C VAL D 966 -4.98 10.76 43.66
N GLY D 967 -4.55 9.67 43.02
CA GLY D 967 -3.31 9.66 42.28
C GLY D 967 -2.09 9.94 43.14
N THR D 968 -1.13 10.64 42.55
CA THR D 968 0.07 11.10 43.24
C THR D 968 0.21 12.60 43.02
N CYS D 969 0.96 13.26 43.89
CA CYS D 969 1.13 14.69 43.76
C CYS D 969 2.40 15.01 42.97
N ALA D 970 2.56 16.29 42.64
CA ALA D 970 3.74 16.72 41.89
C ALA D 970 4.98 16.71 42.78
N MET D 971 4.87 17.23 44.00
CA MET D 971 6.04 17.34 44.88
C MET D 971 6.56 15.97 45.28
N CYS D 972 5.67 15.04 45.61
CA CYS D 972 6.10 13.71 46.01
C CYS D 972 6.72 12.94 44.84
N TYR D 973 6.37 13.28 43.60
CA TYR D 973 6.96 12.61 42.44
C TYR D 973 8.36 13.12 42.14
N GLY D 974 8.64 14.38 42.42
CA GLY D 974 9.88 15.00 42.03
C GLY D 974 9.76 15.75 40.72
N ARG D 975 10.81 16.51 40.41
CA ARG D 975 10.80 17.32 39.20
C ARG D 975 10.82 16.43 37.96
N SER D 976 10.13 16.86 36.91
CA SER D 976 10.10 16.10 35.68
C SER D 976 11.45 16.16 34.99
N LEU D 977 11.84 15.04 34.39
CA LEU D 977 13.14 14.96 33.74
C LEU D 977 13.11 15.41 32.29
N ALA D 978 11.94 15.75 31.75
CA ALA D 978 11.83 16.20 30.37
C ALA D 978 11.68 17.71 30.25
N THR D 979 11.39 18.41 31.34
CA THR D 979 11.29 19.86 31.34
C THR D 979 12.37 20.55 32.14
N GLY D 980 13.00 19.85 33.08
CA GLY D 980 13.96 20.45 33.98
C GLY D 980 13.36 21.22 35.13
N LYS D 981 12.03 21.22 35.26
CA LYS D 981 11.34 21.93 36.33
C LYS D 981 10.40 20.97 37.04
N LEU D 982 9.62 21.50 37.97
CA LEU D 982 8.64 20.71 38.69
C LEU D 982 7.57 20.20 37.74
N VAL D 983 7.15 18.94 37.94
CA VAL D 983 6.18 18.32 37.04
C VAL D 983 4.83 19.01 37.20
N ASP D 984 4.23 19.36 36.07
CA ASP D 984 2.93 20.03 36.10
C ASP D 984 1.83 19.04 36.43
N ILE D 985 0.77 19.54 37.07
CA ILE D 985 -0.35 18.69 37.45
C ILE D 985 -1.11 18.29 36.19
N GLY D 986 -1.20 16.98 35.97
CA GLY D 986 -1.82 16.44 34.77
C GLY D 986 -0.88 15.71 33.84
N GLU D 987 0.42 15.76 34.08
CA GLU D 987 1.38 15.08 33.23
C GLU D 987 1.27 13.58 33.44
N ALA D 988 1.05 12.83 32.35
CA ALA D 988 0.85 11.39 32.45
C ALA D 988 2.18 10.69 32.73
N VAL D 989 2.57 10.61 34.00
CA VAL D 989 3.88 10.07 34.34
C VAL D 989 3.98 8.58 34.08
N GLY D 990 2.86 7.86 34.10
CA GLY D 990 2.92 6.42 33.95
C GLY D 990 3.38 5.97 32.57
N ILE D 991 2.84 6.60 31.53
CA ILE D 991 3.23 6.23 30.16
C ILE D 991 4.67 6.63 29.89
N ILE D 992 5.10 7.77 30.44
CA ILE D 992 6.49 8.19 30.31
C ILE D 992 7.41 7.19 30.98
N ALA D 993 7.04 6.74 32.18
CA ALA D 993 7.84 5.74 32.87
C ALA D 993 7.91 4.43 32.10
N ALA D 994 6.77 3.98 31.57
CA ALA D 994 6.74 2.73 30.82
C ALA D 994 7.59 2.82 29.55
N GLN D 995 7.51 3.95 28.85
CA GLN D 995 8.33 4.13 27.66
C GLN D 995 9.81 4.20 28.00
N SER D 996 10.14 4.89 29.09
CA SER D 996 11.55 5.00 29.49
C SER D 996 12.14 3.66 29.89
N ILE D 997 11.34 2.80 30.53
CA ILE D 997 11.81 1.45 30.79
C ILE D 997 11.91 0.64 29.50
N GLY D 998 10.95 0.82 28.60
CA GLY D 998 10.91 0.03 27.39
C GLY D 998 11.79 0.53 26.26
N GLU D 999 12.25 1.78 26.33
CA GLU D 999 13.11 2.32 25.29
C GLU D 999 14.44 1.57 25.14
N PRO D 1000 15.23 1.31 26.21
CA PRO D 1000 16.52 0.64 25.98
C PRO D 1000 16.41 -0.87 25.93
N GLY D 1001 15.19 -1.40 25.76
CA GLY D 1001 15.04 -2.84 25.63
C GLY D 1001 15.78 -3.39 24.43
N THR D 1002 15.72 -2.68 23.30
CA THR D 1002 16.54 -3.05 22.16
C THR D 1002 18.01 -2.70 22.38
N GLN D 1003 18.30 -1.80 23.30
CA GLN D 1003 19.66 -1.35 23.56
C GLN D 1003 20.43 -2.23 24.54
N LEU D 1004 19.77 -3.22 25.13
CA LEU D 1004 20.46 -4.09 26.09
C LEU D 1004 21.53 -4.93 25.41
N THR D 1005 21.14 -5.63 24.33
CA THR D 1005 22.06 -6.41 23.48
C THR D 1005 22.89 -7.41 24.28
N MET D 1006 22.28 -8.00 25.30
CA MET D 1006 22.94 -8.95 26.19
C MET D 1006 22.46 -10.37 25.95
N ARG D 1007 23.40 -11.30 25.98
CA ARG D 1007 23.12 -12.72 25.97
C ARG D 1007 24.23 -13.41 26.76
N THR D 1008 23.90 -14.54 27.38
CA THR D 1008 24.88 -15.29 28.16
C THR D 1008 25.95 -15.84 27.23
N PHE D 1009 27.20 -15.43 27.44
CA PHE D 1009 28.28 -15.83 26.56
C PHE D 1009 28.55 -17.33 26.66
N HIS D 1010 28.71 -17.83 27.88
CA HIS D 1010 29.03 -19.24 28.10
C HIS D 1010 28.35 -19.71 29.37
N THR D 1011 27.78 -20.91 29.31
CA THR D 1011 27.17 -21.51 30.48
C THR D 1011 28.16 -22.27 31.36
N GLY D 1012 29.42 -22.39 30.92
CA GLY D 1012 30.41 -23.11 31.68
C GLY D 1012 30.31 -24.62 31.61
N GLY D 1013 29.56 -25.15 30.66
CA GLY D 1013 29.36 -26.58 30.56
C GLY D 1013 28.28 -27.14 31.45
N VAL D 1014 27.61 -26.30 32.23
CA VAL D 1014 26.55 -26.73 33.13
C VAL D 1014 25.34 -25.83 32.93
N ALA D 1015 24.14 -26.41 32.99
CA ALA D 1015 22.90 -25.69 32.77
C ALA D 1015 22.22 -25.43 34.11
N GLY D 1016 21.69 -24.21 34.27
CA GLY D 1016 21.01 -23.81 35.48
C GLY D 1016 21.86 -23.09 36.49
N ASP D 1017 23.19 -23.12 36.35
CA ASP D 1017 24.05 -22.41 37.28
C ASP D 1017 24.02 -20.90 37.05
N ASP D 1018 23.72 -20.48 35.82
CA ASP D 1018 23.69 -19.07 35.47
C ASP D 1018 22.24 -18.57 35.45
N ILE D 1019 22.00 -17.45 36.11
CA ILE D 1019 20.68 -16.84 36.15
C ILE D 1019 20.41 -16.14 34.83
N THR D 1020 19.16 -15.75 34.61
CA THR D 1020 18.81 -15.03 33.39
C THR D 1020 19.48 -13.66 33.35
N GLN D 1021 19.93 -13.27 32.17
CA GLN D 1021 20.63 -12.00 31.97
C GLN D 1021 19.95 -11.21 30.88
N GLY D 1022 20.09 -9.89 30.94
CA GLY D 1022 19.55 -9.03 29.91
C GLY D 1022 18.04 -8.87 30.01
N LEU D 1023 17.41 -8.73 28.84
CA LEU D 1023 15.97 -8.52 28.78
C LEU D 1023 15.14 -9.65 29.41
N PRO D 1024 15.47 -10.94 29.25
CA PRO D 1024 14.73 -11.95 30.02
C PRO D 1024 14.79 -11.75 31.52
N ARG D 1025 15.92 -11.27 32.06
CA ARG D 1025 15.98 -10.96 33.48
C ARG D 1025 15.03 -9.81 33.84
N VAL D 1026 14.96 -8.78 33.00
CA VAL D 1026 14.08 -7.65 33.29
C VAL D 1026 12.62 -8.08 33.27
N VAL D 1027 12.23 -8.86 32.26
CA VAL D 1027 10.83 -9.26 32.18
C VAL D 1027 10.50 -10.27 33.28
N GLU D 1028 11.46 -11.11 33.67
CA GLU D 1028 11.24 -12.01 34.80
C GLU D 1028 11.10 -11.25 36.10
N LEU D 1029 11.80 -10.13 36.24
CA LEU D 1029 11.66 -9.30 37.43
C LEU D 1029 10.31 -8.60 37.45
N PHE D 1030 9.87 -8.06 36.32
CA PHE D 1030 8.62 -7.30 36.33
C PHE D 1030 7.40 -8.22 36.32
N GLU D 1031 7.58 -9.48 35.94
CA GLU D 1031 6.48 -10.43 35.98
C GLU D 1031 6.30 -11.05 37.36
N ALA D 1032 7.13 -10.67 38.33
CA ALA D 1032 7.11 -11.18 39.70
C ALA D 1032 7.26 -12.70 39.76
N ARG D 1033 7.83 -13.30 38.73
CA ARG D 1033 7.99 -14.75 38.70
C ARG D 1033 9.19 -15.17 39.54
N THR D 1034 9.20 -16.45 39.91
CA THR D 1034 10.36 -17.00 40.59
C THR D 1034 11.49 -17.20 39.58
N PRO D 1035 12.67 -16.67 39.82
CA PRO D 1035 13.76 -16.81 38.85
C PRO D 1035 14.23 -18.26 38.74
N LYS D 1036 14.92 -18.55 37.63
CA LYS D 1036 15.38 -19.90 37.37
C LYS D 1036 16.43 -20.33 38.39
N GLY D 1037 17.21 -19.40 38.93
CA GLY D 1037 18.10 -19.71 40.02
C GLY D 1037 17.53 -19.24 41.34
N VAL D 1038 16.96 -20.15 42.12
CA VAL D 1038 16.24 -19.81 43.34
C VAL D 1038 17.22 -19.75 44.50
N ALA D 1039 17.20 -18.64 45.23
CA ALA D 1039 18.04 -18.48 46.42
C ALA D 1039 17.15 -18.37 47.64
N PRO D 1040 16.98 -19.45 48.42
CA PRO D 1040 16.11 -19.38 49.59
C PRO D 1040 16.67 -18.48 50.69
N ILE D 1041 15.77 -17.91 51.48
CA ILE D 1041 16.11 -16.99 52.55
C ILE D 1041 15.56 -17.54 53.86
N SER D 1042 16.39 -17.52 54.90
CA SER D 1042 15.98 -17.99 56.22
C SER D 1042 14.91 -17.09 56.81
N GLU D 1043 13.91 -17.71 57.44
CA GLU D 1043 12.82 -16.94 58.02
C GLU D 1043 13.23 -16.23 59.31
N ALA D 1044 14.21 -16.79 60.03
CA ALA D 1044 14.65 -16.19 61.29
C ALA D 1044 16.09 -16.60 61.55
N SER D 1045 16.74 -15.86 62.44
CA SER D 1045 18.10 -16.18 62.84
C SER D 1045 18.12 -17.44 63.70
N GLY D 1046 19.17 -18.23 63.56
CA GLY D 1046 19.28 -19.46 64.33
C GLY D 1046 20.48 -20.27 63.87
N ARG D 1047 20.39 -21.57 64.08
CA ARG D 1047 21.46 -22.50 63.75
C ARG D 1047 21.09 -23.26 62.48
N VAL D 1048 22.01 -23.29 61.52
CA VAL D 1048 21.75 -23.98 60.22
C VAL D 1048 22.84 -25.02 59.97
N ARG D 1049 22.46 -26.25 59.63
CA ARG D 1049 23.46 -27.31 59.31
C ARG D 1049 23.03 -27.99 58.02
N ILE D 1050 23.94 -28.74 57.39
CA ILE D 1050 23.61 -29.44 56.11
C ILE D 1050 23.21 -30.88 56.38
N GLU D 1051 22.40 -31.48 55.50
CA GLU D 1051 22.02 -32.89 55.60
C GLU D 1051 22.21 -33.51 54.22
N GLU D 1052 23.39 -34.08 53.99
CA GLU D 1052 23.77 -34.56 52.65
C GLU D 1052 23.22 -35.97 52.43
N THR D 1053 21.92 -36.02 52.20
CA THR D 1053 21.28 -37.27 51.79
C THR D 1053 21.69 -37.61 50.36
N GLU D 1054 21.93 -38.90 50.11
CA GLU D 1054 22.50 -39.32 48.83
C GLU D 1054 21.55 -39.06 47.66
N LYS D 1055 20.26 -39.31 47.86
CA LYS D 1055 19.30 -39.12 46.77
C LYS D 1055 19.12 -37.65 46.43
N THR D 1056 19.00 -36.79 47.46
CA THR D 1056 18.79 -35.37 47.26
C THR D 1056 19.35 -34.62 48.46
N LYS D 1057 20.11 -33.56 48.21
CA LYS D 1057 20.69 -32.77 49.27
C LYS D 1057 19.60 -32.06 50.07
N LYS D 1058 19.96 -31.63 51.28
CA LYS D 1058 19.00 -31.03 52.18
C LYS D 1058 19.71 -30.09 53.14
N ILE D 1059 19.06 -28.98 53.47
CA ILE D 1059 19.57 -28.03 54.45
C ILE D 1059 18.51 -27.84 55.52
N VAL D 1060 18.96 -27.65 56.76
CA VAL D 1060 18.07 -27.48 57.91
C VAL D 1060 18.57 -26.31 58.73
N VAL D 1061 17.69 -25.34 58.99
CA VAL D 1061 17.98 -24.22 59.87
C VAL D 1061 17.02 -24.28 61.05
N THR D 1062 17.57 -24.14 62.26
CA THR D 1062 16.77 -24.15 63.48
C THR D 1062 16.82 -22.78 64.15
N PRO D 1063 15.79 -21.96 64.03
CA PRO D 1063 15.80 -20.66 64.69
C PRO D 1063 15.75 -20.78 66.21
N ASP D 1064 16.33 -19.80 66.88
CA ASP D 1064 16.39 -19.80 68.34
C ASP D 1064 15.09 -19.21 68.89
N ASP D 1065 15.09 -18.94 70.20
CA ASP D 1065 13.96 -18.33 70.92
C ASP D 1065 12.70 -19.19 70.83
N GLY D 1066 12.87 -20.50 70.74
CA GLY D 1066 11.73 -21.40 70.66
C GLY D 1066 11.00 -21.40 69.34
N SER D 1067 11.55 -20.77 68.30
CA SER D 1067 10.88 -20.72 67.02
C SER D 1067 10.93 -22.07 66.33
N ASP D 1068 9.94 -22.31 65.47
CA ASP D 1068 9.82 -23.60 64.79
C ASP D 1068 10.89 -23.78 63.74
N GLU D 1069 11.31 -25.03 63.56
CA GLU D 1069 12.28 -25.38 62.53
C GLU D 1069 11.68 -25.24 61.14
N THR D 1070 12.46 -24.70 60.22
CA THR D 1070 12.10 -24.62 58.81
C THR D 1070 13.18 -25.29 57.98
N ALA D 1071 12.75 -26.07 56.97
CA ALA D 1071 13.65 -26.86 56.15
C ALA D 1071 13.50 -26.44 54.69
N PHE D 1072 14.63 -26.19 54.03
CA PHE D 1072 14.66 -25.76 52.64
C PHE D 1072 15.25 -26.86 51.77
N PRO D 1073 14.61 -27.22 50.66
CA PRO D 1073 15.17 -28.24 49.78
C PRO D 1073 16.13 -27.67 48.76
N ILE D 1074 17.35 -28.21 48.69
CA ILE D 1074 18.36 -27.80 47.73
C ILE D 1074 18.80 -29.02 46.94
N SER D 1075 19.05 -28.83 45.64
CA SER D 1075 19.47 -29.95 44.76
C SER D 1075 20.93 -30.35 45.05
N LYS D 1076 21.46 -31.29 44.27
CA LYS D 1076 22.85 -31.78 44.48
C LYS D 1076 23.78 -30.98 43.56
N ARG D 1077 23.34 -29.78 43.18
CA ARG D 1077 24.14 -28.88 42.30
C ARG D 1077 25.46 -28.48 42.97
N ALA D 1078 26.38 -27.91 42.19
CA ALA D 1078 27.75 -27.60 42.68
C ALA D 1078 27.89 -26.53 43.77
N ARG D 1079 27.14 -25.41 43.73
CA ARG D 1079 27.45 -24.32 44.69
C ARG D 1079 26.47 -24.07 45.84
N LEU D 1080 26.97 -24.14 47.08
CA LEU D 1080 26.18 -23.79 48.28
C LEU D 1080 27.18 -23.02 49.17
N LEU D 1081 26.86 -21.80 49.62
CA LEU D 1081 27.91 -21.02 50.35
C LEU D 1081 27.68 -20.91 51.87
N VAL D 1082 26.67 -21.60 52.43
CA VAL D 1082 26.38 -21.40 53.88
C VAL D 1082 27.29 -22.25 54.78
N GLY D 1083 27.65 -21.73 55.96
CA GLY D 1083 28.42 -22.50 56.95
C GLY D 1083 27.55 -23.49 57.70
N GLU D 1084 28.07 -24.69 57.96
CA GLU D 1084 27.30 -25.72 58.73
C GLU D 1084 27.46 -25.42 60.21
N GLY D 1085 26.36 -25.48 60.97
CA GLY D 1085 26.42 -25.10 62.37
C GLY D 1085 26.96 -23.71 62.61
N ASP D 1086 26.72 -22.80 61.68
CA ASP D 1086 27.22 -21.43 61.77
C ASP D 1086 26.07 -20.46 62.01
N HIS D 1087 26.42 -19.19 62.20
CA HIS D 1087 25.44 -18.17 62.49
C HIS D 1087 24.75 -17.71 61.21
N VAL D 1088 23.43 -17.63 61.24
CA VAL D 1088 22.63 -17.19 60.11
C VAL D 1088 21.56 -16.23 60.62
N GLU D 1089 21.06 -15.38 59.72
CA GLU D 1089 19.97 -14.48 60.04
C GLU D 1089 19.13 -14.28 58.79
N VAL D 1090 18.24 -13.30 58.83
CA VAL D 1090 17.28 -13.09 57.74
C VAL D 1090 17.93 -12.38 56.56
N GLY D 1091 19.05 -11.68 56.81
CA GLY D 1091 19.60 -10.81 55.78
C GLY D 1091 20.17 -11.56 54.59
N GLN D 1092 20.98 -12.59 54.85
CA GLN D 1092 21.73 -13.22 53.78
C GLN D 1092 20.92 -14.33 53.11
N LYS D 1093 21.51 -14.93 52.08
CA LYS D 1093 20.82 -16.01 51.31
C LYS D 1093 21.58 -17.33 51.51
N LEU D 1094 20.84 -18.43 51.63
CA LEU D 1094 21.50 -19.75 51.86
C LEU D 1094 22.35 -20.15 50.65
N THR D 1095 21.86 -19.91 49.44
CA THR D 1095 22.64 -20.22 48.21
C THR D 1095 22.78 -18.93 47.40
N VAL D 1096 23.95 -18.65 46.85
CA VAL D 1096 24.06 -17.43 45.98
C VAL D 1096 23.18 -17.63 44.74
N GLY D 1097 22.36 -16.63 44.41
CA GLY D 1097 21.45 -16.71 43.25
C GLY D 1097 20.45 -15.57 43.30
N ALA D 1098 19.46 -15.55 42.41
CA ALA D 1098 18.42 -14.49 42.50
C ALA D 1098 17.40 -14.91 43.55
N THR D 1099 17.17 -14.07 44.55
CA THR D 1099 16.17 -14.40 45.56
C THR D 1099 14.78 -14.30 44.96
N ASN D 1100 13.90 -15.20 45.35
CA ASN D 1100 12.51 -15.08 44.94
C ASN D 1100 11.88 -13.93 45.71
N PRO D 1101 11.43 -12.86 45.04
CA PRO D 1101 11.03 -11.67 45.77
C PRO D 1101 9.72 -11.82 46.53
N HIS D 1102 8.94 -12.86 46.26
CA HIS D 1102 7.71 -13.09 47.01
C HIS D 1102 8.01 -13.32 48.50
N ASP D 1103 8.92 -14.25 48.79
CA ASP D 1103 9.28 -14.48 50.19
C ASP D 1103 10.08 -13.32 50.77
N VAL D 1104 10.76 -12.56 49.92
CA VAL D 1104 11.45 -11.35 50.38
C VAL D 1104 10.44 -10.36 50.93
N LEU D 1105 9.34 -10.14 50.19
CA LEU D 1105 8.26 -9.31 50.69
C LEU D 1105 7.62 -9.93 51.92
N ARG D 1106 7.47 -11.26 51.94
CA ARG D 1106 6.78 -11.94 53.03
C ARG D 1106 7.52 -11.78 54.34
N ILE D 1107 8.84 -11.89 54.32
CA ILE D 1107 9.63 -11.97 55.55
C ILE D 1107 10.44 -10.73 55.83
N LEU D 1108 10.51 -9.76 54.92
CA LEU D 1108 11.33 -8.58 55.12
C LEU D 1108 10.55 -7.28 55.20
N GLY D 1109 9.55 -7.07 54.34
CA GLY D 1109 8.76 -5.88 54.36
C GLY D 1109 8.63 -5.24 52.98
N GLN D 1110 7.74 -4.25 52.92
CA GLN D 1110 7.47 -3.59 51.64
C GLN D 1110 8.64 -2.74 51.18
N ARG D 1111 9.28 -2.02 52.12
CA ARG D 1111 10.42 -1.19 51.75
C ARG D 1111 11.59 -2.04 51.26
N ALA D 1112 11.82 -3.18 51.90
CA ALA D 1112 12.90 -4.06 51.49
C ALA D 1112 12.67 -4.63 50.10
N VAL D 1113 11.43 -5.03 49.80
CA VAL D 1113 11.17 -5.60 48.48
C VAL D 1113 11.19 -4.51 47.41
N GLN D 1114 10.78 -3.29 47.74
CA GLN D 1114 10.89 -2.19 46.80
C GLN D 1114 12.35 -1.90 46.48
N VAL D 1115 13.19 -1.86 47.52
CA VAL D 1115 14.62 -1.63 47.32
C VAL D 1115 15.24 -2.75 46.50
N HIS D 1116 14.86 -3.99 46.79
CA HIS D 1116 15.42 -5.14 46.07
C HIS D 1116 15.03 -5.11 44.60
N LEU D 1117 13.76 -4.84 44.30
CA LEU D 1117 13.32 -4.79 42.91
C LEU D 1117 14.00 -3.66 42.15
N VAL D 1118 14.03 -2.46 42.75
CA VAL D 1118 14.65 -1.32 42.10
C VAL D 1118 16.13 -1.58 41.86
N GLY D 1119 16.82 -2.12 42.87
CA GLY D 1119 18.23 -2.41 42.73
C GLY D 1119 18.53 -3.47 41.69
N GLU D 1120 17.69 -4.51 41.61
CA GLU D 1120 17.92 -5.55 40.61
C GLU D 1120 17.74 -5.01 39.20
N VAL D 1121 16.63 -4.29 38.95
CA VAL D 1121 16.43 -3.82 37.59
C VAL D 1121 17.46 -2.75 37.23
N GLN D 1122 17.88 -1.94 38.19
CA GLN D 1122 18.90 -0.93 37.91
C GLN D 1122 20.27 -1.56 37.71
N LYS D 1123 20.56 -2.68 38.37
CA LYS D 1123 21.82 -3.36 38.13
C LYS D 1123 21.80 -4.12 36.81
N VAL D 1124 20.63 -4.51 36.31
CA VAL D 1124 20.57 -5.01 34.94
C VAL D 1124 20.81 -3.89 33.95
N TYR D 1125 20.18 -2.73 34.17
CA TYR D 1125 20.28 -1.65 33.19
C TYR D 1125 21.67 -1.00 33.20
N ASN D 1126 22.30 -0.91 34.37
CA ASN D 1126 23.60 -0.25 34.46
C ASN D 1126 24.72 -1.10 33.85
N SER D 1127 24.47 -2.38 33.60
CA SER D 1127 25.50 -3.25 33.06
C SER D 1127 25.80 -2.95 31.60
N GLN D 1128 24.93 -2.23 30.90
CA GLN D 1128 25.12 -1.93 29.49
C GLN D 1128 25.48 -0.48 29.23
N GLY D 1129 25.08 0.42 30.10
CA GLY D 1129 25.40 1.83 29.93
C GLY D 1129 24.17 2.69 29.82
N VAL D 1130 23.01 2.06 29.64
CA VAL D 1130 21.76 2.81 29.58
C VAL D 1130 21.39 3.27 30.99
N SER D 1131 21.06 4.55 31.12
CA SER D 1131 20.77 5.16 32.41
C SER D 1131 19.29 5.46 32.48
N ILE D 1132 18.61 4.86 33.44
CA ILE D 1132 17.19 5.10 33.70
C ILE D 1132 17.07 5.59 35.12
N HIS D 1133 16.34 6.70 35.30
CA HIS D 1133 16.11 7.20 36.65
C HIS D 1133 15.23 6.23 37.42
N ASP D 1134 15.44 6.20 38.73
CA ASP D 1134 14.79 5.18 39.56
C ASP D 1134 13.34 5.49 39.86
N LYS D 1135 12.88 6.73 39.65
CA LYS D 1135 11.45 7.01 39.85
C LYS D 1135 10.60 6.35 38.78
N HIS D 1136 11.17 6.16 37.58
CA HIS D 1136 10.46 5.45 36.53
C HIS D 1136 10.20 4.00 36.93
N ILE D 1137 11.17 3.36 37.58
CA ILE D 1137 10.94 2.03 38.11
C ILE D 1137 9.98 2.09 39.29
N GLU D 1138 10.14 3.08 40.16
CA GLU D 1138 9.32 3.17 41.37
C GLU D 1138 7.85 3.32 41.06
N ILE D 1139 7.51 3.95 39.94
CA ILE D 1139 6.11 4.05 39.53
C ILE D 1139 5.53 2.67 39.27
N ILE D 1140 6.26 1.84 38.52
CA ILE D 1140 5.77 0.49 38.20
C ILE D 1140 5.75 -0.37 39.46
N ILE D 1141 6.72 -0.20 40.34
CA ILE D 1141 6.75 -0.99 41.57
C ILE D 1141 5.59 -0.60 42.48
N ARG D 1142 5.25 0.69 42.55
CA ARG D 1142 4.08 1.11 43.31
C ARG D 1142 2.80 0.57 42.71
N GLN D 1143 2.69 0.57 41.38
CA GLN D 1143 1.54 -0.04 40.73
C GLN D 1143 1.55 -1.55 40.83
N MET D 1144 2.67 -2.13 41.26
CA MET D 1144 2.85 -3.58 41.33
C MET D 1144 2.41 -4.19 42.65
N LEU D 1145 2.63 -3.48 43.77
CA LEU D 1145 2.36 -4.00 45.09
C LEU D 1145 1.02 -3.55 45.63
N ARG D 1146 0.16 -3.00 44.77
CA ARG D 1146 -1.08 -2.39 45.23
C ARG D 1146 -2.08 -3.41 45.76
N ARG D 1147 -2.07 -4.63 45.24
CA ARG D 1147 -3.03 -5.63 45.67
C ARG D 1147 -2.59 -6.28 46.97
N VAL D 1148 -3.57 -6.56 47.83
CA VAL D 1148 -3.32 -7.18 49.12
C VAL D 1148 -4.17 -8.46 49.21
N THR D 1149 -3.56 -9.54 49.69
CA THR D 1149 -4.23 -10.81 49.87
C THR D 1149 -4.67 -10.93 51.33
N ILE D 1150 -5.95 -11.20 51.54
CA ILE D 1150 -6.53 -11.20 52.87
C ILE D 1150 -6.78 -12.64 53.31
N ILE D 1151 -6.86 -12.83 54.62
CA ILE D 1151 -7.15 -14.13 55.23
C ILE D 1151 -8.15 -13.92 56.36
N GLU D 1152 -8.69 -15.05 56.85
CA GLU D 1152 -9.62 -15.16 57.97
C GLU D 1152 -10.74 -14.11 57.96
N SER D 1153 -11.21 -13.75 56.77
CA SER D 1153 -12.24 -12.72 56.61
C SER D 1153 -13.62 -13.26 56.96
N GLY D 1154 -13.79 -13.59 58.24
CA GLY D 1154 -15.06 -14.07 58.73
C GLY D 1154 -15.94 -12.96 59.31
N ASP D 1155 -15.32 -11.82 59.64
CA ASP D 1155 -16.04 -10.69 60.20
C ASP D 1155 -16.06 -9.48 59.28
N ALA D 1156 -15.31 -9.50 58.18
CA ALA D 1156 -15.31 -8.42 57.22
C ALA D 1156 -16.27 -8.66 56.06
N GLU D 1157 -17.05 -9.74 56.13
CA GLU D 1157 -18.06 -10.15 55.14
C GLU D 1157 -17.61 -9.96 53.69
N LEU D 1158 -16.46 -10.56 53.37
CA LEU D 1158 -16.09 -10.77 51.97
C LEU D 1158 -15.23 -12.02 51.91
N LEU D 1159 -14.96 -12.47 50.69
CA LEU D 1159 -14.25 -13.72 50.48
C LEU D 1159 -12.80 -13.61 50.97
N PRO D 1160 -12.31 -14.57 51.72
CA PRO D 1160 -10.90 -14.57 52.12
C PRO D 1160 -10.01 -15.34 51.17
N GLY D 1161 -8.84 -14.77 50.89
CA GLY D 1161 -7.86 -15.42 50.03
C GLY D 1161 -8.02 -15.15 48.55
N GLU D 1162 -8.27 -13.89 48.18
CA GLU D 1162 -8.37 -13.50 46.79
C GLU D 1162 -7.61 -12.19 46.60
N LEU D 1163 -7.83 -11.56 45.44
CA LEU D 1163 -7.19 -10.30 45.10
C LEU D 1163 -8.05 -9.15 45.61
N VAL D 1164 -7.51 -8.39 46.56
CA VAL D 1164 -8.22 -7.26 47.17
C VAL D 1164 -7.38 -6.01 46.99
N GLU D 1165 -8.01 -4.93 46.56
CA GLU D 1165 -7.32 -3.66 46.41
C GLU D 1165 -7.04 -3.04 47.78
N ARG D 1166 -5.91 -2.32 47.87
CA ARG D 1166 -5.46 -1.80 49.16
C ARG D 1166 -6.40 -0.75 49.72
N THR D 1167 -6.79 0.23 48.89
CA THR D 1167 -7.69 1.27 49.36
C THR D 1167 -9.06 0.71 49.71
N LYS D 1168 -9.57 -0.22 48.89
CA LYS D 1168 -10.83 -0.87 49.20
C LYS D 1168 -10.75 -1.69 50.49
N PHE D 1169 -9.62 -2.38 50.69
CA PHE D 1169 -9.44 -3.15 51.92
C PHE D 1169 -9.40 -2.23 53.14
N GLU D 1170 -8.72 -1.08 53.01
CA GLU D 1170 -8.68 -0.13 54.12
C GLU D 1170 -10.05 0.46 54.41
N THR D 1171 -10.82 0.74 53.36
CA THR D 1171 -12.19 1.24 53.55
C THR D 1171 -13.05 0.19 54.24
N GLU D 1172 -12.91 -1.08 53.84
CA GLU D 1172 -13.64 -2.16 54.50
C GLU D 1172 -13.24 -2.28 55.97
N ASN D 1173 -11.95 -2.14 56.26
CA ASN D 1173 -11.49 -2.18 57.65
C ASN D 1173 -12.08 -1.03 58.45
N ARG D 1174 -12.10 0.17 57.87
CA ARG D 1174 -12.67 1.33 58.57
C ARG D 1174 -14.16 1.13 58.84
N ARG D 1175 -14.90 0.63 57.86
CA ARG D 1175 -16.33 0.47 58.05
C ARG D 1175 -16.67 -0.73 58.94
N VAL D 1176 -15.78 -1.70 59.08
CA VAL D 1176 -16.08 -2.81 59.98
C VAL D 1176 -15.65 -2.50 61.41
N VAL D 1177 -14.62 -1.66 61.60
CA VAL D 1177 -14.32 -1.21 62.96
C VAL D 1177 -15.27 -0.10 63.38
N GLN D 1178 -15.91 0.60 62.44
CA GLN D 1178 -17.01 1.48 62.79
C GLN D 1178 -18.23 0.69 63.27
N GLU D 1179 -18.45 -0.49 62.70
CA GLU D 1179 -19.53 -1.36 63.13
C GLU D 1179 -19.21 -2.15 64.39
N GLY D 1180 -17.95 -2.14 64.82
CA GLY D 1180 -17.53 -2.85 66.01
C GLY D 1180 -16.92 -4.21 65.77
N GLY D 1181 -17.07 -4.77 64.57
CA GLY D 1181 -16.47 -6.06 64.29
C GLY D 1181 -14.96 -5.96 64.14
N HIS D 1182 -14.30 -7.07 64.47
CA HIS D 1182 -12.84 -7.10 64.37
C HIS D 1182 -12.41 -7.15 62.91
N PRO D 1183 -11.36 -6.41 62.54
CA PRO D 1183 -10.93 -6.39 61.14
C PRO D 1183 -10.28 -7.70 60.72
N ALA D 1184 -10.31 -7.94 59.41
CA ALA D 1184 -9.70 -9.12 58.84
C ALA D 1184 -8.23 -8.87 58.52
N SER D 1185 -7.43 -9.92 58.61
CA SER D 1185 -6.00 -9.82 58.35
C SER D 1185 -5.73 -9.75 56.85
N GLY D 1186 -4.54 -9.28 56.51
CA GLY D 1186 -4.15 -9.16 55.12
C GLY D 1186 -2.65 -9.14 54.90
N ARG D 1187 -2.20 -9.73 53.80
CA ARG D 1187 -0.79 -9.76 53.45
C ARG D 1187 -0.58 -9.14 52.07
N PRO D 1188 0.44 -8.27 51.90
CA PRO D 1188 0.72 -7.72 50.58
C PRO D 1188 1.14 -8.80 49.60
N GLN D 1189 0.76 -8.61 48.34
CA GLN D 1189 0.95 -9.63 47.31
C GLN D 1189 1.68 -9.01 46.13
N LEU D 1190 2.95 -9.37 45.97
CA LEU D 1190 3.74 -8.95 44.81
C LEU D 1190 3.29 -9.74 43.59
N MET D 1191 2.64 -9.08 42.65
CA MET D 1191 2.10 -9.74 41.47
C MET D 1191 2.69 -9.14 40.20
N GLY D 1192 2.66 -9.94 39.13
CA GLY D 1192 3.26 -9.52 37.90
C GLY D 1192 2.49 -8.41 37.20
N ILE D 1193 3.13 -7.85 36.17
CA ILE D 1193 2.53 -6.76 35.42
C ILE D 1193 1.28 -7.25 34.68
N THR D 1194 1.32 -8.47 34.15
CA THR D 1194 0.18 -8.98 33.39
C THR D 1194 -1.02 -9.22 34.29
N LYS D 1195 -0.80 -9.89 35.43
CA LYS D 1195 -1.91 -10.18 36.33
C LYS D 1195 -2.49 -8.91 36.92
N ALA D 1196 -1.65 -7.93 37.23
CA ALA D 1196 -2.15 -6.64 37.72
C ALA D 1196 -2.88 -5.88 36.63
N SER D 1197 -2.50 -6.09 35.36
CA SER D 1197 -3.18 -5.41 34.27
C SER D 1197 -4.56 -6.02 34.01
N LEU D 1198 -4.66 -7.35 34.04
CA LEU D 1198 -5.96 -8.00 33.88
C LEU D 1198 -6.89 -7.66 35.04
N ALA D 1199 -6.38 -7.69 36.27
CA ALA D 1199 -7.20 -7.44 37.45
C ALA D 1199 -7.28 -5.94 37.69
N THR D 1200 -8.13 -5.29 36.89
CA THR D 1200 -8.35 -3.86 37.00
C THR D 1200 -9.85 -3.58 37.06
N GLU D 1201 -10.18 -2.38 37.55
CA GLU D 1201 -11.59 -2.03 37.73
C GLU D 1201 -12.29 -1.82 36.39
N SER D 1202 -11.64 -1.12 35.47
CA SER D 1202 -12.25 -0.81 34.17
C SER D 1202 -12.01 -1.98 33.23
N TRP D 1203 -13.09 -2.68 32.85
CA TRP D 1203 -12.94 -3.85 32.00
C TRP D 1203 -12.64 -3.51 30.56
N LEU D 1204 -12.76 -2.26 30.14
CA LEU D 1204 -12.36 -1.89 28.79
C LEU D 1204 -10.85 -1.99 28.61
N SER D 1205 -10.09 -1.52 29.60
CA SER D 1205 -8.64 -1.62 29.54
C SER D 1205 -8.17 -3.07 29.55
N ALA D 1206 -8.80 -3.90 30.39
CA ALA D 1206 -8.44 -5.31 30.41
C ALA D 1206 -8.89 -6.03 29.16
N ALA D 1207 -9.99 -5.56 28.55
CA ALA D 1207 -10.44 -6.15 27.30
C ALA D 1207 -9.50 -5.81 26.15
N SER D 1208 -8.91 -4.61 26.18
CA SER D 1208 -7.93 -4.26 25.16
C SER D 1208 -6.62 -5.00 25.32
N PHE D 1209 -6.43 -5.72 26.42
CA PHE D 1209 -5.21 -6.48 26.67
C PHE D 1209 -5.40 -7.91 26.14
N GLN D 1210 -4.52 -8.83 26.57
CA GLN D 1210 -4.40 -10.17 26.00
C GLN D 1210 -5.68 -11.00 26.08
N GLU D 1211 -6.11 -11.31 27.29
CA GLU D 1211 -7.26 -12.21 27.49
C GLU D 1211 -8.53 -11.39 27.35
N THR D 1212 -9.01 -11.24 26.11
CA THR D 1212 -10.17 -10.42 25.82
C THR D 1212 -11.47 -11.21 25.80
N THR D 1213 -11.42 -12.52 25.95
CA THR D 1213 -12.64 -13.32 26.06
C THR D 1213 -12.98 -13.60 27.52
N ARG D 1214 -11.97 -13.91 28.33
CA ARG D 1214 -12.21 -14.19 29.75
C ARG D 1214 -12.73 -12.96 30.47
N VAL D 1215 -12.19 -11.78 30.17
CA VAL D 1215 -12.62 -10.59 30.90
C VAL D 1215 -13.97 -10.09 30.40
N LEU D 1216 -14.31 -10.32 29.13
CA LEU D 1216 -15.64 -9.95 28.66
C LEU D 1216 -16.70 -10.82 29.30
N THR D 1217 -16.46 -12.13 29.36
CA THR D 1217 -17.37 -13.03 30.06
C THR D 1217 -17.42 -12.73 31.55
N ASP D 1218 -16.28 -12.34 32.13
CA ASP D 1218 -16.23 -11.99 33.54
C ASP D 1218 -17.08 -10.76 33.82
N ALA D 1219 -17.00 -9.75 32.96
CA ALA D 1219 -17.80 -8.56 33.12
C ALA D 1219 -19.28 -8.86 32.91
N ALA D 1220 -19.60 -9.72 31.95
CA ALA D 1220 -20.99 -10.09 31.70
C ALA D 1220 -21.58 -10.84 32.87
N ILE D 1221 -20.81 -11.75 33.47
CA ILE D 1221 -21.29 -12.50 34.62
C ILE D 1221 -21.44 -11.58 35.83
N ASN D 1222 -20.43 -10.75 36.09
CA ASN D 1222 -20.46 -9.87 37.25
C ASN D 1222 -21.32 -8.63 37.02
N ALA D 1223 -21.76 -8.39 35.79
CA ALA D 1223 -22.59 -7.23 35.44
C ALA D 1223 -21.94 -5.92 35.87
N LYS D 1224 -20.62 -5.86 35.75
CA LYS D 1224 -19.88 -4.70 36.19
C LYS D 1224 -19.86 -3.64 35.09
N SER D 1225 -20.10 -2.39 35.48
CA SER D 1225 -19.98 -1.25 34.60
C SER D 1225 -18.78 -0.43 35.04
N ASP D 1226 -17.98 0.00 34.08
CA ASP D 1226 -16.69 0.62 34.36
C ASP D 1226 -16.82 2.14 34.36
N SER D 1227 -16.37 2.77 35.44
CA SER D 1227 -16.16 4.21 35.42
C SER D 1227 -15.07 4.54 34.42
N LEU D 1228 -15.24 5.66 33.72
CA LEU D 1228 -14.36 5.98 32.60
C LEU D 1228 -13.12 6.74 33.03
N ILE D 1229 -12.73 6.65 34.30
CA ILE D 1229 -11.43 7.17 34.71
C ILE D 1229 -10.36 6.21 34.20
N GLY D 1230 -9.49 6.72 33.32
CA GLY D 1230 -8.49 5.90 32.67
C GLY D 1230 -8.20 6.43 31.28
N LEU D 1231 -7.25 5.83 30.58
CA LEU D 1231 -6.83 6.38 29.29
C LEU D 1231 -7.14 5.46 28.12
N LYS D 1232 -7.03 4.15 28.27
CA LYS D 1232 -7.45 3.26 27.19
C LYS D 1232 -8.96 3.34 26.97
N GLU D 1233 -9.73 3.42 28.06
CA GLU D 1233 -11.19 3.52 27.94
C GLU D 1233 -11.65 4.90 27.49
N ASN D 1234 -10.76 5.89 27.45
CA ASN D 1234 -11.08 7.18 26.87
C ASN D 1234 -10.50 7.36 25.48
N VAL D 1235 -9.47 6.59 25.13
CA VAL D 1235 -9.01 6.53 23.74
C VAL D 1235 -10.04 5.82 22.87
N ILE D 1236 -10.63 4.75 23.37
CA ILE D 1236 -11.56 3.95 22.59
C ILE D 1236 -12.82 4.74 22.27
N ILE D 1237 -13.43 5.36 23.28
CA ILE D 1237 -14.67 6.10 23.06
C ILE D 1237 -14.43 7.34 22.22
N GLY D 1238 -13.24 7.91 22.26
CA GLY D 1238 -12.98 9.13 21.53
C GLY D 1238 -13.14 10.40 22.33
N LYS D 1239 -13.38 10.28 23.63
CA LYS D 1239 -13.41 11.45 24.49
C LYS D 1239 -11.98 11.91 24.79
N LEU D 1240 -11.87 13.09 25.40
CA LEU D 1240 -10.57 13.63 25.76
C LEU D 1240 -9.99 12.83 26.92
N ILE D 1241 -8.72 12.45 26.80
CA ILE D 1241 -8.08 11.67 27.86
C ILE D 1241 -7.89 12.56 29.08
N PRO D 1242 -8.01 12.03 30.30
CA PRO D 1242 -7.86 12.84 31.51
C PRO D 1242 -6.41 13.00 31.96
N ALA D 1243 -5.55 13.41 31.03
CA ALA D 1243 -4.14 13.65 31.32
C ALA D 1243 -3.68 14.87 30.55
N GLY D 1244 -3.07 15.80 31.25
CA GLY D 1244 -2.59 17.01 30.60
C GLY D 1244 -3.72 17.99 30.39
N THR D 1245 -3.91 18.40 29.12
CA THR D 1245 -4.89 19.43 28.82
C THR D 1245 -6.31 18.94 29.06
N GLY D 1246 -6.53 17.63 29.07
CA GLY D 1246 -7.86 17.10 29.19
C GLY D 1246 -8.45 17.11 30.58
N LEU D 1247 -7.74 17.62 31.58
CA LEU D 1247 -8.26 17.61 32.94
C LEU D 1247 -9.42 18.61 33.07
N SER D 1248 -10.19 18.43 34.15
CA SER D 1248 -11.33 19.31 34.41
C SER D 1248 -10.86 20.70 34.80
N ARG D 1249 -9.77 20.81 35.56
CA ARG D 1249 -9.31 22.10 36.03
C ARG D 1249 -8.70 22.95 34.92
N TYR D 1250 -8.43 22.38 33.76
CA TYR D 1250 -7.86 23.13 32.65
C TYR D 1250 -8.89 23.49 31.58
N ARG D 1251 -9.84 22.60 31.31
CA ARG D 1251 -10.88 22.86 30.31
C ARG D 1251 -11.94 23.84 30.79
N ASN D 1252 -11.97 24.16 32.08
CA ASN D 1252 -13.02 25.00 32.66
C ASN D 1252 -12.59 26.45 32.79
N ILE D 1253 -11.78 26.96 31.87
CA ILE D 1253 -11.32 28.33 31.93
C ILE D 1253 -12.16 29.18 30.96
N ARG D 1254 -12.45 30.41 31.36
CA ARG D 1254 -13.18 31.36 30.55
C ARG D 1254 -12.30 32.57 30.29
N VAL D 1255 -12.19 32.98 29.03
CA VAL D 1255 -11.25 34.00 28.61
C VAL D 1255 -12.02 35.26 28.21
N GLU D 1256 -11.50 36.42 28.62
CA GLU D 1256 -12.06 37.70 28.23
C GLU D 1256 -10.96 38.75 28.26
N PRO D 1257 -10.95 39.68 27.30
CA PRO D 1257 -9.96 40.75 27.33
C PRO D 1257 -10.21 41.73 28.48
N THR D 1258 -9.14 42.39 28.92
CA THR D 1258 -9.24 43.34 30.01
C THR D 1258 -9.93 44.63 29.54
N GLU D 1259 -10.36 45.43 30.51
CA GLU D 1259 -11.09 46.66 30.20
C GLU D 1259 -10.21 47.68 29.48
N GLU D 1260 -8.94 47.80 29.88
CA GLU D 1260 -8.06 48.73 29.19
C GLU D 1260 -7.69 48.23 27.80
N ALA D 1261 -7.76 46.90 27.61
CA ALA D 1261 -7.48 46.34 26.29
C ALA D 1261 -8.52 46.75 25.27
N LYS D 1262 -9.81 46.59 25.60
CA LYS D 1262 -10.86 47.04 24.72
C LYS D 1262 -10.99 48.57 24.71
N ALA D 1263 -10.52 49.23 25.77
CA ALA D 1263 -10.49 50.69 25.75
C ALA D 1263 -9.44 51.22 24.77
N ALA D 1264 -8.34 50.49 24.60
CA ALA D 1264 -7.31 50.90 23.65
C ALA D 1264 -7.84 50.87 22.22
N MET D 1265 -8.61 49.84 21.88
CA MET D 1265 -9.19 49.74 20.54
C MET D 1265 -10.70 49.66 20.61
N GLU E 9 8.63 35.65 12.48
CA GLU E 9 8.74 34.90 11.24
C GLU E 9 8.82 33.40 11.51
N GLY E 10 8.26 32.98 12.63
CA GLY E 10 8.28 31.58 12.98
C GLY E 10 7.54 31.33 14.28
N ILE E 11 7.46 30.05 14.64
CA ILE E 11 6.77 29.65 15.87
C ILE E 11 7.54 30.16 17.10
N ILE E 12 8.87 30.17 17.01
CA ILE E 12 9.70 30.46 18.19
C ILE E 12 9.79 31.94 18.52
N ASN E 13 9.27 32.82 17.66
CA ASN E 13 9.36 34.26 17.92
C ASN E 13 8.70 34.69 19.24
N PRO E 14 7.52 34.22 19.63
CA PRO E 14 7.10 34.43 21.02
C PRO E 14 7.92 33.58 21.96
N PRO E 15 8.58 34.18 22.95
CA PRO E 15 9.41 33.41 23.87
C PRO E 15 8.53 32.66 24.87
N ILE E 16 8.74 31.34 24.96
CA ILE E 16 7.80 30.46 25.64
C ILE E 16 7.85 30.67 27.15
N ASP E 17 9.05 30.85 27.72
CA ASP E 17 9.17 31.02 29.16
C ASP E 17 8.49 32.30 29.64
N GLU E 18 8.42 33.32 28.78
CA GLU E 18 7.63 34.50 29.11
C GLU E 18 6.16 34.15 29.28
N LEU E 19 5.63 33.31 28.40
CA LEU E 19 4.24 32.86 28.54
C LEU E 19 4.06 32.03 29.81
N LEU E 20 5.02 31.13 30.10
CA LEU E 20 4.94 30.31 31.31
C LEU E 20 4.96 31.17 32.57
N GLU E 21 5.83 32.17 32.64
CA GLU E 21 5.83 33.04 33.81
C GLU E 21 4.63 33.97 33.82
N ALA E 22 3.98 34.18 32.67
CA ALA E 22 2.76 34.97 32.63
C ALA E 22 1.51 34.18 33.02
N THR E 23 1.57 32.84 33.01
CA THR E 23 0.40 32.05 33.35
C THR E 23 0.65 30.92 34.35
N ASP E 24 1.90 30.67 34.74
CA ASP E 24 2.30 29.75 35.81
C ASP E 24 1.93 28.29 35.54
N SER E 25 1.59 27.93 34.31
CA SER E 25 1.30 26.53 33.97
C SER E 25 1.44 26.38 32.46
N LYS E 26 1.39 25.13 32.00
CA LYS E 26 1.59 24.84 30.58
C LYS E 26 0.33 24.39 29.87
N TYR E 27 -0.43 23.45 30.45
CA TYR E 27 -1.65 23.00 29.81
C TYR E 27 -2.74 24.06 29.89
N SER E 28 -2.79 24.81 30.99
CA SER E 28 -3.69 25.94 31.08
C SER E 28 -3.35 26.97 30.01
N LEU E 29 -2.05 27.17 29.76
CA LEU E 29 -1.61 28.06 28.69
C LEU E 29 -2.11 27.62 27.33
N VAL E 30 -2.02 26.32 27.04
CA VAL E 30 -2.37 25.88 25.69
C VAL E 30 -3.88 25.92 25.48
N ILE E 31 -4.68 25.51 26.48
CA ILE E 31 -6.13 25.62 26.31
C ILE E 31 -6.55 27.09 26.29
N TYR E 32 -5.85 27.95 27.03
CA TYR E 32 -6.10 29.38 27.06
C TYR E 32 -5.86 30.02 25.70
N ALA E 33 -4.69 29.77 25.11
CA ALA E 33 -4.37 30.31 23.80
C ALA E 33 -5.24 29.70 22.70
N ALA E 34 -5.59 28.42 22.83
CA ALA E 34 -6.47 27.81 21.83
C ALA E 34 -7.86 28.40 21.86
N LYS E 35 -8.41 28.63 23.06
CA LYS E 35 -9.72 29.27 23.17
C LYS E 35 -9.69 30.69 22.63
N ARG E 36 -8.62 31.42 22.92
CA ARG E 36 -8.50 32.78 22.38
C ARG E 36 -8.41 32.76 20.86
N ALA E 37 -7.64 31.82 20.29
CA ALA E 37 -7.52 31.73 18.84
C ALA E 37 -8.83 31.34 18.19
N ARG E 38 -9.59 30.44 18.82
CA ARG E 38 -10.91 30.09 18.31
C ARG E 38 -11.84 31.30 18.32
N GLN E 39 -11.78 32.10 19.39
CA GLN E 39 -12.60 33.31 19.45
C GLN E 39 -12.21 34.31 18.36
N ILE E 40 -10.90 34.47 18.12
CA ILE E 40 -10.44 35.39 17.07
C ILE E 40 -10.89 34.90 15.69
N ASN E 41 -10.71 33.61 15.42
CA ASN E 41 -11.10 33.07 14.11
C ASN E 41 -12.61 33.13 13.92
N ALA E 42 -13.39 32.99 14.99
CA ALA E 42 -14.82 33.17 14.89
C ALA E 42 -15.18 34.62 14.67
N TYR E 43 -14.38 35.54 15.22
CA TYR E 43 -14.58 36.96 14.92
C TYR E 43 -14.36 37.25 13.45
N TYR E 44 -13.32 36.66 12.85
CA TYR E 44 -13.10 36.86 11.42
C TYR E 44 -14.17 36.20 10.56
N SER E 45 -14.93 35.26 11.10
CA SER E 45 -15.98 34.59 10.35
C SER E 45 -17.35 35.20 10.63
N GLN E 46 -17.41 36.36 11.29
CA GLN E 46 -18.70 36.97 11.63
C GLN E 46 -19.42 37.51 10.40
N LEU E 47 -18.69 37.76 9.30
CA LEU E 47 -19.25 38.31 8.06
C LEU E 47 -20.00 39.62 8.31
N GLY E 48 -19.45 40.46 9.18
CA GLY E 48 -20.06 41.74 9.46
C GLY E 48 -21.32 41.69 10.30
N GLU E 49 -21.54 40.62 11.05
CA GLU E 49 -22.73 40.52 11.89
C GLU E 49 -22.64 41.40 13.14
N GLY E 50 -21.43 41.80 13.54
CA GLY E 50 -21.25 42.68 14.68
C GLY E 50 -21.67 42.11 16.01
N LEU E 51 -21.28 40.87 16.29
CA LEU E 51 -21.63 40.26 17.57
C LEU E 51 -20.78 40.85 18.69
N LEU E 52 -21.43 41.19 19.81
CA LEU E 52 -20.78 41.96 20.85
C LEU E 52 -19.83 41.12 21.69
N GLU E 53 -20.14 39.85 21.92
CA GLU E 53 -19.33 39.00 22.80
C GLU E 53 -18.08 38.45 22.13
N TYR E 54 -17.88 38.74 20.85
CA TYR E 54 -16.71 38.27 20.11
C TYR E 54 -15.77 39.45 19.89
N VAL E 55 -14.54 39.33 20.38
CA VAL E 55 -13.58 40.43 20.39
C VAL E 55 -12.60 40.24 19.25
N GLY E 56 -12.27 41.34 18.56
CA GLY E 56 -11.35 41.31 17.45
C GLY E 56 -9.90 41.23 17.89
N PRO E 57 -8.98 41.39 16.93
CA PRO E 57 -7.55 41.32 17.26
C PRO E 57 -7.10 42.56 18.02
N LEU E 58 -6.54 42.34 19.21
CA LEU E 58 -6.03 43.43 20.03
C LEU E 58 -4.71 43.99 19.51
N VAL E 59 -3.79 43.12 19.10
CA VAL E 59 -2.48 43.54 18.62
C VAL E 59 -2.60 43.80 17.12
N ASP E 60 -1.67 44.60 16.59
CA ASP E 60 -1.71 44.95 15.17
C ASP E 60 -1.55 43.70 14.31
N THR E 61 -2.29 43.66 13.21
CA THR E 61 -2.51 42.42 12.46
C THR E 61 -2.02 42.57 11.03
N HIS E 62 -1.34 41.53 10.55
CA HIS E 62 -0.96 41.40 9.15
C HIS E 62 -2.20 40.96 8.35
N VAL E 63 -2.10 41.05 7.02
CA VAL E 63 -3.25 40.76 6.19
C VAL E 63 -3.58 39.26 6.20
N HIS E 64 -2.58 38.39 6.37
CA HIS E 64 -2.80 36.94 6.28
C HIS E 64 -1.89 36.22 7.28
N GLU E 65 -2.46 35.81 8.41
CA GLU E 65 -1.78 34.88 9.31
C GLU E 65 -2.84 34.13 10.09
N LYS E 66 -2.39 33.08 10.78
CA LYS E 66 -3.29 32.28 11.60
C LYS E 66 -3.67 33.04 12.87
N PRO E 67 -4.91 32.89 13.36
CA PRO E 67 -5.31 33.60 14.58
C PRO E 67 -4.56 33.17 15.82
N LEU E 68 -3.96 31.98 15.82
CA LEU E 68 -3.16 31.54 16.95
C LEU E 68 -1.95 32.44 17.15
N SER E 69 -1.41 33.00 16.05
CA SER E 69 -0.33 33.97 16.18
C SER E 69 -0.78 35.21 16.94
N ILE E 70 -1.97 35.71 16.62
CA ILE E 70 -2.53 36.85 17.34
C ILE E 70 -2.76 36.49 18.80
N ALA E 71 -3.23 35.27 19.07
CA ALA E 71 -3.46 34.86 20.46
C ALA E 71 -2.16 34.85 21.26
N LEU E 72 -1.11 34.23 20.71
CA LEU E 72 0.16 34.20 21.41
C LEU E 72 0.77 35.60 21.57
N ARG E 73 0.65 36.46 20.55
CA ARG E 73 1.20 37.81 20.69
C ARG E 73 0.43 38.60 21.74
N GLU E 74 -0.89 38.46 21.78
CA GLU E 74 -1.70 39.15 22.78
C GLU E 74 -1.33 38.70 24.19
N ILE E 75 -1.14 37.38 24.37
CA ILE E 75 -0.90 36.92 25.73
C ILE E 75 0.55 37.17 26.14
N ASN E 76 1.48 37.19 25.18
CA ASN E 76 2.85 37.60 25.47
C ASN E 76 2.91 39.07 25.85
N ALA E 77 2.08 39.91 25.22
CA ALA E 77 2.03 41.31 25.61
C ALA E 77 1.46 41.50 27.02
N GLY E 78 0.72 40.53 27.54
CA GLY E 78 0.29 40.55 28.91
C GLY E 78 -0.83 41.50 29.24
N LEU E 79 -1.63 41.90 28.26
CA LEU E 79 -2.74 42.82 28.48
C LEU E 79 -4.08 42.10 28.65
N LEU E 80 -4.06 40.77 28.77
CA LEU E 80 -5.28 39.98 28.84
C LEU E 80 -5.16 38.98 29.96
N THR E 81 -6.27 38.74 30.67
CA THR E 81 -6.29 37.83 31.80
C THR E 81 -7.57 36.99 31.74
N SER E 82 -7.76 36.12 32.74
CA SER E 82 -8.91 35.24 32.76
C SER E 82 -9.15 34.79 34.20
N GLU E 83 -10.25 34.06 34.38
CA GLU E 83 -10.59 33.45 35.65
C GLU E 83 -11.19 32.07 35.40
N ALA E 84 -11.09 31.21 36.39
CA ALA E 84 -11.62 29.85 36.29
C ALA E 84 -13.05 29.81 36.79
N ILE E 85 -13.92 29.15 36.04
CA ILE E 85 -15.33 29.04 36.41
C ILE E 85 -15.52 27.91 37.42
N ALA F 230 -20.32 -36.98 22.26
CA ALA F 230 -19.96 -36.13 23.39
C ALA F 230 -18.59 -35.51 23.19
N THR F 231 -17.84 -36.06 22.24
CA THR F 231 -16.49 -35.54 21.95
C THR F 231 -16.52 -34.78 20.62
N ALA F 232 -15.34 -34.53 20.05
CA ALA F 232 -15.25 -33.80 18.77
C ALA F 232 -15.62 -34.75 17.63
N ASP F 233 -15.70 -34.23 16.40
CA ASP F 233 -16.01 -35.08 15.23
C ASP F 233 -17.34 -35.81 15.44
N PRO F 234 -18.50 -35.10 15.50
CA PRO F 234 -19.78 -35.75 15.79
C PRO F 234 -20.15 -36.72 14.66
N VAL F 235 -19.40 -36.69 13.56
CA VAL F 235 -19.66 -37.67 12.46
C VAL F 235 -19.42 -39.07 13.02
N LYS F 236 -18.33 -39.25 13.78
CA LYS F 236 -18.06 -40.56 14.42
C LYS F 236 -19.16 -40.84 15.43
N ASP F 237 -19.55 -39.83 16.20
CA ASP F 237 -20.59 -40.04 17.25
C ASP F 237 -21.91 -40.43 16.58
N TYR F 238 -22.24 -39.80 15.46
CA TYR F 238 -23.49 -40.12 14.75
C TYR F 238 -23.42 -41.55 14.22
N LEU F 239 -22.27 -41.94 13.68
CA LEU F 239 -22.14 -43.28 13.13
C LEU F 239 -22.28 -44.34 14.21
N LYS F 240 -21.74 -44.08 15.41
CA LYS F 240 -21.97 -44.98 16.53
C LYS F 240 -23.39 -44.86 17.08
N GLN F 241 -24.01 -43.68 16.96
CA GLN F 241 -25.39 -43.51 17.38
C GLN F 241 -26.34 -44.30 16.48
N ILE F 242 -25.94 -44.54 15.23
CA ILE F 242 -26.69 -45.46 14.38
C ILE F 242 -26.74 -46.83 15.01
N GLY F 243 -25.60 -47.32 15.50
CA GLY F 243 -25.56 -48.55 16.25
C GLY F 243 -25.75 -49.80 15.39
N LYS F 244 -25.89 -50.91 16.08
CA LYS F 244 -26.06 -52.21 15.43
C LYS F 244 -27.55 -52.49 15.20
N VAL F 245 -28.11 -51.72 14.29
CA VAL F 245 -29.50 -51.90 13.88
C VAL F 245 -29.63 -53.21 13.10
N PRO F 246 -30.75 -53.92 13.23
CA PRO F 246 -30.89 -55.18 12.49
C PRO F 246 -31.18 -54.92 11.01
N LEU F 247 -30.28 -55.40 10.16
CA LEU F 247 -30.53 -55.35 8.72
C LEU F 247 -31.66 -56.31 8.36
N LEU F 248 -32.47 -55.89 7.39
CA LEU F 248 -33.74 -56.55 7.10
C LEU F 248 -33.61 -57.40 5.84
N ASN F 249 -33.77 -58.71 5.99
CA ASN F 249 -33.97 -59.61 4.86
C ASN F 249 -35.45 -59.63 4.48
N ALA F 250 -35.73 -60.08 3.24
CA ALA F 250 -36.92 -59.66 2.50
C ALA F 250 -38.22 -59.82 3.29
N GLU F 251 -38.42 -60.99 3.91
CA GLU F 251 -39.65 -61.21 4.66
C GLU F 251 -39.76 -60.28 5.86
N GLN F 252 -38.61 -59.91 6.45
CA GLN F 252 -38.65 -59.01 7.60
C GLN F 252 -39.17 -57.63 7.20
N GLU F 253 -38.64 -57.04 6.13
CA GLU F 253 -39.15 -55.70 5.81
C GLU F 253 -40.53 -55.74 5.18
N VAL F 254 -40.92 -56.82 4.50
CA VAL F 254 -42.31 -56.85 4.02
C VAL F 254 -43.27 -57.00 5.20
N GLU F 255 -42.87 -57.74 6.24
CA GLU F 255 -43.67 -57.81 7.45
C GLU F 255 -43.73 -56.46 8.16
N LEU F 256 -42.60 -55.75 8.20
CA LEU F 256 -42.60 -54.41 8.79
C LEU F 256 -43.46 -53.45 7.99
N ALA F 257 -43.44 -53.54 6.67
CA ALA F 257 -44.31 -52.70 5.85
C ALA F 257 -45.78 -53.04 6.08
N LYS F 258 -46.10 -54.32 6.25
CA LYS F 258 -47.46 -54.70 6.62
C LYS F 258 -47.85 -54.10 7.96
N ARG F 259 -46.92 -54.06 8.92
CA ARG F 259 -47.22 -53.43 10.19
C ARG F 259 -47.36 -51.91 10.07
N ILE F 260 -46.60 -51.30 9.15
CA ILE F 260 -46.80 -49.88 8.83
C ILE F 260 -48.21 -49.64 8.36
N GLU F 261 -48.68 -50.48 7.43
CA GLU F 261 -50.04 -50.33 6.94
C GLU F 261 -51.05 -50.58 8.04
N ALA F 262 -50.79 -51.57 8.91
CA ALA F 262 -51.67 -51.82 10.04
C ALA F 262 -51.83 -50.57 10.90
N GLY F 263 -50.71 -49.98 11.30
CA GLY F 263 -50.77 -48.77 12.12
C GLY F 263 -51.41 -47.61 11.41
N LEU F 264 -51.11 -47.43 10.12
CA LEU F 264 -51.61 -46.27 9.39
C LEU F 264 -53.12 -46.37 9.15
N PHE F 265 -53.60 -47.52 8.69
CA PHE F 265 -55.04 -47.68 8.51
C PHE F 265 -55.77 -47.66 9.85
N ALA F 266 -55.13 -48.15 10.92
CA ALA F 266 -55.75 -48.10 12.24
C ALA F 266 -55.91 -46.67 12.74
N GLU F 267 -54.86 -45.86 12.60
CA GLU F 267 -54.98 -44.47 13.04
C GLU F 267 -55.89 -43.67 12.11
N ASP F 268 -55.99 -44.08 10.85
CA ASP F 268 -57.00 -43.50 9.97
C ASP F 268 -58.41 -43.81 10.47
N LYS F 269 -58.64 -45.04 10.90
CA LYS F 269 -59.94 -45.39 11.48
C LYS F 269 -60.19 -44.62 12.77
N LEU F 270 -59.13 -44.42 13.57
CA LEU F 270 -59.25 -43.61 14.78
C LEU F 270 -59.57 -42.15 14.48
N ALA F 271 -59.08 -41.64 13.35
CA ALA F 271 -59.30 -40.24 13.00
C ALA F 271 -60.76 -39.94 12.69
N ASN F 272 -61.56 -40.95 12.37
CA ASN F 272 -62.97 -40.75 12.11
C ASN F 272 -63.70 -40.37 13.40
N SER F 273 -64.79 -39.62 13.24
CA SER F 273 -65.56 -39.11 14.37
C SER F 273 -66.67 -40.07 14.82
N ASP F 274 -66.78 -41.24 14.20
CA ASP F 274 -67.80 -42.20 14.59
C ASP F 274 -67.52 -42.77 15.97
N LYS F 275 -68.59 -43.12 16.68
CA LYS F 275 -68.48 -43.64 18.04
C LYS F 275 -68.45 -45.17 17.99
N LEU F 276 -67.37 -45.75 18.51
CA LEU F 276 -67.20 -47.19 18.61
C LEU F 276 -66.98 -47.59 20.07
N ALA F 277 -66.69 -48.86 20.28
CA ALA F 277 -66.37 -49.34 21.62
C ALA F 277 -65.04 -48.77 22.08
N PRO F 278 -64.93 -48.37 23.35
CA PRO F 278 -63.64 -47.85 23.85
C PRO F 278 -62.52 -48.88 23.79
N LYS F 279 -62.83 -50.17 23.98
CA LYS F 279 -61.82 -51.21 23.89
C LYS F 279 -61.26 -51.30 22.47
N LEU F 280 -62.14 -51.20 21.46
CA LEU F 280 -61.68 -51.19 20.07
C LEU F 280 -60.83 -49.96 19.78
N LYS F 281 -61.20 -48.81 20.35
CA LYS F 281 -60.41 -47.60 20.17
C LYS F 281 -59.02 -47.76 20.79
N ARG F 282 -58.93 -48.36 21.97
CA ARG F 282 -57.63 -48.58 22.59
C ARG F 282 -56.81 -49.60 21.81
N GLU F 283 -57.45 -50.63 21.26
CA GLU F 283 -56.74 -51.59 20.43
C GLU F 283 -56.19 -50.92 19.18
N LEU F 284 -56.99 -50.06 18.54
CA LEU F 284 -56.51 -49.34 17.37
C LEU F 284 -55.40 -48.36 17.72
N GLU F 285 -55.46 -47.76 18.91
CA GLU F 285 -54.35 -46.91 19.36
C GLU F 285 -53.09 -47.72 19.58
N ILE F 286 -53.22 -48.94 20.09
CA ILE F 286 -52.08 -49.83 20.23
C ILE F 286 -51.48 -50.16 18.87
N ILE F 287 -52.35 -50.43 17.88
CA ILE F 287 -51.86 -50.68 16.52
C ILE F 287 -51.16 -49.46 15.97
N ALA F 288 -51.68 -48.27 16.24
CA ALA F 288 -51.05 -47.04 15.76
C ALA F 288 -49.69 -46.83 16.40
N GLU F 289 -49.58 -47.12 17.70
CA GLU F 289 -48.28 -47.04 18.37
C GLU F 289 -47.29 -48.05 17.80
N ASP F 290 -47.77 -49.27 17.51
CA ASP F 290 -46.92 -50.27 16.89
C ASP F 290 -46.47 -49.84 15.49
N GLY F 291 -47.38 -49.19 14.75
CA GLY F 291 -47.00 -48.69 13.44
C GLY F 291 -45.98 -47.57 13.51
N ARG F 292 -46.12 -46.68 14.50
CA ARG F 292 -45.11 -45.65 14.70
C ARG F 292 -43.76 -46.25 15.08
N ARG F 293 -43.79 -47.28 15.94
CA ARG F 293 -42.56 -47.97 16.32
C ARG F 293 -41.91 -48.65 15.12
N ALA F 294 -42.72 -49.28 14.26
CA ALA F 294 -42.19 -49.91 13.06
C ALA F 294 -41.66 -48.89 12.07
N LYS F 295 -42.30 -47.71 11.97
CA LYS F 295 -41.79 -46.65 11.13
C LYS F 295 -40.43 -46.19 11.63
N ASN F 296 -40.30 -46.00 12.94
CA ASN F 296 -39.00 -45.67 13.53
C ASN F 296 -37.97 -46.74 13.19
N HIS F 297 -38.31 -48.01 13.45
CA HIS F 297 -37.38 -49.11 13.20
C HIS F 297 -36.94 -49.17 11.75
N LEU F 298 -37.86 -48.88 10.82
CA LEU F 298 -37.49 -48.80 9.41
C LEU F 298 -36.52 -47.65 9.17
N LEU F 299 -36.72 -46.51 9.84
CA LEU F 299 -35.78 -45.41 9.72
C LEU F 299 -34.39 -45.81 10.21
N GLU F 300 -34.27 -46.32 11.43
CA GLU F 300 -32.93 -46.72 11.88
C GLU F 300 -32.36 -47.89 11.08
N ALA F 301 -33.20 -48.68 10.40
CA ALA F 301 -32.67 -49.70 9.50
C ALA F 301 -32.11 -49.07 8.23
N ASN F 302 -32.70 -47.96 7.78
CA ASN F 302 -32.31 -47.37 6.51
C ASN F 302 -31.41 -46.13 6.66
N LEU F 303 -30.98 -45.77 7.86
CA LEU F 303 -29.96 -44.73 7.97
C LEU F 303 -28.62 -45.16 7.37
N ARG F 304 -28.36 -46.46 7.23
CA ARG F 304 -27.11 -46.90 6.63
C ARG F 304 -27.06 -46.55 5.15
N LEU F 305 -28.15 -46.83 4.42
CA LEU F 305 -28.16 -46.60 2.99
C LEU F 305 -28.10 -45.11 2.66
N VAL F 306 -28.75 -44.28 3.48
CA VAL F 306 -28.73 -42.85 3.21
C VAL F 306 -27.36 -42.26 3.51
N VAL F 307 -26.62 -42.82 4.47
CA VAL F 307 -25.24 -42.38 4.69
C VAL F 307 -24.36 -42.84 3.54
N SER F 308 -24.57 -44.06 3.05
CA SER F 308 -23.77 -44.56 1.92
C SER F 308 -24.06 -43.79 0.65
N LEU F 309 -25.25 -43.22 0.51
CA LEU F 309 -25.57 -42.44 -0.68
C LEU F 309 -25.23 -40.97 -0.55
N ALA F 310 -25.29 -40.41 0.67
CA ALA F 310 -24.99 -38.99 0.85
C ALA F 310 -23.51 -38.70 0.65
N LYS F 311 -22.64 -39.68 0.92
CA LYS F 311 -21.22 -39.50 0.72
C LYS F 311 -20.86 -39.41 -0.75
N ARG F 312 -21.76 -39.79 -1.65
CA ARG F 312 -21.48 -39.71 -3.07
C ARG F 312 -21.47 -38.26 -3.57
N TYR F 313 -22.16 -37.37 -2.87
CA TYR F 313 -22.32 -35.98 -3.26
C TYR F 313 -21.77 -35.04 -2.20
N THR F 314 -20.64 -35.38 -1.60
CA THR F 314 -20.05 -34.60 -0.52
C THR F 314 -18.90 -33.75 -1.03
N GLY F 315 -18.46 -32.84 -0.17
CA GLY F 315 -17.33 -31.97 -0.50
C GLY F 315 -17.59 -31.02 -1.65
N ARG F 316 -18.81 -30.49 -1.75
CA ARG F 316 -19.20 -29.60 -2.83
C ARG F 316 -19.91 -28.38 -2.27
N GLY F 317 -19.44 -27.86 -1.14
CA GLY F 317 -20.00 -26.67 -0.54
C GLY F 317 -21.02 -26.90 0.54
N MET F 318 -21.41 -28.15 0.80
CA MET F 318 -22.34 -28.47 1.88
C MET F 318 -21.72 -29.52 2.78
N LEU F 319 -22.00 -29.43 4.08
CA LEU F 319 -21.37 -30.31 5.04
C LEU F 319 -21.92 -31.72 4.95
N PHE F 320 -21.10 -32.68 5.39
CA PHE F 320 -21.40 -34.09 5.19
C PHE F 320 -22.61 -34.51 6.04
N LEU F 321 -22.62 -34.11 7.31
CA LEU F 321 -23.74 -34.42 8.19
C LEU F 321 -25.02 -33.70 7.80
N ASP F 322 -24.91 -32.48 7.23
CA ASP F 322 -26.10 -31.81 6.71
C ASP F 322 -26.65 -32.56 5.50
N LEU F 323 -25.77 -33.10 4.67
CA LEU F 323 -26.22 -33.97 3.58
C LEU F 323 -26.91 -35.21 4.12
N ILE F 324 -26.37 -35.79 5.19
CA ILE F 324 -27.01 -36.94 5.82
C ILE F 324 -28.41 -36.59 6.30
N GLN F 325 -28.54 -35.43 6.95
CA GLN F 325 -29.84 -35.02 7.48
C GLN F 325 -30.85 -34.74 6.37
N GLU F 326 -30.41 -34.09 5.31
CA GLU F 326 -31.33 -33.81 4.20
C GLU F 326 -31.70 -35.09 3.46
N GLY F 327 -30.78 -36.03 3.32
CA GLY F 327 -31.13 -37.33 2.82
C GLY F 327 -32.10 -38.06 3.73
N ASN F 328 -32.00 -37.84 5.04
CA ASN F 328 -32.97 -38.41 5.97
C ASN F 328 -34.36 -37.83 5.72
N LEU F 329 -34.43 -36.53 5.44
CA LEU F 329 -35.69 -35.93 5.00
C LEU F 329 -36.21 -36.61 3.75
N GLY F 330 -35.32 -36.83 2.77
CA GLY F 330 -35.74 -37.50 1.55
C GLY F 330 -36.23 -38.92 1.79
N LEU F 331 -35.62 -39.61 2.75
CA LEU F 331 -35.98 -40.99 3.02
C LEU F 331 -37.32 -41.06 3.76
N ILE F 332 -37.55 -40.16 4.73
CA ILE F 332 -38.84 -40.14 5.41
C ILE F 332 -39.93 -39.70 4.45
N ARG F 333 -39.58 -38.92 3.42
CA ARG F 333 -40.55 -38.67 2.35
C ARG F 333 -40.76 -39.92 1.50
N ALA F 334 -39.70 -40.71 1.30
CA ALA F 334 -39.77 -41.86 0.40
C ALA F 334 -40.64 -42.98 0.97
N VAL F 335 -40.41 -43.34 2.24
CA VAL F 335 -41.09 -44.48 2.82
C VAL F 335 -42.58 -44.22 3.00
N GLU F 336 -42.96 -42.95 3.20
CA GLU F 336 -44.36 -42.59 3.31
C GLU F 336 -45.13 -42.91 2.04
N LYS F 337 -44.47 -42.79 0.88
CA LYS F 337 -45.10 -43.00 -0.42
C LYS F 337 -44.81 -44.39 -0.98
N PHE F 338 -44.74 -45.40 -0.13
CA PHE F 338 -44.45 -46.76 -0.55
C PHE F 338 -45.68 -47.65 -0.38
N ASP F 339 -45.82 -48.60 -1.29
CA ASP F 339 -46.85 -49.64 -1.22
C ASP F 339 -46.23 -51.00 -1.47
N TYR F 340 -46.84 -52.03 -0.89
CA TYR F 340 -46.28 -53.38 -0.99
C TYR F 340 -46.66 -54.08 -2.29
N THR F 341 -47.47 -53.44 -3.14
CA THR F 341 -47.90 -54.08 -4.38
C THR F 341 -46.73 -54.38 -5.29
N LYS F 342 -45.78 -53.45 -5.38
CA LYS F 342 -44.54 -53.69 -6.12
C LYS F 342 -43.60 -54.48 -5.24
N GLY F 343 -43.43 -55.77 -5.55
CA GLY F 343 -42.58 -56.62 -4.75
C GLY F 343 -41.10 -56.38 -4.97
N TYR F 344 -40.64 -55.17 -4.66
CA TYR F 344 -39.27 -54.75 -4.89
C TYR F 344 -38.61 -54.39 -3.57
N LYS F 345 -37.28 -54.40 -3.56
CA LYS F 345 -36.54 -53.99 -2.38
C LYS F 345 -36.67 -52.49 -2.16
N PHE F 346 -36.40 -52.07 -0.92
CA PHE F 346 -36.53 -50.66 -0.57
C PHE F 346 -35.43 -49.80 -1.19
N SER F 347 -34.32 -50.41 -1.62
CA SER F 347 -33.19 -49.63 -2.12
C SER F 347 -33.52 -48.96 -3.45
N THR F 348 -34.07 -49.72 -4.40
CA THR F 348 -34.31 -49.19 -5.73
C THR F 348 -35.42 -48.14 -5.75
N TYR F 349 -36.30 -48.13 -4.76
CA TYR F 349 -37.31 -47.09 -4.66
C TYR F 349 -36.85 -45.91 -3.80
N ALA F 350 -36.08 -46.17 -2.76
CA ALA F 350 -35.63 -45.11 -1.87
C ALA F 350 -34.54 -44.25 -2.50
N THR F 351 -33.65 -44.86 -3.29
CA THR F 351 -32.50 -44.13 -3.82
C THR F 351 -32.91 -42.97 -4.71
N TRP F 352 -34.03 -43.10 -5.42
CA TRP F 352 -34.53 -42.00 -6.24
C TRP F 352 -34.83 -40.78 -5.39
N TRP F 353 -35.58 -40.98 -4.30
CA TRP F 353 -35.90 -39.86 -3.42
C TRP F 353 -34.68 -39.34 -2.68
N ILE F 354 -33.75 -40.23 -2.33
CA ILE F 354 -32.50 -39.79 -1.69
C ILE F 354 -31.74 -38.86 -2.60
N ARG F 355 -31.53 -39.27 -3.86
CA ARG F 355 -30.80 -38.44 -4.81
C ARG F 355 -31.55 -37.15 -5.09
N GLN F 356 -32.87 -37.22 -5.23
CA GLN F 356 -33.67 -36.03 -5.53
C GLN F 356 -33.59 -35.01 -4.40
N ALA F 357 -33.81 -35.46 -3.16
CA ALA F 357 -33.77 -34.54 -2.04
C ALA F 357 -32.38 -34.00 -1.79
N ILE F 358 -31.35 -34.84 -1.95
CA ILE F 358 -29.98 -34.38 -1.74
C ILE F 358 -29.60 -33.32 -2.78
N THR F 359 -29.93 -33.55 -4.05
CA THR F 359 -29.58 -32.56 -5.06
C THR F 359 -30.46 -31.32 -4.96
N ARG F 360 -31.70 -31.45 -4.47
CA ARG F 360 -32.53 -30.27 -4.26
C ARG F 360 -31.98 -29.42 -3.13
N ALA F 361 -31.57 -30.05 -2.02
CA ALA F 361 -30.97 -29.31 -0.93
C ALA F 361 -29.64 -28.68 -1.35
N MET F 362 -28.85 -29.39 -2.15
CA MET F 362 -27.61 -28.82 -2.64
C MET F 362 -27.85 -27.63 -3.55
N ALA F 363 -28.91 -27.69 -4.38
CA ALA F 363 -29.26 -26.56 -5.21
C ALA F 363 -29.78 -25.39 -4.37
N ASP F 364 -30.47 -25.68 -3.28
CA ASP F 364 -31.16 -24.64 -2.54
C ASP F 364 -30.26 -23.93 -1.51
N GLN F 365 -29.36 -24.66 -0.86
CA GLN F 365 -28.71 -24.15 0.33
C GLN F 365 -27.18 -24.05 0.25
N ALA F 366 -26.54 -24.71 -0.71
CA ALA F 366 -25.08 -24.78 -0.71
C ALA F 366 -24.46 -23.42 -1.02
N ARG F 367 -24.93 -22.76 -2.07
CA ARG F 367 -24.37 -21.47 -2.46
C ARG F 367 -24.92 -20.36 -1.56
N THR F 368 -24.09 -19.34 -1.35
CA THR F 368 -24.52 -18.19 -0.56
C THR F 368 -25.62 -17.43 -1.25
N ILE F 369 -25.50 -17.22 -2.55
CA ILE F 369 -26.60 -16.68 -3.35
C ILE F 369 -27.46 -17.84 -3.83
N ARG F 370 -28.77 -17.75 -3.58
CA ARG F 370 -29.66 -18.85 -3.87
C ARG F 370 -29.88 -18.96 -5.37
N ILE F 371 -29.76 -20.17 -5.90
CA ILE F 371 -29.98 -20.46 -7.31
C ILE F 371 -31.13 -21.46 -7.39
N PRO F 372 -32.15 -21.20 -8.20
CA PRO F 372 -33.28 -22.14 -8.30
C PRO F 372 -32.84 -23.45 -8.94
N VAL F 373 -33.61 -24.50 -8.64
CA VAL F 373 -33.19 -25.86 -8.93
C VAL F 373 -33.06 -26.09 -10.44
N HIS F 374 -33.93 -25.48 -11.24
CA HIS F 374 -33.85 -25.66 -12.68
C HIS F 374 -32.62 -24.95 -13.26
N MET F 375 -32.29 -23.77 -12.73
CA MET F 375 -31.03 -23.12 -13.10
C MET F 375 -29.83 -23.97 -12.68
N VAL F 376 -29.90 -24.61 -11.51
CA VAL F 376 -28.78 -25.45 -11.06
C VAL F 376 -28.60 -26.65 -11.98
N GLU F 377 -29.70 -27.31 -12.35
CA GLU F 377 -29.57 -28.48 -13.21
C GLU F 377 -29.12 -28.08 -14.61
N VAL F 378 -29.57 -26.91 -15.10
CA VAL F 378 -29.11 -26.42 -16.38
C VAL F 378 -27.59 -26.15 -16.33
N ILE F 379 -27.14 -25.45 -15.29
CA ILE F 379 -25.76 -25.01 -15.26
C ILE F 379 -24.81 -26.20 -15.03
N ASN F 380 -25.22 -27.18 -14.21
CA ASN F 380 -24.29 -28.29 -14.03
C ASN F 380 -24.36 -29.29 -15.17
N LYS F 381 -25.49 -29.36 -15.89
CA LYS F 381 -25.51 -30.10 -17.15
C LYS F 381 -24.57 -29.45 -18.17
N LEU F 382 -24.58 -28.11 -18.23
CA LEU F 382 -23.64 -27.42 -19.12
C LEU F 382 -22.20 -27.65 -18.68
N ALA F 383 -21.95 -27.67 -17.37
CA ALA F 383 -20.60 -27.94 -16.88
C ALA F 383 -20.14 -29.35 -17.24
N ARG F 384 -21.02 -30.34 -17.10
CA ARG F 384 -20.62 -31.71 -17.40
C ARG F 384 -20.44 -31.94 -18.89
N VAL F 385 -21.26 -31.28 -19.73
CA VAL F 385 -21.04 -31.45 -21.16
C VAL F 385 -19.82 -30.65 -21.62
N GLN F 386 -19.49 -29.54 -20.94
CA GLN F 386 -18.24 -28.84 -21.22
C GLN F 386 -17.05 -29.72 -20.85
N ARG F 387 -17.13 -30.41 -19.73
CA ARG F 387 -16.07 -31.35 -19.35
C ARG F 387 -15.97 -32.49 -20.36
N GLN F 388 -17.10 -32.97 -20.86
CA GLN F 388 -17.09 -34.00 -21.90
C GLN F 388 -16.42 -33.48 -23.17
N MET F 389 -16.70 -32.24 -23.54
CA MET F 389 -16.05 -31.63 -24.70
C MET F 389 -14.54 -31.52 -24.49
N LEU F 390 -14.14 -31.10 -23.29
CA LEU F 390 -12.71 -30.98 -22.96
C LEU F 390 -12.00 -32.32 -23.03
N GLN F 391 -12.61 -33.37 -22.48
CA GLN F 391 -11.96 -34.68 -22.54
C GLN F 391 -12.07 -35.30 -23.92
N ASP F 392 -13.00 -34.82 -24.76
CA ASP F 392 -13.11 -35.35 -26.11
C ASP F 392 -12.03 -34.78 -27.02
N LEU F 393 -12.01 -33.46 -27.18
CA LEU F 393 -11.09 -32.85 -28.13
C LEU F 393 -9.82 -32.29 -27.49
N GLY F 394 -9.67 -32.39 -26.17
CA GLY F 394 -8.43 -31.98 -25.54
C GLY F 394 -8.12 -30.52 -25.60
N ARG F 395 -9.12 -29.67 -25.84
CA ARG F 395 -8.89 -28.24 -25.97
C ARG F 395 -10.11 -27.50 -25.43
N GLU F 396 -9.90 -26.24 -25.07
CA GLU F 396 -10.99 -25.42 -24.57
C GLU F 396 -11.90 -25.01 -25.71
N PRO F 397 -13.18 -25.38 -25.71
CA PRO F 397 -14.06 -25.00 -26.80
C PRO F 397 -14.49 -23.55 -26.71
N THR F 398 -14.80 -22.98 -27.87
CA THR F 398 -15.42 -21.67 -27.91
C THR F 398 -16.85 -21.77 -27.35
N PRO F 399 -17.34 -20.73 -26.70
CA PRO F 399 -18.73 -20.76 -26.19
C PRO F 399 -19.77 -20.92 -27.29
N GLU F 400 -19.46 -20.50 -28.53
CA GLU F 400 -20.39 -20.68 -29.63
C GLU F 400 -20.61 -22.15 -29.94
N GLU F 401 -19.54 -22.96 -29.89
CA GLU F 401 -19.68 -24.39 -30.14
C GLU F 401 -20.54 -25.06 -29.08
N LEU F 402 -20.31 -24.73 -27.80
CA LEU F 402 -21.13 -25.29 -26.73
C LEU F 402 -22.57 -24.82 -26.83
N ALA F 403 -22.78 -23.58 -27.28
CA ALA F 403 -24.14 -23.08 -27.45
C ALA F 403 -24.87 -23.80 -28.57
N LYS F 404 -24.20 -24.00 -29.70
CA LYS F 404 -24.85 -24.63 -30.85
C LYS F 404 -25.01 -26.13 -30.67
N GLU F 405 -24.16 -26.76 -29.86
CA GLU F 405 -24.33 -28.18 -29.59
C GLU F 405 -25.31 -28.46 -28.46
N LEU F 406 -25.73 -27.42 -27.73
CA LEU F 406 -26.77 -27.55 -26.71
C LEU F 406 -28.06 -26.86 -27.12
N ASP F 407 -28.06 -26.15 -28.26
CA ASP F 407 -29.23 -25.48 -28.83
C ASP F 407 -29.77 -24.37 -27.92
N MET F 408 -28.87 -23.59 -27.31
CA MET F 408 -29.21 -22.30 -26.72
C MET F 408 -28.35 -21.21 -27.34
N THR F 409 -28.76 -19.97 -27.12
CA THR F 409 -28.02 -18.84 -27.66
C THR F 409 -26.71 -18.67 -26.91
N PRO F 410 -25.65 -18.20 -27.58
CA PRO F 410 -24.36 -18.00 -26.90
C PRO F 410 -24.42 -16.99 -25.77
N GLU F 411 -25.24 -15.93 -25.90
CA GLU F 411 -25.38 -14.97 -24.83
C GLU F 411 -26.01 -15.59 -23.59
N LYS F 412 -26.92 -16.56 -23.77
CA LYS F 412 -27.46 -17.30 -22.65
C LYS F 412 -26.37 -18.11 -21.95
N VAL F 413 -25.46 -18.69 -22.73
CA VAL F 413 -24.36 -19.46 -22.15
C VAL F 413 -23.43 -18.56 -21.35
N ILE F 414 -23.12 -17.38 -21.90
CA ILE F 414 -22.29 -16.41 -21.17
C ILE F 414 -22.99 -15.98 -19.88
N GLU F 415 -24.29 -15.73 -19.96
CA GLU F 415 -25.05 -15.33 -18.77
C GLU F 415 -25.04 -16.42 -17.70
N VAL F 416 -25.22 -17.68 -18.10
CA VAL F 416 -25.33 -18.72 -17.08
C VAL F 416 -23.96 -19.08 -16.51
N GLN F 417 -22.87 -18.97 -17.29
CA GLN F 417 -21.59 -19.20 -16.64
C GLN F 417 -21.10 -17.97 -15.88
N LYS F 418 -21.70 -16.80 -16.10
CA LYS F 418 -21.48 -15.69 -15.18
C LYS F 418 -22.26 -15.91 -13.87
N TYR F 419 -23.47 -16.43 -13.97
CA TYR F 419 -24.25 -16.74 -12.77
C TYR F 419 -23.61 -17.85 -11.94
N GLY F 420 -23.07 -18.87 -12.62
CA GLY F 420 -22.46 -19.99 -11.91
C GLY F 420 -21.09 -19.67 -11.36
N ARG F 421 -21.02 -18.83 -10.34
CA ARG F 421 -19.76 -18.43 -9.74
C ARG F 421 -19.88 -18.52 -8.22
N GLU F 422 -18.74 -18.79 -7.57
CA GLU F 422 -18.66 -18.90 -6.13
C GLU F 422 -17.96 -17.69 -5.53
N PRO F 423 -18.58 -16.99 -4.59
CA PRO F 423 -17.94 -15.83 -3.98
C PRO F 423 -16.72 -16.22 -3.16
N ILE F 424 -15.76 -15.30 -3.08
CA ILE F 424 -14.53 -15.46 -2.30
C ILE F 424 -14.68 -14.71 -0.99
N SER F 425 -14.29 -15.34 0.10
CA SER F 425 -14.48 -14.76 1.42
C SER F 425 -13.66 -13.48 1.60
N LEU F 426 -14.23 -12.54 2.35
CA LEU F 426 -13.61 -11.24 2.60
C LEU F 426 -12.33 -11.32 3.42
N HIS F 427 -12.14 -12.39 4.20
CA HIS F 427 -11.09 -12.45 5.19
C HIS F 427 -9.90 -13.29 4.72
N THR F 428 -9.61 -13.26 3.44
CA THR F 428 -8.47 -14.00 2.91
C THR F 428 -7.17 -13.26 3.20
N PRO F 429 -6.19 -13.91 3.82
CA PRO F 429 -4.89 -13.26 4.02
C PRO F 429 -4.18 -12.97 2.72
N LEU F 430 -3.39 -11.90 2.73
CA LEU F 430 -2.69 -11.45 1.54
C LEU F 430 -1.36 -12.17 1.31
N GLY F 431 -0.63 -12.46 2.37
CA GLY F 431 0.67 -13.09 2.21
C GLY F 431 1.43 -13.28 3.51
N GLU F 432 2.71 -12.88 3.52
CA GLU F 432 3.53 -13.01 4.72
C GLU F 432 2.99 -12.14 5.85
N ASP F 433 2.55 -10.93 5.53
CA ASP F 433 1.94 -10.07 6.54
C ASP F 433 0.61 -10.65 7.00
N GLY F 434 0.35 -10.55 8.31
CA GLY F 434 -0.83 -11.12 8.90
C GLY F 434 -1.91 -10.10 9.21
N ASP F 435 -1.49 -8.90 9.64
CA ASP F 435 -2.46 -7.86 9.97
C ASP F 435 -3.17 -7.32 8.74
N SER F 436 -2.50 -7.29 7.59
CA SER F 436 -3.10 -6.79 6.36
C SER F 436 -4.01 -7.86 5.77
N GLU F 437 -5.30 -7.56 5.71
CA GLU F 437 -6.30 -8.48 5.19
C GLU F 437 -6.86 -7.96 3.88
N PHE F 438 -7.61 -8.82 3.19
CA PHE F 438 -8.26 -8.39 1.94
C PHE F 438 -9.40 -7.43 2.19
N GLY F 439 -9.99 -7.46 3.40
CA GLY F 439 -11.17 -6.65 3.68
C GLY F 439 -10.90 -5.17 3.77
N ASP F 440 -9.68 -4.77 4.08
CA ASP F 440 -9.34 -3.36 4.21
C ASP F 440 -8.91 -2.72 2.89
N LEU F 441 -8.82 -3.51 1.82
CA LEU F 441 -8.38 -2.98 0.53
C LEU F 441 -9.52 -2.38 -0.28
N ILE F 442 -10.76 -2.80 -0.04
CA ILE F 442 -11.91 -2.36 -0.81
C ILE F 442 -12.42 -1.04 -0.28
N GLU F 443 -12.85 -0.17 -1.19
CA GLU F 443 -13.50 1.08 -0.81
C GLU F 443 -15.02 0.89 -0.90
N ASP F 444 -15.75 1.97 -0.63
CA ASP F 444 -17.20 1.96 -0.75
C ASP F 444 -17.66 3.17 -1.55
N SER F 445 -18.50 2.91 -2.56
CA SER F 445 -19.02 4.00 -3.38
C SER F 445 -20.08 4.81 -2.64
N GLU F 446 -20.76 4.21 -1.66
CA GLU F 446 -21.77 4.90 -0.90
C GLU F 446 -21.18 5.88 0.12
N ALA F 447 -19.87 5.86 0.33
CA ALA F 447 -19.24 6.78 1.27
C ALA F 447 -19.34 8.21 0.76
N VAL F 448 -19.70 9.13 1.65
CA VAL F 448 -19.84 10.53 1.27
C VAL F 448 -18.46 11.16 1.10
N VAL F 449 -18.28 11.87 0.00
CA VAL F 449 -17.04 12.61 -0.27
C VAL F 449 -17.22 14.02 0.28
N PRO F 450 -16.36 14.46 1.22
CA PRO F 450 -16.51 15.82 1.76
C PRO F 450 -16.43 16.92 0.70
N ALA F 451 -15.61 16.71 -0.33
CA ALA F 451 -15.53 17.66 -1.43
C ALA F 451 -16.87 17.78 -2.15
N ASP F 452 -17.56 16.65 -2.34
CA ASP F 452 -18.86 16.68 -3.02
C ASP F 452 -19.89 17.44 -2.21
N ALA F 453 -19.92 17.23 -0.88
CA ALA F 453 -20.88 17.95 -0.05
C ALA F 453 -20.57 19.45 0.01
N VAL F 454 -19.28 19.80 0.07
CA VAL F 454 -18.90 21.21 0.05
C VAL F 454 -19.31 21.84 -1.28
N SER F 455 -19.10 21.13 -2.38
CA SER F 455 -19.51 21.62 -3.69
C SER F 455 -21.02 21.79 -3.77
N PHE F 456 -21.78 20.85 -3.17
CA PHE F 456 -23.24 20.95 -3.21
C PHE F 456 -23.74 22.15 -2.42
N THR F 457 -23.22 22.35 -1.20
CA THR F 457 -23.70 23.48 -0.41
C THR F 457 -23.25 24.81 -1.00
N LEU F 458 -22.06 24.86 -1.61
CA LEU F 458 -21.64 26.09 -2.28
C LEU F 458 -22.44 26.34 -3.55
N LEU F 459 -22.85 25.28 -4.25
CA LEU F 459 -23.74 25.43 -5.39
C LEU F 459 -25.09 26.00 -4.96
N GLN F 460 -25.61 25.50 -3.84
CA GLN F 460 -26.87 26.03 -3.31
C GLN F 460 -26.73 27.50 -2.94
N GLU F 461 -25.64 27.86 -2.25
CA GLU F 461 -25.43 29.25 -1.86
C GLU F 461 -25.27 30.16 -3.07
N GLN F 462 -24.50 29.72 -4.07
CA GLN F 462 -24.28 30.54 -5.25
C GLN F 462 -25.54 30.65 -6.09
N LEU F 463 -26.36 29.59 -6.14
CA LEU F 463 -27.63 29.66 -6.85
C LEU F 463 -28.58 30.63 -6.18
N HIS F 464 -28.62 30.63 -4.84
CA HIS F 464 -29.42 31.62 -4.14
C HIS F 464 -28.89 33.03 -4.38
N SER F 465 -27.57 33.19 -4.44
CA SER F 465 -26.98 34.50 -4.68
C SER F 465 -27.32 35.02 -6.08
N VAL F 466 -27.24 34.16 -7.09
CA VAL F 466 -27.54 34.61 -8.45
C VAL F 466 -29.04 34.78 -8.64
N LEU F 467 -29.86 34.06 -7.87
CA LEU F 467 -31.30 34.33 -7.87
C LEU F 467 -31.58 35.71 -7.27
N ASP F 468 -30.88 36.06 -6.20
CA ASP F 468 -31.03 37.40 -5.64
C ASP F 468 -30.47 38.47 -6.56
N THR F 469 -29.52 38.11 -7.42
CA THR F 469 -28.95 39.06 -8.38
C THR F 469 -30.00 39.52 -9.38
N LEU F 470 -30.84 38.60 -9.86
CA LEU F 470 -31.86 38.93 -10.84
C LEU F 470 -32.97 39.76 -10.20
N SER F 471 -33.93 40.16 -11.03
CA SER F 471 -35.07 40.94 -10.55
C SER F 471 -35.97 40.09 -9.65
N GLU F 472 -36.75 40.78 -8.82
CA GLU F 472 -37.57 40.09 -7.83
C GLU F 472 -38.66 39.24 -8.50
N ARG F 473 -39.31 39.79 -9.52
CA ARG F 473 -40.37 39.05 -10.20
C ARG F 473 -39.80 37.89 -11.00
N GLU F 474 -38.66 38.11 -11.67
CA GLU F 474 -38.00 37.02 -12.38
C GLU F 474 -37.55 35.92 -11.42
N ALA F 475 -37.02 36.32 -10.25
CA ALA F 475 -36.64 35.34 -9.24
C ALA F 475 -37.85 34.55 -8.75
N GLY F 476 -38.98 35.24 -8.55
CA GLY F 476 -40.18 34.54 -8.13
C GLY F 476 -40.69 33.55 -9.16
N VAL F 477 -40.69 33.95 -10.44
CA VAL F 477 -41.22 33.04 -11.45
C VAL F 477 -40.27 31.87 -11.70
N VAL F 478 -38.95 32.07 -11.59
CA VAL F 478 -38.06 30.93 -11.75
C VAL F 478 -38.07 30.05 -10.51
N SER F 479 -38.42 30.62 -9.35
CA SER F 479 -38.39 29.83 -8.10
C SER F 479 -39.46 28.75 -8.16
N MET F 480 -40.51 28.98 -8.97
CA MET F 480 -41.64 28.01 -9.03
C MET F 480 -41.56 27.14 -10.28
N ARG F 481 -40.94 27.61 -11.36
CA ARG F 481 -40.96 26.82 -12.62
C ARG F 481 -40.24 25.49 -12.39
N PHE F 482 -39.09 25.52 -11.71
CA PHE F 482 -38.37 24.27 -11.39
C PHE F 482 -38.63 23.93 -9.92
N GLY F 483 -39.54 24.67 -9.30
CA GLY F 483 -39.87 24.42 -7.88
C GLY F 483 -38.62 24.49 -7.01
N LEU F 484 -37.77 25.49 -7.25
CA LEU F 484 -36.51 25.62 -6.48
C LEU F 484 -36.84 25.80 -4.99
N THR F 485 -37.83 26.64 -4.69
CA THR F 485 -38.14 26.96 -3.27
C THR F 485 -38.57 25.71 -2.52
N ASP F 486 -39.36 24.84 -3.16
CA ASP F 486 -39.90 23.64 -2.47
C ASP F 486 -39.33 22.37 -3.12
N GLY F 487 -39.96 21.22 -2.88
CA GLY F 487 -39.52 19.98 -3.54
C GLY F 487 -40.30 19.69 -4.82
N GLN F 488 -41.29 20.52 -5.16
CA GLN F 488 -42.14 20.20 -6.34
C GLN F 488 -42.08 21.29 -7.40
N PRO F 489 -41.77 20.95 -8.67
CA PRO F 489 -41.81 21.93 -9.77
C PRO F 489 -43.28 22.21 -10.14
N LYS F 490 -43.54 23.36 -10.75
CA LYS F 490 -44.94 23.73 -11.11
C LYS F 490 -45.01 24.08 -12.60
N THR F 491 -46.15 23.81 -13.25
CA THR F 491 -46.30 24.08 -14.70
C THR F 491 -46.71 25.54 -14.92
N LEU F 492 -46.76 26.00 -16.17
CA LEU F 492 -47.09 27.38 -16.46
C LEU F 492 -48.57 27.66 -16.19
N ASP F 493 -49.44 26.66 -16.36
CA ASP F 493 -50.85 26.85 -16.05
C ASP F 493 -51.09 26.82 -14.54
N GLU F 494 -50.22 26.15 -13.79
CA GLU F 494 -50.39 26.08 -12.34
C GLU F 494 -50.15 27.41 -11.67
N ILE F 495 -49.22 28.22 -12.20
CA ILE F 495 -48.89 29.52 -11.60
C ILE F 495 -49.63 30.67 -12.26
N GLY F 496 -50.52 30.39 -13.20
CA GLY F 496 -51.30 31.43 -13.85
C GLY F 496 -52.52 31.89 -13.10
N LYS F 497 -52.78 31.33 -11.92
CA LYS F 497 -53.93 31.71 -11.10
C LYS F 497 -53.53 32.60 -9.93
N VAL F 498 -52.46 32.24 -9.21
CA VAL F 498 -52.01 33.05 -8.09
C VAL F 498 -51.43 34.38 -8.57
N TYR F 499 -50.82 34.41 -9.75
CA TYR F 499 -50.22 35.62 -10.28
C TYR F 499 -51.01 36.23 -11.42
N GLY F 500 -51.79 35.43 -12.15
CA GLY F 500 -52.77 35.96 -13.09
C GLY F 500 -52.23 36.49 -14.40
N VAL F 501 -51.53 35.67 -15.16
CA VAL F 501 -51.08 36.01 -16.51
C VAL F 501 -51.38 34.85 -17.44
N THR F 502 -51.33 35.16 -18.74
CA THR F 502 -51.60 34.18 -19.77
C THR F 502 -50.41 33.21 -19.90
N ARG F 503 -50.66 32.11 -20.62
CA ARG F 503 -49.58 31.16 -20.89
C ARG F 503 -48.51 31.79 -21.76
N GLU F 504 -48.93 32.62 -22.72
CA GLU F 504 -48.01 33.30 -23.63
C GLU F 504 -47.01 34.14 -22.86
N ARG F 505 -47.51 35.00 -21.98
CA ARG F 505 -46.64 35.93 -21.26
C ARG F 505 -45.76 35.22 -20.24
N ILE F 506 -46.31 34.21 -19.54
CA ILE F 506 -45.52 33.54 -18.52
C ILE F 506 -44.42 32.71 -19.16
N ARG F 507 -44.69 32.05 -20.29
CA ARG F 507 -43.61 31.32 -20.95
C ARG F 507 -42.63 32.27 -21.61
N GLN F 508 -43.08 33.45 -22.04
CA GLN F 508 -42.18 34.42 -22.64
C GLN F 508 -41.19 34.96 -21.60
N ILE F 509 -41.69 35.33 -20.42
CA ILE F 509 -40.79 35.82 -19.38
C ILE F 509 -39.92 34.68 -18.84
N GLU F 510 -40.44 33.45 -18.83
CA GLU F 510 -39.62 32.32 -18.43
C GLU F 510 -38.45 32.11 -19.39
N SER F 511 -38.74 32.06 -20.70
CA SER F 511 -37.69 31.89 -21.70
C SER F 511 -36.73 33.07 -21.69
N LYS F 512 -37.22 34.27 -21.38
CA LYS F 512 -36.33 35.41 -21.24
C LYS F 512 -35.38 35.23 -20.06
N THR F 513 -35.88 34.67 -18.95
CA THR F 513 -35.00 34.38 -17.82
C THR F 513 -33.96 33.33 -18.17
N MET F 514 -34.36 32.27 -18.90
CA MET F 514 -33.38 31.27 -19.32
C MET F 514 -32.34 31.87 -20.26
N SER F 515 -32.76 32.75 -21.17
CA SER F 515 -31.81 33.39 -22.07
C SER F 515 -30.86 34.32 -21.31
N LYS F 516 -31.38 35.06 -20.33
CA LYS F 516 -30.54 35.96 -19.55
C LYS F 516 -29.52 35.18 -18.73
N LEU F 517 -29.94 34.06 -18.14
CA LEU F 517 -28.99 33.22 -17.42
C LEU F 517 -28.06 32.47 -18.37
N ARG F 518 -28.45 32.33 -19.64
CA ARG F 518 -27.59 31.70 -20.65
C ARG F 518 -26.51 32.62 -21.17
N HIS F 519 -26.58 33.92 -20.83
CA HIS F 519 -25.55 34.85 -21.26
C HIS F 519 -24.22 34.51 -20.58
N PRO F 520 -23.10 34.65 -21.29
CA PRO F 520 -21.80 34.23 -20.73
C PRO F 520 -21.37 35.01 -19.49
N SER F 521 -21.98 36.15 -19.19
CA SER F 521 -21.64 36.88 -17.96
C SER F 521 -22.01 36.07 -16.73
N ARG F 522 -23.24 35.57 -16.67
CA ARG F 522 -23.68 34.69 -15.57
C ARG F 522 -23.51 33.23 -15.96
N SER F 523 -22.31 32.87 -16.42
CA SER F 523 -21.99 31.51 -16.79
C SER F 523 -20.78 30.96 -16.04
N GLN F 524 -19.73 31.76 -15.89
CA GLN F 524 -18.52 31.30 -15.20
C GLN F 524 -18.79 30.97 -13.74
N VAL F 525 -19.80 31.61 -13.15
CA VAL F 525 -20.21 31.27 -11.79
C VAL F 525 -20.96 29.95 -11.72
N LEU F 526 -21.33 29.38 -12.87
CA LEU F 526 -22.07 28.13 -12.92
C LEU F 526 -21.50 27.10 -13.89
N ARG F 527 -20.68 27.49 -14.86
CA ARG F 527 -20.15 26.54 -15.84
C ARG F 527 -19.23 25.52 -15.18
N ASP F 528 -18.36 25.96 -14.28
CA ASP F 528 -17.52 25.03 -13.54
C ASP F 528 -18.32 24.22 -12.52
N TYR F 529 -19.51 24.68 -12.15
CA TYR F 529 -20.36 23.93 -11.25
C TYR F 529 -21.15 22.83 -11.95
N LEU F 530 -21.14 22.83 -13.29
CA LEU F 530 -21.77 21.81 -14.12
C LEU F 530 -23.27 21.67 -13.84
N ASP G 19 -32.73 18.61 3.66
CA ASP G 19 -33.50 18.43 4.88
C ASP G 19 -33.91 19.78 5.45
N ARG G 20 -33.51 20.86 4.79
CA ARG G 20 -33.83 22.22 5.22
C ARG G 20 -34.98 22.75 4.35
N GLY G 21 -36.09 23.07 4.99
CA GLY G 21 -37.25 23.57 4.29
C GLY G 21 -38.14 22.51 3.67
N ILE G 22 -37.78 21.24 3.80
CA ILE G 22 -38.58 20.16 3.23
C ILE G 22 -39.72 19.83 4.18
N ASP G 23 -40.95 19.84 3.66
CA ASP G 23 -42.13 19.54 4.45
C ASP G 23 -42.46 18.05 4.31
N LEU G 24 -42.52 17.35 5.45
CA LEU G 24 -42.81 15.93 5.42
C LEU G 24 -44.28 15.68 5.11
N ALA G 25 -44.55 14.50 4.57
CA ALA G 25 -45.93 14.10 4.28
C ALA G 25 -46.70 13.91 5.59
N PRO G 26 -47.99 14.24 5.60
CA PRO G 26 -48.81 13.98 6.79
C PRO G 26 -48.88 12.49 7.11
N ARG G 27 -48.81 12.16 8.39
CA ARG G 27 -48.77 10.79 8.85
C ARG G 27 -49.90 10.53 9.83
N GLN G 28 -50.52 9.36 9.72
CA GLN G 28 -51.62 8.96 10.57
C GLN G 28 -51.22 7.73 11.37
N ALA G 29 -51.82 7.59 12.55
CA ALA G 29 -51.53 6.50 13.46
C ALA G 29 -52.59 5.41 13.32
N VAL G 30 -52.17 4.21 12.93
CA VAL G 30 -53.05 3.06 12.79
C VAL G 30 -52.58 1.99 13.76
N GLU G 31 -53.49 1.52 14.61
CA GLU G 31 -53.15 0.53 15.63
C GLU G 31 -53.43 -0.87 15.13
N TYR G 32 -52.44 -1.75 15.25
CA TYR G 32 -52.55 -3.14 14.85
C TYR G 32 -52.51 -4.04 16.07
N ALA G 33 -53.45 -4.99 16.15
CA ALA G 33 -53.53 -5.91 17.26
C ALA G 33 -53.46 -7.34 16.75
N CYS G 34 -52.69 -8.18 17.44
CA CYS G 34 -52.51 -9.57 17.07
C CYS G 34 -53.34 -10.47 17.97
N GLU G 35 -53.27 -11.78 17.72
CA GLU G 35 -54.02 -12.74 18.52
C GLU G 35 -53.45 -12.89 19.92
N LYS G 36 -52.17 -12.59 20.11
CA LYS G 36 -51.53 -12.71 21.42
C LYS G 36 -51.71 -11.47 22.29
N GLY G 37 -52.41 -10.45 21.78
CA GLY G 37 -52.67 -9.25 22.54
C GLY G 37 -51.62 -8.17 22.44
N HIS G 38 -50.56 -8.38 21.66
CA HIS G 38 -49.53 -7.35 21.49
C HIS G 38 -50.08 -6.19 20.66
N ARG G 39 -49.87 -4.98 21.15
CA ARG G 39 -50.34 -3.77 20.48
C ARG G 39 -49.16 -2.84 20.23
N PHE G 40 -49.03 -2.38 18.99
CA PHE G 40 -47.94 -1.51 18.60
C PHE G 40 -48.48 -0.42 17.68
N GLU G 41 -47.80 0.72 17.68
CA GLU G 41 -48.18 1.87 16.86
C GLU G 41 -47.10 2.14 15.82
N MET G 42 -47.49 2.17 14.56
CA MET G 42 -46.60 2.47 13.44
C MET G 42 -47.34 3.37 12.46
N PRO G 43 -46.63 4.29 11.81
CA PRO G 43 -47.31 5.30 11.00
C PRO G 43 -47.53 4.87 9.55
N PHE G 44 -48.58 5.46 8.96
CA PHE G 44 -48.89 5.33 7.55
C PHE G 44 -49.05 6.72 6.93
N SER G 45 -48.77 6.80 5.63
CA SER G 45 -49.02 8.03 4.89
C SER G 45 -50.53 8.21 4.69
N VAL G 46 -50.95 9.47 4.60
CA VAL G 46 -52.37 9.77 4.42
C VAL G 46 -52.85 9.30 3.05
N GLU G 47 -52.07 9.58 2.00
CA GLU G 47 -52.46 9.17 0.65
C GLU G 47 -52.28 7.67 0.44
N ALA G 48 -51.46 7.01 1.25
CA ALA G 48 -51.25 5.58 1.10
C ALA G 48 -52.47 4.79 1.57
N GLU G 49 -52.75 3.69 0.88
CA GLU G 49 -53.85 2.82 1.27
C GLU G 49 -53.53 2.10 2.57
N ILE G 50 -54.55 1.91 3.40
CA ILE G 50 -54.40 1.24 4.69
C ILE G 50 -54.68 -0.24 4.49
N PRO G 51 -53.69 -1.11 4.67
CA PRO G 51 -53.93 -2.55 4.53
C PRO G 51 -54.36 -3.17 5.84
N PRO G 52 -55.38 -4.04 5.83
CA PRO G 52 -55.79 -4.72 7.06
C PRO G 52 -54.86 -5.83 7.49
N GLU G 53 -53.91 -6.24 6.64
CA GLU G 53 -53.00 -7.33 6.94
C GLU G 53 -51.60 -6.78 7.20
N TRP G 54 -51.01 -7.17 8.32
CA TRP G 54 -49.66 -6.74 8.68
C TRP G 54 -49.08 -7.75 9.67
N GLU G 55 -47.77 -7.66 9.85
CA GLU G 55 -47.05 -8.51 10.78
C GLU G 55 -46.98 -7.85 12.15
N CYS G 56 -46.53 -8.63 13.14
CA CYS G 56 -46.38 -8.15 14.51
C CYS G 56 -44.92 -7.82 14.79
N LYS G 57 -44.68 -6.67 15.41
CA LYS G 57 -43.33 -6.26 15.75
C LYS G 57 -42.74 -7.07 16.91
N VAL G 58 -43.58 -7.65 17.75
CA VAL G 58 -43.11 -8.36 18.94
C VAL G 58 -42.88 -9.83 18.65
N CYS G 59 -43.89 -10.52 18.11
CA CYS G 59 -43.81 -11.96 17.90
C CYS G 59 -43.98 -12.38 16.45
N GLY G 60 -44.29 -11.46 15.54
CA GLY G 60 -44.45 -11.82 14.15
C GLY G 60 -45.77 -12.45 13.79
N ALA G 61 -46.75 -12.43 14.70
CA ALA G 61 -48.05 -13.01 14.43
C ALA G 61 -48.88 -12.09 13.52
N GLN G 62 -50.00 -12.62 13.05
CA GLN G 62 -50.87 -11.86 12.16
C GLN G 62 -51.60 -10.76 12.94
N ALA G 63 -51.64 -9.56 12.36
CA ALA G 63 -52.28 -8.42 12.99
C ALA G 63 -53.69 -8.25 12.46
N LEU G 64 -54.63 -7.92 13.35
CA LEU G 64 -56.04 -7.80 13.01
C LEU G 64 -56.58 -6.55 13.69
N LEU G 65 -57.91 -6.44 13.74
CA LEU G 65 -58.62 -5.37 14.45
C LEU G 65 -58.32 -4.00 13.85
N VAL G 66 -58.31 -3.92 12.52
CA VAL G 66 -58.18 -2.65 11.81
C VAL G 66 -59.39 -2.55 10.89
N ASP G 67 -60.45 -1.89 11.38
CA ASP G 67 -61.73 -1.72 10.68
C ASP G 67 -62.29 -3.10 10.38
N GLY G 68 -62.45 -3.49 9.11
CA GLY G 68 -62.92 -4.82 8.77
C GLY G 68 -61.76 -5.73 8.41
N ASP G 69 -61.79 -6.94 8.95
CA ASP G 69 -60.73 -7.91 8.72
C ASP G 69 -61.29 -9.32 8.83
N GLY G 70 -60.55 -10.27 8.28
CA GLY G 70 -60.95 -11.66 8.30
C GLY G 70 -59.78 -12.59 8.05
N PRO G 71 -60.07 -13.88 7.88
CA PRO G 71 -58.99 -14.84 7.62
C PRO G 71 -58.47 -14.76 6.18
N GLU G 72 -59.38 -14.51 5.24
CA GLU G 72 -59.09 -14.45 3.80
C GLU G 72 -58.40 -15.74 3.33
N GLU G 73 -59.07 -16.87 3.60
CA GLU G 73 -58.59 -18.21 3.28
C GLU G 73 -57.23 -18.47 3.92
N LYS G 74 -57.22 -18.51 5.25
CA LYS G 74 -55.96 -18.81 5.98
C LYS G 74 -55.71 -20.32 5.89
N LYS G 75 -56.64 -21.06 5.27
CA LYS G 75 -56.47 -22.53 5.11
C LYS G 75 -55.22 -22.75 4.26
N ALA G 76 -55.06 -21.98 3.17
CA ALA G 76 -53.83 -22.04 2.35
C ALA G 76 -53.51 -23.46 1.87
N LYS G 77 -54.52 -24.24 1.44
CA LYS G 77 -54.22 -25.58 0.85
C LYS G 77 -53.29 -26.38 1.77
N PRO G 78 -53.69 -26.77 3.00
CA PRO G 78 -52.77 -27.41 3.94
C PRO G 78 -52.10 -28.67 3.37
N ALA G 79 -50.80 -28.83 3.64
CA ALA G 79 -50.03 -29.97 3.07
C ALA G 79 -50.76 -31.31 3.30
N ARG G 80 -50.69 -32.20 2.30
CA ARG G 80 -51.34 -33.53 2.41
C ARG G 80 -50.75 -34.33 3.57
N THR G 81 -51.60 -34.98 4.37
CA THR G 81 -51.11 -35.88 5.45
C THR G 81 -50.86 -37.28 4.89
N HIS G 82 -50.45 -38.22 5.74
CA HIS G 82 -50.18 -39.63 5.31
C HIS G 82 -51.48 -40.24 4.78
N TRP G 83 -52.62 -39.88 5.39
CA TRP G 83 -53.92 -40.47 4.99
C TRP G 83 -54.21 -40.15 3.52
N ASP G 84 -53.89 -38.94 3.09
CA ASP G 84 -54.11 -38.55 1.67
C ASP G 84 -53.25 -39.44 0.75
N MET G 85 -51.99 -39.67 1.11
CA MET G 85 -51.10 -40.56 0.31
C MET G 85 -51.69 -41.97 0.35
N LEU G 86 -52.18 -42.40 1.53
CA LEU G 86 -52.77 -43.74 1.68
C LEU G 86 -54.02 -43.86 0.79
N MET G 87 -54.79 -42.78 0.68
CA MET G 87 -56.02 -42.81 -0.16
C MET G 87 -55.62 -43.10 -1.61
N GLU G 88 -54.53 -42.49 -2.07
CA GLU G 88 -54.05 -42.80 -3.44
C GLU G 88 -53.64 -44.28 -3.50
N ARG G 89 -52.92 -44.75 -2.49
CA ARG G 89 -52.42 -46.16 -2.50
C ARG G 89 -53.55 -47.18 -2.36
N ARG G 90 -54.54 -46.94 -1.50
CA ARG G 90 -55.58 -47.98 -1.21
C ARG G 90 -57.00 -47.39 -1.30
N THR G 91 -58.01 -48.23 -1.57
CA THR G 91 -59.40 -47.71 -1.77
C THR G 91 -60.26 -47.89 -0.52
N ARG G 92 -61.58 -47.62 -0.65
CA ARG G 92 -62.50 -47.76 0.47
C ARG G 92 -62.58 -49.21 0.96
N GLU G 93 -63.08 -50.10 0.09
CA GLU G 93 -63.25 -51.51 0.47
C GLU G 93 -61.94 -52.15 0.88
N GLU G 94 -60.83 -51.71 0.28
CA GLU G 94 -59.51 -52.12 0.73
C GLU G 94 -59.26 -51.66 2.17
N LEU G 95 -59.66 -50.42 2.47
CA LEU G 95 -59.51 -49.91 3.86
C LEU G 95 -60.27 -50.83 4.82
N GLU G 96 -61.53 -51.14 4.51
CA GLU G 96 -62.34 -52.02 5.40
C GLU G 96 -61.66 -53.38 5.54
N GLU G 97 -61.33 -54.03 4.42
CA GLU G 97 -60.76 -55.41 4.48
C GLU G 97 -59.39 -55.44 5.18
N VAL G 98 -58.52 -54.46 4.93
CA VAL G 98 -57.20 -54.42 5.63
C VAL G 98 -57.47 -54.24 7.13
N LEU G 99 -58.44 -53.39 7.49
CA LEU G 99 -58.70 -53.11 8.92
C LEU G 99 -59.15 -54.41 9.62
N GLU G 100 -60.03 -55.19 8.99
CA GLU G 100 -60.54 -56.41 9.65
C GLU G 100 -59.41 -57.45 9.67
N GLU G 101 -58.62 -57.52 8.60
CA GLU G 101 -57.45 -58.40 8.58
C GLU G 101 -56.52 -58.11 9.75
N ARG G 102 -56.30 -56.83 10.05
CA ARG G 102 -55.45 -56.47 11.19
C ARG G 102 -56.11 -56.83 12.52
N LEU G 103 -57.43 -56.69 12.61
CA LEU G 103 -58.13 -57.15 13.81
C LEU G 103 -58.01 -58.66 13.98
N ALA G 104 -58.04 -59.41 12.86
CA ALA G 104 -57.82 -60.85 12.92
C ALA G 104 -56.41 -61.17 13.39
N VAL G 105 -55.43 -60.39 12.94
CA VAL G 105 -54.06 -60.54 13.44
C VAL G 105 -54.00 -60.28 14.94
N LEU G 106 -54.75 -59.28 15.42
CA LEU G 106 -54.82 -59.02 16.85
C LEU G 106 -55.40 -60.20 17.60
N ARG G 107 -56.52 -60.76 17.10
CA ARG G 107 -57.15 -61.89 17.78
C ARG G 107 -56.28 -63.13 17.75
N SER G 108 -55.52 -63.34 16.67
CA SER G 108 -54.58 -64.45 16.62
C SER G 108 -53.44 -64.24 17.63
N GLY G 109 -52.95 -63.01 17.75
CA GLY G 109 -51.89 -62.73 18.69
C GLY G 109 -52.33 -62.67 20.14
N ALA G 110 -53.63 -62.49 20.38
CA ALA G 110 -54.15 -62.44 21.74
C ALA G 110 -54.68 -63.80 22.18
N THR H 2 -13.58 -69.75 -38.07
CA THR H 2 -14.57 -68.78 -37.64
C THR H 2 -14.04 -67.35 -37.79
N PHE H 3 -12.85 -67.11 -37.23
CA PHE H 3 -12.21 -65.80 -37.28
C PHE H 3 -10.93 -65.91 -38.10
N LYS H 4 -10.76 -64.99 -39.04
CA LYS H 4 -9.60 -64.96 -39.92
C LYS H 4 -8.89 -63.61 -39.80
N VAL H 5 -7.92 -63.37 -40.67
CA VAL H 5 -7.16 -62.13 -40.71
C VAL H 5 -7.60 -61.34 -41.94
N GLY H 6 -7.67 -60.02 -41.80
CA GLY H 6 -8.05 -59.15 -42.88
C GLY H 6 -9.54 -58.92 -43.04
N ASP H 7 -10.37 -59.59 -42.24
CA ASP H 7 -11.80 -59.41 -42.31
C ASP H 7 -12.24 -58.35 -41.30
N THR H 8 -13.55 -58.11 -41.25
CA THR H 8 -14.13 -57.12 -40.34
C THR H 8 -15.15 -57.79 -39.44
N VAL H 9 -15.08 -57.48 -38.15
CA VAL H 9 -16.07 -57.93 -37.16
C VAL H 9 -16.50 -56.73 -36.33
N VAL H 10 -17.74 -56.75 -35.85
CA VAL H 10 -18.30 -55.63 -35.11
C VAL H 10 -18.16 -55.90 -33.61
N TYR H 11 -17.65 -54.90 -32.88
CA TYR H 11 -17.48 -54.97 -31.44
C TYR H 11 -18.50 -54.09 -30.74
N PRO H 12 -19.05 -54.54 -29.60
CA PRO H 12 -20.02 -53.72 -28.87
C PRO H 12 -19.40 -52.44 -28.33
N HIS H 13 -20.25 -51.40 -28.26
CA HIS H 13 -19.93 -50.07 -27.72
C HIS H 13 -18.86 -49.33 -28.52
N HIS H 14 -18.41 -49.89 -29.65
CA HIS H 14 -17.37 -49.26 -30.44
C HIS H 14 -17.64 -49.29 -31.94
N GLY H 15 -18.65 -50.01 -32.42
CA GLY H 15 -18.91 -50.10 -33.84
C GLY H 15 -18.07 -51.16 -34.52
N ALA H 16 -18.15 -51.16 -35.84
CA ALA H 16 -17.41 -52.12 -36.65
C ALA H 16 -15.92 -51.80 -36.62
N ALA H 17 -15.10 -52.83 -36.81
CA ALA H 17 -13.65 -52.68 -36.79
C ALA H 17 -13.03 -53.77 -37.65
N LEU H 18 -11.75 -53.56 -37.98
CA LEU H 18 -11.00 -54.50 -38.81
C LEU H 18 -9.90 -55.16 -37.98
N ILE H 19 -9.64 -56.43 -38.29
CA ILE H 19 -8.65 -57.22 -37.56
C ILE H 19 -7.28 -57.02 -38.20
N GLU H 20 -6.29 -56.67 -37.38
CA GLU H 20 -4.94 -56.44 -37.89
C GLU H 20 -4.20 -57.76 -38.10
N ALA H 21 -3.99 -58.51 -37.03
CA ALA H 21 -3.25 -59.76 -37.08
C ALA H 21 -3.65 -60.61 -35.88
N ILE H 22 -2.96 -61.74 -35.70
CA ILE H 22 -3.20 -62.65 -34.59
C ILE H 22 -1.92 -62.76 -33.77
N GLU H 23 -2.03 -62.52 -32.46
CA GLU H 23 -0.86 -62.58 -31.56
C GLU H 23 -0.96 -63.83 -30.67
N THR H 24 0.07 -64.10 -29.88
CA THR H 24 0.10 -65.30 -28.99
C THR H 24 0.23 -64.86 -27.53
N ARG H 25 -0.40 -63.73 -27.17
CA ARG H 25 -0.22 -63.18 -25.79
C ARG H 25 -0.71 -64.18 -24.74
N GLN H 26 -0.01 -64.27 -23.61
CA GLN H 26 -0.41 -65.19 -22.51
C GLN H 26 -0.87 -64.34 -21.32
N ILE H 27 -2.05 -64.61 -20.78
CA ILE H 27 -2.59 -63.81 -19.64
C ILE H 27 -2.64 -64.72 -18.39
N LYS H 28 -2.14 -64.22 -17.25
CA LYS H 28 -2.10 -65.01 -16.00
C LYS H 28 -1.21 -66.24 -16.19
N GLY H 29 -0.21 -66.15 -17.07
CA GLY H 29 0.74 -67.26 -17.30
C GLY H 29 0.14 -68.35 -18.17
N VAL H 30 -1.04 -68.11 -18.74
CA VAL H 30 -1.73 -69.14 -19.57
C VAL H 30 -1.76 -68.66 -21.02
N ASP H 31 -1.21 -69.45 -21.94
CA ASP H 31 -1.17 -69.05 -23.38
C ASP H 31 -2.60 -68.99 -23.92
N LYS H 32 -2.91 -67.96 -24.71
CA LYS H 32 -4.27 -67.83 -25.31
C LYS H 32 -4.13 -67.45 -26.78
N THR H 33 -5.15 -67.77 -27.60
CA THR H 33 -5.12 -67.36 -29.03
C THR H 33 -5.65 -65.92 -29.08
N TYR H 34 -4.77 -64.95 -28.79
CA TYR H 34 -5.22 -63.54 -28.70
C TYR H 34 -5.43 -62.92 -30.07
N LEU H 35 -6.60 -62.31 -30.30
CA LEU H 35 -6.83 -61.58 -31.54
C LEU H 35 -6.87 -60.09 -31.24
N VAL H 36 -6.24 -59.30 -32.09
CA VAL H 36 -6.13 -57.86 -31.92
C VAL H 36 -6.85 -57.16 -33.06
N LEU H 37 -7.62 -56.12 -32.72
CA LEU H 37 -8.28 -55.29 -33.71
C LEU H 37 -8.41 -53.88 -33.14
N LYS H 38 -8.55 -52.91 -34.04
CA LYS H 38 -8.63 -51.51 -33.65
C LYS H 38 -9.67 -50.81 -34.51
N VAL H 39 -10.11 -49.65 -34.02
CA VAL H 39 -11.10 -48.82 -34.71
C VAL H 39 -10.53 -47.42 -34.87
N ALA H 40 -11.00 -46.72 -35.90
CA ALA H 40 -10.53 -45.37 -36.20
C ALA H 40 -11.29 -44.29 -35.45
N GLN H 41 -12.33 -44.66 -34.68
CA GLN H 41 -13.10 -43.66 -33.95
C GLN H 41 -12.41 -43.28 -32.64
N GLY H 42 -12.24 -44.25 -31.73
CA GLY H 42 -11.60 -43.99 -30.46
C GLY H 42 -10.10 -44.10 -30.45
N ASP H 43 -9.50 -44.54 -31.56
CA ASP H 43 -8.06 -44.73 -31.69
C ASP H 43 -7.51 -45.66 -30.60
N LEU H 44 -8.22 -46.75 -30.37
CA LEU H 44 -7.85 -47.73 -29.35
C LEU H 44 -7.77 -49.11 -29.98
N THR H 45 -6.90 -49.95 -29.40
CA THR H 45 -6.71 -51.32 -29.86
C THR H 45 -7.36 -52.27 -28.86
N VAL H 46 -8.14 -53.22 -29.37
CA VAL H 46 -8.87 -54.17 -28.54
C VAL H 46 -8.26 -55.56 -28.76
N ARG H 47 -7.87 -56.21 -27.68
CA ARG H 47 -7.26 -57.54 -27.72
C ARG H 47 -8.21 -58.51 -27.03
N VAL H 48 -8.78 -59.44 -27.79
CA VAL H 48 -9.72 -60.42 -27.26
C VAL H 48 -9.32 -61.81 -27.71
N PRO H 49 -9.19 -62.77 -26.80
CA PRO H 49 -8.88 -64.15 -27.21
C PRO H 49 -10.06 -64.80 -27.93
N ALA H 50 -9.73 -65.78 -28.76
CA ALA H 50 -10.74 -66.46 -29.57
C ALA H 50 -11.60 -67.43 -28.78
N ASP H 51 -11.10 -67.93 -27.64
CA ASP H 51 -11.86 -68.92 -26.88
C ASP H 51 -13.10 -68.30 -26.23
N ASN H 52 -12.97 -67.07 -25.73
CA ASN H 52 -14.08 -66.36 -25.10
C ASN H 52 -14.65 -65.28 -26.00
N ALA H 53 -14.44 -65.38 -27.32
CA ALA H 53 -14.98 -64.39 -28.23
C ALA H 53 -16.50 -64.42 -28.26
N GLU H 54 -17.10 -65.61 -28.22
CA GLU H 54 -18.55 -65.71 -28.12
C GLU H 54 -19.04 -65.28 -26.74
N PHE H 55 -18.21 -65.48 -25.71
CA PHE H 55 -18.62 -65.11 -24.36
C PHE H 55 -18.57 -63.60 -24.16
N VAL H 56 -17.56 -62.92 -24.70
CA VAL H 56 -17.49 -61.48 -24.56
C VAL H 56 -18.55 -60.79 -25.41
N GLY H 57 -18.99 -61.43 -26.49
CA GLY H 57 -20.11 -60.90 -27.26
C GLY H 57 -19.74 -60.24 -28.57
N VAL H 58 -18.83 -60.82 -29.33
CA VAL H 58 -18.52 -60.30 -30.66
C VAL H 58 -19.44 -60.99 -31.66
N ARG H 59 -19.76 -60.27 -32.74
CA ARG H 59 -20.57 -60.80 -33.81
C ARG H 59 -19.91 -60.55 -35.16
N ASP H 60 -20.14 -61.46 -36.10
CA ASP H 60 -19.66 -61.29 -37.46
C ASP H 60 -20.55 -60.34 -38.24
N VAL H 61 -20.09 -59.96 -39.43
CA VAL H 61 -20.86 -59.05 -40.27
C VAL H 61 -22.02 -59.81 -40.90
N VAL H 62 -23.23 -59.28 -40.72
CA VAL H 62 -24.43 -59.88 -41.30
C VAL H 62 -24.50 -59.49 -42.77
N GLY H 63 -24.86 -60.44 -43.63
CA GLY H 63 -24.90 -60.17 -45.08
C GLY H 63 -26.20 -59.56 -45.56
N GLN H 64 -26.79 -60.10 -46.64
CA GLN H 64 -28.02 -59.54 -47.24
C GLN H 64 -29.20 -59.62 -46.26
N ASP H 65 -29.26 -60.69 -45.46
CA ASP H 65 -30.40 -60.86 -44.52
C ASP H 65 -30.49 -59.63 -43.60
N GLY H 66 -29.35 -59.04 -43.24
CA GLY H 66 -29.38 -57.93 -42.27
C GLY H 66 -30.13 -56.69 -42.73
N LEU H 67 -29.90 -56.22 -43.96
CA LEU H 67 -30.56 -54.94 -44.35
C LEU H 67 -32.09 -55.09 -44.43
N ASP H 68 -32.59 -56.20 -44.98
CA ASP H 68 -34.06 -56.35 -45.17
C ASP H 68 -34.78 -56.34 -43.82
N ARG H 69 -34.24 -57.00 -42.81
CA ARG H 69 -34.95 -57.10 -41.50
C ARG H 69 -34.84 -55.75 -40.77
N VAL H 70 -33.70 -55.07 -40.89
CA VAL H 70 -33.53 -53.74 -40.23
C VAL H 70 -34.49 -52.73 -40.89
N PHE H 71 -34.60 -52.76 -42.22
CA PHE H 71 -35.54 -51.84 -42.92
C PHE H 71 -36.98 -52.15 -42.50
N GLU H 72 -37.33 -53.44 -42.40
CA GLU H 72 -38.72 -53.83 -42.04
C GLU H 72 -39.07 -53.33 -40.64
N VAL H 73 -38.17 -53.54 -39.66
CA VAL H 73 -38.41 -53.04 -38.28
C VAL H 73 -38.39 -51.50 -38.28
N LEU H 74 -37.50 -50.90 -39.09
CA LEU H 74 -37.39 -49.41 -39.14
C LEU H 74 -38.76 -48.84 -39.51
N ARG H 75 -39.61 -49.62 -40.19
CA ARG H 75 -40.89 -49.06 -40.62
C ARG H 75 -42.07 -49.70 -39.90
N ALA H 76 -41.82 -50.43 -38.82
CA ALA H 76 -42.90 -51.13 -38.13
C ALA H 76 -43.79 -50.14 -37.38
N PRO H 77 -45.09 -50.10 -37.68
CA PRO H 77 -45.98 -49.17 -36.97
C PRO H 77 -46.48 -49.72 -35.64
N TYR H 78 -47.39 -48.99 -35.00
CA TYR H 78 -48.04 -49.39 -33.75
C TYR H 78 -47.02 -49.63 -32.63
N ALA H 79 -46.02 -48.75 -32.55
CA ALA H 79 -45.03 -48.81 -31.48
C ALA H 79 -45.51 -47.97 -30.30
N GLU H 80 -45.50 -48.58 -29.11
CA GLU H 80 -46.00 -47.93 -27.91
C GLU H 80 -44.94 -47.97 -26.81
N GLU H 81 -44.97 -46.95 -25.95
CA GLU H 81 -44.05 -46.81 -24.85
C GLU H 81 -44.81 -46.36 -23.62
N PRO H 82 -44.31 -46.65 -22.42
CA PRO H 82 -44.98 -46.18 -21.21
C PRO H 82 -44.98 -44.65 -21.10
N THR H 83 -46.02 -44.13 -20.45
CA THR H 83 -46.17 -42.68 -20.31
C THR H 83 -45.04 -42.07 -19.49
N ASN H 84 -44.63 -42.75 -18.42
CA ASN H 84 -43.52 -42.27 -17.60
C ASN H 84 -42.22 -42.36 -18.38
N TRP H 85 -41.45 -41.27 -18.39
CA TRP H 85 -40.20 -41.25 -19.12
C TRP H 85 -39.08 -41.98 -18.40
N SER H 86 -39.25 -42.27 -17.10
CA SER H 86 -38.19 -42.92 -16.34
C SER H 86 -38.00 -44.37 -16.76
N ARG H 87 -39.09 -45.09 -17.00
CA ARG H 87 -38.98 -46.48 -17.44
C ARG H 87 -38.34 -46.59 -18.82
N ARG H 88 -38.74 -45.70 -19.75
CA ARG H 88 -38.13 -45.69 -21.07
C ARG H 88 -36.66 -45.28 -21.00
N TYR H 89 -36.34 -44.34 -20.10
CA TYR H 89 -34.96 -43.94 -19.91
C TYR H 89 -34.11 -45.08 -19.36
N LYS H 90 -34.68 -45.89 -18.46
CA LYS H 90 -33.95 -47.04 -17.94
C LYS H 90 -33.88 -48.17 -18.97
N ALA H 91 -34.82 -48.22 -19.91
CA ALA H 91 -34.83 -49.30 -20.88
C ALA H 91 -33.94 -49.04 -22.08
N ASN H 92 -33.78 -47.77 -22.49
CA ASN H 92 -33.09 -47.49 -23.74
C ASN H 92 -31.60 -47.83 -23.67
N LEU H 93 -30.93 -47.50 -22.55
CA LEU H 93 -29.52 -47.83 -22.45
C LEU H 93 -29.30 -49.32 -22.30
N GLU H 94 -30.23 -50.03 -21.66
CA GLU H 94 -30.14 -51.48 -21.58
C GLU H 94 -30.29 -52.10 -22.96
N LYS H 95 -31.22 -51.59 -23.78
CA LYS H 95 -31.35 -52.10 -25.14
C LYS H 95 -30.15 -51.75 -26.01
N LEU H 96 -29.54 -50.58 -25.76
CA LEU H 96 -28.29 -50.23 -26.45
C LEU H 96 -27.16 -51.18 -26.07
N ALA H 97 -27.04 -51.51 -24.78
CA ALA H 97 -26.01 -52.42 -24.30
C ALA H 97 -26.32 -53.87 -24.65
N SER H 98 -27.54 -54.18 -25.09
CA SER H 98 -27.83 -55.53 -25.57
C SER H 98 -27.00 -55.87 -26.81
N GLY H 99 -26.78 -54.89 -27.67
CA GLY H 99 -25.92 -55.07 -28.82
C GLY H 99 -26.59 -55.57 -30.08
N ASP H 100 -27.89 -55.86 -30.04
CA ASP H 100 -28.58 -56.33 -31.23
C ASP H 100 -28.78 -55.19 -32.22
N VAL H 101 -28.61 -55.49 -33.52
CA VAL H 101 -28.83 -54.49 -34.56
C VAL H 101 -30.29 -54.15 -34.66
N ILE H 102 -31.17 -55.15 -34.56
CA ILE H 102 -32.61 -54.90 -34.63
C ILE H 102 -33.05 -54.03 -33.46
N LYS H 103 -32.58 -54.37 -32.25
CA LYS H 103 -33.00 -53.66 -31.04
C LYS H 103 -32.58 -52.19 -31.10
N VAL H 104 -31.33 -51.93 -31.46
CA VAL H 104 -30.88 -50.55 -31.60
C VAL H 104 -31.61 -49.88 -32.76
N ALA H 105 -32.09 -50.65 -33.74
CA ALA H 105 -32.88 -50.05 -34.82
C ALA H 105 -34.20 -49.48 -34.29
N GLU H 106 -34.98 -50.26 -33.52
CA GLU H 106 -36.21 -49.61 -33.04
C GLU H 106 -35.90 -48.56 -31.99
N VAL H 107 -34.80 -48.71 -31.26
CA VAL H 107 -34.43 -47.70 -30.26
C VAL H 107 -34.18 -46.35 -30.93
N VAL H 108 -33.38 -46.35 -32.01
CA VAL H 108 -33.08 -45.09 -32.69
C VAL H 108 -34.29 -44.58 -33.45
N ARG H 109 -35.14 -45.47 -33.98
CA ARG H 109 -36.34 -44.99 -34.66
C ARG H 109 -37.30 -44.31 -33.68
N ASP H 110 -37.51 -44.92 -32.52
CA ASP H 110 -38.35 -44.30 -31.50
C ASP H 110 -37.75 -43.00 -31.00
N LEU H 111 -36.43 -42.97 -30.78
CA LEU H 111 -35.78 -41.75 -30.31
C LEU H 111 -35.89 -40.63 -31.34
N TRP H 112 -35.70 -40.95 -32.63
CA TRP H 112 -35.81 -39.94 -33.67
C TRP H 112 -37.23 -39.40 -33.78
N ARG H 113 -38.23 -40.29 -33.75
CA ARG H 113 -39.61 -39.82 -33.91
C ARG H 113 -40.04 -38.99 -32.69
N ARG H 114 -39.63 -39.38 -31.49
CA ARG H 114 -40.02 -38.59 -30.32
C ARG H 114 -39.22 -37.29 -30.22
N GLU H 115 -38.01 -37.26 -30.79
CA GLU H 115 -37.26 -36.01 -30.84
C GLU H 115 -37.86 -35.05 -31.84
N ARG H 116 -38.37 -35.57 -32.96
CA ARG H 116 -38.96 -34.70 -33.98
C ARG H 116 -40.36 -34.24 -33.58
N GLU H 117 -41.14 -35.08 -32.93
CA GLU H 117 -42.52 -34.70 -32.63
C GLU H 117 -42.64 -33.73 -31.46
N ARG H 118 -41.68 -33.74 -30.52
CA ARG H 118 -41.82 -32.90 -29.34
C ARG H 118 -40.58 -32.06 -29.06
N GLY H 119 -39.40 -32.55 -29.44
CA GLY H 119 -38.17 -31.86 -29.08
C GLY H 119 -37.87 -31.98 -27.60
N LEU H 120 -37.50 -33.18 -27.17
CA LEU H 120 -37.38 -33.52 -25.75
C LEU H 120 -36.38 -32.65 -25.01
N SER H 121 -35.10 -32.76 -25.36
CA SER H 121 -34.02 -32.05 -24.69
C SER H 121 -32.76 -32.20 -25.52
N ALA H 122 -31.66 -31.67 -25.00
CA ALA H 122 -30.36 -31.78 -25.63
C ALA H 122 -29.41 -32.74 -24.92
N GLY H 123 -29.71 -33.12 -23.68
CA GLY H 123 -28.88 -34.08 -22.98
C GLY H 123 -28.94 -35.47 -23.60
N GLU H 124 -30.13 -35.90 -24.02
CA GLU H 124 -30.29 -37.19 -24.69
C GLU H 124 -29.75 -37.18 -26.10
N LYS H 125 -29.53 -35.99 -26.69
CA LYS H 125 -29.01 -35.89 -28.04
C LYS H 125 -27.60 -36.47 -28.14
N ARG H 126 -26.84 -36.45 -27.05
CA ARG H 126 -25.50 -37.03 -27.06
C ARG H 126 -25.54 -38.53 -27.35
N MET H 127 -26.34 -39.27 -26.58
CA MET H 127 -26.43 -40.71 -26.82
C MET H 127 -27.22 -41.02 -28.08
N LEU H 128 -28.13 -40.12 -28.49
CA LEU H 128 -28.80 -40.30 -29.79
C LEU H 128 -27.79 -40.24 -30.94
N ALA H 129 -26.88 -39.25 -30.90
CA ALA H 129 -25.85 -39.13 -31.91
C ALA H 129 -24.87 -40.29 -31.84
N LYS H 130 -24.56 -40.76 -30.62
CA LYS H 130 -23.69 -41.92 -30.47
C LYS H 130 -24.31 -43.17 -31.09
N ALA H 131 -25.60 -43.38 -30.85
CA ALA H 131 -26.29 -44.52 -31.45
C ALA H 131 -26.36 -44.40 -32.97
N ARG H 132 -26.61 -43.19 -33.47
CA ARG H 132 -26.62 -43.00 -34.93
C ARG H 132 -25.26 -43.27 -35.54
N GLN H 133 -24.18 -42.82 -34.88
CA GLN H 133 -22.84 -43.07 -35.38
C GLN H 133 -22.50 -44.55 -35.37
N ILE H 134 -22.84 -45.26 -34.28
CA ILE H 134 -22.49 -46.68 -34.24
C ILE H 134 -23.32 -47.48 -35.25
N LEU H 135 -24.58 -47.09 -35.49
CA LEU H 135 -25.35 -47.83 -36.48
C LEU H 135 -24.85 -47.57 -37.89
N VAL H 136 -24.47 -46.31 -38.19
CA VAL H 136 -23.98 -46.03 -39.54
C VAL H 136 -22.60 -46.67 -39.73
N SER H 137 -21.82 -46.83 -38.67
CA SER H 137 -20.57 -47.57 -38.77
C SER H 137 -20.82 -49.06 -39.00
N GLU H 138 -21.85 -49.61 -38.33
CA GLU H 138 -22.19 -51.02 -38.51
C GLU H 138 -22.68 -51.29 -39.92
N LEU H 139 -23.61 -50.47 -40.42
CA LEU H 139 -24.22 -50.77 -41.75
C LEU H 139 -23.22 -50.40 -42.85
N ALA H 140 -22.05 -49.88 -42.47
CA ALA H 140 -21.02 -49.55 -43.48
C ALA H 140 -20.59 -50.82 -44.21
N LEU H 141 -20.41 -51.92 -43.47
CA LEU H 141 -20.03 -53.22 -44.09
C LEU H 141 -21.27 -54.09 -44.27
N ALA H 142 -22.26 -53.97 -43.38
CA ALA H 142 -23.45 -54.86 -43.44
C ALA H 142 -24.24 -54.62 -44.74
N GLU H 143 -24.43 -53.35 -45.12
CA GLU H 143 -25.25 -53.03 -46.32
C GLU H 143 -24.34 -52.78 -47.53
N ASN H 144 -23.02 -52.83 -47.34
CA ASN H 144 -22.03 -52.63 -48.45
C ASN H 144 -21.99 -51.16 -48.86
N THR H 145 -22.59 -50.27 -48.07
CA THR H 145 -22.54 -48.81 -48.34
C THR H 145 -21.84 -48.16 -47.14
N ASN H 146 -20.83 -47.32 -47.37
CA ASN H 146 -20.03 -46.80 -46.22
C ASN H 146 -19.86 -45.28 -46.23
N GLU H 147 -19.51 -44.70 -45.07
CA GLU H 147 -19.23 -43.24 -44.97
C GLU H 147 -20.45 -42.40 -45.39
N ASP H 148 -20.24 -41.43 -46.28
CA ASP H 148 -21.32 -40.50 -46.69
C ASP H 148 -22.45 -41.30 -47.36
N LYS H 149 -22.10 -42.32 -48.15
CA LYS H 149 -23.13 -43.13 -48.87
C LYS H 149 -24.02 -43.84 -47.84
N ALA H 150 -23.42 -44.37 -46.77
CA ALA H 150 -24.21 -45.04 -45.71
C ALA H 150 -25.15 -44.03 -45.04
N GLU H 151 -24.64 -42.83 -44.74
CA GLU H 151 -25.47 -41.78 -44.12
C GLU H 151 -26.57 -41.37 -45.10
N ALA H 152 -26.23 -41.25 -46.39
CA ALA H 152 -27.21 -40.81 -47.41
C ALA H 152 -28.36 -41.79 -47.51
N LEU H 153 -28.09 -43.10 -47.44
CA LEU H 153 -29.17 -44.11 -47.64
C LEU H 153 -30.26 -43.92 -46.57
N LEU H 154 -29.86 -43.65 -45.33
CA LEU H 154 -30.84 -43.42 -44.24
C LEU H 154 -31.68 -42.17 -44.54
N ASP H 155 -31.07 -41.12 -45.08
CA ASP H 155 -31.76 -39.82 -45.31
C ASP H 155 -33.12 -39.96 -46.00
N GLU H 156 -33.41 -41.07 -46.69
CA GLU H 156 -34.68 -41.14 -47.41
C GLU H 156 -35.52 -42.35 -47.00
N VAL H 157 -35.07 -43.15 -46.04
CA VAL H 157 -35.80 -44.34 -45.60
C VAL H 157 -36.24 -44.25 -44.15
N LEU H 158 -35.88 -43.18 -43.43
CA LEU H 158 -36.21 -43.05 -42.02
C LEU H 158 -37.62 -42.52 -41.78
N ALA H 159 -38.28 -42.02 -42.82
CA ALA H 159 -39.63 -41.49 -42.68
C ALA H 159 -40.67 -42.48 -43.19
N ALA I 37 -32.44 12.39 -52.00
CA ALA I 37 -33.15 11.50 -52.92
C ALA I 37 -32.23 10.38 -53.41
N GLU I 38 -30.93 10.68 -53.46
CA GLU I 38 -29.96 9.68 -53.90
C GLU I 38 -29.69 8.61 -52.86
N GLU I 39 -30.05 8.85 -51.60
CA GLU I 39 -29.83 7.90 -50.51
C GLU I 39 -31.11 7.20 -50.08
N GLU I 40 -32.13 7.19 -50.94
CA GLU I 40 -33.41 6.57 -50.61
C GLU I 40 -33.39 5.13 -51.12
N GLU I 41 -32.79 4.26 -50.32
CA GLU I 41 -32.72 2.84 -50.65
C GLU I 41 -34.02 2.14 -50.27
N SER I 42 -34.21 0.95 -50.83
CA SER I 42 -35.40 0.16 -50.53
C SER I 42 -35.33 -0.38 -49.11
N GLY I 43 -36.47 -0.37 -48.42
CA GLY I 43 -36.53 -0.84 -47.06
C GLY I 43 -35.97 0.10 -46.02
N ALA I 44 -35.69 1.35 -46.40
CA ALA I 44 -35.09 2.30 -45.47
C ALA I 44 -36.15 2.89 -44.55
N LEU I 45 -35.86 2.93 -43.26
CA LEU I 45 -36.73 3.53 -42.25
C LEU I 45 -36.01 4.75 -41.71
N ARG I 46 -36.50 5.94 -42.06
CA ARG I 46 -35.86 7.19 -41.68
C ARG I 46 -36.55 7.80 -40.47
N PHE I 47 -35.74 8.24 -39.51
CA PHE I 47 -36.22 8.85 -38.28
C PHE I 47 -35.69 10.28 -38.18
N GLY I 48 -36.52 11.17 -37.63
CA GLY I 48 -36.14 12.57 -37.57
C GLY I 48 -36.45 13.22 -36.24
N VAL I 49 -35.43 13.85 -35.63
CA VAL I 49 -35.60 14.55 -34.37
C VAL I 49 -35.29 16.04 -34.49
N LEU I 50 -34.46 16.44 -35.46
CA LEU I 50 -34.07 17.84 -35.60
C LEU I 50 -35.27 18.72 -35.94
N GLY I 51 -36.17 18.23 -36.78
CA GLY I 51 -37.45 18.86 -36.98
C GLY I 51 -38.50 18.24 -36.09
N PRO I 52 -39.80 18.22 -36.45
CA PRO I 52 -40.82 17.54 -35.61
C PRO I 52 -40.68 16.01 -35.60
N VAL I 53 -41.57 15.33 -34.86
CA VAL I 53 -41.48 13.84 -34.75
C VAL I 53 -42.25 13.24 -35.93
N ARG I 54 -41.53 12.51 -36.79
CA ARG I 54 -42.17 11.88 -37.97
C ARG I 54 -41.46 10.56 -38.30
N ALA I 55 -42.11 9.69 -39.07
CA ALA I 55 -41.44 8.45 -39.53
C ALA I 55 -41.65 8.28 -41.04
N TRP I 56 -40.58 7.98 -41.77
CA TRP I 56 -40.70 7.74 -43.24
C TRP I 56 -40.41 6.28 -43.56
N ARG I 57 -41.44 5.53 -43.97
CA ARG I 57 -41.27 4.11 -44.27
C ARG I 57 -41.33 3.98 -45.79
N ASP I 58 -40.17 4.15 -46.44
CA ASP I 58 -40.03 4.07 -47.89
C ASP I 58 -40.94 5.07 -48.61
N GLY I 59 -41.10 6.26 -48.02
CA GLY I 59 -41.83 7.33 -48.65
C GLY I 59 -43.21 7.62 -48.09
N GLU I 60 -43.75 6.74 -47.26
CA GLU I 60 -45.08 6.95 -46.69
C GLU I 60 -44.96 7.18 -45.19
N THR I 61 -45.83 8.06 -44.67
CA THR I 61 -45.73 8.49 -43.29
C THR I 61 -46.30 7.45 -42.34
N LEU I 62 -45.89 7.56 -41.08
CA LEU I 62 -46.40 6.74 -39.99
C LEU I 62 -46.92 7.66 -38.89
N ALA I 63 -48.06 7.30 -38.31
CA ALA I 63 -48.69 8.11 -37.28
C ALA I 63 -47.93 7.93 -35.97
N THR I 64 -47.11 8.92 -35.62
CA THR I 64 -46.34 8.83 -34.39
C THR I 64 -47.19 9.01 -33.15
N GLY I 65 -48.37 9.62 -33.26
CA GLY I 65 -49.35 9.58 -32.19
C GLY I 65 -49.33 10.69 -31.17
N SER I 66 -49.49 10.30 -29.90
CA SER I 66 -49.68 11.25 -28.82
C SER I 66 -48.42 12.09 -28.57
N PRO I 67 -48.58 13.31 -28.06
CA PRO I 67 -47.38 14.11 -27.70
C PRO I 67 -46.47 13.42 -26.70
N GLN I 68 -47.03 12.75 -25.70
CA GLN I 68 -46.19 11.94 -24.82
C GLN I 68 -45.60 10.76 -25.56
N GLN I 69 -46.35 10.18 -26.50
CA GLN I 69 -45.81 9.11 -27.34
C GLN I 69 -44.70 9.63 -28.24
N ARG I 70 -44.86 10.85 -28.78
CA ARG I 70 -43.80 11.47 -29.56
C ARG I 70 -42.56 11.69 -28.71
N ALA I 71 -42.74 12.15 -27.47
CA ALA I 71 -41.62 12.36 -26.57
C ALA I 71 -40.93 11.03 -26.23
N LEU I 72 -41.71 9.97 -26.05
CA LEU I 72 -41.12 8.65 -25.77
C LEU I 72 -40.28 8.18 -26.95
N LEU I 73 -40.82 8.29 -28.17
CA LEU I 73 -40.06 7.84 -29.33
C LEU I 73 -38.81 8.69 -29.54
N ALA I 74 -38.91 10.00 -29.28
CA ALA I 74 -37.72 10.86 -29.35
C ALA I 74 -36.69 10.47 -28.30
N ALA I 75 -37.14 10.18 -27.08
CA ALA I 75 -36.22 9.80 -26.00
C ALA I 75 -35.50 8.49 -26.32
N LEU I 76 -36.20 7.54 -26.93
CA LEU I 76 -35.51 6.37 -27.48
C LEU I 76 -34.59 6.73 -28.64
N LEU I 77 -34.91 7.77 -29.41
CA LEU I 77 -34.10 8.12 -30.57
C LEU I 77 -32.82 8.87 -30.19
N LEU I 78 -32.83 9.62 -29.08
CA LEU I 78 -31.64 10.36 -28.67
C LEU I 78 -30.56 9.47 -28.09
N ARG I 79 -30.90 8.25 -27.66
CA ARG I 79 -29.98 7.39 -26.93
C ARG I 79 -29.25 6.40 -27.84
N GLU I 80 -29.37 6.55 -29.17
CA GLU I 80 -28.78 5.70 -30.21
C GLU I 80 -28.87 4.20 -29.91
N GLY I 81 -29.97 3.78 -29.29
CA GLY I 81 -30.24 2.37 -29.14
C GLY I 81 -29.84 1.73 -27.82
N ARG I 82 -30.05 2.42 -26.69
CA ARG I 82 -29.92 1.77 -25.39
C ARG I 82 -31.16 0.97 -25.05
N THR I 83 -30.95 -0.13 -24.33
CA THR I 83 -31.95 -0.67 -23.43
C THR I 83 -32.04 0.24 -22.21
N ALA I 84 -33.04 1.11 -22.19
CA ALA I 84 -33.23 2.06 -21.10
C ALA I 84 -34.43 1.65 -20.26
N THR I 85 -34.25 1.57 -18.94
CA THR I 85 -35.23 0.96 -18.06
C THR I 85 -36.52 1.79 -18.01
N ALA I 86 -37.55 1.18 -17.43
CA ALA I 86 -38.87 1.80 -17.40
C ALA I 86 -38.89 3.06 -16.55
N GLY I 87 -38.20 3.04 -15.41
CA GLY I 87 -38.18 4.23 -14.56
C GLY I 87 -37.49 5.41 -15.21
N GLU I 88 -36.42 5.14 -15.98
CA GLU I 88 -35.73 6.21 -16.68
C GLU I 88 -36.61 6.84 -17.75
N LEU I 89 -37.35 6.02 -18.51
CA LEU I 89 -38.27 6.55 -19.51
C LEU I 89 -39.42 7.32 -18.85
N ILE I 90 -39.90 6.82 -17.71
CA ILE I 90 -40.95 7.51 -16.97
C ILE I 90 -40.47 8.88 -16.52
N ASP I 91 -39.24 8.96 -16.02
CA ASP I 91 -38.66 10.25 -15.64
C ASP I 91 -38.46 11.14 -16.86
N ALA I 92 -38.07 10.56 -18.00
CA ALA I 92 -37.81 11.33 -19.20
C ALA I 92 -39.09 11.98 -19.73
N LEU I 93 -40.21 11.25 -19.70
CA LEU I 93 -41.46 11.82 -20.18
C LEU I 93 -41.96 12.95 -19.29
N TRP I 94 -41.86 12.77 -17.97
CA TRP I 94 -42.60 13.64 -17.06
C TRP I 94 -41.73 14.36 -16.04
N GLY I 95 -40.75 13.69 -15.45
CA GLY I 95 -39.87 14.36 -14.52
C GLY I 95 -40.07 13.99 -13.06
N GLU I 96 -40.35 14.99 -12.22
CA GLU I 96 -40.40 14.79 -10.78
C GLU I 96 -41.69 14.11 -10.30
N GLU I 97 -42.84 14.40 -10.93
CA GLU I 97 -44.12 13.83 -10.50
C GLU I 97 -44.83 13.10 -11.64
N PRO I 98 -44.42 11.85 -11.95
CA PRO I 98 -45.18 11.06 -12.89
C PRO I 98 -46.31 10.40 -12.06
N PRO I 99 -47.56 10.26 -12.57
CA PRO I 99 -48.62 9.52 -11.86
C PRO I 99 -48.10 8.16 -11.39
N SER I 100 -48.68 7.69 -10.29
CA SER I 100 -48.09 6.56 -9.56
C SER I 100 -48.19 5.26 -10.35
N GLN I 101 -49.36 4.94 -10.88
CA GLN I 101 -49.60 3.66 -11.54
C GLN I 101 -49.46 3.75 -13.06
N ALA I 102 -48.64 4.67 -13.56
CA ALA I 102 -48.50 4.91 -14.98
C ALA I 102 -47.40 4.07 -15.63
N LEU I 103 -46.91 3.03 -14.95
CA LEU I 103 -45.99 2.10 -15.61
C LEU I 103 -46.70 1.35 -16.73
N ALA I 104 -47.95 0.94 -16.50
CA ALA I 104 -48.75 0.32 -17.55
C ALA I 104 -49.08 1.32 -18.65
N ALA I 105 -49.13 2.62 -18.31
CA ALA I 105 -49.30 3.63 -19.34
C ALA I 105 -48.12 3.62 -20.31
N VAL I 106 -46.89 3.60 -19.79
CA VAL I 106 -45.73 3.53 -20.66
C VAL I 106 -45.70 2.18 -21.39
N ARG I 107 -46.23 1.13 -20.76
CA ARG I 107 -46.34 -0.16 -21.42
C ARG I 107 -47.22 -0.06 -22.66
N THR I 108 -48.37 0.61 -22.54
CA THR I 108 -49.26 0.69 -23.70
C THR I 108 -48.76 1.71 -24.72
N TYR I 109 -47.98 2.72 -24.30
CA TYR I 109 -47.27 3.53 -25.29
C TYR I 109 -46.30 2.67 -26.09
N ALA I 110 -45.57 1.78 -25.41
CA ALA I 110 -44.69 0.86 -26.11
C ALA I 110 -45.46 -0.04 -27.06
N SER I 111 -46.65 -0.47 -26.65
CA SER I 111 -47.51 -1.24 -27.55
C SER I 111 -47.89 -0.43 -28.78
N ARG I 112 -48.21 0.85 -28.60
CA ARG I 112 -48.51 1.73 -29.72
C ARG I 112 -47.34 1.81 -30.68
N LEU I 113 -46.12 2.01 -30.15
CA LEU I 113 -44.94 2.05 -31.00
C LEU I 113 -44.72 0.73 -31.73
N ARG I 114 -44.92 -0.39 -31.03
CA ARG I 114 -44.67 -1.69 -31.65
C ARG I 114 -45.67 -1.99 -32.75
N LYS I 115 -46.93 -1.54 -32.61
CA LYS I 115 -47.88 -1.80 -33.68
C LYS I 115 -47.83 -0.75 -34.78
N VAL I 116 -47.26 0.43 -34.52
CA VAL I 116 -47.16 1.39 -35.63
C VAL I 116 -45.80 1.26 -36.33
N LEU I 117 -44.76 0.81 -35.64
CA LEU I 117 -43.49 0.49 -36.26
C LEU I 117 -43.40 -1.01 -36.50
N ASP I 118 -42.22 -1.47 -36.93
CA ASP I 118 -42.00 -2.88 -37.16
C ASP I 118 -41.98 -3.65 -35.82
N PRO I 119 -42.40 -4.90 -35.83
CA PRO I 119 -42.29 -5.71 -34.59
C PRO I 119 -40.86 -5.90 -34.12
N GLY I 120 -39.89 -5.95 -35.03
CA GLY I 120 -38.52 -6.22 -34.67
C GLY I 120 -37.66 -4.99 -34.47
N VAL I 121 -38.17 -3.82 -34.87
CA VAL I 121 -37.38 -2.60 -34.73
C VAL I 121 -37.31 -2.16 -33.27
N LEU I 122 -38.27 -2.58 -32.45
CA LEU I 122 -38.27 -2.30 -31.03
C LEU I 122 -38.22 -3.62 -30.26
N VAL I 123 -37.26 -3.73 -29.34
CA VAL I 123 -37.06 -4.95 -28.58
C VAL I 123 -36.81 -4.57 -27.12
N SER I 124 -37.28 -5.42 -26.21
CA SER I 124 -37.22 -5.14 -24.78
C SER I 124 -36.28 -6.12 -24.08
N GLU I 125 -35.45 -5.59 -23.19
CA GLU I 125 -34.56 -6.40 -22.37
C GLU I 125 -34.69 -5.98 -20.91
N SER I 126 -35.06 -6.93 -20.05
CA SER I 126 -35.10 -6.74 -18.59
C SER I 126 -35.99 -5.57 -18.20
N GLY I 127 -37.07 -5.36 -18.94
CA GLY I 127 -37.96 -4.24 -18.73
C GLY I 127 -37.57 -2.97 -19.44
N GLY I 128 -36.36 -2.88 -20.00
CA GLY I 128 -35.96 -1.71 -20.75
C GLY I 128 -36.38 -1.78 -22.20
N TYR I 129 -36.38 -0.62 -22.85
CA TYR I 129 -36.86 -0.49 -24.22
C TYR I 129 -35.72 -0.01 -25.11
N ALA I 130 -35.68 -0.53 -26.34
CA ALA I 130 -34.54 -0.30 -27.20
C ALA I 130 -34.96 -0.39 -28.66
N VAL I 131 -34.65 0.64 -29.43
CA VAL I 131 -34.87 0.63 -30.87
C VAL I 131 -33.55 0.32 -31.58
N ARG I 132 -33.55 -0.75 -32.36
CA ARG I 132 -32.38 -1.17 -33.13
C ARG I 132 -32.67 -1.13 -34.62
N GLY I 133 -31.78 -1.71 -35.42
CA GLY I 133 -31.97 -1.74 -36.86
C GLY I 133 -31.83 -0.39 -37.54
N LEU I 134 -31.13 0.55 -36.92
CA LEU I 134 -30.97 1.89 -37.46
C LEU I 134 -29.69 1.92 -38.28
N ALA I 135 -29.83 2.00 -39.60
CA ALA I 135 -28.69 2.03 -40.50
C ALA I 135 -28.16 3.46 -40.62
N GLU I 136 -27.15 3.64 -41.46
CA GLU I 136 -26.59 4.97 -41.69
C GLU I 136 -27.57 5.82 -42.47
N GLY I 137 -27.78 7.06 -41.99
CA GLY I 137 -28.73 7.96 -42.59
C GLY I 137 -30.17 7.79 -42.12
N ALA I 138 -30.44 6.79 -41.28
CA ALA I 138 -31.78 6.61 -40.74
C ALA I 138 -32.16 7.75 -39.80
N LEU I 139 -31.22 8.18 -38.97
CA LEU I 139 -31.44 9.28 -38.04
C LEU I 139 -30.80 10.55 -38.57
N ASP I 140 -31.54 11.65 -38.53
CA ASP I 140 -30.99 12.93 -38.96
C ASP I 140 -29.96 13.46 -37.97
N LEU I 141 -30.03 13.04 -36.70
CA LEU I 141 -29.06 13.49 -35.71
C LEU I 141 -27.70 12.85 -35.97
N ALA I 142 -27.67 11.56 -36.28
CA ALA I 142 -26.41 10.89 -36.62
C ALA I 142 -25.80 11.50 -37.88
N ARG I 143 -26.65 11.81 -38.87
CA ARG I 143 -26.18 12.51 -40.05
C ARG I 143 -25.65 13.91 -39.69
N ALA I 144 -26.25 14.54 -38.68
CA ALA I 144 -25.79 15.87 -38.26
C ALA I 144 -24.39 15.80 -37.65
N GLN I 145 -24.15 14.84 -36.75
CA GLN I 145 -22.79 14.67 -36.24
C GLN I 145 -21.82 14.27 -37.34
N ASP I 146 -22.26 13.44 -38.28
CA ASP I 146 -21.38 13.03 -39.38
C ASP I 146 -20.98 14.23 -40.24
N LEU I 147 -21.95 15.09 -40.57
CA LEU I 147 -21.66 16.27 -41.37
C LEU I 147 -20.79 17.26 -40.61
N ALA I 148 -21.03 17.41 -39.30
CA ALA I 148 -20.19 18.31 -38.51
C ALA I 148 -18.75 17.80 -38.45
N SER I 149 -18.57 16.49 -38.26
CA SER I 149 -17.22 15.92 -38.22
C SER I 149 -16.53 16.05 -39.57
N ALA I 150 -17.28 15.84 -40.66
CA ALA I 150 -16.69 16.00 -42.00
C ALA I 150 -16.31 17.45 -42.27
N ALA I 151 -17.13 18.40 -41.83
CA ALA I 151 -16.79 19.81 -41.98
C ALA I 151 -15.56 20.17 -41.17
N GLU I 152 -15.45 19.63 -39.95
CA GLU I 152 -14.26 19.87 -39.14
C GLU I 152 -13.01 19.28 -39.79
N LYS I 153 -13.14 18.08 -40.36
CA LYS I 153 -12.01 17.45 -41.04
C LYS I 153 -11.59 18.25 -42.28
N ALA I 154 -12.57 18.77 -43.03
CA ALA I 154 -12.25 19.59 -44.19
C ALA I 154 -11.62 20.92 -43.78
N ARG I 155 -12.06 21.49 -42.66
CA ARG I 155 -11.42 22.71 -42.14
C ARG I 155 -9.99 22.43 -41.71
N SER I 156 -9.75 21.26 -41.12
CA SER I 156 -8.39 20.87 -40.77
C SER I 156 -7.53 20.67 -42.02
N ALA I 157 -8.12 20.10 -43.07
CA ALA I 157 -7.43 19.91 -44.34
C ALA I 157 -7.35 21.19 -45.17
N GLY I 158 -8.05 22.24 -44.77
CA GLY I 158 -7.99 23.51 -45.47
C GLY I 158 -8.90 23.63 -46.67
N ASP I 159 -9.73 22.63 -46.94
CA ASP I 159 -10.66 22.73 -48.07
C ASP I 159 -11.82 23.64 -47.71
N LEU I 160 -12.40 24.29 -48.72
CA LEU I 160 -13.50 25.22 -48.52
C LEU I 160 -14.78 24.81 -49.25
N CYS I 161 -14.66 24.29 -50.47
CA CYS I 161 -15.86 23.96 -51.25
C CYS I 161 -16.60 22.75 -50.66
N HIS I 162 -15.86 21.69 -50.32
CA HIS I 162 -16.51 20.51 -49.76
C HIS I 162 -17.09 20.80 -48.38
N ALA I 163 -16.37 21.57 -47.56
CA ALA I 163 -16.89 21.95 -46.25
C ALA I 163 -18.14 22.82 -46.37
N ARG I 164 -18.14 23.76 -47.33
CA ARG I 164 -19.32 24.58 -47.57
C ARG I 164 -20.50 23.73 -48.00
N ASP I 165 -20.26 22.74 -48.88
CA ASP I 165 -21.33 21.84 -49.30
C ASP I 165 -21.84 21.00 -48.14
N LEU I 166 -20.93 20.53 -47.27
CA LEU I 166 -21.33 19.73 -46.13
C LEU I 166 -22.21 20.52 -45.17
N LEU I 167 -21.82 21.75 -44.87
CA LEU I 167 -22.66 22.54 -43.96
C LEU I 167 -23.91 23.06 -44.66
N ARG I 168 -23.90 23.17 -45.99
CA ARG I 168 -25.15 23.44 -46.71
C ARG I 168 -26.12 22.28 -46.59
N ARG I 169 -25.63 21.05 -46.66
CA ARG I 169 -26.48 19.90 -46.41
C ARG I 169 -26.93 19.86 -44.95
N ALA I 170 -26.05 20.29 -44.03
CA ALA I 170 -26.38 20.26 -42.61
C ALA I 170 -27.45 21.28 -42.25
N LEU I 171 -27.43 22.46 -42.86
CA LEU I 171 -28.45 23.45 -42.55
C LEU I 171 -29.81 23.09 -43.12
N ASP I 172 -29.89 22.12 -44.01
CA ASP I 172 -31.16 21.61 -44.52
C ASP I 172 -31.73 20.50 -43.65
N LEU I 173 -31.03 20.13 -42.56
CA LEU I 173 -31.49 19.04 -41.72
C LEU I 173 -32.58 19.49 -40.75
N TRP I 174 -32.36 20.61 -40.07
CA TRP I 174 -33.38 21.11 -39.14
C TRP I 174 -34.59 21.64 -39.90
N ASP I 175 -35.77 21.36 -39.37
CA ASP I 175 -37.04 21.79 -39.95
C ASP I 175 -37.85 22.46 -38.84
N GLY I 176 -37.75 23.77 -38.74
CA GLY I 176 -38.45 24.49 -37.69
C GLY I 176 -37.81 24.26 -36.33
N GLU I 177 -38.63 24.47 -35.30
CA GLU I 177 -38.17 24.30 -33.93
C GLU I 177 -37.98 22.82 -33.60
N VAL I 178 -36.86 22.51 -32.93
CA VAL I 178 -36.52 21.13 -32.63
C VAL I 178 -37.42 20.60 -31.53
N LEU I 179 -37.85 19.34 -31.67
CA LEU I 179 -38.72 18.65 -30.73
C LEU I 179 -40.04 19.42 -30.54
N ALA I 180 -40.79 19.50 -31.65
CA ALA I 180 -42.03 20.24 -31.68
C ALA I 180 -43.11 19.57 -30.84
N GLY I 181 -43.53 20.25 -29.77
CA GLY I 181 -44.65 19.81 -28.96
C GLY I 181 -44.45 18.52 -28.19
N VAL I 182 -43.37 18.44 -27.40
CA VAL I 182 -43.15 17.30 -26.53
C VAL I 182 -42.95 17.79 -25.10
N PRO I 183 -43.63 17.20 -24.12
CA PRO I 183 -43.45 17.64 -22.73
C PRO I 183 -42.20 17.07 -22.09
N GLY I 184 -41.99 17.40 -20.81
CA GLY I 184 -40.88 16.86 -20.06
C GLY I 184 -39.69 17.80 -19.99
N PRO I 185 -39.20 18.06 -18.78
CA PRO I 185 -37.98 18.88 -18.63
C PRO I 185 -36.75 18.23 -19.26
N TYR I 186 -36.74 16.88 -19.36
CA TYR I 186 -35.72 16.21 -20.15
C TYR I 186 -35.73 16.71 -21.59
N ALA I 187 -36.91 16.70 -22.22
CA ALA I 187 -37.04 17.19 -23.58
C ALA I 187 -36.61 18.64 -23.70
N GLN I 188 -36.88 19.45 -22.69
CA GLN I 188 -36.37 20.82 -22.66
C GLN I 188 -34.84 20.84 -22.62
N THR I 189 -34.24 19.89 -21.90
CA THR I 189 -32.79 19.83 -21.81
C THR I 189 -32.15 19.53 -23.16
N GLN I 190 -32.62 18.48 -23.86
CA GLN I 190 -32.01 18.27 -25.18
C GLN I 190 -32.48 19.30 -26.20
N ARG I 191 -33.61 19.98 -25.96
CA ARG I 191 -34.01 21.07 -26.83
C ARG I 191 -33.01 22.22 -26.76
N VAL I 192 -32.68 22.66 -25.53
CA VAL I 192 -31.74 23.76 -25.38
C VAL I 192 -30.34 23.32 -25.81
N ARG I 193 -29.99 22.05 -25.59
CA ARG I 193 -28.69 21.55 -26.02
C ARG I 193 -28.56 21.57 -27.54
N LEU I 194 -29.58 21.08 -28.25
CA LEU I 194 -29.55 21.08 -29.71
C LEU I 194 -29.64 22.50 -30.27
N GLY I 195 -30.37 23.39 -29.59
CA GLY I 195 -30.40 24.77 -30.01
C GLY I 195 -29.05 25.45 -29.88
N GLU I 196 -28.35 25.20 -28.78
CA GLU I 196 -27.00 25.74 -28.61
C GLU I 196 -26.04 25.15 -29.64
N TRP I 197 -26.16 23.86 -29.91
CA TRP I 197 -25.32 23.24 -30.94
C TRP I 197 -25.58 23.87 -32.30
N ARG I 198 -26.85 24.14 -32.61
CA ARG I 198 -27.19 24.84 -33.86
C ARG I 198 -26.59 26.24 -33.88
N LEU I 199 -26.57 26.91 -32.72
CA LEU I 199 -25.97 28.25 -32.64
C LEU I 199 -24.48 28.21 -32.97
N GLN I 200 -23.74 27.27 -32.37
CA GLN I 200 -22.31 27.17 -32.73
C GLN I 200 -22.11 26.70 -34.17
N LEU I 201 -23.00 25.85 -34.69
CA LEU I 201 -22.88 25.42 -36.09
C LEU I 201 -23.07 26.60 -37.04
N LEU I 202 -24.07 27.44 -36.78
CA LEU I 202 -24.25 28.62 -37.63
C LEU I 202 -23.14 29.64 -37.42
N GLU I 203 -22.57 29.70 -36.20
CA GLU I 203 -21.41 30.57 -35.99
C GLU I 203 -20.25 30.14 -36.86
N THR I 204 -19.97 28.82 -36.91
CA THR I 204 -18.90 28.32 -37.76
C THR I 204 -19.21 28.54 -39.24
N ARG I 205 -20.47 28.33 -39.64
CA ARG I 205 -20.87 28.55 -41.03
C ARG I 205 -20.66 30.01 -41.44
N LEU I 206 -21.13 30.94 -40.62
CA LEU I 206 -20.94 32.36 -40.88
C LEU I 206 -19.47 32.76 -40.85
N ASP I 207 -18.68 32.16 -39.97
CA ASP I 207 -17.26 32.47 -39.90
C ASP I 207 -16.54 32.03 -41.17
N MET I 208 -16.83 30.83 -41.69
CA MET I 208 -16.15 30.42 -42.90
C MET I 208 -16.69 31.18 -44.11
N ASP I 209 -17.96 31.59 -44.06
CA ASP I 209 -18.49 32.45 -45.12
C ASP I 209 -17.76 33.79 -45.14
N LEU I 210 -17.47 34.35 -43.96
CA LEU I 210 -16.72 35.60 -43.91
C LEU I 210 -15.28 35.41 -44.39
N ASP I 211 -14.63 34.31 -44.01
CA ASP I 211 -13.22 34.17 -44.35
C ASP I 211 -13.04 33.77 -45.82
N GLN I 212 -14.02 33.10 -46.43
CA GLN I 212 -13.89 32.73 -47.83
C GLN I 212 -14.26 33.84 -48.79
N GLY I 213 -14.97 34.87 -48.32
CA GLY I 213 -15.31 35.99 -49.18
C GLY I 213 -16.79 36.16 -49.46
N CYS I 214 -17.64 35.74 -48.53
CA CYS I 214 -19.09 35.90 -48.65
C CYS I 214 -19.57 36.87 -47.58
N HIS I 215 -20.26 37.92 -48.01
CA HIS I 215 -20.66 38.99 -47.09
C HIS I 215 -22.15 39.33 -47.15
N ALA I 216 -22.77 39.27 -48.33
CA ALA I 216 -24.14 39.75 -48.47
C ALA I 216 -25.13 38.83 -47.77
N GLU I 217 -25.16 37.55 -48.16
CA GLU I 217 -25.99 36.58 -47.44
C GLU I 217 -25.52 36.43 -46.00
N ALA I 218 -24.23 36.69 -45.74
CA ALA I 218 -23.72 36.64 -44.37
C ALA I 218 -24.36 37.72 -43.50
N VAL I 219 -24.35 38.97 -43.97
CA VAL I 219 -24.95 40.04 -43.16
C VAL I 219 -26.46 39.87 -43.10
N SER I 220 -27.07 39.33 -44.16
CA SER I 220 -28.51 39.07 -44.12
C SER I 220 -28.85 38.07 -43.01
N GLU I 221 -28.10 36.96 -42.96
CA GLU I 221 -28.34 35.94 -41.94
C GLU I 221 -28.06 36.47 -40.54
N LEU I 222 -26.98 37.25 -40.39
CA LEU I 222 -26.65 37.80 -39.07
C LEU I 222 -27.72 38.77 -38.59
N THR I 223 -28.22 39.64 -39.48
CA THR I 223 -29.30 40.54 -39.11
C THR I 223 -30.57 39.78 -38.75
N ALA I 224 -30.90 38.73 -39.52
CA ALA I 224 -32.09 37.94 -39.22
C ALA I 224 -31.96 37.23 -37.86
N LEU I 225 -30.79 36.70 -37.55
CA LEU I 225 -30.61 35.98 -36.29
C LEU I 225 -30.57 36.93 -35.10
N THR I 226 -29.97 38.11 -35.26
CA THR I 226 -29.99 39.08 -34.17
C THR I 226 -31.38 39.66 -33.98
N ALA I 227 -32.18 39.71 -35.04
CA ALA I 227 -33.60 40.00 -34.90
C ALA I 227 -34.29 38.89 -34.11
N ALA I 228 -33.92 37.63 -34.38
CA ALA I 228 -34.49 36.51 -33.64
C ALA I 228 -33.95 36.44 -32.21
N HIS I 229 -32.64 36.58 -32.03
CA HIS I 229 -32.01 36.46 -30.73
C HIS I 229 -31.17 37.71 -30.46
N PRO I 230 -31.59 38.59 -29.56
CA PRO I 230 -30.92 39.88 -29.42
C PRO I 230 -29.79 39.92 -28.40
N LEU I 231 -29.64 38.87 -27.60
CA LEU I 231 -28.70 38.89 -26.48
C LEU I 231 -27.53 37.93 -26.65
N ARG I 232 -27.12 37.65 -27.88
CA ARG I 232 -25.93 36.85 -28.15
C ARG I 232 -24.78 37.78 -28.51
N GLU I 233 -23.70 37.74 -27.75
CA GLU I 233 -22.56 38.59 -28.01
C GLU I 233 -21.78 38.11 -29.24
N ARG I 234 -21.64 36.80 -29.39
CA ARG I 234 -20.81 36.24 -30.47
C ARG I 234 -21.38 36.60 -31.85
N LEU I 235 -22.72 36.53 -31.99
CA LEU I 235 -23.32 36.87 -33.27
C LEU I 235 -23.21 38.35 -33.59
N ARG I 236 -23.19 39.21 -32.57
CA ARG I 236 -22.99 40.63 -32.82
C ARG I 236 -21.53 40.94 -33.12
N GLU I 237 -20.59 40.18 -32.54
CA GLU I 237 -19.20 40.27 -32.97
C GLU I 237 -19.06 39.84 -34.44
N LEU I 238 -19.81 38.80 -34.83
CA LEU I 238 -19.84 38.40 -36.23
C LEU I 238 -20.46 39.49 -37.11
N LEU I 239 -21.49 40.18 -36.61
CA LEU I 239 -22.03 41.34 -37.29
C LEU I 239 -20.96 42.40 -37.53
N MET I 240 -20.18 42.72 -36.49
CA MET I 240 -19.12 43.71 -36.61
C MET I 240 -18.08 43.27 -37.64
N LEU I 241 -17.70 41.99 -37.59
CA LEU I 241 -16.71 41.47 -38.54
C LEU I 241 -17.23 41.52 -39.97
N ALA I 242 -18.51 41.17 -40.17
CA ALA I 242 -19.07 41.10 -41.52
C ALA I 242 -19.28 42.50 -42.09
N LEU I 243 -19.85 43.41 -41.30
CA LEU I 243 -20.10 44.76 -41.78
C LEU I 243 -18.80 45.56 -41.90
N TYR I 244 -17.76 45.15 -41.16
CA TYR I 244 -16.50 45.90 -41.16
C TYR I 244 -15.81 45.87 -42.51
N ARG I 245 -16.01 44.80 -43.31
CA ARG I 245 -15.40 44.70 -44.62
C ARG I 245 -16.40 44.73 -45.76
N SER I 246 -17.70 44.76 -45.47
CA SER I 246 -18.71 44.84 -46.51
C SER I 246 -19.14 46.27 -46.82
N GLY I 247 -18.56 47.26 -46.16
CA GLY I 247 -18.91 48.64 -46.41
C GLY I 247 -20.08 49.13 -45.58
N ARG I 248 -19.98 48.99 -44.26
CA ARG I 248 -21.05 49.43 -43.36
C ARG I 248 -20.45 49.64 -41.97
N GLN I 249 -20.46 50.88 -41.50
CA GLN I 249 -19.86 51.23 -40.22
C GLN I 249 -20.82 51.89 -39.25
N ALA I 250 -21.70 52.77 -39.72
CA ALA I 250 -22.55 53.55 -38.82
C ALA I 250 -23.56 52.66 -38.10
N GLU I 251 -24.29 51.83 -38.84
CA GLU I 251 -25.29 51.00 -38.21
C GLU I 251 -24.66 49.86 -37.40
N ALA I 252 -23.43 49.47 -37.73
CA ALA I 252 -22.74 48.46 -36.92
C ALA I 252 -22.49 48.98 -35.51
N LEU I 253 -21.95 50.19 -35.39
CA LEU I 253 -21.75 50.77 -34.07
C LEU I 253 -23.06 51.22 -33.44
N ALA I 254 -24.09 51.51 -34.23
CA ALA I 254 -25.41 51.76 -33.65
C ALA I 254 -25.96 50.50 -32.98
N VAL I 255 -25.84 49.35 -33.65
CA VAL I 255 -26.24 48.08 -33.08
C VAL I 255 -25.38 47.74 -31.86
N TYR I 256 -24.08 48.09 -31.91
CA TYR I 256 -23.23 47.90 -30.73
C TYR I 256 -23.69 48.75 -29.56
N ALA I 257 -24.06 50.00 -29.81
CA ALA I 257 -24.57 50.87 -28.74
C ALA I 257 -25.87 50.34 -28.17
N ASP I 258 -26.75 49.82 -29.04
CA ASP I 258 -27.98 49.19 -28.55
C ASP I 258 -27.66 47.97 -27.70
N THR I 259 -26.66 47.18 -28.10
CA THR I 259 -26.23 46.03 -27.31
C THR I 259 -25.71 46.46 -25.95
N ARG I 260 -24.92 47.54 -25.91
CA ARG I 260 -24.41 48.04 -24.64
C ARG I 260 -25.55 48.52 -23.74
N ARG I 261 -26.53 49.22 -24.31
CA ARG I 261 -27.64 49.71 -23.52
C ARG I 261 -28.48 48.56 -22.95
N LEU I 262 -28.79 47.56 -23.78
CA LEU I 262 -29.58 46.42 -23.30
C LEU I 262 -28.80 45.58 -22.29
N LEU I 263 -27.48 45.44 -22.49
CA LEU I 263 -26.69 44.65 -21.56
C LEU I 263 -26.48 45.38 -20.24
N ALA I 264 -26.48 46.72 -20.26
CA ALA I 264 -26.43 47.47 -19.01
C ALA I 264 -27.77 47.48 -18.30
N ASP I 265 -28.87 47.47 -19.06
CA ASP I 265 -30.19 47.49 -18.45
C ASP I 265 -30.55 46.13 -17.86
N GLU I 266 -30.21 45.04 -18.55
CA GLU I 266 -30.61 43.71 -18.11
C GLU I 266 -29.57 43.00 -17.28
N LEU I 267 -28.29 43.32 -17.44
CA LEU I 267 -27.23 42.63 -16.71
C LEU I 267 -26.45 43.60 -15.83
N GLY I 268 -26.23 44.82 -16.33
CA GLY I 268 -25.46 45.80 -15.60
C GLY I 268 -23.99 45.45 -15.45
N VAL I 269 -23.39 44.82 -16.47
CA VAL I 269 -21.99 44.43 -16.43
C VAL I 269 -21.29 44.94 -17.69
N ASP I 270 -20.02 44.58 -17.85
CA ASP I 270 -19.27 44.95 -19.05
C ASP I 270 -19.12 43.74 -19.97
N PRO I 271 -19.25 43.95 -21.30
CA PRO I 271 -19.13 42.81 -22.23
C PRO I 271 -17.74 42.20 -22.28
N ARG I 272 -17.59 41.15 -23.09
CA ARG I 272 -16.34 40.40 -23.13
C ARG I 272 -15.21 41.26 -23.70
N PRO I 273 -13.98 41.11 -23.18
CA PRO I 273 -12.87 41.94 -23.66
C PRO I 273 -12.53 41.74 -25.13
N GLY I 274 -12.80 40.55 -25.69
CA GLY I 274 -12.59 40.33 -27.10
C GLY I 274 -13.45 41.23 -27.97
N LEU I 275 -14.69 41.50 -27.54
CA LEU I 275 -15.54 42.44 -28.25
C LEU I 275 -14.90 43.81 -28.32
N GLN I 276 -14.68 44.41 -27.14
CA GLN I 276 -14.09 45.77 -27.09
C GLN I 276 -12.82 45.78 -27.94
N GLU I 277 -12.02 44.71 -27.87
CA GLU I 277 -10.77 44.61 -28.68
C GLU I 277 -11.11 44.66 -30.16
N LEU I 278 -12.12 43.89 -30.59
CA LEU I 278 -12.51 43.85 -32.03
C LEU I 278 -12.97 45.24 -32.47
N GLN I 279 -13.76 45.93 -31.64
CA GLN I 279 -14.24 47.29 -31.98
C GLN I 279 -13.03 48.23 -32.01
N GLN I 280 -12.04 47.97 -31.15
CA GLN I 280 -10.84 48.84 -31.06
C GLN I 280 -10.03 48.75 -32.37
N ARG I 281 -9.58 47.55 -32.74
CA ARG I 281 -8.79 47.40 -33.99
C ARG I 281 -9.63 47.92 -35.17
N ILE I 282 -10.96 47.76 -35.12
CA ILE I 282 -11.79 48.32 -36.17
C ILE I 282 -11.56 49.82 -36.29
N LEU I 283 -11.44 50.50 -35.14
CA LEU I 283 -11.41 51.96 -35.11
C LEU I 283 -10.19 52.53 -35.82
N GLN I 284 -9.02 51.92 -35.65
CA GLN I 284 -7.85 52.39 -36.39
C GLN I 284 -7.80 51.90 -37.83
N ALA I 285 -8.76 51.05 -38.24
CA ALA I 285 -8.96 50.64 -39.62
C ALA I 285 -7.72 49.95 -40.20
N ASP I 286 -7.42 48.78 -39.65
CA ASP I 286 -6.31 47.98 -40.15
C ASP I 286 -6.73 47.21 -41.40
N PRO I 287 -6.02 47.33 -42.51
CA PRO I 287 -6.37 46.57 -43.71
C PRO I 287 -5.70 45.20 -43.75
N ALA I 288 -5.17 44.75 -42.61
CA ALA I 288 -4.41 43.50 -42.56
C ALA I 288 -5.30 42.29 -42.84
N LEU I 289 -6.52 42.29 -42.31
CA LEU I 289 -7.40 41.14 -42.43
C LEU I 289 -8.22 41.13 -43.71
N ALA I 290 -7.89 41.98 -44.69
CA ALA I 290 -8.59 42.01 -45.96
C ALA I 290 -8.37 40.72 -46.76
N ALA J 37 -45.12 34.17 -67.62
CA ALA J 37 -46.33 33.67 -68.25
C ALA J 37 -46.13 32.25 -68.78
N GLU J 38 -44.88 31.91 -69.08
CA GLU J 38 -44.57 30.57 -69.59
C GLU J 38 -44.63 29.50 -68.50
N GLU J 39 -44.50 29.90 -67.23
CA GLU J 39 -44.55 28.97 -66.12
C GLU J 39 -45.91 28.97 -65.41
N GLU J 40 -46.92 29.59 -66.00
CA GLU J 40 -48.25 29.66 -65.40
C GLU J 40 -48.94 28.30 -65.57
N GLU J 41 -48.59 27.37 -64.68
CA GLU J 41 -49.16 26.04 -64.72
C GLU J 41 -50.58 26.04 -64.17
N SER J 42 -51.44 25.26 -64.80
CA SER J 42 -52.82 25.15 -64.35
C SER J 42 -52.90 24.37 -63.04
N GLY J 43 -53.68 24.88 -62.09
CA GLY J 43 -53.84 24.27 -60.80
C GLY J 43 -52.73 24.56 -59.80
N ALA J 44 -51.74 25.37 -60.18
CA ALA J 44 -50.64 25.70 -59.28
C ALA J 44 -51.04 26.86 -58.38
N LEU J 45 -50.75 26.72 -57.08
CA LEU J 45 -51.05 27.75 -56.10
C LEU J 45 -49.77 28.54 -55.84
N ARG J 46 -49.81 29.84 -56.10
CA ARG J 46 -48.65 30.71 -55.96
C ARG J 46 -48.89 31.75 -54.87
N PHE J 47 -47.81 32.15 -54.21
CA PHE J 47 -47.86 33.13 -53.15
C PHE J 47 -46.77 34.17 -53.36
N GLY J 48 -47.00 35.37 -52.84
CA GLY J 48 -46.03 36.44 -52.97
C GLY J 48 -45.77 37.17 -51.67
N VAL J 49 -44.50 37.26 -51.28
CA VAL J 49 -44.12 37.94 -50.05
C VAL J 49 -43.16 39.10 -50.29
N LEU J 50 -42.64 39.27 -51.50
CA LEU J 50 -41.74 40.39 -51.78
C LEU J 50 -42.46 41.73 -51.75
N GLY J 51 -43.76 41.74 -51.98
CA GLY J 51 -44.56 42.94 -51.82
C GLY J 51 -45.66 42.73 -50.80
N PRO J 52 -46.85 43.24 -51.09
CA PRO J 52 -48.01 42.89 -50.26
C PRO J 52 -48.30 41.40 -50.36
N VAL J 53 -48.71 40.80 -49.25
CA VAL J 53 -48.94 39.37 -49.20
C VAL J 53 -50.32 39.06 -49.78
N ARG J 54 -50.35 38.21 -50.80
CA ARG J 54 -51.57 37.82 -51.47
C ARG J 54 -51.49 36.36 -51.87
N ALA J 55 -52.65 35.75 -52.10
CA ALA J 55 -52.74 34.38 -52.56
C ALA J 55 -53.29 34.36 -53.98
N TRP J 56 -52.54 33.74 -54.89
CA TRP J 56 -52.93 33.65 -56.29
C TRP J 56 -53.24 32.21 -56.63
N ARG J 57 -54.35 31.99 -57.33
CA ARG J 57 -54.77 30.67 -57.78
C ARG J 57 -55.11 30.75 -59.26
N ASP J 58 -54.26 30.14 -60.09
CA ASP J 58 -54.41 30.17 -61.56
C ASP J 58 -54.48 31.59 -62.10
N GLY J 59 -53.65 32.48 -61.55
CA GLY J 59 -53.65 33.86 -61.95
C GLY J 59 -54.73 34.71 -61.34
N GLU J 60 -55.55 34.15 -60.46
CA GLU J 60 -56.66 34.88 -59.83
C GLU J 60 -56.36 35.04 -58.35
N THR J 61 -56.46 36.27 -57.85
CA THR J 61 -56.18 36.54 -56.45
C THR J 61 -57.27 35.97 -55.55
N LEU J 62 -56.90 35.69 -54.31
CA LEU J 62 -57.81 35.13 -53.31
C LEU J 62 -58.05 36.13 -52.20
N ALA J 63 -59.22 36.01 -51.57
CA ALA J 63 -59.63 36.94 -50.53
C ALA J 63 -58.85 36.69 -49.24
N THR J 64 -57.70 37.37 -49.09
CA THR J 64 -56.88 37.20 -47.90
C THR J 64 -57.62 37.68 -46.65
N GLY J 65 -58.29 38.80 -46.74
CA GLY J 65 -59.14 39.28 -45.66
C GLY J 65 -58.39 40.23 -44.72
N SER J 66 -58.38 39.89 -43.43
CA SER J 66 -57.80 40.77 -42.43
C SER J 66 -56.28 40.85 -42.58
N PRO J 67 -55.68 42.01 -42.31
CA PRO J 67 -54.21 42.11 -42.34
C PRO J 67 -53.51 41.27 -41.30
N GLN J 68 -54.18 40.94 -40.18
CA GLN J 68 -53.55 40.16 -39.13
C GLN J 68 -53.39 38.70 -39.54
N GLN J 69 -54.42 38.10 -40.14
CA GLN J 69 -54.26 36.77 -40.67
C GLN J 69 -53.33 36.76 -41.89
N ARG J 70 -53.24 37.90 -42.59
CA ARG J 70 -52.21 38.07 -43.60
C ARG J 70 -50.82 38.00 -42.98
N ALA J 71 -50.64 38.62 -41.81
CA ALA J 71 -49.37 38.54 -41.10
C ALA J 71 -49.07 37.11 -40.69
N LEU J 72 -50.07 36.38 -40.21
CA LEU J 72 -49.86 34.97 -39.87
C LEU J 72 -49.47 34.15 -41.09
N LEU J 73 -50.16 34.36 -42.22
CA LEU J 73 -49.85 33.63 -43.44
C LEU J 73 -48.45 33.95 -43.94
N ALA J 74 -48.04 35.22 -43.85
CA ALA J 74 -46.68 35.60 -44.22
C ALA J 74 -45.67 34.97 -43.27
N ALA J 75 -46.00 34.84 -41.99
CA ALA J 75 -45.12 34.17 -41.05
C ALA J 75 -44.90 32.71 -41.43
N LEU J 76 -45.97 32.02 -41.85
CA LEU J 76 -45.79 30.67 -42.37
C LEU J 76 -45.16 30.65 -43.76
N LEU J 77 -45.40 31.67 -44.57
CA LEU J 77 -44.88 31.68 -45.94
C LEU J 77 -43.40 31.99 -46.00
N LEU J 78 -42.89 32.83 -45.09
CA LEU J 78 -41.50 33.26 -45.15
C LEU J 78 -40.50 32.17 -44.80
N ARG J 79 -40.96 31.02 -44.30
CA ARG J 79 -40.06 29.94 -43.91
C ARG J 79 -39.68 29.04 -45.08
N GLU J 80 -40.19 29.30 -46.28
CA GLU J 80 -39.92 28.50 -47.48
C GLU J 80 -40.30 27.04 -47.27
N GLY J 81 -41.44 26.80 -46.62
CA GLY J 81 -41.92 25.47 -46.36
C GLY J 81 -41.56 24.90 -45.00
N ARG J 82 -40.70 25.57 -44.23
CA ARG J 82 -40.36 25.09 -42.91
C ARG J 82 -41.53 25.29 -41.95
N THR J 83 -41.72 24.31 -41.07
CA THR J 83 -42.86 24.31 -40.16
C THR J 83 -42.53 25.14 -38.92
N ALA J 84 -43.53 25.31 -38.05
CA ALA J 84 -43.36 26.03 -36.80
C ALA J 84 -44.49 25.61 -35.87
N THR J 85 -44.33 25.93 -34.59
CA THR J 85 -45.36 25.72 -33.60
C THR J 85 -46.17 27.00 -33.42
N ALA J 86 -47.31 26.87 -32.76
CA ALA J 86 -48.16 28.03 -32.51
C ALA J 86 -47.51 28.99 -31.53
N GLY J 87 -46.83 28.47 -30.50
CA GLY J 87 -46.28 29.32 -29.47
C GLY J 87 -45.19 30.25 -29.98
N GLU J 88 -44.25 29.70 -30.76
CA GLU J 88 -43.19 30.53 -31.33
C GLU J 88 -43.75 31.54 -32.33
N LEU J 89 -44.77 31.13 -33.10
CA LEU J 89 -45.39 32.05 -34.05
C LEU J 89 -46.03 33.23 -33.33
N ILE J 90 -46.75 32.96 -32.24
CA ILE J 90 -47.38 34.04 -31.47
C ILE J 90 -46.33 34.93 -30.83
N ASP J 91 -45.26 34.34 -30.28
CA ASP J 91 -44.20 35.14 -29.67
C ASP J 91 -43.50 36.03 -30.69
N ALA J 92 -43.25 35.51 -31.90
CA ALA J 92 -42.56 36.31 -32.91
C ALA J 92 -43.46 37.39 -33.49
N LEU J 93 -44.73 37.06 -33.74
CA LEU J 93 -45.63 37.97 -34.43
C LEU J 93 -46.24 39.02 -33.51
N TRP J 94 -46.70 38.62 -32.32
CA TRP J 94 -47.56 39.48 -31.51
C TRP J 94 -46.79 40.20 -30.40
N GLY J 95 -45.46 40.13 -30.41
CA GLY J 95 -44.66 40.89 -29.48
C GLY J 95 -44.75 40.37 -28.05
N GLU J 96 -44.41 41.25 -27.11
CA GLU J 96 -44.35 40.89 -25.69
C GLU J 96 -45.74 40.79 -25.06
N GLU J 97 -46.75 41.43 -25.63
CA GLU J 97 -48.07 41.57 -25.02
C GLU J 97 -49.15 41.00 -25.93
N PRO J 98 -49.37 39.68 -25.90
CA PRO J 98 -50.59 39.13 -26.51
C PRO J 98 -51.75 39.25 -25.56
N PRO J 99 -52.98 39.34 -26.08
CA PRO J 99 -54.16 39.34 -25.20
C PRO J 99 -54.42 38.00 -24.53
N SER J 100 -55.52 37.93 -23.78
CA SER J 100 -55.81 36.77 -22.94
C SER J 100 -56.30 35.55 -23.71
N GLN J 101 -56.65 35.69 -24.97
CA GLN J 101 -57.23 34.61 -25.76
C GLN J 101 -56.57 34.54 -27.13
N ALA J 102 -55.22 34.56 -27.13
CA ALA J 102 -54.48 34.55 -28.38
C ALA J 102 -54.62 33.21 -29.10
N LEU J 103 -54.75 32.12 -28.35
CA LEU J 103 -54.84 30.79 -28.96
C LEU J 103 -56.09 30.65 -29.82
N ALA J 104 -57.23 31.14 -29.32
CA ALA J 104 -58.45 31.09 -30.10
C ALA J 104 -58.36 32.00 -31.32
N ALA J 105 -57.68 33.14 -31.17
CA ALA J 105 -57.52 34.06 -32.30
C ALA J 105 -56.69 33.45 -33.41
N VAL J 106 -55.55 32.83 -33.06
CA VAL J 106 -54.73 32.22 -34.10
C VAL J 106 -55.43 30.98 -34.67
N ARG J 107 -56.22 30.26 -33.85
CA ARG J 107 -56.96 29.12 -34.36
C ARG J 107 -58.02 29.54 -35.36
N THR J 108 -58.76 30.62 -35.08
CA THR J 108 -59.79 31.04 -36.04
C THR J 108 -59.18 31.71 -37.26
N TYR J 109 -58.01 32.36 -37.11
CA TYR J 109 -57.30 32.87 -38.28
C TYR J 109 -56.87 31.73 -39.20
N ALA J 110 -56.29 30.67 -38.61
CA ALA J 110 -55.90 29.51 -39.40
C ALA J 110 -57.11 28.82 -40.00
N SER J 111 -58.24 28.80 -39.30
CA SER J 111 -59.45 28.23 -39.85
C SER J 111 -59.95 29.02 -41.06
N ARG J 112 -59.92 30.36 -40.97
CA ARG J 112 -60.31 31.19 -42.11
C ARG J 112 -59.36 30.98 -43.28
N LEU J 113 -58.06 30.83 -43.01
CA LEU J 113 -57.12 30.47 -44.06
C LEU J 113 -57.45 29.10 -44.66
N ARG J 114 -57.93 28.18 -43.83
CA ARG J 114 -58.32 26.86 -44.33
C ARG J 114 -59.53 26.94 -45.25
N LYS J 115 -60.50 27.81 -44.95
CA LYS J 115 -61.58 28.02 -45.92
C LYS J 115 -61.07 28.67 -47.20
N VAL J 116 -60.30 29.75 -47.09
CA VAL J 116 -59.95 30.50 -48.30
C VAL J 116 -58.92 29.74 -49.14
N LEU J 117 -58.00 29.00 -48.50
CA LEU J 117 -57.00 28.26 -49.23
C LEU J 117 -57.40 26.79 -49.33
N ASP J 118 -56.54 25.99 -49.94
CA ASP J 118 -56.79 24.56 -50.05
C ASP J 118 -56.64 23.90 -48.69
N PRO J 119 -57.48 22.90 -48.37
CA PRO J 119 -57.33 22.20 -47.08
C PRO J 119 -55.98 21.51 -46.92
N GLY J 120 -55.40 21.00 -48.02
CA GLY J 120 -54.14 20.29 -47.93
C GLY J 120 -52.93 21.17 -47.72
N VAL J 121 -53.04 22.46 -48.02
CA VAL J 121 -51.90 23.36 -47.84
C VAL J 121 -51.60 23.56 -46.37
N LEU J 122 -52.64 23.83 -45.57
CA LEU J 122 -52.48 24.04 -44.13
C LEU J 122 -52.72 22.73 -43.41
N VAL J 123 -51.75 22.31 -42.61
CA VAL J 123 -51.79 21.02 -41.92
C VAL J 123 -51.50 21.25 -40.44
N SER J 124 -52.03 20.36 -39.61
CA SER J 124 -51.79 20.38 -38.17
C SER J 124 -50.72 19.36 -37.83
N GLU J 125 -49.72 19.78 -37.06
CA GLU J 125 -48.61 18.91 -36.70
C GLU J 125 -48.13 19.25 -35.30
N SER J 126 -48.39 18.35 -34.35
CA SER J 126 -47.96 18.49 -32.95
C SER J 126 -48.47 19.78 -32.33
N GLY J 127 -49.71 20.15 -32.66
CA GLY J 127 -50.29 21.38 -32.18
C GLY J 127 -49.86 22.62 -32.94
N GLY J 128 -49.02 22.48 -33.97
CA GLY J 128 -48.56 23.59 -34.77
C GLY J 128 -49.09 23.50 -36.19
N TYR J 129 -48.94 24.60 -36.92
CA TYR J 129 -49.46 24.73 -38.27
C TYR J 129 -48.34 25.09 -39.24
N ALA J 130 -48.49 24.64 -40.48
CA ALA J 130 -47.46 24.84 -41.49
C ALA J 130 -48.11 24.88 -42.86
N VAL J 131 -47.38 25.42 -43.82
CA VAL J 131 -47.82 25.52 -45.21
C VAL J 131 -47.08 24.44 -46.00
N ARG J 132 -47.83 23.54 -46.62
CA ARG J 132 -47.29 22.47 -47.43
C ARG J 132 -47.87 22.54 -48.84
N GLY J 133 -47.43 21.63 -49.69
CA GLY J 133 -47.90 21.62 -51.07
C GLY J 133 -47.37 22.74 -51.93
N LEU J 134 -46.25 23.35 -51.54
CA LEU J 134 -45.67 24.45 -52.31
C LEU J 134 -44.83 23.88 -53.44
N ALA J 135 -45.23 24.17 -54.68
CA ALA J 135 -44.52 23.68 -55.84
C ALA J 135 -43.23 24.48 -56.06
N GLU J 136 -42.36 23.95 -56.91
CA GLU J 136 -41.10 24.60 -57.23
C GLU J 136 -41.35 25.79 -58.13
N GLY J 137 -40.88 26.97 -57.72
CA GLY J 137 -41.06 28.19 -58.47
C GLY J 137 -42.35 28.93 -58.19
N ALA J 138 -43.25 28.35 -57.38
CA ALA J 138 -44.49 29.03 -57.06
C ALA J 138 -44.26 30.19 -56.09
N LEU J 139 -43.45 29.96 -55.06
CA LEU J 139 -43.13 31.01 -54.10
C LEU J 139 -42.11 31.97 -54.70
N ASP J 140 -42.34 33.27 -54.52
CA ASP J 140 -41.42 34.27 -55.06
C ASP J 140 -40.08 34.27 -54.33
N LEU J 141 -40.09 33.95 -53.02
CA LEU J 141 -38.86 33.94 -52.25
C LEU J 141 -37.94 32.81 -52.68
N ALA J 142 -38.48 31.59 -52.78
CA ALA J 142 -37.66 30.45 -53.20
C ALA J 142 -37.17 30.63 -54.64
N ARG J 143 -38.02 31.17 -55.52
CA ARG J 143 -37.59 31.47 -56.87
C ARG J 143 -36.48 32.52 -56.88
N ALA J 144 -36.58 33.52 -55.99
CA ALA J 144 -35.56 34.56 -55.91
C ALA J 144 -34.22 33.98 -55.46
N GLN J 145 -34.24 33.12 -54.43
CA GLN J 145 -33.00 32.46 -54.02
C GLN J 145 -32.44 31.55 -55.09
N ASP J 146 -33.29 30.80 -55.80
CA ASP J 146 -32.81 29.93 -56.86
C ASP J 146 -32.19 30.73 -58.01
N LEU J 147 -32.81 31.84 -58.39
CA LEU J 147 -32.26 32.67 -59.46
C LEU J 147 -31.00 33.38 -59.02
N ALA J 148 -30.90 33.77 -57.74
CA ALA J 148 -29.66 34.34 -57.24
C ALA J 148 -28.53 33.33 -57.27
N SER J 149 -28.81 32.08 -56.87
CA SER J 149 -27.80 31.04 -56.94
C SER J 149 -27.39 30.74 -58.38
N ALA J 150 -28.35 30.73 -59.30
CA ALA J 150 -28.04 30.52 -60.70
C ALA J 150 -27.20 31.66 -61.27
N ALA J 151 -27.51 32.90 -60.87
CA ALA J 151 -26.72 34.04 -61.30
C ALA J 151 -25.30 33.98 -60.74
N GLU J 152 -25.15 33.55 -59.49
CA GLU J 152 -23.82 33.39 -58.91
C GLU J 152 -23.03 32.31 -59.65
N LYS J 153 -23.69 31.20 -60.00
CA LYS J 153 -23.03 30.15 -60.76
C LYS J 153 -22.63 30.62 -62.15
N ALA J 154 -23.49 31.39 -62.80
CA ALA J 154 -23.17 31.93 -64.13
C ALA J 154 -22.02 32.92 -64.06
N ARG J 155 -21.99 33.75 -63.01
CA ARG J 155 -20.88 34.68 -62.82
C ARG J 155 -19.57 33.94 -62.56
N SER J 156 -19.63 32.85 -61.80
CA SER J 156 -18.45 32.01 -61.60
C SER J 156 -18.03 31.33 -62.90
N ALA J 157 -18.99 31.02 -63.78
CA ALA J 157 -18.70 30.42 -65.07
C ALA J 157 -18.43 31.46 -66.16
N GLY J 158 -18.54 32.75 -65.84
CA GLY J 158 -18.27 33.81 -66.80
C GLY J 158 -19.45 34.25 -67.63
N ASP J 159 -20.62 33.64 -67.45
CA ASP J 159 -21.82 34.02 -68.20
C ASP J 159 -22.47 35.21 -67.50
N LEU J 160 -22.03 36.42 -67.85
CA LEU J 160 -22.55 37.61 -67.21
C LEU J 160 -23.95 37.96 -67.70
N CYS J 161 -24.22 37.76 -68.99
CA CYS J 161 -25.53 38.10 -69.55
C CYS J 161 -26.63 37.22 -68.97
N HIS J 162 -26.36 35.91 -68.84
CA HIS J 162 -27.36 35.02 -68.25
C HIS J 162 -27.61 35.36 -66.79
N ALA J 163 -26.54 35.68 -66.05
CA ALA J 163 -26.69 36.03 -64.64
C ALA J 163 -27.50 37.31 -64.47
N ARG J 164 -27.20 38.34 -65.26
CA ARG J 164 -27.94 39.60 -65.12
C ARG J 164 -29.38 39.43 -65.58
N ASP J 165 -29.63 38.60 -66.60
CA ASP J 165 -31.00 38.34 -67.01
C ASP J 165 -31.78 37.61 -65.91
N LEU J 166 -31.16 36.61 -65.29
CA LEU J 166 -31.84 35.84 -64.25
C LEU J 166 -32.14 36.70 -63.03
N LEU J 167 -31.16 37.49 -62.58
CA LEU J 167 -31.42 38.32 -61.41
C LEU J 167 -32.14 39.62 -61.74
N ARG J 168 -32.37 39.92 -63.02
CA ARG J 168 -33.29 41.00 -63.38
C ARG J 168 -34.73 40.48 -63.42
N ARG J 169 -34.92 39.24 -63.87
CA ARG J 169 -36.23 38.61 -63.74
C ARG J 169 -36.59 38.39 -62.29
N ALA J 170 -35.61 38.03 -61.46
CA ALA J 170 -35.87 37.88 -60.02
C ALA J 170 -36.17 39.21 -59.37
N LEU J 171 -35.49 40.28 -59.81
CA LEU J 171 -35.77 41.61 -59.27
C LEU J 171 -37.12 42.16 -59.72
N ASP J 172 -37.72 41.56 -60.75
CA ASP J 172 -39.06 41.95 -61.17
C ASP J 172 -40.15 41.33 -60.32
N LEU J 173 -39.80 40.42 -59.41
CA LEU J 173 -40.76 39.77 -58.54
C LEU J 173 -41.12 40.60 -57.31
N TRP J 174 -40.48 41.76 -57.12
CA TRP J 174 -40.76 42.61 -55.97
C TRP J 174 -41.93 43.54 -56.29
N ASP J 175 -42.98 43.47 -55.47
CA ASP J 175 -44.14 44.33 -55.63
C ASP J 175 -44.05 45.53 -54.69
N GLY J 176 -43.03 46.35 -54.92
CA GLY J 176 -42.85 47.54 -54.10
C GLY J 176 -42.35 47.19 -52.71
N GLU J 177 -42.95 47.82 -51.70
CA GLU J 177 -42.53 47.61 -50.32
C GLU J 177 -42.88 46.19 -49.85
N VAL J 178 -41.95 45.58 -49.12
CA VAL J 178 -42.17 44.24 -48.59
C VAL J 178 -43.16 44.31 -47.45
N LEU J 179 -44.10 43.35 -47.42
CA LEU J 179 -45.05 43.16 -46.33
C LEU J 179 -45.89 44.42 -46.08
N ALA J 180 -46.67 44.80 -47.09
CA ALA J 180 -47.51 45.97 -46.98
C ALA J 180 -48.71 45.68 -46.08
N GLY J 181 -48.94 46.55 -45.11
CA GLY J 181 -50.04 46.38 -44.17
C GLY J 181 -49.92 45.15 -43.30
N VAL J 182 -48.70 44.80 -42.91
CA VAL J 182 -48.42 43.64 -42.09
C VAL J 182 -47.89 44.11 -40.74
N PRO J 183 -48.62 43.93 -39.65
CA PRO J 183 -48.16 44.42 -38.34
C PRO J 183 -47.26 43.40 -37.65
N GLY J 184 -46.71 43.83 -36.51
CA GLY J 184 -45.88 42.99 -35.69
C GLY J 184 -44.40 43.27 -35.85
N PRO J 185 -43.63 43.05 -34.78
CA PRO J 185 -42.17 43.22 -34.88
C PRO J 185 -41.52 42.27 -35.86
N TYR J 186 -42.05 41.06 -36.00
CA TYR J 186 -41.56 40.09 -36.98
C TYR J 186 -41.66 40.67 -38.38
N ALA J 187 -42.75 41.37 -38.68
CA ALA J 187 -42.91 42.03 -39.96
C ALA J 187 -41.83 43.06 -40.19
N GLN J 188 -41.50 43.85 -39.16
CA GLN J 188 -40.43 44.84 -39.29
C GLN J 188 -39.09 44.18 -39.53
N THR J 189 -38.81 43.07 -38.84
CA THR J 189 -37.52 42.39 -38.97
C THR J 189 -37.33 41.85 -40.38
N GLN J 190 -38.30 41.08 -40.89
CA GLN J 190 -38.16 40.64 -42.27
C GLN J 190 -38.34 41.75 -43.30
N ARG J 191 -38.99 42.85 -42.97
CA ARG J 191 -39.01 44.00 -43.87
C ARG J 191 -37.62 44.57 -44.05
N VAL J 192 -36.90 44.76 -42.94
CA VAL J 192 -35.52 45.25 -43.01
C VAL J 192 -34.64 44.25 -43.73
N ARG J 193 -34.82 42.95 -43.44
CA ARG J 193 -33.99 41.92 -44.05
C ARG J 193 -34.18 41.87 -45.56
N LEU J 194 -35.44 41.87 -46.02
CA LEU J 194 -35.69 41.83 -47.45
C LEU J 194 -35.30 43.13 -48.13
N GLY J 195 -35.40 44.28 -47.42
CA GLY J 195 -34.94 45.53 -48.00
C GLY J 195 -33.45 45.54 -48.25
N GLU J 196 -32.66 45.10 -47.26
CA GLU J 196 -31.22 45.07 -47.47
C GLU J 196 -30.81 43.97 -48.44
N TRP J 197 -31.59 42.89 -48.52
CA TRP J 197 -31.32 41.86 -49.53
C TRP J 197 -31.55 42.41 -50.94
N ARG J 198 -32.65 43.15 -51.14
CA ARG J 198 -32.87 43.80 -52.43
C ARG J 198 -31.77 44.81 -52.73
N LEU J 199 -31.34 45.56 -51.71
CA LEU J 199 -30.29 46.56 -51.91
C LEU J 199 -28.97 45.91 -52.32
N GLN J 200 -28.60 44.79 -51.69
CA GLN J 200 -27.36 44.14 -52.08
C GLN J 200 -27.47 43.45 -53.44
N LEU J 201 -28.66 42.95 -53.79
CA LEU J 201 -28.85 42.42 -55.14
C LEU J 201 -28.69 43.52 -56.18
N LEU J 202 -29.26 44.70 -55.92
CA LEU J 202 -29.06 45.85 -56.79
C LEU J 202 -27.60 46.25 -56.85
N GLU J 203 -26.89 46.16 -55.72
CA GLU J 203 -25.48 46.52 -55.67
C GLU J 203 -24.63 45.59 -56.53
N THR J 204 -24.86 44.28 -56.43
CA THR J 204 -24.06 43.35 -57.23
C THR J 204 -24.40 43.44 -58.71
N ARG J 205 -25.70 43.64 -59.04
CA ARG J 205 -26.07 43.90 -60.42
C ARG J 205 -25.40 45.17 -60.94
N LEU J 206 -25.33 46.20 -60.09
CA LEU J 206 -24.71 47.47 -60.48
C LEU J 206 -23.22 47.30 -60.76
N ASP J 207 -22.52 46.58 -59.90
CA ASP J 207 -21.07 46.47 -60.10
C ASP J 207 -20.74 45.61 -61.31
N MET J 208 -21.50 44.53 -61.55
CA MET J 208 -21.21 43.77 -62.76
C MET J 208 -21.73 44.47 -64.01
N ASP J 209 -22.69 45.39 -63.89
CA ASP J 209 -23.06 46.23 -65.02
C ASP J 209 -21.97 47.25 -65.32
N LEU J 210 -21.33 47.78 -64.28
CA LEU J 210 -20.16 48.63 -64.46
C LEU J 210 -19.02 47.88 -65.12
N ASP J 211 -18.83 46.62 -64.72
CA ASP J 211 -17.85 45.77 -65.39
C ASP J 211 -18.25 45.49 -66.83
N GLN J 212 -19.54 45.44 -67.13
CA GLN J 212 -20.03 45.25 -68.49
C GLN J 212 -19.93 46.50 -69.34
N GLY J 213 -19.72 47.67 -68.74
CA GLY J 213 -19.60 48.91 -69.48
C GLY J 213 -20.89 49.68 -69.68
N CYS J 214 -22.03 49.15 -69.23
CA CYS J 214 -23.31 49.85 -69.37
C CYS J 214 -23.51 50.79 -68.18
N HIS J 215 -22.81 51.93 -68.25
CA HIS J 215 -22.83 52.90 -67.16
C HIS J 215 -23.96 53.91 -67.28
N ALA J 216 -24.66 53.97 -68.41
CA ALA J 216 -25.64 55.02 -68.64
C ALA J 216 -26.81 54.92 -67.66
N GLU J 217 -27.43 53.74 -67.58
CA GLU J 217 -28.49 53.53 -66.60
C GLU J 217 -27.93 53.33 -65.19
N ALA J 218 -26.71 52.80 -65.11
CA ALA J 218 -26.11 52.50 -63.81
C ALA J 218 -25.85 53.76 -63.01
N VAL J 219 -25.39 54.84 -63.67
CA VAL J 219 -25.12 56.10 -62.97
C VAL J 219 -26.41 56.67 -62.41
N SER J 220 -27.48 56.68 -63.23
CA SER J 220 -28.76 57.21 -62.78
C SER J 220 -29.33 56.39 -61.62
N GLU J 221 -29.25 55.05 -61.72
CA GLU J 221 -29.77 54.22 -60.65
C GLU J 221 -28.94 54.35 -59.37
N LEU J 222 -27.61 54.52 -59.51
CA LEU J 222 -26.77 54.75 -58.34
C LEU J 222 -27.10 56.08 -57.67
N THR J 223 -27.34 57.12 -58.46
CA THR J 223 -27.72 58.41 -57.89
C THR J 223 -29.07 58.31 -57.17
N ALA J 224 -30.02 57.58 -57.77
CA ALA J 224 -31.31 57.38 -57.12
C ALA J 224 -31.17 56.63 -55.81
N LEU J 225 -30.33 55.58 -55.79
CA LEU J 225 -30.14 54.81 -54.56
C LEU J 225 -29.44 55.65 -53.49
N THR J 226 -28.45 56.45 -53.88
CA THR J 226 -27.75 57.29 -52.90
C THR J 226 -28.67 58.37 -52.35
N ALA J 227 -29.57 58.92 -53.18
CA ALA J 227 -30.57 59.84 -52.68
C ALA J 227 -31.53 59.15 -51.73
N ALA J 228 -31.95 57.93 -52.06
CA ALA J 228 -32.89 57.20 -51.21
C ALA J 228 -32.21 56.67 -49.95
N HIS J 229 -31.03 56.09 -50.08
CA HIS J 229 -30.36 55.40 -48.97
C HIS J 229 -28.95 55.91 -48.78
N PRO J 230 -28.73 56.88 -47.89
CA PRO J 230 -27.37 57.37 -47.62
C PRO J 230 -26.55 56.53 -46.64
N LEU J 231 -26.96 55.31 -46.32
CA LEU J 231 -26.30 54.55 -45.26
C LEU J 231 -25.30 53.51 -45.78
N ARG J 232 -25.56 52.88 -46.93
CA ARG J 232 -24.70 51.80 -47.42
C ARG J 232 -23.63 52.42 -48.31
N GLU J 233 -22.41 52.54 -47.77
CA GLU J 233 -21.33 53.23 -48.48
C GLU J 233 -20.72 52.41 -49.60
N ARG J 234 -21.05 51.12 -49.71
CA ARG J 234 -20.65 50.37 -50.89
C ARG J 234 -21.32 50.92 -52.14
N LEU J 235 -22.54 51.44 -52.01
CA LEU J 235 -23.20 52.09 -53.13
C LEU J 235 -22.46 53.35 -53.57
N ARG J 236 -21.99 54.16 -52.62
CA ARG J 236 -21.16 55.29 -52.99
C ARG J 236 -19.81 54.87 -53.57
N GLU J 237 -19.22 53.76 -53.08
CA GLU J 237 -17.98 53.29 -53.70
C GLU J 237 -18.20 52.86 -55.15
N LEU J 238 -19.32 52.18 -55.42
CA LEU J 238 -19.69 51.88 -56.79
C LEU J 238 -19.95 53.14 -57.60
N LEU J 239 -20.47 54.18 -56.94
CA LEU J 239 -20.65 55.46 -57.62
C LEU J 239 -19.31 56.08 -58.00
N MET J 240 -18.30 55.97 -57.12
CA MET J 240 -16.95 56.42 -57.47
C MET J 240 -16.42 55.65 -58.66
N LEU J 241 -16.61 54.32 -58.67
CA LEU J 241 -16.15 53.51 -59.79
C LEU J 241 -16.84 53.93 -61.10
N ALA J 242 -18.15 54.16 -61.04
CA ALA J 242 -18.90 54.58 -62.22
C ALA J 242 -18.46 55.94 -62.71
N LEU J 243 -18.22 56.88 -61.79
CA LEU J 243 -17.77 58.22 -62.17
C LEU J 243 -16.37 58.19 -62.78
N TYR J 244 -15.49 57.35 -62.22
CA TYR J 244 -14.14 57.25 -62.77
C TYR J 244 -14.15 56.59 -64.15
N ARG J 245 -15.00 55.58 -64.34
CA ARG J 245 -15.08 54.91 -65.63
C ARG J 245 -15.85 55.72 -66.67
N SER J 246 -16.68 56.66 -66.24
CA SER J 246 -17.45 57.46 -67.19
C SER J 246 -16.56 58.45 -67.92
N GLY J 247 -15.69 59.16 -67.19
CA GLY J 247 -14.79 60.11 -67.81
C GLY J 247 -14.64 61.41 -67.04
N ARG J 248 -15.69 61.83 -66.34
CA ARG J 248 -15.63 63.05 -65.57
C ARG J 248 -14.81 62.85 -64.30
N GLN J 249 -14.03 63.86 -63.95
CA GLN J 249 -13.07 63.77 -62.85
C GLN J 249 -13.38 64.73 -61.72
N ALA J 250 -13.67 66.00 -62.02
CA ALA J 250 -13.89 67.00 -60.97
C ALA J 250 -15.14 66.69 -60.16
N GLU J 251 -16.21 66.24 -60.82
CA GLU J 251 -17.43 65.92 -60.09
C GLU J 251 -17.23 64.70 -59.19
N ALA J 252 -16.38 63.76 -59.60
CA ALA J 252 -16.05 62.63 -58.74
C ALA J 252 -15.35 63.09 -57.46
N LEU J 253 -14.44 64.06 -57.58
CA LEU J 253 -13.77 64.58 -56.39
C LEU J 253 -14.72 65.40 -55.53
N ALA J 254 -15.70 66.08 -56.15
CA ALA J 254 -16.71 66.77 -55.37
C ALA J 254 -17.57 65.79 -54.59
N VAL J 255 -17.94 64.67 -55.22
CA VAL J 255 -18.67 63.61 -54.51
C VAL J 255 -17.81 63.01 -53.40
N TYR J 256 -16.50 62.87 -53.64
CA TYR J 256 -15.61 62.39 -52.60
C TYR J 256 -15.58 63.34 -51.41
N ALA J 257 -15.52 64.65 -51.68
CA ALA J 257 -15.54 65.64 -50.61
C ALA J 257 -16.86 65.60 -49.84
N ASP J 258 -17.97 65.42 -50.55
CA ASP J 258 -19.26 65.33 -49.88
C ASP J 258 -19.35 64.09 -48.99
N THR J 259 -18.87 62.94 -49.49
CA THR J 259 -18.86 61.72 -48.69
C THR J 259 -17.96 61.88 -47.47
N ARG J 260 -16.79 62.51 -47.66
CA ARG J 260 -15.88 62.71 -46.54
C ARG J 260 -16.49 63.63 -45.48
N ARG J 261 -17.13 64.73 -45.91
CA ARG J 261 -17.69 65.64 -44.92
C ARG J 261 -18.90 65.05 -44.21
N LEU J 262 -19.68 64.19 -44.89
CA LEU J 262 -20.77 63.53 -44.18
C LEU J 262 -20.23 62.49 -43.20
N LEU J 263 -19.22 61.71 -43.59
CA LEU J 263 -18.67 60.75 -42.63
C LEU J 263 -17.88 61.42 -41.53
N ALA J 264 -17.52 62.70 -41.69
CA ALA J 264 -16.93 63.45 -40.59
C ALA J 264 -18.00 64.04 -39.68
N ASP J 265 -19.09 64.56 -40.25
CA ASP J 265 -20.10 65.24 -39.45
C ASP J 265 -20.96 64.25 -38.66
N GLU J 266 -21.42 63.18 -39.32
CA GLU J 266 -22.31 62.24 -38.62
C GLU J 266 -21.58 61.03 -38.06
N LEU J 267 -20.38 60.72 -38.54
CA LEU J 267 -19.61 59.59 -38.03
C LEU J 267 -18.29 60.00 -37.41
N GLY J 268 -17.47 60.75 -38.13
CA GLY J 268 -16.22 61.28 -37.60
C GLY J 268 -15.04 60.33 -37.63
N VAL J 269 -15.22 59.11 -38.12
CA VAL J 269 -14.12 58.15 -38.17
C VAL J 269 -13.34 58.35 -39.46
N ASP J 270 -12.10 57.89 -39.47
CA ASP J 270 -11.26 57.99 -40.66
C ASP J 270 -11.81 57.10 -41.78
N PRO J 271 -11.59 57.46 -43.03
CA PRO J 271 -12.08 56.63 -44.14
C PRO J 271 -11.40 55.28 -44.19
N ARG J 272 -12.11 54.33 -44.81
CA ARG J 272 -11.59 52.98 -44.95
C ARG J 272 -10.34 52.98 -45.82
N PRO J 273 -9.33 52.15 -45.50
CA PRO J 273 -8.16 52.05 -46.37
C PRO J 273 -8.48 51.61 -47.78
N GLY J 274 -9.52 50.79 -47.98
CA GLY J 274 -9.95 50.46 -49.33
C GLY J 274 -10.48 51.67 -50.08
N LEU J 275 -11.27 52.50 -49.40
CA LEU J 275 -11.77 53.73 -50.02
C LEU J 275 -10.63 54.68 -50.35
N GLN J 276 -9.65 54.80 -49.44
CA GLN J 276 -8.50 55.66 -49.70
C GLN J 276 -7.67 55.12 -50.86
N GLU J 277 -7.52 53.80 -50.95
CA GLU J 277 -6.79 53.20 -52.07
C GLU J 277 -7.51 53.45 -53.39
N LEU J 278 -8.84 53.32 -53.40
CA LEU J 278 -9.61 53.62 -54.60
C LEU J 278 -9.48 55.09 -54.99
N GLN J 279 -9.53 55.99 -54.00
CA GLN J 279 -9.40 57.41 -54.28
C GLN J 279 -8.03 57.76 -54.84
N GLN J 280 -6.96 57.17 -54.28
CA GLN J 280 -5.62 57.50 -54.78
C GLN J 280 -5.36 56.83 -56.12
N ARG J 281 -6.01 55.70 -56.40
CA ARG J 281 -5.91 55.11 -57.73
C ARG J 281 -6.65 55.95 -58.76
N ILE J 282 -7.78 56.53 -58.37
CA ILE J 282 -8.51 57.44 -59.25
C ILE J 282 -7.68 58.70 -59.51
N LEU J 283 -7.07 59.24 -58.46
CA LEU J 283 -6.28 60.46 -58.60
C LEU J 283 -5.00 60.24 -59.42
N GLN J 284 -4.44 59.03 -59.36
CA GLN J 284 -3.22 58.73 -60.09
C GLN J 284 -3.47 58.31 -61.54
N ALA J 285 -4.74 58.27 -61.96
CA ALA J 285 -5.14 57.90 -63.33
C ALA J 285 -4.62 56.51 -63.70
N ASP J 286 -5.10 55.51 -62.97
CA ASP J 286 -4.71 54.13 -63.21
C ASP J 286 -5.39 53.63 -64.49
N PRO J 287 -4.64 53.23 -65.52
CA PRO J 287 -5.28 52.72 -66.74
C PRO J 287 -5.93 51.36 -66.58
N ALA J 288 -5.62 50.62 -65.51
CA ALA J 288 -6.20 49.31 -65.32
C ALA J 288 -7.70 49.40 -65.05
N LEU J 289 -8.12 50.37 -64.24
CA LEU J 289 -9.55 50.53 -63.96
C LEU J 289 -10.30 51.09 -65.17
N ALA J 290 -9.66 51.97 -65.93
CA ALA J 290 -10.28 52.56 -67.11
C ALA J 290 -10.22 51.61 -68.30
N THR K 239 -13.88 64.91 -0.64
CA THR K 239 -14.18 65.08 -2.06
C THR K 239 -13.32 64.15 -2.91
N ASP K 240 -12.41 63.42 -2.25
CA ASP K 240 -11.55 62.47 -2.96
C ASP K 240 -12.37 61.33 -3.56
N ALA K 241 -13.36 60.83 -2.82
CA ALA K 241 -14.21 59.78 -3.34
C ALA K 241 -15.02 60.26 -4.53
N ALA K 242 -15.50 61.51 -4.49
CA ALA K 242 -16.30 62.04 -5.60
C ALA K 242 -15.47 62.15 -6.87
N LEU K 243 -14.24 62.68 -6.78
CA LEU K 243 -13.40 62.78 -7.96
C LEU K 243 -12.92 61.42 -8.43
N ALA K 244 -12.69 60.48 -7.51
CA ALA K 244 -12.34 59.12 -7.91
C ALA K 244 -13.47 58.46 -8.68
N ALA K 245 -14.71 58.65 -8.21
CA ALA K 245 -15.87 58.09 -8.92
C ALA K 245 -16.06 58.77 -10.28
N ASP K 246 -15.83 60.09 -10.35
CA ASP K 246 -15.94 60.79 -11.62
C ASP K 246 -14.90 60.32 -12.62
N LEU K 247 -13.66 60.09 -12.17
CA LEU K 247 -12.60 59.63 -13.06
C LEU K 247 -12.78 58.16 -13.43
N ALA K 248 -13.37 57.36 -12.55
CA ALA K 248 -13.52 55.92 -12.79
C ALA K 248 -14.69 55.58 -13.71
N LEU K 249 -15.58 56.52 -13.98
CA LEU K 249 -16.71 56.24 -14.85
C LEU K 249 -16.24 56.08 -16.29
N PRO K 250 -16.82 55.16 -17.05
CA PRO K 250 -16.42 54.97 -18.45
C PRO K 250 -17.02 56.06 -19.33
N ILE K 251 -16.73 55.96 -20.63
CA ILE K 251 -17.20 56.95 -21.60
C ILE K 251 -18.65 56.73 -22.01
N GLU K 252 -19.26 55.62 -21.61
CA GLU K 252 -20.66 55.37 -21.96
C GLU K 252 -21.60 56.29 -21.19
N GLU K 253 -21.18 56.74 -20.00
CA GLU K 253 -21.99 57.62 -19.19
C GLU K 253 -21.93 59.08 -19.63
N LEU K 254 -21.12 59.39 -20.65
CA LEU K 254 -21.04 60.77 -21.14
C LEU K 254 -22.36 61.22 -21.76
N GLU K 255 -23.04 60.32 -22.46
CA GLU K 255 -24.35 60.57 -23.06
C GLU K 255 -24.31 61.73 -24.05
N LEU K 256 -23.48 61.57 -25.08
CA LEU K 256 -23.33 62.58 -26.12
C LEU K 256 -23.36 61.93 -27.50
N THR K 257 -23.08 62.72 -28.54
CA THR K 257 -23.27 62.26 -29.91
C THR K 257 -22.28 61.16 -30.29
N VAL K 258 -22.65 60.39 -31.32
CA VAL K 258 -21.83 59.26 -31.72
C VAL K 258 -20.53 59.72 -32.38
N ARG K 259 -20.53 60.91 -32.98
CA ARG K 259 -19.35 61.38 -33.71
C ARG K 259 -18.17 61.60 -32.77
N SER K 260 -18.38 62.38 -31.70
CA SER K 260 -17.29 62.67 -30.77
C SER K 260 -16.88 61.43 -29.99
N TYR K 261 -17.85 60.58 -29.64
CA TYR K 261 -17.54 59.32 -28.95
C TYR K 261 -16.68 58.41 -29.81
N ASN K 262 -17.01 58.30 -31.08
CA ASN K 262 -16.20 57.49 -32.00
C ASN K 262 -14.84 58.12 -32.21
N CYS K 263 -14.77 59.45 -32.26
CA CYS K 263 -13.48 60.12 -32.42
C CYS K 263 -12.57 59.88 -31.23
N LEU K 264 -13.11 59.93 -30.01
CA LEU K 264 -12.28 59.72 -28.84
C LEU K 264 -11.94 58.24 -28.64
N LYS K 265 -12.85 57.33 -28.99
CA LYS K 265 -12.54 55.90 -28.87
C LYS K 265 -11.58 55.43 -29.95
N ARG K 266 -11.53 56.12 -31.10
CA ARG K 266 -10.60 55.75 -32.15
C ARG K 266 -9.15 55.95 -31.69
N GLU K 267 -8.89 57.02 -30.96
CA GLU K 267 -7.55 57.26 -30.43
C GLU K 267 -7.19 56.36 -29.26
N GLY K 268 -8.14 55.61 -28.73
CA GLY K 268 -7.89 54.73 -27.60
C GLY K 268 -8.30 55.28 -26.25
N ILE K 269 -8.95 56.44 -26.21
CA ILE K 269 -9.37 57.04 -24.94
C ILE K 269 -10.70 56.42 -24.52
N HIS K 270 -10.74 55.87 -23.31
CA HIS K 270 -11.94 55.19 -22.82
C HIS K 270 -12.35 55.64 -21.42
N SER K 271 -11.80 56.74 -20.93
CA SER K 271 -12.14 57.23 -19.60
C SER K 271 -12.23 58.75 -19.62
N VAL K 272 -12.98 59.29 -18.65
CA VAL K 272 -13.10 60.74 -18.52
C VAL K 272 -11.78 61.36 -18.07
N GLY K 273 -11.10 60.71 -17.12
CA GLY K 273 -9.82 61.22 -16.65
C GLY K 273 -8.75 61.21 -17.72
N GLU K 274 -8.82 60.27 -18.66
CA GLU K 274 -7.90 60.28 -19.79
C GLU K 274 -8.09 61.51 -20.66
N LEU K 275 -9.35 61.90 -20.90
CA LEU K 275 -9.62 63.15 -21.60
C LEU K 275 -9.19 64.36 -20.77
N VAL K 276 -9.31 64.27 -19.45
CA VAL K 276 -8.88 65.37 -18.58
C VAL K 276 -7.39 65.58 -18.67
N ALA K 277 -6.61 64.49 -18.67
CA ALA K 277 -5.16 64.60 -18.71
C ALA K 277 -4.65 65.17 -20.04
N ARG K 278 -5.47 65.01 -21.08
CA ARG K 278 -5.10 65.51 -22.43
C ARG K 278 -5.15 67.04 -22.45
N SER K 279 -4.17 67.69 -23.08
CA SER K 279 -4.17 69.13 -23.23
C SER K 279 -5.03 69.53 -24.42
N GLU K 280 -5.08 70.84 -24.70
CA GLU K 280 -5.90 71.34 -25.80
C GLU K 280 -5.39 70.86 -27.16
N ALA K 281 -4.07 70.86 -27.35
CA ALA K 281 -3.50 70.41 -28.62
C ALA K 281 -3.69 68.92 -28.85
N ASP K 282 -3.98 68.16 -27.78
CA ASP K 282 -4.18 66.72 -27.94
C ASP K 282 -5.49 66.41 -28.67
N LEU K 283 -6.56 67.15 -28.38
CA LEU K 283 -7.82 66.94 -29.07
C LEU K 283 -8.08 67.93 -30.19
N LEU K 284 -7.29 69.00 -30.30
CA LEU K 284 -7.39 69.90 -31.43
C LEU K 284 -6.65 69.40 -32.66
N ASP K 285 -5.87 68.33 -32.53
CA ASP K 285 -5.20 67.70 -33.66
C ASP K 285 -5.91 66.44 -34.14
N ILE K 286 -7.07 66.12 -33.58
CA ILE K 286 -7.80 64.91 -33.95
C ILE K 286 -8.45 65.13 -35.32
N ARG K 287 -8.27 64.17 -36.22
CA ARG K 287 -8.88 64.24 -37.54
C ARG K 287 -10.40 64.13 -37.43
N ASN K 288 -11.09 64.89 -38.29
CA ASN K 288 -12.55 64.94 -38.35
C ASN K 288 -13.16 65.32 -37.00
N PHE K 289 -12.54 66.30 -36.34
CA PHE K 289 -13.00 66.81 -35.05
C PHE K 289 -13.17 68.33 -35.20
N GLY K 290 -14.38 68.75 -35.54
CA GLY K 290 -14.67 70.15 -35.74
C GLY K 290 -14.89 70.89 -34.44
N ALA K 291 -15.14 72.20 -34.58
CA ALA K 291 -15.36 73.04 -33.39
C ALA K 291 -16.68 72.71 -32.71
N LYS K 292 -17.66 72.20 -33.46
CA LYS K 292 -18.93 71.82 -32.85
C LYS K 292 -18.77 70.69 -31.85
N SER K 293 -17.93 69.70 -32.17
CA SER K 293 -17.67 68.61 -31.25
C SER K 293 -16.96 69.11 -29.98
N ILE K 294 -16.01 70.03 -30.15
CA ILE K 294 -15.31 70.60 -28.99
C ILE K 294 -16.27 71.38 -28.11
N ASP K 295 -17.17 72.16 -28.72
CA ASP K 295 -18.15 72.92 -27.96
C ASP K 295 -19.11 72.00 -27.23
N GLU K 296 -19.55 70.92 -27.89
CA GLU K 296 -20.45 69.96 -27.24
C GLU K 296 -19.77 69.27 -26.06
N VAL K 297 -18.51 68.87 -26.23
CA VAL K 297 -17.77 68.23 -25.15
C VAL K 297 -17.59 69.20 -23.99
N LYS K 298 -17.25 70.46 -24.29
CA LYS K 298 -17.06 71.48 -23.26
C LYS K 298 -18.34 71.71 -22.48
N ALA K 299 -19.47 71.83 -23.19
CA ALA K 299 -20.76 71.95 -22.51
C ALA K 299 -21.08 70.72 -21.69
N LYS K 300 -20.66 69.54 -22.15
CA LYS K 300 -20.91 68.31 -21.39
C LYS K 300 -20.17 68.33 -20.06
N LEU K 301 -18.86 68.56 -20.11
CA LEU K 301 -18.02 68.60 -18.88
C LEU K 301 -18.51 69.72 -17.97
N ALA K 302 -18.94 70.85 -18.55
CA ALA K 302 -19.51 71.93 -17.75
C ALA K 302 -20.79 71.47 -17.05
N GLY K 303 -21.56 70.59 -17.72
CA GLY K 303 -22.69 69.97 -17.06
C GLY K 303 -22.27 69.08 -15.91
N MET K 304 -21.20 68.30 -16.09
CA MET K 304 -20.63 67.58 -14.95
C MET K 304 -19.82 68.46 -14.02
N GLY K 305 -19.53 69.71 -14.41
CA GLY K 305 -18.97 70.68 -13.50
C GLY K 305 -17.45 70.80 -13.50
N LEU K 306 -16.74 69.94 -14.24
CA LEU K 306 -15.28 70.00 -14.27
C LEU K 306 -14.82 70.68 -15.56
N ALA K 307 -13.52 70.96 -15.62
CA ALA K 307 -12.92 71.71 -16.72
C ALA K 307 -11.79 70.90 -17.35
N LEU K 308 -11.13 71.52 -18.32
CA LEU K 308 -10.03 70.87 -19.05
C LEU K 308 -8.73 71.07 -18.29
N LYS K 309 -7.61 70.73 -18.92
CA LYS K 309 -6.29 70.95 -18.37
C LYS K 309 -5.72 72.26 -18.90
N ASP K 310 -5.22 73.11 -17.98
CA ASP K 310 -4.67 74.43 -18.31
C ASP K 310 -5.69 75.29 -19.05
N SER K 311 -6.95 75.21 -18.64
CA SER K 311 -8.01 75.98 -19.27
C SER K 311 -8.76 76.83 -18.24
#